data_6PFB
#
_entry.id   6PFB
#
_cell.length_a   213.994
_cell.length_b   116.238
_cell.length_c   221.672
_cell.angle_alpha   90.00
_cell.angle_beta   94.75
_cell.angle_gamma   90.00
#
_symmetry.space_group_name_H-M   'C 1 2 1'
#
loop_
_entity.id
_entity.type
_entity.pdbx_description
1 polymer 'Bifunctional dihydrofolate reductase-thymidylate synthase'
2 non-polymer 'NADPH DIHYDRO-NICOTINAMIDE-ADENINE-DINUCLEOTIDE PHOSPHATE'
3 non-polymer "5-FLUORO-2'-DEOXYURIDINE-5'-MONOPHOSPHATE"
4 non-polymer '3-[2-({4-[(2-amino-4-oxo-4,7-dihydro-3H-pyrrolo[2,3-d]pyrimidin-5-yl)methyl]benzene-1-carbonyl}amino)phenyl]propanoic acid'
5 non-polymer METHOTREXATE
#
_entity_poly.entity_id   1
_entity_poly.type   'polypeptide(L)'
_entity_poly.pdbx_seq_one_letter_code
;MSEKNVSIVVAASVLSSGIGINGQLPWSISEDLKFFSKITNNKCDSNKKNALIMGRKTWDSIGRRPLKNRIIVVISSSLP
QDEADPNVVVFRNLEDSIENLMNDDSIENIFVCGGESIYRDALKDNFVDRIYLTRVALEDIEFDTYFPEIPETFLPVYMS
QTFCTKNISYDFMIFEKQEKKTLQNCDPARGQLKSIDDTVDLLGEIFGIRKMGNRHKFPKEEIYNTPSIRFGREHYEFQY
LDLLSRVLENGAYRENRTGISTYSIFGQMMRFDMRESFPLLTTKKVAIRSIFEELIWFIKGDTNGNHLIEKKVYIWSGNG
SKEYLERIGLGHREENDLGPIYGFQWRHYNGEYKTMHDDYTGVGVDQLAKLIETLKNNPKDRRHILTAWNPSALSQMALP
PCHVLSQYYVTNDNCLSCNLYQRSCDLGLGSPFNIASYAILTMMLAQVCGYEPGELAIFIGDAHIYENHLTQLKEQLSRT
PRPFPQLKFKRKVENIEDFKWEDIELIGYYPYPTIKMDMAV
;
_entity_poly.pdbx_strand_id   A,B,C,D,E
#
loop_
_chem_comp.id
_chem_comp.type
_chem_comp.name
_chem_comp.formula
MTX non-polymer METHOTREXATE 'C20 H22 N8 O5'
NDP non-polymer 'NADPH DIHYDRO-NICOTINAMIDE-ADENINE-DINUCLEOTIDE PHOSPHATE' 'C21 H30 N7 O17 P3'
OG4 non-polymer '3-[2-({4-[(2-amino-4-oxo-4,7-dihydro-3H-pyrrolo[2,3-d]pyrimidin-5-yl)methyl]benzene-1-carbonyl}amino)phenyl]propanoic acid' 'C23 H21 N5 O4'
UFP DNA linking 5-FLUORO-2'-DEOXYURIDINE-5'-MONOPHOSPHATE 'C9 H12 F N2 O8 P'
#
# COMPACT_ATOMS: atom_id res chain seq x y z
N GLU A 3 -36.78 6.44 -24.48
CA GLU A 3 -35.65 6.63 -25.39
C GLU A 3 -34.42 7.13 -24.64
N LYS A 4 -33.39 6.30 -24.58
CA LYS A 4 -32.13 6.66 -23.94
C LYS A 4 -30.98 6.15 -24.78
N ASN A 5 -29.83 6.81 -24.64
CA ASN A 5 -28.65 6.42 -25.41
C ASN A 5 -28.13 5.08 -24.90
N VAL A 6 -27.87 4.17 -25.82
CA VAL A 6 -27.35 2.84 -25.49
C VAL A 6 -26.08 2.65 -26.29
N SER A 7 -24.95 2.88 -25.63
CA SER A 7 -23.64 2.82 -26.29
C SER A 7 -22.94 1.50 -25.98
N ILE A 8 -21.92 1.21 -26.79
CA ILE A 8 -21.07 0.05 -26.60
C ILE A 8 -19.64 0.53 -26.35
N VAL A 9 -19.04 0.07 -25.26
CA VAL A 9 -17.65 0.34 -24.94
C VAL A 9 -16.88 -0.97 -25.11
N VAL A 10 -15.82 -0.94 -25.92
CA VAL A 10 -15.06 -2.14 -26.24
C VAL A 10 -13.64 -1.73 -26.62
N ALA A 11 -12.69 -2.62 -26.36
CA ALA A 11 -11.30 -2.45 -26.76
C ALA A 11 -10.85 -3.72 -27.48
N ALA A 12 -10.79 -3.68 -28.80
CA ALA A 12 -10.47 -4.84 -29.61
C ALA A 12 -9.18 -4.61 -30.38
N SER A 13 -8.64 -5.69 -30.93
CA SER A 13 -7.44 -5.61 -31.74
C SER A 13 -7.73 -4.91 -33.07
N VAL A 14 -6.66 -4.45 -33.72
CA VAL A 14 -6.83 -3.60 -34.90
C VAL A 14 -7.30 -4.41 -36.10
N LEU A 15 -6.82 -5.64 -36.25
CA LEU A 15 -7.13 -6.46 -37.41
C LEU A 15 -8.16 -7.54 -37.11
N SER A 16 -7.81 -8.49 -36.23
CA SER A 16 -8.71 -9.60 -35.92
C SER A 16 -9.86 -9.19 -35.01
N SER A 17 -9.78 -8.03 -34.36
CA SER A 17 -10.81 -7.55 -33.44
C SER A 17 -11.04 -8.55 -32.31
N GLY A 18 -9.96 -8.83 -31.58
CA GLY A 18 -9.99 -9.78 -30.47
C GLY A 18 -10.17 -9.06 -29.14
N ILE A 19 -10.92 -9.70 -28.23
CA ILE A 19 -11.20 -9.12 -26.92
C ILE A 19 -11.08 -10.18 -25.84
N GLY A 20 -9.92 -10.26 -25.20
CA GLY A 20 -9.79 -11.17 -24.07
C GLY A 20 -9.34 -12.55 -24.49
N ILE A 21 -8.55 -13.18 -23.61
CA ILE A 21 -8.05 -14.54 -23.84
C ILE A 21 -8.07 -15.29 -22.51
N ASN A 22 -8.62 -16.51 -22.53
CA ASN A 22 -8.67 -17.37 -21.34
C ASN A 22 -9.23 -16.64 -20.13
N GLY A 23 -10.33 -15.93 -20.35
CA GLY A 23 -11.01 -15.23 -19.28
C GLY A 23 -10.38 -13.91 -18.85
N GLN A 24 -9.28 -13.50 -19.48
CA GLN A 24 -8.63 -12.23 -19.16
C GLN A 24 -8.25 -11.52 -20.44
N LEU A 25 -7.86 -10.25 -20.31
CA LEU A 25 -7.46 -9.47 -21.46
C LEU A 25 -6.03 -9.81 -21.88
N PRO A 26 -5.74 -9.74 -23.18
CA PRO A 26 -4.37 -9.98 -23.67
C PRO A 26 -3.44 -8.77 -23.63
N TRP A 27 -3.82 -7.71 -22.91
CA TRP A 27 -2.96 -6.55 -22.75
C TRP A 27 -3.29 -5.87 -21.43
N SER A 28 -2.35 -5.06 -20.96
CA SER A 28 -2.51 -4.30 -19.71
C SER A 28 -2.23 -2.82 -20.01
N ILE A 29 -3.26 -2.11 -20.45
CA ILE A 29 -3.16 -0.69 -20.76
C ILE A 29 -3.92 0.07 -19.68
N SER A 30 -3.20 0.82 -18.86
CA SER A 30 -3.82 1.51 -17.73
C SER A 30 -4.71 2.66 -18.18
N GLU A 31 -4.27 3.41 -19.20
CA GLU A 31 -5.03 4.56 -19.66
C GLU A 31 -6.36 4.15 -20.27
N ASP A 32 -6.44 2.94 -20.84
CA ASP A 32 -7.70 2.47 -21.42
C ASP A 32 -8.75 2.22 -20.35
N LEU A 33 -8.34 1.62 -19.22
CA LEU A 33 -9.28 1.40 -18.12
C LEU A 33 -9.77 2.72 -17.55
N LYS A 34 -8.88 3.72 -17.45
CA LYS A 34 -9.31 5.04 -17.01
C LYS A 34 -10.30 5.65 -18.01
N PHE A 35 -10.16 5.33 -19.30
CA PHE A 35 -11.13 5.79 -20.29
C PHE A 35 -12.49 5.13 -20.07
N PHE A 36 -12.49 3.83 -19.75
CA PHE A 36 -13.74 3.15 -19.45
C PHE A 36 -14.43 3.76 -18.23
N SER A 37 -13.66 4.25 -17.26
CA SER A 37 -14.23 4.86 -16.08
C SER A 37 -14.85 6.22 -16.40
N LYS A 38 -14.14 7.03 -17.17
CA LYS A 38 -14.63 8.37 -17.48
C LYS A 38 -15.81 8.34 -18.44
N ILE A 39 -15.85 7.35 -19.34
CA ILE A 39 -16.91 7.32 -20.34
C ILE A 39 -18.21 6.75 -19.75
N THR A 40 -18.13 5.91 -18.73
CA THR A 40 -19.31 5.31 -18.14
C THR A 40 -19.85 6.07 -16.94
N ASN A 41 -19.15 7.13 -16.51
CA ASN A 41 -19.61 8.01 -15.44
C ASN A 41 -19.97 9.40 -15.96
N ASN A 42 -20.44 9.47 -17.21
CA ASN A 42 -20.79 10.73 -17.85
C ASN A 42 -22.29 10.94 -17.68
N LYS A 43 -22.68 11.55 -16.57
CA LYS A 43 -24.08 11.83 -16.26
C LYS A 43 -24.33 13.32 -16.33
N CYS A 44 -25.49 13.70 -16.87
CA CYS A 44 -25.87 15.09 -16.97
C CYS A 44 -26.65 15.57 -15.74
N ASP A 45 -27.43 14.69 -15.13
CA ASP A 45 -28.13 15.01 -13.90
C ASP A 45 -27.26 14.59 -12.71
N SER A 46 -27.73 14.87 -11.50
CA SER A 46 -26.99 14.54 -10.29
C SER A 46 -27.50 13.25 -9.66
N ASN A 47 -28.77 13.22 -9.24
CA ASN A 47 -29.36 12.03 -8.64
C ASN A 47 -29.77 11.03 -9.73
N LYS A 48 -28.77 10.59 -10.50
CA LYS A 48 -28.94 9.60 -11.55
C LYS A 48 -27.61 8.90 -11.78
N LYS A 49 -27.69 7.62 -12.13
CA LYS A 49 -26.51 6.80 -12.35
C LYS A 49 -26.68 5.98 -13.63
N ASN A 50 -25.55 5.68 -14.27
CA ASN A 50 -25.55 4.88 -15.49
C ASN A 50 -25.59 3.39 -15.15
N ALA A 51 -25.92 2.60 -16.17
CA ALA A 51 -26.06 1.15 -16.06
C ALA A 51 -25.12 0.46 -17.04
N LEU A 52 -24.35 -0.50 -16.53
CA LEU A 52 -23.41 -1.27 -17.34
C LEU A 52 -23.93 -2.71 -17.48
N ILE A 53 -23.93 -3.21 -18.72
CA ILE A 53 -24.44 -4.54 -19.03
C ILE A 53 -23.26 -5.42 -19.39
N MET A 54 -23.22 -6.63 -18.81
CA MET A 54 -22.14 -7.55 -19.07
C MET A 54 -22.63 -8.99 -18.87
N GLY A 55 -21.90 -9.93 -19.44
CA GLY A 55 -22.21 -11.33 -19.29
C GLY A 55 -21.63 -11.92 -18.01
N ARG A 56 -21.99 -13.18 -17.75
CA ARG A 56 -21.51 -13.85 -16.54
C ARG A 56 -20.00 -14.03 -16.58
N LYS A 57 -19.47 -14.53 -17.70
CA LYS A 57 -18.03 -14.74 -17.80
C LYS A 57 -17.26 -13.43 -17.69
N THR A 58 -17.88 -12.32 -18.12
CA THR A 58 -17.27 -11.02 -17.90
C THR A 58 -17.45 -10.57 -16.45
N TRP A 59 -18.63 -10.81 -15.87
CA TRP A 59 -18.84 -10.54 -14.46
C TRP A 59 -17.86 -11.32 -13.59
N ASP A 60 -17.51 -12.53 -14.01
CA ASP A 60 -16.50 -13.31 -13.27
C ASP A 60 -15.11 -12.72 -13.45
N SER A 61 -14.81 -12.20 -14.64
CA SER A 61 -13.45 -11.74 -14.94
C SER A 61 -13.09 -10.46 -14.18
N ILE A 62 -14.09 -9.65 -13.82
CA ILE A 62 -13.83 -8.41 -13.10
C ILE A 62 -13.89 -8.57 -11.58
N GLY A 63 -14.12 -9.78 -11.09
CA GLY A 63 -14.07 -10.05 -9.67
C GLY A 63 -15.38 -10.04 -8.93
N ARG A 64 -16.51 -9.90 -9.64
CA ARG A 64 -17.84 -9.89 -9.02
C ARG A 64 -17.96 -8.82 -7.95
N ARG A 65 -17.46 -7.63 -8.24
CA ARG A 65 -17.56 -6.49 -7.33
C ARG A 65 -18.10 -5.28 -8.08
N PRO A 66 -18.97 -4.49 -7.45
CA PRO A 66 -19.60 -3.37 -8.15
C PRO A 66 -18.60 -2.27 -8.44
N LEU A 67 -19.03 -1.32 -9.27
CA LEU A 67 -18.22 -0.18 -9.66
C LEU A 67 -18.80 1.11 -9.06
N LYS A 68 -17.95 2.14 -9.02
CA LYS A 68 -18.28 3.40 -8.37
C LYS A 68 -19.44 4.08 -9.08
N ASN A 69 -20.58 4.16 -8.40
CA ASN A 69 -21.77 4.84 -8.91
C ASN A 69 -22.20 4.32 -10.28
N ARG A 70 -22.11 3.01 -10.45
CA ARG A 70 -22.57 2.36 -11.67
C ARG A 70 -23.31 1.08 -11.32
N ILE A 71 -24.53 0.96 -11.82
CA ILE A 71 -25.32 -0.26 -11.62
C ILE A 71 -24.87 -1.31 -12.61
N ILE A 72 -24.49 -2.48 -12.12
CA ILE A 72 -24.01 -3.58 -12.95
C ILE A 72 -25.19 -4.49 -13.24
N VAL A 73 -25.44 -4.74 -14.53
CA VAL A 73 -26.51 -5.63 -14.98
C VAL A 73 -25.85 -6.89 -15.53
N VAL A 74 -26.13 -8.02 -14.90
CA VAL A 74 -25.53 -9.30 -15.27
C VAL A 74 -26.56 -10.11 -16.04
N ILE A 75 -26.14 -10.63 -17.19
CA ILE A 75 -27.00 -11.46 -18.04
C ILE A 75 -26.60 -12.91 -17.79
N SER A 76 -27.36 -13.60 -16.96
CA SER A 76 -27.04 -14.98 -16.60
C SER A 76 -28.32 -15.80 -16.49
N SER A 77 -28.23 -17.06 -16.90
CA SER A 77 -29.34 -18.00 -16.79
C SER A 77 -29.21 -18.90 -15.57
N SER A 78 -28.29 -18.60 -14.66
CA SER A 78 -28.04 -19.46 -13.51
C SER A 78 -27.92 -18.64 -12.23
N LEU A 79 -27.45 -17.40 -12.34
CA LEU A 79 -27.25 -16.57 -11.17
C LEU A 79 -28.59 -16.18 -10.55
N PRO A 80 -28.73 -16.26 -9.24
CA PRO A 80 -29.99 -15.85 -8.59
C PRO A 80 -30.04 -14.34 -8.41
N GLN A 81 -31.23 -13.78 -8.66
CA GLN A 81 -31.42 -12.34 -8.51
C GLN A 81 -31.37 -11.94 -7.04
N ASP A 82 -30.16 -11.66 -6.55
CA ASP A 82 -29.96 -11.28 -5.16
C ASP A 82 -30.55 -9.89 -4.92
N GLU A 83 -31.65 -9.84 -4.17
CA GLU A 83 -32.28 -8.56 -3.87
C GLU A 83 -31.52 -7.74 -2.83
N ALA A 84 -30.47 -8.30 -2.23
CA ALA A 84 -29.73 -7.59 -1.20
C ALA A 84 -28.88 -6.47 -1.79
N ASP A 85 -28.05 -6.78 -2.77
CA ASP A 85 -27.16 -5.80 -3.36
C ASP A 85 -27.92 -4.92 -4.35
N PRO A 86 -28.04 -3.62 -4.10
CA PRO A 86 -28.75 -2.74 -5.04
C PRO A 86 -27.90 -2.25 -6.20
N ASN A 87 -26.58 -2.42 -6.14
CA ASN A 87 -25.69 -1.99 -7.20
C ASN A 87 -25.41 -3.07 -8.23
N VAL A 88 -26.01 -4.26 -8.07
CA VAL A 88 -25.84 -5.36 -9.00
C VAL A 88 -27.19 -6.04 -9.18
N VAL A 89 -27.64 -6.16 -10.42
CA VAL A 89 -28.91 -6.79 -10.74
C VAL A 89 -28.69 -7.82 -11.84
N VAL A 90 -29.46 -8.90 -11.79
CA VAL A 90 -29.31 -10.03 -12.70
C VAL A 90 -30.60 -10.18 -13.50
N PHE A 91 -30.46 -10.28 -14.82
CA PHE A 91 -31.58 -10.56 -15.72
C PHE A 91 -31.33 -11.86 -16.46
N ARG A 92 -32.42 -12.54 -16.81
CA ARG A 92 -32.31 -13.87 -17.40
C ARG A 92 -31.87 -13.82 -18.86
N ASN A 93 -32.19 -12.75 -19.58
CA ASN A 93 -31.80 -12.62 -20.97
C ASN A 93 -31.65 -11.14 -21.31
N LEU A 94 -30.99 -10.88 -22.45
CA LEU A 94 -30.70 -9.50 -22.83
C LEU A 94 -31.97 -8.76 -23.25
N GLU A 95 -32.89 -9.45 -23.92
CA GLU A 95 -34.13 -8.82 -24.34
C GLU A 95 -34.93 -8.32 -23.14
N ASP A 96 -35.13 -9.19 -22.14
CA ASP A 96 -35.84 -8.78 -20.93
C ASP A 96 -35.05 -7.75 -20.14
N SER A 97 -33.72 -7.74 -20.28
CA SER A 97 -32.90 -6.83 -19.52
C SER A 97 -33.02 -5.39 -20.00
N ILE A 98 -33.53 -5.18 -21.22
CA ILE A 98 -33.66 -3.84 -21.75
C ILE A 98 -35.10 -3.40 -21.47
N GLU A 99 -35.33 -2.93 -20.25
CA GLU A 99 -36.57 -2.30 -19.84
C GLU A 99 -36.35 -1.05 -19.02
N ASN A 100 -35.13 -0.74 -18.62
CA ASN A 100 -34.84 0.44 -17.82
C ASN A 100 -34.76 1.69 -18.69
N LEU A 101 -35.45 1.67 -19.83
CA LEU A 101 -35.61 2.83 -20.69
C LEU A 101 -37.04 3.35 -20.73
N MET A 102 -38.03 2.45 -20.73
CA MET A 102 -39.40 2.90 -20.67
C MET A 102 -39.82 3.27 -19.25
N ASN A 103 -39.16 2.71 -18.24
CA ASN A 103 -39.36 3.12 -16.86
C ASN A 103 -37.96 3.34 -16.28
N ASP A 104 -37.84 3.10 -14.97
CA ASP A 104 -36.59 3.30 -14.23
C ASP A 104 -35.88 4.58 -14.69
N ASP A 105 -36.47 5.70 -14.30
CA ASP A 105 -35.90 7.00 -14.65
C ASP A 105 -34.53 7.23 -14.02
N SER A 106 -34.23 6.54 -12.91
CA SER A 106 -32.95 6.69 -12.25
C SER A 106 -31.79 6.46 -13.22
N ILE A 107 -31.94 5.51 -14.14
CA ILE A 107 -30.90 5.20 -15.11
C ILE A 107 -30.93 6.24 -16.22
N GLU A 108 -29.84 6.99 -16.37
CA GLU A 108 -29.76 8.01 -17.41
C GLU A 108 -29.36 7.39 -18.74
N ASN A 109 -28.13 6.86 -18.82
CA ASN A 109 -27.62 6.24 -20.03
C ASN A 109 -27.36 4.77 -19.78
N ILE A 110 -27.24 4.01 -20.87
CA ILE A 110 -27.02 2.58 -20.83
C ILE A 110 -25.77 2.27 -21.64
N PHE A 111 -24.90 1.43 -21.08
CA PHE A 111 -23.66 1.04 -21.73
C PHE A 111 -23.58 -0.48 -21.82
N VAL A 112 -23.23 -0.99 -23.00
CA VAL A 112 -23.07 -2.42 -23.22
C VAL A 112 -21.58 -2.70 -23.33
N CYS A 113 -21.07 -3.52 -22.41
CA CYS A 113 -19.63 -3.82 -22.38
C CYS A 113 -19.35 -5.28 -22.05
N GLY A 114 -20.30 -6.17 -22.31
CA GLY A 114 -20.10 -7.59 -22.02
C GLY A 114 -19.13 -8.26 -22.97
N GLY A 115 -19.25 -9.57 -23.11
CA GLY A 115 -18.38 -10.35 -23.97
C GLY A 115 -18.93 -10.46 -25.38
N GLU A 116 -18.37 -11.42 -26.12
CA GLU A 116 -18.84 -11.67 -27.49
C GLU A 116 -20.31 -12.08 -27.49
N SER A 117 -20.71 -12.90 -26.52
CA SER A 117 -22.10 -13.34 -26.46
C SER A 117 -23.05 -12.17 -26.26
N ILE A 118 -22.63 -11.14 -25.53
CA ILE A 118 -23.48 -9.98 -25.30
C ILE A 118 -23.33 -8.94 -26.41
N TYR A 119 -22.12 -8.78 -26.96
CA TYR A 119 -21.92 -7.84 -28.05
C TYR A 119 -22.68 -8.27 -29.29
N ARG A 120 -22.60 -9.55 -29.65
CA ARG A 120 -23.26 -10.03 -30.87
C ARG A 120 -24.77 -9.92 -30.76
N ASP A 121 -25.34 -10.29 -29.61
CA ASP A 121 -26.78 -10.18 -29.43
C ASP A 121 -27.25 -8.73 -29.31
N ALA A 122 -26.37 -7.82 -28.88
CA ALA A 122 -26.75 -6.41 -28.79
C ALA A 122 -26.82 -5.75 -30.16
N LEU A 123 -26.01 -6.20 -31.12
CA LEU A 123 -26.06 -5.61 -32.46
C LEU A 123 -27.13 -6.25 -33.32
N LYS A 124 -27.29 -7.58 -33.23
CA LYS A 124 -28.29 -8.26 -34.05
C LYS A 124 -29.71 -7.87 -33.66
N ASP A 125 -29.92 -7.43 -32.43
CA ASP A 125 -31.23 -6.98 -31.98
C ASP A 125 -31.44 -5.49 -32.18
N ASN A 126 -30.45 -4.78 -32.72
CA ASN A 126 -30.56 -3.37 -33.05
C ASN A 126 -30.91 -2.52 -31.83
N PHE A 127 -30.19 -2.75 -30.74
CA PHE A 127 -30.34 -1.94 -29.53
C PHE A 127 -29.27 -0.88 -29.38
N VAL A 128 -28.21 -0.94 -30.18
CA VAL A 128 -27.04 -0.09 -29.99
C VAL A 128 -27.19 1.18 -30.82
N ASP A 129 -26.98 2.33 -30.18
CA ASP A 129 -27.01 3.63 -30.84
C ASP A 129 -25.63 4.21 -31.09
N ARG A 130 -24.59 3.67 -30.47
CA ARG A 130 -23.27 4.27 -30.49
C ARG A 130 -22.24 3.25 -30.04
N ILE A 131 -21.05 3.33 -30.61
CA ILE A 131 -19.97 2.39 -30.32
C ILE A 131 -18.71 3.16 -29.97
N TYR A 132 -18.15 2.89 -28.80
CA TYR A 132 -16.84 3.42 -28.40
C TYR A 132 -15.81 2.31 -28.56
N LEU A 133 -14.97 2.43 -29.59
CA LEU A 133 -14.00 1.40 -29.93
C LEU A 133 -12.60 1.88 -29.57
N THR A 134 -11.83 1.00 -28.93
CA THR A 134 -10.42 1.24 -28.63
C THR A 134 -9.61 0.20 -29.39
N ARG A 135 -8.94 0.63 -30.46
CA ARG A 135 -8.20 -0.28 -31.32
C ARG A 135 -6.79 -0.46 -30.77
N VAL A 136 -6.44 -1.70 -30.44
CA VAL A 136 -5.12 -2.03 -29.89
C VAL A 136 -4.29 -2.68 -30.99
N ALA A 137 -3.05 -2.25 -31.14
CA ALA A 137 -2.16 -2.76 -32.19
C ALA A 137 -1.39 -3.99 -31.69
N LEU A 138 -2.12 -5.09 -31.60
CA LEU A 138 -1.57 -6.37 -31.18
C LEU A 138 -2.23 -7.47 -31.99
N GLU A 139 -1.44 -8.21 -32.77
CA GLU A 139 -1.99 -9.28 -33.59
C GLU A 139 -1.16 -10.56 -33.60
N ASP A 140 0.12 -10.53 -33.25
CA ASP A 140 0.96 -11.72 -33.22
C ASP A 140 0.71 -12.58 -31.98
N ILE A 141 -0.45 -12.45 -31.35
CA ILE A 141 -0.76 -13.22 -30.15
C ILE A 141 -1.94 -14.13 -30.44
N GLU A 142 -2.52 -14.73 -29.40
CA GLU A 142 -3.63 -15.66 -29.54
C GLU A 142 -4.84 -15.14 -28.79
N PHE A 143 -6.00 -15.19 -29.43
CA PHE A 143 -7.28 -14.80 -28.86
C PHE A 143 -8.19 -16.01 -28.71
N ASP A 144 -9.35 -15.79 -28.10
CA ASP A 144 -10.36 -16.82 -27.98
C ASP A 144 -11.77 -16.23 -28.01
N THR A 145 -11.86 -14.93 -27.73
CA THR A 145 -13.13 -14.20 -27.78
C THR A 145 -12.92 -12.94 -28.60
N TYR A 146 -13.70 -12.80 -29.67
CA TYR A 146 -13.58 -11.68 -30.59
C TYR A 146 -14.80 -10.76 -30.51
N PHE A 147 -14.66 -9.59 -31.12
CA PHE A 147 -15.71 -8.60 -31.23
C PHE A 147 -16.35 -8.69 -32.60
N PRO A 148 -17.67 -8.72 -32.70
CA PRO A 148 -18.31 -8.88 -34.01
C PRO A 148 -18.00 -7.70 -34.91
N GLU A 149 -17.89 -7.99 -36.22
CA GLU A 149 -17.62 -6.95 -37.19
C GLU A 149 -18.74 -5.91 -37.17
N ILE A 150 -18.35 -4.64 -37.20
CA ILE A 150 -19.34 -3.56 -37.10
C ILE A 150 -20.24 -3.59 -38.34
N PRO A 151 -21.56 -3.60 -38.17
CA PRO A 151 -22.45 -3.60 -39.34
C PRO A 151 -22.35 -2.30 -40.12
N GLU A 152 -22.85 -2.36 -41.35
CA GLU A 152 -22.77 -1.21 -42.25
C GLU A 152 -23.62 -0.03 -41.78
N THR A 153 -24.55 -0.26 -40.85
CA THR A 153 -25.42 0.83 -40.39
C THR A 153 -24.69 1.84 -39.50
N PHE A 154 -23.49 1.52 -39.03
CA PHE A 154 -22.70 2.43 -38.21
C PHE A 154 -21.64 3.11 -39.06
N LEU A 155 -21.38 4.38 -38.76
CA LEU A 155 -20.39 5.16 -39.49
C LEU A 155 -19.37 5.77 -38.54
N PRO A 156 -18.09 5.78 -38.90
CA PRO A 156 -17.08 6.41 -38.04
C PRO A 156 -17.28 7.91 -37.99
N VAL A 157 -17.27 8.46 -36.78
CA VAL A 157 -17.41 9.90 -36.58
C VAL A 157 -16.19 10.52 -35.93
N TYR A 158 -15.37 9.76 -35.21
CA TYR A 158 -14.21 10.31 -34.52
C TYR A 158 -13.09 9.27 -34.55
N MET A 159 -11.85 9.76 -34.66
CA MET A 159 -10.68 8.91 -34.57
C MET A 159 -9.57 9.72 -33.92
N SER A 160 -9.17 9.31 -32.71
CA SER A 160 -8.21 10.07 -31.93
C SER A 160 -6.79 9.87 -32.47
N GLN A 161 -5.87 10.64 -31.90
CA GLN A 161 -4.45 10.46 -32.21
C GLN A 161 -3.95 9.13 -31.67
N THR A 162 -2.87 8.64 -32.25
CA THR A 162 -2.27 7.38 -31.82
C THR A 162 -1.55 7.59 -30.49
N PHE A 163 -1.93 6.81 -29.48
CA PHE A 163 -1.30 6.85 -28.17
C PHE A 163 -0.34 5.67 -28.01
N CYS A 164 0.30 5.61 -26.85
CA CYS A 164 1.29 4.57 -26.59
C CYS A 164 1.31 4.23 -25.11
N THR A 165 1.40 2.93 -24.81
CA THR A 165 1.52 2.45 -23.43
C THR A 165 2.28 1.13 -23.46
N LYS A 166 3.46 1.11 -22.85
CA LYS A 166 4.34 -0.06 -22.85
C LYS A 166 4.62 -0.52 -24.28
N ASN A 167 4.92 0.45 -25.15
CA ASN A 167 5.24 0.20 -26.56
C ASN A 167 4.07 -0.49 -27.28
N ILE A 168 2.86 -0.02 -27.00
CA ILE A 168 1.65 -0.54 -27.65
C ILE A 168 0.84 0.66 -28.10
N SER A 169 0.56 0.73 -29.41
CA SER A 169 -0.20 1.83 -29.97
C SER A 169 -1.69 1.52 -29.92
N TYR A 170 -2.49 2.55 -29.63
CA TYR A 170 -3.93 2.35 -29.56
C TYR A 170 -4.66 3.66 -29.86
N ASP A 171 -5.83 3.53 -30.46
CA ASP A 171 -6.68 4.65 -30.86
C ASP A 171 -7.98 4.62 -30.08
N PHE A 172 -8.78 5.68 -30.27
CA PHE A 172 -10.12 5.77 -29.72
C PHE A 172 -11.05 6.26 -30.83
N MET A 173 -12.08 5.48 -31.12
CA MET A 173 -13.02 5.82 -32.18
C MET A 173 -14.45 5.81 -31.65
N ILE A 174 -15.32 6.56 -32.34
CA ILE A 174 -16.73 6.63 -32.04
C ILE A 174 -17.50 6.30 -33.32
N PHE A 175 -18.54 5.48 -33.18
CA PHE A 175 -19.38 5.06 -34.30
C PHE A 175 -20.82 5.41 -33.99
N GLU A 176 -21.38 6.37 -34.73
CA GLU A 176 -22.77 6.75 -34.60
C GLU A 176 -23.59 6.02 -35.65
N LYS A 177 -24.87 5.79 -35.35
CA LYS A 177 -25.77 5.09 -36.26
C LYS A 177 -26.47 6.12 -37.13
N GLN A 178 -26.02 6.23 -38.37
CA GLN A 178 -26.60 7.20 -39.31
C GLN A 178 -27.82 6.62 -40.01
N LEU A 193 -23.94 26.96 -38.81
CA LEU A 193 -25.35 27.28 -39.05
C LEU A 193 -25.62 27.47 -40.54
N LYS A 194 -26.87 27.82 -40.86
CA LYS A 194 -27.34 27.90 -42.24
C LYS A 194 -27.29 29.31 -42.82
N SER A 195 -26.83 30.31 -42.07
CA SER A 195 -26.84 31.67 -42.57
C SER A 195 -25.56 32.03 -43.32
N ILE A 196 -24.43 31.46 -42.92
CA ILE A 196 -23.16 31.76 -43.60
C ILE A 196 -23.02 30.96 -44.89
N ASP A 197 -23.55 29.73 -44.92
CA ASP A 197 -23.43 28.90 -46.12
C ASP A 197 -24.15 29.55 -47.31
N ASP A 198 -25.29 30.19 -47.05
CA ASP A 198 -26.05 30.87 -48.11
C ASP A 198 -25.49 32.24 -48.46
N THR A 199 -24.31 32.59 -47.95
CA THR A 199 -23.65 33.84 -48.29
C THR A 199 -22.27 33.64 -48.89
N VAL A 200 -21.47 32.71 -48.35
CA VAL A 200 -20.19 32.40 -48.96
C VAL A 200 -20.37 31.79 -50.34
N ASP A 201 -21.44 31.00 -50.52
CA ASP A 201 -21.71 30.43 -51.84
C ASP A 201 -22.12 31.51 -52.83
N LEU A 202 -22.89 32.51 -52.38
CA LEU A 202 -23.28 33.61 -53.27
C LEU A 202 -22.06 34.44 -53.68
N LEU A 203 -21.18 34.73 -52.73
CA LEU A 203 -19.94 35.43 -53.08
C LEU A 203 -19.04 34.57 -53.96
N GLY A 204 -19.18 33.24 -53.89
CA GLY A 204 -18.45 32.38 -54.80
C GLY A 204 -18.99 32.36 -56.20
N GLU A 205 -20.25 32.77 -56.39
CA GLU A 205 -20.81 32.88 -57.73
C GLU A 205 -20.43 34.20 -58.39
N ILE A 206 -20.44 35.29 -57.62
CA ILE A 206 -20.07 36.61 -58.14
C ILE A 206 -18.61 36.60 -58.53
N PHE A 207 -17.73 36.44 -57.54
CA PHE A 207 -16.29 36.34 -57.78
C PHE A 207 -15.94 34.88 -58.05
N GLY A 208 -15.23 34.63 -59.15
CA GLY A 208 -14.80 33.27 -59.47
C GLY A 208 -13.51 32.93 -58.76
N ILE A 209 -12.40 32.99 -59.50
CA ILE A 209 -11.07 32.85 -58.89
C ILE A 209 -10.60 34.14 -58.25
N ARG A 210 -11.44 35.18 -58.25
CA ARG A 210 -11.13 36.39 -57.48
C ARG A 210 -11.27 36.14 -55.99
N LYS A 211 -12.23 35.30 -55.60
CA LYS A 211 -12.39 34.90 -54.21
C LYS A 211 -11.42 33.78 -53.89
N MET A 212 -10.56 33.99 -52.89
CA MET A 212 -9.55 33.01 -52.55
C MET A 212 -10.16 31.71 -52.04
N GLY A 213 -11.39 31.75 -51.50
CA GLY A 213 -12.05 30.53 -51.08
C GLY A 213 -12.30 29.56 -52.20
N ASN A 214 -12.54 30.07 -53.41
CA ASN A 214 -12.76 29.20 -54.56
C ASN A 214 -11.47 28.53 -55.02
N ARG A 215 -10.31 29.13 -54.75
CA ARG A 215 -9.03 28.51 -55.06
C ARG A 215 -8.69 27.37 -54.13
N HIS A 216 -9.32 27.31 -52.95
CA HIS A 216 -9.10 26.24 -51.97
C HIS A 216 -10.47 25.65 -51.64
N LYS A 217 -10.98 24.83 -52.56
CA LYS A 217 -12.29 24.22 -52.38
C LYS A 217 -12.22 23.06 -51.40
N PHE A 218 -13.26 22.90 -50.60
CA PHE A 218 -13.36 21.74 -49.71
C PHE A 218 -13.59 20.50 -50.56
N PRO A 219 -12.79 19.44 -50.38
CA PRO A 219 -12.96 18.25 -51.22
C PRO A 219 -14.33 17.60 -51.08
N LYS A 220 -14.77 16.97 -52.15
CA LYS A 220 -16.05 16.28 -52.19
C LYS A 220 -15.91 14.87 -51.60
N GLU A 221 -17.05 14.24 -51.31
CA GLU A 221 -17.04 12.91 -50.72
C GLU A 221 -16.29 11.88 -51.56
N GLU A 222 -16.15 12.12 -52.86
CA GLU A 222 -15.54 11.10 -53.70
C GLU A 222 -14.02 11.05 -53.58
N ILE A 223 -13.41 12.04 -52.91
CA ILE A 223 -11.96 12.03 -52.75
C ILE A 223 -11.58 12.29 -51.30
N TYR A 224 -12.56 12.31 -50.41
CA TYR A 224 -12.33 12.57 -48.99
C TYR A 224 -12.31 11.24 -48.25
N ASN A 225 -11.21 10.95 -47.55
CA ASN A 225 -11.08 9.67 -46.87
C ASN A 225 -12.00 9.64 -45.65
N THR A 226 -12.80 8.58 -45.56
CA THR A 226 -13.76 8.37 -44.48
C THR A 226 -14.58 9.65 -44.29
N PRO A 227 -15.41 10.03 -45.26
CA PRO A 227 -16.10 11.33 -45.17
C PRO A 227 -17.07 11.42 -43.99
N SER A 228 -17.41 10.30 -43.35
CA SER A 228 -18.29 10.34 -42.20
C SER A 228 -17.61 10.98 -40.99
N ILE A 229 -16.28 10.91 -40.92
CA ILE A 229 -15.54 11.58 -39.86
C ILE A 229 -15.34 13.03 -40.25
N ARG A 230 -16.28 13.90 -39.87
CA ARG A 230 -16.22 15.31 -40.24
C ARG A 230 -15.49 16.14 -39.18
N PHE A 231 -16.01 16.13 -37.95
CA PHE A 231 -15.51 16.97 -36.88
C PHE A 231 -14.44 16.30 -36.02
N GLY A 232 -14.21 15.01 -36.20
CA GLY A 232 -13.28 14.31 -35.34
C GLY A 232 -12.08 13.72 -36.08
N ARG A 233 -11.49 14.52 -36.97
CA ARG A 233 -10.32 14.10 -37.74
C ARG A 233 -9.05 14.45 -36.95
N GLU A 234 -8.85 13.71 -35.85
CA GLU A 234 -7.71 13.99 -34.98
C GLU A 234 -6.49 13.14 -35.29
N HIS A 235 -6.68 11.97 -35.88
CA HIS A 235 -5.54 11.15 -36.29
C HIS A 235 -4.69 11.93 -37.28
N TYR A 236 -3.41 12.09 -36.95
CA TYR A 236 -2.52 12.95 -37.71
C TYR A 236 -2.06 12.33 -39.01
N GLU A 237 -2.56 11.15 -39.38
CA GLU A 237 -2.39 10.67 -40.75
C GLU A 237 -3.36 11.37 -41.69
N PHE A 238 -4.43 11.97 -41.16
CA PHE A 238 -5.31 12.81 -41.97
C PHE A 238 -4.61 14.05 -42.47
N GLN A 239 -3.55 14.50 -41.81
CA GLN A 239 -2.77 15.62 -42.31
C GLN A 239 -2.15 15.33 -43.67
N TYR A 240 -1.97 14.04 -44.00
CA TYR A 240 -1.49 13.61 -45.30
C TYR A 240 -2.63 13.16 -46.22
N LEU A 241 -3.61 12.42 -45.68
CA LEU A 241 -4.70 11.91 -46.52
C LEU A 241 -5.64 13.03 -46.95
N ASP A 242 -5.74 14.11 -46.17
CA ASP A 242 -6.53 15.25 -46.61
C ASP A 242 -5.76 16.16 -47.56
N LEU A 243 -4.44 16.04 -47.60
CA LEU A 243 -3.66 16.77 -48.58
C LEU A 243 -3.83 16.17 -49.97
N LEU A 244 -3.92 14.83 -50.05
CA LEU A 244 -4.24 14.19 -51.31
C LEU A 244 -5.59 14.63 -51.84
N SER A 245 -6.59 14.69 -50.96
CA SER A 245 -7.91 15.17 -51.36
C SER A 245 -7.87 16.62 -51.77
N ARG A 246 -7.09 17.44 -51.06
CA ARG A 246 -7.02 18.86 -51.38
C ARG A 246 -6.34 19.09 -52.71
N VAL A 247 -5.46 18.18 -53.13
CA VAL A 247 -4.81 18.31 -54.43
C VAL A 247 -5.76 17.89 -55.55
N LEU A 248 -6.51 16.80 -55.35
CA LEU A 248 -7.42 16.33 -56.39
C LEU A 248 -8.53 17.34 -56.65
N GLU A 249 -8.91 18.13 -55.66
CA GLU A 249 -10.00 19.08 -55.83
C GLU A 249 -9.54 20.38 -56.46
N ASN A 250 -8.34 20.86 -56.10
CA ASN A 250 -7.86 22.17 -56.53
C ASN A 250 -6.57 22.12 -57.34
N GLY A 251 -6.06 20.92 -57.65
CA GLY A 251 -4.78 20.84 -58.34
C GLY A 251 -4.90 21.27 -59.80
N ALA A 252 -3.93 22.06 -60.24
CA ALA A 252 -3.88 22.56 -61.61
C ALA A 252 -2.98 21.66 -62.45
N TYR A 253 -3.50 21.19 -63.58
CA TYR A 253 -2.72 20.36 -64.49
C TYR A 253 -1.57 21.18 -65.05
N ARG A 254 -0.34 20.77 -64.73
CA ARG A 254 0.85 21.52 -65.12
C ARG A 254 1.92 20.56 -65.62
N GLU A 255 2.80 21.08 -66.47
CA GLU A 255 3.94 20.32 -66.97
C GLU A 255 5.15 20.55 -66.07
N ASN A 256 6.22 19.81 -66.34
CA ASN A 256 7.43 19.92 -65.54
C ASN A 256 8.60 19.41 -66.38
N ARG A 257 9.76 19.22 -65.73
CA ARG A 257 10.97 18.79 -66.41
C ARG A 257 10.90 17.34 -66.89
N THR A 258 9.94 16.56 -66.42
CA THR A 258 9.76 15.19 -66.86
C THR A 258 8.55 15.08 -67.79
N GLY A 259 8.42 13.91 -68.41
CA GLY A 259 7.30 13.68 -69.30
C GLY A 259 5.96 13.50 -68.60
N ILE A 260 5.97 13.27 -67.29
CA ILE A 260 4.74 13.03 -66.54
C ILE A 260 4.26 14.36 -65.96
N SER A 261 3.08 14.79 -66.38
CA SER A 261 2.49 16.02 -65.87
C SER A 261 1.88 15.79 -64.49
N THR A 262 1.71 16.87 -63.75
CA THR A 262 1.26 16.82 -62.36
C THR A 262 0.01 17.68 -62.16
N TYR A 263 -0.58 17.52 -60.97
CA TYR A 263 -1.64 18.39 -60.47
C TYR A 263 -1.09 19.02 -59.19
N SER A 264 -0.71 20.29 -59.26
CA SER A 264 0.05 20.92 -58.18
C SER A 264 -0.72 22.09 -57.59
N ILE A 265 -0.68 22.20 -56.27
CA ILE A 265 -1.09 23.39 -55.54
C ILE A 265 0.13 23.94 -54.82
N PHE A 266 -0.01 25.15 -54.27
CA PHE A 266 1.12 25.84 -53.66
C PHE A 266 0.76 26.27 -52.24
N GLY A 267 1.63 25.94 -51.29
CA GLY A 267 1.47 26.37 -49.92
C GLY A 267 0.59 25.49 -49.05
N GLN A 268 1.10 24.32 -48.68
CA GLN A 268 0.39 23.40 -47.80
C GLN A 268 1.35 22.89 -46.72
N MET A 269 0.77 22.47 -45.60
CA MET A 269 1.55 21.99 -44.47
C MET A 269 0.93 20.73 -43.89
N MET A 270 1.75 19.98 -43.16
CA MET A 270 1.32 18.79 -42.45
C MET A 270 1.92 18.81 -41.05
N ARG A 271 1.14 18.35 -40.07
CA ARG A 271 1.56 18.32 -38.68
C ARG A 271 1.51 16.90 -38.17
N PHE A 272 2.54 16.50 -37.42
CA PHE A 272 2.65 15.12 -36.96
C PHE A 272 3.10 15.09 -35.50
N ASP A 273 2.77 14.00 -34.83
CA ASP A 273 3.19 13.74 -33.46
C ASP A 273 4.21 12.61 -33.45
N MET A 274 5.26 12.79 -32.64
CA MET A 274 6.29 11.77 -32.49
C MET A 274 6.47 11.31 -31.04
N ARG A 275 5.71 11.85 -30.10
CA ARG A 275 5.83 11.45 -28.71
C ARG A 275 5.20 10.09 -28.47
N GLU A 276 3.91 9.95 -28.78
CA GLU A 276 3.15 8.74 -28.54
C GLU A 276 3.07 7.83 -29.76
N SER A 277 3.63 8.25 -30.90
CA SER A 277 3.53 7.47 -32.12
C SER A 277 4.71 7.79 -33.01
N PHE A 278 4.74 7.15 -34.18
CA PHE A 278 5.77 7.37 -35.19
C PHE A 278 5.06 7.62 -36.51
N PRO A 279 5.19 8.81 -37.11
CA PRO A 279 4.45 9.11 -38.34
C PRO A 279 4.88 8.26 -39.53
N LEU A 280 4.37 7.04 -39.60
CA LEU A 280 4.58 6.16 -40.74
C LEU A 280 3.21 5.77 -41.29
N LEU A 281 3.01 5.99 -42.58
CA LEU A 281 1.70 5.80 -43.19
C LEU A 281 1.24 4.34 -43.05
N THR A 282 -0.01 4.16 -42.64
CA THR A 282 -0.62 2.85 -42.51
C THR A 282 -1.51 2.48 -43.69
N THR A 283 -1.89 3.44 -44.51
CA THR A 283 -2.72 3.18 -45.68
C THR A 283 -1.91 2.58 -46.83
N LYS A 284 -0.61 2.39 -46.65
CA LYS A 284 0.24 1.77 -47.65
C LYS A 284 1.46 1.21 -46.94
N LYS A 285 1.85 -0.03 -47.27
CA LYS A 285 3.02 -0.65 -46.66
C LYS A 285 4.26 0.10 -47.14
N VAL A 286 4.73 1.04 -46.33
CA VAL A 286 5.89 1.86 -46.68
C VAL A 286 7.16 1.08 -46.38
N ALA A 287 8.09 1.06 -47.32
CA ALA A 287 9.36 0.38 -47.12
C ALA A 287 10.21 1.15 -46.12
N ILE A 288 10.13 0.77 -44.85
CA ILE A 288 10.81 1.52 -43.79
C ILE A 288 12.32 1.33 -43.89
N ARG A 289 12.78 0.16 -44.34
CA ARG A 289 14.21 -0.09 -44.43
C ARG A 289 14.87 0.83 -45.46
N SER A 290 14.21 1.02 -46.61
CA SER A 290 14.78 1.89 -47.64
C SER A 290 14.84 3.34 -47.19
N ILE A 291 13.92 3.76 -46.31
CA ILE A 291 13.97 5.12 -45.78
C ILE A 291 15.19 5.29 -44.88
N PHE A 292 15.46 4.30 -44.03
CA PHE A 292 16.57 4.40 -43.09
C PHE A 292 17.91 4.43 -43.82
N GLU A 293 18.12 3.50 -44.76
CA GLU A 293 19.38 3.44 -45.49
C GLU A 293 19.65 4.73 -46.26
N GLU A 294 18.60 5.44 -46.68
CA GLU A 294 18.80 6.75 -47.29
C GLU A 294 19.21 7.79 -46.25
N LEU A 295 18.61 7.72 -45.06
CA LEU A 295 18.89 8.73 -44.04
C LEU A 295 20.31 8.60 -43.50
N ILE A 296 20.71 7.38 -43.13
CA ILE A 296 22.08 7.18 -42.65
C ILE A 296 23.08 7.46 -43.77
N TRP A 297 22.66 7.29 -45.02
CA TRP A 297 23.50 7.70 -46.15
C TRP A 297 23.72 9.19 -46.15
N PHE A 298 22.68 9.97 -45.81
CA PHE A 298 22.84 11.42 -45.70
C PHE A 298 23.73 11.79 -44.52
N ILE A 299 23.52 11.13 -43.36
CA ILE A 299 24.24 11.50 -42.15
C ILE A 299 25.74 11.26 -42.29
N LYS A 300 26.11 10.20 -43.00
CA LYS A 300 27.53 9.89 -43.20
C LYS A 300 28.21 10.81 -44.20
N GLY A 301 27.45 11.67 -44.88
CA GLY A 301 28.05 12.51 -45.88
C GLY A 301 28.35 11.87 -47.21
N ASP A 302 27.74 10.73 -47.52
CA ASP A 302 28.05 9.99 -48.73
C ASP A 302 27.17 10.41 -49.89
N THR A 303 27.78 10.57 -51.07
CA THR A 303 27.07 10.90 -52.30
C THR A 303 27.29 9.84 -53.38
N ASN A 304 27.63 8.62 -52.98
CA ASN A 304 27.85 7.52 -53.91
C ASN A 304 26.56 6.71 -54.01
N GLY A 305 25.97 6.69 -55.20
CA GLY A 305 24.71 5.99 -55.38
C GLY A 305 24.85 4.48 -55.30
N ASN A 306 26.04 3.94 -55.63
CA ASN A 306 26.22 2.49 -55.64
C ASN A 306 26.14 1.91 -54.23
N HIS A 307 26.49 2.70 -53.21
CA HIS A 307 26.43 2.20 -51.84
C HIS A 307 25.01 1.83 -51.44
N LEU A 308 24.00 2.57 -51.93
CA LEU A 308 22.62 2.19 -51.70
C LEU A 308 22.19 1.02 -52.58
N ILE A 309 22.71 0.95 -53.81
CA ILE A 309 22.43 -0.20 -54.67
C ILE A 309 23.05 -1.46 -54.09
N GLU A 310 24.24 -1.33 -53.48
CA GLU A 310 24.88 -2.48 -52.85
C GLU A 310 24.15 -2.94 -51.60
N LYS A 311 23.15 -2.19 -51.14
CA LYS A 311 22.34 -2.57 -49.98
C LYS A 311 20.90 -2.87 -50.36
N LYS A 312 20.67 -3.27 -51.62
CA LYS A 312 19.34 -3.63 -52.12
C LYS A 312 18.35 -2.48 -51.97
N VAL A 313 18.81 -1.27 -52.26
CA VAL A 313 17.97 -0.07 -52.23
C VAL A 313 18.16 0.65 -53.56
N TYR A 314 17.12 0.66 -54.40
CA TYR A 314 17.24 1.22 -55.73
C TYR A 314 16.29 2.40 -55.91
N ILE A 315 16.49 3.47 -55.15
CA ILE A 315 15.66 4.67 -55.28
C ILE A 315 16.41 5.87 -55.82
N TRP A 316 17.74 5.81 -55.91
CA TRP A 316 18.53 6.86 -56.54
C TRP A 316 19.23 6.36 -57.80
N SER A 317 18.73 5.27 -58.38
CA SER A 317 19.29 4.77 -59.63
C SER A 317 18.69 5.50 -60.85
N GLY A 318 17.41 5.84 -60.78
CA GLY A 318 16.79 6.56 -61.88
C GLY A 318 17.39 7.93 -62.11
N ASN A 319 17.63 8.67 -61.03
CA ASN A 319 18.26 9.98 -61.12
C ASN A 319 19.78 9.88 -61.17
N GLY A 320 20.31 8.67 -61.34
CA GLY A 320 21.73 8.45 -61.39
C GLY A 320 22.10 7.42 -62.44
N SER A 321 21.34 7.35 -63.52
CA SER A 321 21.67 6.47 -64.63
C SER A 321 22.58 7.20 -65.63
N LYS A 322 23.24 6.40 -66.47
CA LYS A 322 24.11 6.98 -67.48
C LYS A 322 23.33 7.82 -68.47
N GLU A 323 22.11 7.39 -68.80
CA GLU A 323 21.29 8.15 -69.74
C GLU A 323 20.81 9.46 -69.13
N TYR A 324 20.31 9.42 -67.89
CA TYR A 324 19.81 10.63 -67.26
C TYR A 324 20.94 11.61 -66.95
N LEU A 325 22.10 11.11 -66.52
CA LEU A 325 23.19 11.99 -66.15
C LEU A 325 23.74 12.74 -67.35
N GLU A 326 23.89 12.04 -68.49
CA GLU A 326 24.32 12.71 -69.71
C GLU A 326 23.22 13.58 -70.31
N ARG A 327 21.95 13.32 -69.98
CA ARG A 327 20.86 14.10 -70.53
C ARG A 327 20.79 15.50 -69.92
N ILE A 328 21.20 15.65 -68.67
CA ILE A 328 21.13 16.94 -67.99
C ILE A 328 22.48 17.66 -68.08
N GLY A 329 23.39 17.12 -68.88
CA GLY A 329 24.67 17.78 -69.10
C GLY A 329 25.71 17.43 -68.07
N LEU A 330 25.72 16.18 -67.63
CA LEU A 330 26.70 15.66 -66.68
C LEU A 330 27.29 14.35 -67.19
N GLY A 331 27.65 14.33 -68.47
CA GLY A 331 28.27 13.15 -69.05
C GLY A 331 29.65 12.86 -68.51
N HIS A 332 30.32 13.87 -67.95
CA HIS A 332 31.63 13.70 -67.34
C HIS A 332 31.56 13.03 -65.97
N ARG A 333 30.39 12.60 -65.54
CA ARG A 333 30.20 12.00 -64.24
C ARG A 333 30.15 10.48 -64.34
N GLU A 334 30.55 9.82 -63.26
CA GLU A 334 30.51 8.36 -63.24
C GLU A 334 29.05 7.89 -63.20
N GLU A 335 28.87 6.58 -63.19
CA GLU A 335 27.55 5.98 -63.32
C GLU A 335 26.58 6.55 -62.29
N ASN A 336 26.88 6.36 -61.00
CA ASN A 336 25.96 6.73 -59.93
C ASN A 336 26.51 7.83 -59.03
N ASP A 337 27.39 8.68 -59.55
CA ASP A 337 27.90 9.82 -58.78
C ASP A 337 26.83 10.93 -58.81
N LEU A 338 26.04 11.03 -57.75
CA LEU A 338 24.97 12.01 -57.74
C LEU A 338 25.52 13.42 -57.64
N GLY A 339 26.48 13.64 -56.74
CA GLY A 339 27.13 14.92 -56.63
C GLY A 339 26.83 15.57 -55.29
N PRO A 340 27.12 16.85 -55.16
CA PRO A 340 26.83 17.53 -53.88
C PRO A 340 25.34 17.68 -53.64
N ILE A 341 24.73 16.68 -53.01
CA ILE A 341 23.31 16.73 -52.68
C ILE A 341 23.26 16.82 -51.17
N TYR A 342 22.07 16.63 -50.57
CA TYR A 342 22.06 16.46 -49.14
C TYR A 342 22.99 15.32 -48.78
N GLY A 343 23.68 15.44 -47.64
CA GLY A 343 24.75 14.54 -47.30
C GLY A 343 26.12 15.08 -47.61
N PHE A 344 26.25 15.86 -48.68
CA PHE A 344 27.49 16.61 -48.88
C PHE A 344 27.35 18.01 -48.35
N GLN A 345 26.18 18.62 -48.52
CA GLN A 345 25.93 19.95 -47.99
C GLN A 345 25.73 19.93 -46.48
N TRP A 346 25.28 18.78 -45.95
CA TRP A 346 25.15 18.65 -44.50
C TRP A 346 26.50 18.66 -43.82
N ARG A 347 27.43 17.82 -44.27
CA ARG A 347 28.73 17.67 -43.63
C ARG A 347 29.83 18.53 -44.25
N HIS A 348 29.69 18.92 -45.52
CA HIS A 348 30.72 19.71 -46.18
C HIS A 348 30.05 20.81 -47.00
N TYR A 349 29.92 21.99 -46.43
CA TYR A 349 29.23 23.09 -47.08
C TYR A 349 30.26 23.98 -47.78
N ASN A 350 30.01 24.28 -49.05
CA ASN A 350 30.92 25.07 -49.88
C ASN A 350 32.28 24.38 -50.03
N GLY A 351 32.25 23.08 -50.26
CA GLY A 351 33.45 22.30 -50.51
C GLY A 351 33.62 21.99 -51.99
N GLU A 352 34.86 22.08 -52.46
CA GLU A 352 35.16 21.82 -53.86
C GLU A 352 34.92 20.36 -54.20
N TYR A 353 33.70 20.03 -54.64
CA TYR A 353 33.34 18.67 -54.97
C TYR A 353 34.03 18.23 -56.27
N LYS A 354 34.80 17.14 -56.18
CA LYS A 354 35.44 16.56 -57.36
C LYS A 354 34.62 15.40 -57.89
N THR A 355 34.73 14.25 -57.22
CA THR A 355 34.00 13.03 -57.56
C THR A 355 33.42 12.42 -56.28
N MET A 356 32.81 11.24 -56.39
CA MET A 356 32.28 10.56 -55.22
C MET A 356 33.37 9.77 -54.52
N HIS A 357 34.38 9.32 -55.25
CA HIS A 357 35.48 8.54 -54.69
C HIS A 357 36.54 9.38 -54.02
N ASP A 358 36.30 10.68 -53.84
CA ASP A 358 37.29 11.55 -53.23
C ASP A 358 37.17 11.54 -51.70
N ASP A 359 38.10 12.23 -51.05
CA ASP A 359 38.20 12.28 -49.60
C ASP A 359 37.96 13.71 -49.16
N TYR A 360 36.74 14.02 -48.71
CA TYR A 360 36.40 15.37 -48.28
C TYR A 360 36.45 15.55 -46.76
N THR A 361 37.06 14.61 -46.03
CA THR A 361 37.13 14.74 -44.58
C THR A 361 37.94 15.97 -44.20
N GLY A 362 37.29 17.01 -43.69
CA GLY A 362 37.95 18.22 -43.26
C GLY A 362 37.54 19.48 -44.01
N VAL A 363 36.97 19.35 -45.19
CA VAL A 363 36.60 20.51 -46.00
C VAL A 363 35.12 20.79 -45.83
N GLY A 364 34.76 22.06 -45.86
CA GLY A 364 33.34 22.40 -45.77
C GLY A 364 32.87 22.56 -44.34
N VAL A 365 31.86 23.42 -44.18
CA VAL A 365 31.26 23.62 -42.86
C VAL A 365 30.42 22.41 -42.51
N ASP A 366 30.77 21.75 -41.40
CA ASP A 366 30.04 20.58 -40.93
C ASP A 366 28.81 21.09 -40.17
N GLN A 367 27.71 21.27 -40.92
CA GLN A 367 26.49 21.79 -40.32
C GLN A 367 25.91 20.82 -39.30
N LEU A 368 25.92 19.53 -39.62
CA LEU A 368 25.33 18.53 -38.72
C LEU A 368 26.05 18.46 -37.39
N ALA A 369 27.39 18.48 -37.41
CA ALA A 369 28.16 18.46 -36.17
C ALA A 369 27.90 19.70 -35.33
N LYS A 370 27.94 20.88 -35.97
CA LYS A 370 27.64 22.11 -35.25
C LYS A 370 26.20 22.15 -34.75
N LEU A 371 25.29 21.49 -35.46
CA LEU A 371 23.90 21.44 -35.00
C LEU A 371 23.78 20.69 -33.68
N ILE A 372 24.45 19.55 -33.55
CA ILE A 372 24.41 18.79 -32.30
C ILE A 372 25.06 19.58 -31.19
N GLU A 373 26.22 20.18 -31.46
CA GLU A 373 26.90 20.99 -30.45
C GLU A 373 26.04 22.18 -30.01
N THR A 374 25.22 22.72 -30.90
CA THR A 374 24.35 23.83 -30.54
C THR A 374 23.14 23.36 -29.77
N LEU A 375 22.60 22.19 -30.12
CA LEU A 375 21.44 21.66 -29.40
C LEU A 375 21.77 21.30 -27.96
N LYS A 376 23.01 20.88 -27.69
CA LYS A 376 23.40 20.53 -26.33
C LYS A 376 23.71 21.77 -25.50
N ASN A 377 24.54 22.67 -26.04
CA ASN A 377 25.08 23.76 -25.24
C ASN A 377 24.14 24.95 -25.15
N ASN A 378 23.26 25.13 -26.13
CA ASN A 378 22.35 26.28 -26.18
C ASN A 378 20.99 25.81 -26.68
N PRO A 379 20.17 25.24 -25.79
CA PRO A 379 18.86 24.74 -26.24
C PRO A 379 17.87 25.84 -26.57
N LYS A 380 17.92 26.97 -25.85
CA LYS A 380 17.00 28.08 -26.11
C LYS A 380 17.36 28.86 -27.38
N ASP A 381 18.41 28.47 -28.09
CA ASP A 381 18.77 29.15 -29.33
C ASP A 381 17.70 28.93 -30.39
N ARG A 382 17.41 29.98 -31.15
CA ARG A 382 16.37 29.92 -32.17
C ARG A 382 16.89 29.57 -33.55
N ARG A 383 18.21 29.50 -33.74
CA ARG A 383 18.77 29.24 -35.06
C ARG A 383 19.34 27.84 -35.17
N HIS A 384 18.57 26.83 -34.80
CA HIS A 384 18.97 25.44 -34.94
C HIS A 384 18.60 24.92 -36.34
N ILE A 385 19.19 25.57 -37.34
CA ILE A 385 18.84 25.38 -38.75
C ILE A 385 19.84 24.43 -39.41
N LEU A 386 19.34 23.62 -40.34
CA LEU A 386 20.15 22.74 -41.17
C LEU A 386 19.70 22.93 -42.61
N THR A 387 20.48 23.66 -43.39
CA THR A 387 20.12 23.99 -44.77
C THR A 387 20.77 23.03 -45.75
N ALA A 388 20.19 22.98 -46.95
CA ALA A 388 20.73 22.15 -48.02
C ALA A 388 20.78 22.88 -49.37
N TRP A 389 20.34 24.13 -49.43
CA TRP A 389 20.33 24.88 -50.69
C TRP A 389 21.63 25.67 -50.80
N ASN A 390 22.50 25.25 -51.72
CA ASN A 390 23.76 25.93 -51.99
C ASN A 390 23.76 26.40 -53.44
N PRO A 391 23.39 27.65 -53.72
CA PRO A 391 23.33 28.12 -55.11
C PRO A 391 24.66 28.07 -55.84
N SER A 392 25.78 28.09 -55.11
CA SER A 392 27.08 28.06 -55.77
C SER A 392 27.37 26.70 -56.40
N ALA A 393 26.75 25.63 -55.91
CA ALA A 393 27.00 24.28 -56.41
C ALA A 393 25.69 23.59 -56.74
N LEU A 394 24.81 24.29 -57.46
CA LEU A 394 23.56 23.68 -57.92
C LEU A 394 23.71 23.02 -59.27
N SER A 395 24.49 23.60 -60.17
CA SER A 395 24.70 23.00 -61.49
C SER A 395 25.46 21.69 -61.40
N GLN A 396 26.11 21.41 -60.27
CA GLN A 396 26.81 20.16 -60.08
C GLN A 396 25.91 19.06 -59.52
N MET A 397 24.76 19.43 -58.97
CA MET A 397 23.85 18.44 -58.42
C MET A 397 23.13 17.68 -59.51
N ALA A 398 22.96 16.37 -59.31
CA ALA A 398 22.13 15.59 -60.21
C ALA A 398 20.66 15.96 -60.07
N LEU A 399 20.26 16.43 -58.90
CA LEU A 399 18.91 16.90 -58.64
C LEU A 399 18.93 17.88 -57.47
N PRO A 400 18.33 19.06 -57.62
CA PRO A 400 18.34 20.04 -56.54
C PRO A 400 17.64 19.51 -55.30
N PRO A 401 17.97 20.04 -54.12
CA PRO A 401 17.39 19.52 -52.87
C PRO A 401 15.89 19.74 -52.82
N CYS A 402 15.15 18.63 -52.65
CA CYS A 402 13.70 18.72 -52.50
C CYS A 402 13.31 19.21 -51.11
N HIS A 403 13.71 18.47 -50.07
CA HIS A 403 13.59 18.98 -48.71
C HIS A 403 14.82 19.83 -48.40
N VAL A 404 14.59 21.13 -48.21
CA VAL A 404 15.67 22.10 -48.15
C VAL A 404 16.00 22.45 -46.71
N LEU A 405 15.28 23.41 -46.16
CA LEU A 405 15.56 23.91 -44.82
C LEU A 405 14.94 23.00 -43.76
N SER A 406 15.57 22.98 -42.59
CA SER A 406 15.04 22.23 -41.45
C SER A 406 15.48 22.92 -40.17
N GLN A 407 14.51 23.26 -39.33
CA GLN A 407 14.75 23.96 -38.08
C GLN A 407 14.31 23.08 -36.92
N TYR A 408 15.08 23.09 -35.84
CA TYR A 408 14.82 22.28 -34.67
C TYR A 408 14.63 23.16 -33.44
N TYR A 409 13.87 22.66 -32.48
CA TYR A 409 13.38 23.49 -31.39
C TYR A 409 13.22 22.63 -30.14
N VAL A 410 13.76 23.11 -29.02
CA VAL A 410 13.71 22.39 -27.75
C VAL A 410 12.66 23.05 -26.86
N THR A 411 11.68 22.25 -26.42
CA THR A 411 10.65 22.74 -25.52
C THR A 411 11.19 22.76 -24.09
N ASN A 412 10.36 23.25 -23.16
CA ASN A 412 10.77 23.32 -21.76
C ASN A 412 10.77 21.96 -21.08
N ASP A 413 10.21 20.93 -21.71
CA ASP A 413 10.20 19.57 -21.15
C ASP A 413 11.22 18.67 -21.83
N ASN A 414 12.32 19.25 -22.33
CA ASN A 414 13.40 18.51 -22.99
C ASN A 414 12.88 17.66 -24.15
N CYS A 415 12.01 18.24 -24.97
CA CYS A 415 11.52 17.60 -26.17
C CYS A 415 12.06 18.31 -27.40
N LEU A 416 12.27 17.55 -28.47
CA LEU A 416 12.87 18.06 -29.70
C LEU A 416 11.84 18.02 -30.82
N SER A 417 11.47 19.20 -31.31
CA SER A 417 10.55 19.33 -32.43
C SER A 417 11.32 19.68 -33.71
N CYS A 418 10.68 19.46 -34.85
CA CYS A 418 11.31 19.65 -36.14
C CYS A 418 10.35 20.32 -37.11
N ASN A 419 10.87 21.30 -37.85
CA ASN A 419 10.16 21.96 -38.94
C ASN A 419 10.95 21.78 -40.22
N LEU A 420 10.26 21.43 -41.31
CA LEU A 420 10.89 21.22 -42.60
C LEU A 420 10.16 22.02 -43.66
N TYR A 421 10.92 22.62 -44.57
CA TYR A 421 10.36 23.23 -45.78
C TYR A 421 10.78 22.42 -46.99
N GLN A 422 9.79 21.98 -47.76
CA GLN A 422 10.01 21.18 -48.97
C GLN A 422 9.53 21.97 -50.17
N ARG A 423 10.39 22.12 -51.18
CA ARG A 423 10.03 22.92 -52.35
C ARG A 423 9.02 22.20 -53.24
N SER A 424 9.08 20.86 -53.28
CA SER A 424 8.15 20.08 -54.07
C SER A 424 8.11 18.67 -53.50
N CYS A 425 6.89 18.16 -53.26
CA CYS A 425 6.68 16.84 -52.70
C CYS A 425 5.94 15.96 -53.70
N ASP A 426 6.49 14.78 -53.97
CA ASP A 426 5.82 13.78 -54.80
C ASP A 426 4.92 12.92 -53.91
N LEU A 427 3.71 13.43 -53.67
CA LEU A 427 2.73 12.71 -52.87
C LEU A 427 2.50 11.32 -53.46
N GLY A 428 2.76 10.29 -52.67
CA GLY A 428 2.68 8.90 -53.09
C GLY A 428 4.04 8.22 -53.16
N LEU A 429 5.10 8.97 -53.44
CA LEU A 429 6.44 8.42 -53.52
C LEU A 429 7.45 9.17 -52.67
N GLY A 430 7.32 10.49 -52.55
CA GLY A 430 8.31 11.27 -51.83
C GLY A 430 7.85 11.77 -50.47
N SER A 431 6.56 12.09 -50.36
CA SER A 431 6.05 12.59 -49.07
C SER A 431 6.06 11.50 -48.00
N PRO A 432 5.56 10.28 -48.24
CA PRO A 432 5.64 9.26 -47.18
C PRO A 432 7.07 8.97 -46.76
N PHE A 433 8.04 9.04 -47.69
CA PHE A 433 9.43 8.85 -47.32
C PHE A 433 9.96 10.02 -46.52
N ASN A 434 9.64 11.25 -46.92
CA ASN A 434 10.15 12.43 -46.23
C ASN A 434 9.54 12.58 -44.85
N ILE A 435 8.33 12.07 -44.63
CA ILE A 435 7.72 12.12 -43.31
C ILE A 435 8.50 11.24 -42.34
N ALA A 436 8.76 9.99 -42.73
CA ALA A 436 9.48 9.08 -41.85
C ALA A 436 10.97 9.43 -41.75
N SER A 437 11.55 9.91 -42.86
CA SER A 437 12.98 10.20 -42.87
C SER A 437 13.35 11.25 -41.84
N TYR A 438 12.61 12.37 -41.81
CA TYR A 438 12.88 13.41 -40.83
C TYR A 438 12.31 13.09 -39.45
N ALA A 439 11.37 12.16 -39.36
CA ALA A 439 10.95 11.68 -38.05
C ALA A 439 12.05 10.86 -37.40
N ILE A 440 12.68 9.96 -38.17
CA ILE A 440 13.81 9.19 -37.64
C ILE A 440 14.99 10.12 -37.34
N LEU A 441 15.24 11.10 -38.23
CA LEU A 441 16.35 12.02 -38.01
C LEU A 441 16.15 12.84 -36.73
N THR A 442 14.90 13.22 -36.46
CA THR A 442 14.63 13.96 -35.21
C THR A 442 14.88 13.08 -33.99
N MET A 443 14.50 11.80 -34.06
CA MET A 443 14.73 10.90 -32.95
C MET A 443 16.22 10.63 -32.74
N MET A 444 16.98 10.51 -33.85
CA MET A 444 18.42 10.34 -33.73
C MET A 444 19.06 11.53 -33.04
N LEU A 445 18.66 12.75 -33.43
CA LEU A 445 19.18 13.94 -32.77
C LEU A 445 18.73 14.01 -31.31
N ALA A 446 17.54 13.50 -31.01
CA ALA A 446 17.03 13.53 -29.64
C ALA A 446 17.83 12.60 -28.73
N GLN A 447 18.23 11.44 -29.24
CA GLN A 447 18.97 10.48 -28.42
C GLN A 447 20.40 10.95 -28.19
N VAL A 448 21.07 11.42 -29.24
CA VAL A 448 22.47 11.83 -29.11
C VAL A 448 22.57 13.05 -28.20
N CYS A 449 21.59 13.96 -28.27
CA CYS A 449 21.59 15.14 -27.43
C CYS A 449 20.93 14.93 -26.07
N GLY A 450 20.19 13.85 -25.90
CA GLY A 450 19.58 13.56 -24.61
C GLY A 450 18.18 14.08 -24.40
N TYR A 451 17.45 14.39 -25.47
CA TYR A 451 16.09 14.88 -25.43
C TYR A 451 15.12 13.79 -25.86
N GLU A 452 13.83 14.15 -25.95
CA GLU A 452 12.79 13.25 -26.40
C GLU A 452 12.17 13.79 -27.68
N PRO A 453 11.63 12.92 -28.53
CA PRO A 453 10.98 13.41 -29.75
C PRO A 453 9.71 14.19 -29.44
N GLY A 454 9.48 15.26 -30.20
CA GLY A 454 8.32 16.10 -30.00
C GLY A 454 7.37 16.07 -31.17
N GLU A 455 7.18 17.21 -31.83
CA GLU A 455 6.30 17.34 -32.97
C GLU A 455 7.10 17.46 -34.26
N LEU A 456 6.45 17.14 -35.37
CA LEU A 456 7.04 17.25 -36.70
C LEU A 456 6.08 18.02 -37.59
N ALA A 457 6.57 19.10 -38.20
CA ALA A 457 5.79 19.91 -39.12
C ALA A 457 6.53 20.00 -40.44
N ILE A 458 5.81 19.76 -41.54
CA ILE A 458 6.37 19.79 -42.88
C ILE A 458 5.64 20.88 -43.67
N PHE A 459 6.39 21.86 -44.16
CA PHE A 459 5.85 22.96 -44.94
C PHE A 459 6.20 22.72 -46.40
N ILE A 460 5.17 22.65 -47.26
CA ILE A 460 5.33 22.23 -48.64
C ILE A 460 5.08 23.41 -49.57
N GLY A 461 5.89 23.51 -50.62
CA GLY A 461 5.64 24.46 -51.69
C GLY A 461 4.79 23.86 -52.80
N ASP A 462 5.43 23.16 -53.73
CA ASP A 462 4.74 22.59 -54.90
C ASP A 462 4.27 21.18 -54.56
N ALA A 463 3.13 21.11 -53.86
CA ALA A 463 2.52 19.83 -53.51
C ALA A 463 1.76 19.31 -54.73
N HIS A 464 2.32 18.32 -55.40
CA HIS A 464 1.79 17.83 -56.66
C HIS A 464 1.54 16.33 -56.61
N ILE A 465 0.73 15.86 -57.56
CA ILE A 465 0.46 14.44 -57.76
C ILE A 465 0.68 14.13 -59.24
N TYR A 466 1.59 13.21 -59.52
CA TYR A 466 1.84 12.83 -60.91
C TYR A 466 0.65 12.05 -61.46
N GLU A 467 0.39 12.25 -62.75
CA GLU A 467 -0.84 11.73 -63.36
C GLU A 467 -0.86 10.21 -63.49
N ASN A 468 0.28 9.54 -63.33
CA ASN A 468 0.31 8.09 -63.35
C ASN A 468 0.13 7.47 -61.96
N HIS A 469 -0.05 8.30 -60.93
CA HIS A 469 -0.34 7.83 -59.58
C HIS A 469 -1.81 7.98 -59.21
N LEU A 470 -2.64 8.50 -60.11
CA LEU A 470 -4.03 8.78 -59.78
C LEU A 470 -4.81 7.51 -59.48
N THR A 471 -4.57 6.45 -60.25
CA THR A 471 -5.28 5.19 -60.02
C THR A 471 -4.89 4.58 -58.68
N GLN A 472 -3.62 4.70 -58.29
CA GLN A 472 -3.16 4.12 -57.04
C GLN A 472 -3.55 4.99 -55.85
N LEU A 473 -3.34 6.30 -55.94
CA LEU A 473 -3.67 7.19 -54.83
C LEU A 473 -5.16 7.23 -54.56
N LYS A 474 -5.99 7.01 -55.59
CA LYS A 474 -7.42 6.90 -55.36
C LYS A 474 -7.76 5.68 -54.52
N GLU A 475 -6.91 4.65 -54.57
CA GLU A 475 -7.12 3.48 -53.72
C GLU A 475 -6.74 3.78 -52.27
N GLN A 476 -5.68 4.55 -52.06
CA GLN A 476 -5.26 4.88 -50.70
C GLN A 476 -6.33 5.64 -49.95
N LEU A 477 -7.10 6.49 -50.65
CA LEU A 477 -8.14 7.25 -49.98
C LEU A 477 -9.34 6.40 -49.60
N SER A 478 -9.45 5.20 -50.17
CA SER A 478 -10.54 4.29 -49.84
C SER A 478 -10.27 3.47 -48.58
N ARG A 479 -9.03 3.46 -48.09
CA ARG A 479 -8.64 2.67 -46.95
C ARG A 479 -8.71 3.52 -45.68
N THR A 480 -9.53 3.11 -44.73
CA THR A 480 -9.63 3.85 -43.49
C THR A 480 -8.34 3.66 -42.68
N PRO A 481 -7.85 4.72 -42.04
CA PRO A 481 -6.52 4.65 -41.41
C PRO A 481 -6.51 3.75 -40.19
N ARG A 482 -5.31 3.35 -39.82
CA ARG A 482 -5.01 2.54 -38.65
C ARG A 482 -3.99 3.27 -37.78
N PRO A 483 -3.92 2.95 -36.49
CA PRO A 483 -3.01 3.68 -35.60
C PRO A 483 -1.56 3.57 -36.03
N PHE A 484 -0.80 4.63 -35.77
CA PHE A 484 0.61 4.68 -36.11
C PHE A 484 1.37 3.59 -35.35
N PRO A 485 2.51 3.13 -35.88
CA PRO A 485 3.35 2.17 -35.16
C PRO A 485 4.25 2.91 -34.17
N GLN A 486 5.08 2.14 -33.47
CA GLN A 486 6.07 2.67 -32.55
C GLN A 486 7.47 2.34 -33.07
N LEU A 487 8.39 3.29 -32.88
CA LEU A 487 9.78 3.14 -33.30
C LEU A 487 10.66 3.32 -32.08
N LYS A 488 11.43 2.29 -31.75
CA LYS A 488 12.33 2.30 -30.61
C LYS A 488 13.72 1.88 -31.03
N PHE A 489 14.73 2.50 -30.43
CA PHE A 489 16.11 2.17 -30.71
C PHE A 489 16.58 1.05 -29.79
N LYS A 490 17.41 0.16 -30.32
CA LYS A 490 17.86 -1.00 -29.58
C LYS A 490 19.08 -0.72 -28.72
N ARG A 491 19.77 0.39 -28.92
CA ARG A 491 20.96 0.71 -28.14
C ARG A 491 21.25 2.19 -28.27
N LYS A 492 21.98 2.71 -27.28
CA LYS A 492 22.47 4.08 -27.31
C LYS A 492 23.81 4.11 -28.04
N VAL A 493 23.95 5.05 -28.97
CA VAL A 493 25.13 5.13 -29.83
C VAL A 493 26.11 6.15 -29.27
N GLU A 494 27.39 5.96 -29.58
CA GLU A 494 28.42 6.88 -29.13
C GLU A 494 28.35 8.19 -29.90
N ASN A 495 28.58 8.14 -31.21
CA ASN A 495 28.48 9.32 -32.06
C ASN A 495 27.05 9.47 -32.58
N ILE A 496 26.89 9.63 -33.89
CA ILE A 496 25.57 9.72 -34.49
C ILE A 496 25.53 8.86 -35.75
N GLU A 497 26.67 8.74 -36.43
CA GLU A 497 26.78 7.96 -37.65
C GLU A 497 27.01 6.48 -37.39
N ASP A 498 26.72 5.98 -36.19
CA ASP A 498 26.93 4.58 -35.85
C ASP A 498 25.64 3.77 -35.92
N PHE A 499 24.51 4.38 -36.24
CA PHE A 499 23.26 3.64 -36.30
C PHE A 499 23.30 2.60 -37.41
N LYS A 500 22.67 1.46 -37.16
CA LYS A 500 22.55 0.39 -38.14
C LYS A 500 21.09 -0.06 -38.20
N TRP A 501 20.75 -0.73 -39.30
CA TRP A 501 19.37 -1.20 -39.48
C TRP A 501 18.97 -2.18 -38.38
N GLU A 502 19.94 -2.92 -37.83
CA GLU A 502 19.64 -3.86 -36.75
C GLU A 502 19.32 -3.14 -35.44
N ASP A 503 19.73 -1.88 -35.30
CA ASP A 503 19.47 -1.11 -34.08
C ASP A 503 18.07 -0.50 -34.07
N ILE A 504 17.22 -0.82 -35.04
CA ILE A 504 15.91 -0.22 -35.20
C ILE A 504 14.85 -1.28 -34.93
N GLU A 505 13.90 -0.96 -34.06
CA GLU A 505 12.80 -1.86 -33.74
C GLU A 505 11.48 -1.17 -34.07
N LEU A 506 10.76 -1.71 -35.05
CA LEU A 506 9.43 -1.22 -35.43
C LEU A 506 8.39 -2.08 -34.74
N ILE A 507 7.56 -1.45 -33.91
CA ILE A 507 6.64 -2.17 -33.02
C ILE A 507 5.22 -1.86 -33.43
N GLY A 508 4.46 -2.88 -33.78
CA GLY A 508 3.04 -2.73 -34.04
C GLY A 508 2.69 -2.02 -35.33
N TYR A 509 3.26 -2.47 -36.44
CA TYR A 509 2.99 -1.88 -37.76
C TYR A 509 2.21 -2.89 -38.59
N TYR A 510 0.91 -2.64 -38.75
CA TYR A 510 0.02 -3.50 -39.52
C TYR A 510 -0.67 -2.67 -40.60
N PRO A 511 0.05 -2.32 -41.66
CA PRO A 511 -0.50 -1.42 -42.68
C PRO A 511 -1.33 -2.17 -43.70
N TYR A 512 -1.90 -1.42 -44.64
CA TYR A 512 -2.61 -1.97 -45.77
C TYR A 512 -1.62 -2.45 -46.83
N PRO A 513 -2.05 -3.30 -47.76
CA PRO A 513 -1.13 -3.82 -48.78
C PRO A 513 -0.47 -2.70 -49.57
N THR A 514 0.82 -2.90 -49.89
CA THR A 514 1.57 -1.90 -50.63
C THR A 514 1.05 -1.79 -52.06
N ILE A 515 1.04 -0.57 -52.59
CA ILE A 515 0.62 -0.30 -53.96
C ILE A 515 1.81 0.29 -54.71
N LYS A 516 2.11 -0.29 -55.87
CA LYS A 516 3.29 0.09 -56.62
C LYS A 516 3.03 1.35 -57.44
N MET A 517 3.96 2.30 -57.35
CA MET A 517 3.90 3.53 -58.15
C MET A 517 5.27 3.75 -58.79
N ASP A 518 5.26 4.18 -60.05
CA ASP A 518 6.49 4.37 -60.81
C ASP A 518 7.04 5.78 -60.58
N MET A 519 8.36 5.87 -60.50
CA MET A 519 9.03 7.14 -60.27
C MET A 519 9.17 7.92 -61.58
N ALA A 520 8.79 9.19 -61.55
CA ALA A 520 8.98 10.08 -62.69
C ALA A 520 10.43 10.50 -62.73
N VAL A 521 11.22 9.85 -63.58
CA VAL A 521 12.64 10.11 -63.69
C VAL A 521 12.90 11.50 -64.24
N GLU B 3 -43.86 33.91 -37.89
CA GLU B 3 -42.48 34.29 -37.61
C GLU B 3 -41.57 33.94 -38.79
N LYS B 4 -41.03 34.97 -39.44
CA LYS B 4 -40.11 34.80 -40.55
C LYS B 4 -38.99 35.82 -40.46
N ASN B 5 -37.89 35.53 -41.16
CA ASN B 5 -36.70 36.36 -41.09
C ASN B 5 -36.89 37.73 -41.72
N VAL B 6 -36.39 38.76 -41.03
CA VAL B 6 -36.43 40.15 -41.49
C VAL B 6 -34.99 40.66 -41.44
N SER B 7 -34.32 40.67 -42.57
CA SER B 7 -32.91 41.05 -42.65
C SER B 7 -32.76 42.48 -43.17
N ILE B 8 -31.57 43.05 -42.95
CA ILE B 8 -31.20 44.36 -43.46
C ILE B 8 -30.02 44.21 -44.40
N VAL B 9 -30.16 44.74 -45.61
CA VAL B 9 -29.07 44.80 -46.59
C VAL B 9 -28.66 46.25 -46.74
N VAL B 10 -27.36 46.52 -46.58
CA VAL B 10 -26.86 47.89 -46.60
C VAL B 10 -25.40 47.85 -47.00
N ALA B 11 -24.94 48.93 -47.64
CA ALA B 11 -23.53 49.12 -47.99
C ALA B 11 -23.13 50.51 -47.48
N ALA B 12 -22.41 50.55 -46.38
CA ALA B 12 -22.05 51.80 -45.72
C ALA B 12 -20.53 51.97 -45.73
N SER B 13 -20.10 53.18 -45.38
CA SER B 13 -18.68 53.49 -45.32
C SER B 13 -18.04 52.78 -44.12
N VAL B 14 -16.71 52.67 -44.17
CA VAL B 14 -16.00 51.87 -43.18
C VAL B 14 -15.94 52.58 -41.84
N LEU B 15 -15.79 53.90 -41.85
CA LEU B 15 -15.64 54.65 -40.60
C LEU B 15 -16.90 55.40 -40.23
N SER B 16 -17.30 56.37 -41.05
CA SER B 16 -18.47 57.18 -40.76
C SER B 16 -19.78 56.46 -41.05
N SER B 17 -19.74 55.34 -41.78
CA SER B 17 -20.92 54.56 -42.13
C SER B 17 -21.94 55.42 -42.91
N GLY B 18 -21.48 55.94 -44.04
CA GLY B 18 -22.30 56.78 -44.89
C GLY B 18 -22.95 55.97 -46.01
N ILE B 19 -24.17 56.36 -46.38
CA ILE B 19 -24.93 55.66 -47.40
C ILE B 19 -25.61 56.66 -48.34
N GLY B 20 -24.97 56.96 -49.45
CA GLY B 20 -25.60 57.82 -50.43
C GLY B 20 -25.29 59.28 -50.22
N ILE B 21 -25.21 60.02 -51.32
CA ILE B 21 -24.95 61.45 -51.30
C ILE B 21 -25.80 62.12 -52.39
N ASN B 22 -26.49 63.19 -52.02
CA ASN B 22 -27.31 63.97 -52.95
C ASN B 22 -28.25 63.08 -53.75
N GLY B 23 -28.92 62.16 -53.05
CA GLY B 23 -29.89 61.29 -53.66
C GLY B 23 -29.33 60.13 -54.45
N GLN B 24 -28.00 59.98 -54.50
CA GLN B 24 -27.37 58.88 -55.20
C GLN B 24 -26.26 58.30 -54.34
N LEU B 25 -25.73 57.16 -54.76
CA LEU B 25 -24.65 56.51 -54.03
C LEU B 25 -23.32 57.19 -54.29
N PRO B 26 -22.43 57.22 -53.31
CA PRO B 26 -21.09 57.80 -53.51
C PRO B 26 -20.08 56.85 -54.12
N TRP B 27 -20.52 55.73 -54.67
CA TRP B 27 -19.63 54.78 -55.34
C TRP B 27 -20.42 54.02 -56.39
N SER B 28 -19.70 53.43 -57.34
CA SER B 28 -20.30 52.60 -58.39
C SER B 28 -19.56 51.26 -58.37
N ILE B 29 -20.04 50.34 -57.53
CA ILE B 29 -19.45 49.02 -57.38
C ILE B 29 -20.44 48.02 -57.97
N SER B 30 -20.04 47.38 -59.08
CA SER B 30 -20.95 46.48 -59.77
C SER B 30 -21.19 45.20 -58.97
N GLU B 31 -20.15 44.67 -58.33
CA GLU B 31 -20.30 43.43 -57.57
C GLU B 31 -21.21 43.61 -56.37
N ASP B 32 -21.26 44.82 -55.79
CA ASP B 32 -22.14 45.05 -54.65
C ASP B 32 -23.60 44.99 -55.05
N LEU B 33 -23.95 45.60 -56.18
CA LEU B 33 -25.33 45.51 -56.68
C LEU B 33 -25.68 44.07 -57.04
N LYS B 34 -24.73 43.35 -57.63
CA LYS B 34 -24.94 41.93 -57.91
C LYS B 34 -25.14 41.14 -56.64
N PHE B 35 -24.48 41.53 -55.55
CA PHE B 35 -24.71 40.88 -54.27
C PHE B 35 -26.11 41.20 -53.73
N PHE B 36 -26.55 42.45 -53.88
CA PHE B 36 -27.90 42.82 -53.46
C PHE B 36 -28.95 42.03 -54.23
N SER B 37 -28.69 41.71 -55.49
CA SER B 37 -29.65 40.94 -56.28
C SER B 37 -29.70 39.50 -55.81
N LYS B 38 -28.53 38.89 -55.61
CA LYS B 38 -28.49 37.48 -55.21
C LYS B 38 -28.94 37.27 -53.77
N ILE B 39 -28.74 38.26 -52.90
CA ILE B 39 -29.12 38.08 -51.50
C ILE B 39 -30.63 38.23 -51.31
N THR B 40 -31.28 38.99 -52.18
CA THR B 40 -32.72 39.21 -52.09
C THR B 40 -33.53 38.24 -52.95
N ASN B 41 -32.86 37.38 -53.72
CA ASN B 41 -33.52 36.35 -54.52
C ASN B 41 -33.23 34.96 -53.96
N ASN B 42 -33.01 34.86 -52.66
CA ASN B 42 -32.70 33.59 -52.00
C ASN B 42 -34.00 33.05 -51.41
N LYS B 43 -34.74 32.31 -52.23
CA LYS B 43 -36.00 31.71 -51.82
C LYS B 43 -35.86 30.19 -51.77
N CYS B 44 -36.45 29.58 -50.74
CA CYS B 44 -36.45 28.13 -50.62
C CYS B 44 -37.70 27.51 -51.23
N ASP B 45 -38.84 28.17 -51.13
CA ASP B 45 -40.06 27.73 -51.78
C ASP B 45 -40.18 28.41 -53.13
N SER B 46 -40.44 27.61 -54.17
CA SER B 46 -40.51 28.13 -55.53
C SER B 46 -41.63 29.17 -55.67
N ASN B 47 -42.87 28.76 -55.45
CA ASN B 47 -44.02 29.65 -55.58
C ASN B 47 -44.16 30.55 -54.35
N LYS B 48 -43.12 31.35 -54.13
CA LYS B 48 -43.05 32.35 -53.07
C LYS B 48 -42.03 33.40 -53.48
N LYS B 49 -42.26 34.63 -53.06
CA LYS B 49 -41.39 35.74 -53.42
C LYS B 49 -41.02 36.54 -52.18
N ASN B 50 -39.84 37.13 -52.21
CA ASN B 50 -39.37 37.96 -51.12
C ASN B 50 -39.93 39.38 -51.25
N ALA B 51 -39.84 40.12 -50.15
CA ALA B 51 -40.37 41.48 -50.06
C ALA B 51 -39.24 42.43 -49.69
N LEU B 52 -39.10 43.50 -50.46
CA LEU B 52 -38.10 44.53 -50.21
C LEU B 52 -38.79 45.79 -49.73
N ILE B 53 -38.32 46.34 -48.63
CA ILE B 53 -38.91 47.53 -48.02
C ILE B 53 -37.95 48.70 -48.20
N MET B 54 -38.47 49.82 -48.67
CA MET B 54 -37.64 51.00 -48.91
C MET B 54 -38.52 52.25 -48.78
N GLY B 55 -37.85 53.39 -48.58
CA GLY B 55 -38.55 54.65 -48.49
C GLY B 55 -38.83 55.25 -49.86
N ARG B 56 -39.59 56.35 -49.85
CA ARG B 56 -39.93 57.02 -51.10
C ARG B 56 -38.70 57.59 -51.78
N LYS B 57 -37.85 58.29 -51.03
CA LYS B 57 -36.65 58.87 -51.62
C LYS B 57 -35.71 57.80 -52.16
N THR B 58 -35.73 56.61 -51.58
CA THR B 58 -34.98 55.49 -52.14
C THR B 58 -35.70 54.90 -53.35
N TRP B 59 -37.03 54.80 -53.27
CA TRP B 59 -37.83 54.38 -54.42
C TRP B 59 -37.61 55.28 -55.62
N ASP B 60 -37.41 56.59 -55.38
CA ASP B 60 -37.12 57.49 -56.47
C ASP B 60 -35.72 57.26 -57.04
N SER B 61 -34.77 56.89 -56.19
CA SER B 61 -33.38 56.77 -56.64
C SER B 61 -33.19 55.57 -57.56
N ILE B 62 -34.03 54.53 -57.45
CA ILE B 62 -33.89 53.35 -58.30
C ILE B 62 -34.73 53.44 -59.56
N GLY B 63 -35.44 54.54 -59.78
CA GLY B 63 -36.17 54.76 -61.02
C GLY B 63 -37.63 54.40 -61.00
N ARG B 64 -38.18 54.04 -59.84
CA ARG B 64 -39.61 53.69 -59.71
C ARG B 64 -39.99 52.56 -60.66
N ARG B 65 -39.15 51.53 -60.73
CA ARG B 65 -39.42 50.35 -61.54
C ARG B 65 -39.20 49.10 -60.69
N PRO B 66 -40.06 48.09 -60.84
CA PRO B 66 -39.96 46.90 -59.98
C PRO B 66 -38.72 46.07 -60.31
N LEU B 67 -38.45 45.12 -59.42
CA LEU B 67 -37.34 44.20 -59.57
C LEU B 67 -37.84 42.80 -59.89
N LYS B 68 -36.93 41.98 -60.42
CA LYS B 68 -37.27 40.65 -60.93
C LYS B 68 -37.76 39.75 -59.81
N ASN B 69 -39.05 39.42 -59.83
CA ASN B 69 -39.67 38.48 -58.89
C ASN B 69 -39.42 38.87 -57.43
N ARG B 70 -39.51 40.18 -57.16
CA ARG B 70 -39.42 40.69 -55.80
C ARG B 70 -40.49 41.75 -55.58
N ILE B 71 -41.26 41.59 -54.52
CA ILE B 71 -42.29 42.56 -54.19
C ILE B 71 -41.63 43.74 -53.48
N ILE B 72 -41.79 44.93 -54.03
CA ILE B 72 -41.22 46.15 -53.47
C ILE B 72 -42.28 46.84 -52.63
N VAL B 73 -41.96 47.09 -51.37
CA VAL B 73 -42.86 47.77 -50.44
C VAL B 73 -42.30 49.16 -50.19
N VAL B 74 -43.07 50.19 -50.56
CA VAL B 74 -42.65 51.57 -50.43
C VAL B 74 -43.34 52.18 -49.22
N ILE B 75 -42.55 52.84 -48.37
CA ILE B 75 -43.06 53.50 -47.17
C ILE B 75 -43.16 54.98 -47.49
N SER B 76 -44.36 55.45 -47.83
CA SER B 76 -44.58 56.83 -48.19
C SER B 76 -45.91 57.29 -47.64
N SER B 77 -45.98 58.55 -47.22
CA SER B 77 -47.20 59.16 -46.70
C SER B 77 -47.91 60.01 -47.75
N SER B 78 -47.49 59.92 -49.02
CA SER B 78 -48.06 60.74 -50.07
C SER B 78 -48.38 59.92 -51.31
N LEU B 79 -47.64 58.84 -51.53
CA LEU B 79 -47.82 58.04 -52.73
C LEU B 79 -49.17 57.31 -52.68
N PRO B 80 -49.92 57.31 -53.78
CA PRO B 80 -51.19 56.60 -53.81
C PRO B 80 -50.99 55.11 -54.05
N GLN B 81 -51.74 54.30 -53.31
CA GLN B 81 -51.67 52.84 -53.46
C GLN B 81 -52.24 52.39 -54.80
N ASP B 82 -51.40 52.37 -55.83
CA ASP B 82 -51.84 51.96 -57.16
C ASP B 82 -52.11 50.46 -57.16
N GLU B 83 -53.38 50.09 -57.27
CA GLU B 83 -53.76 48.68 -57.28
C GLU B 83 -53.42 47.99 -58.60
N ALA B 84 -52.97 48.73 -59.61
CA ALA B 84 -52.66 48.13 -60.89
C ALA B 84 -51.38 47.30 -60.83
N ASP B 85 -50.30 47.90 -60.34
CA ASP B 85 -49.02 47.20 -60.27
C ASP B 85 -49.01 46.27 -59.08
N PRO B 86 -48.91 44.95 -59.27
CA PRO B 86 -48.90 44.01 -58.14
C PRO B 86 -47.54 43.79 -57.52
N ASN B 87 -46.46 44.22 -58.17
CA ASN B 87 -45.12 44.06 -57.64
C ASN B 87 -44.65 45.27 -56.83
N VAL B 88 -45.50 46.29 -56.67
CA VAL B 88 -45.18 47.47 -55.90
C VAL B 88 -46.40 47.84 -55.08
N VAL B 89 -46.24 47.93 -53.75
CA VAL B 89 -47.32 48.28 -52.84
C VAL B 89 -46.82 49.38 -51.92
N VAL B 90 -47.73 50.25 -51.51
CA VAL B 90 -47.40 51.42 -50.70
C VAL B 90 -48.12 51.31 -49.37
N PHE B 91 -47.37 51.49 -48.28
CA PHE B 91 -47.92 51.55 -46.93
C PHE B 91 -47.61 52.91 -46.31
N ARG B 92 -48.50 53.35 -45.42
CA ARG B 92 -48.38 54.69 -44.85
C ARG B 92 -47.27 54.78 -43.80
N ASN B 93 -46.96 53.68 -43.13
CA ASN B 93 -45.91 53.67 -42.12
C ASN B 93 -45.26 52.30 -42.06
N LEU B 94 -44.09 52.24 -41.43
CA LEU B 94 -43.33 51.00 -41.38
C LEU B 94 -43.99 49.96 -40.48
N GLU B 95 -44.59 50.41 -39.38
CA GLU B 95 -45.23 49.48 -38.45
C GLU B 95 -46.38 48.74 -39.12
N ASP B 96 -47.27 49.46 -39.80
CA ASP B 96 -48.38 48.83 -40.48
C ASP B 96 -47.91 47.98 -41.65
N SER B 97 -46.74 48.29 -42.22
CA SER B 97 -46.26 47.57 -43.39
C SER B 97 -45.77 46.17 -43.04
N ILE B 98 -45.49 45.89 -41.78
CA ILE B 98 -44.98 44.60 -41.36
C ILE B 98 -46.17 43.80 -40.83
N GLU B 99 -46.87 43.16 -41.75
CA GLU B 99 -47.91 42.19 -41.42
C GLU B 99 -47.80 40.94 -42.28
N ASN B 100 -46.90 40.92 -43.26
CA ASN B 100 -46.78 39.78 -44.16
C ASN B 100 -45.99 38.64 -43.54
N LEU B 101 -45.99 38.55 -42.21
CA LEU B 101 -45.39 37.43 -41.49
C LEU B 101 -46.40 36.58 -40.72
N MET B 102 -47.36 37.21 -40.05
CA MET B 102 -48.41 36.52 -39.31
C MET B 102 -49.61 36.10 -40.15
N ASN B 103 -49.87 36.74 -41.29
CA ASN B 103 -51.03 36.37 -42.11
C ASN B 103 -50.73 36.13 -43.58
N ASP B 104 -49.66 36.70 -44.12
CA ASP B 104 -49.35 36.61 -45.55
C ASP B 104 -48.34 35.51 -45.83
N ASP B 105 -48.82 34.29 -46.11
CA ASP B 105 -47.92 33.19 -46.46
C ASP B 105 -47.18 33.42 -47.77
N SER B 106 -47.76 34.21 -48.69
CA SER B 106 -47.14 34.45 -49.99
C SER B 106 -45.70 34.95 -49.88
N ILE B 107 -45.45 35.86 -48.93
CA ILE B 107 -44.11 36.41 -48.72
C ILE B 107 -43.30 35.45 -47.88
N GLU B 108 -42.18 34.99 -48.42
CA GLU B 108 -41.31 34.06 -47.68
C GLU B 108 -40.41 34.81 -46.71
N ASN B 109 -39.49 35.62 -47.23
CA ASN B 109 -38.55 36.38 -46.42
C ASN B 109 -38.78 37.88 -46.58
N ILE B 110 -38.25 38.65 -45.63
CA ILE B 110 -38.38 40.10 -45.61
C ILE B 110 -36.99 40.71 -45.58
N PHE B 111 -36.78 41.73 -46.42
CA PHE B 111 -35.53 42.46 -46.49
C PHE B 111 -35.80 43.95 -46.35
N VAL B 112 -35.04 44.61 -45.48
CA VAL B 112 -35.12 46.06 -45.29
C VAL B 112 -33.89 46.68 -45.93
N CYS B 113 -34.11 47.52 -46.94
CA CYS B 113 -33.00 48.13 -47.66
C CYS B 113 -33.27 49.60 -48.00
N GLY B 114 -34.15 50.27 -47.26
CA GLY B 114 -34.46 51.66 -47.51
C GLY B 114 -33.34 52.61 -47.13
N GLY B 115 -33.70 53.87 -46.87
CA GLY B 115 -32.74 54.89 -46.51
C GLY B 115 -32.52 54.97 -45.02
N GLU B 116 -31.94 56.09 -44.59
CA GLU B 116 -31.71 56.31 -43.16
C GLU B 116 -33.03 56.35 -42.39
N SER B 117 -34.06 56.96 -42.97
CA SER B 117 -35.36 57.04 -42.31
C SER B 117 -35.94 55.66 -42.05
N ILE B 118 -35.69 54.71 -42.94
CA ILE B 118 -36.21 53.36 -42.76
C ILE B 118 -35.26 52.49 -41.94
N TYR B 119 -33.94 52.69 -42.10
CA TYR B 119 -32.97 51.93 -41.31
C TYR B 119 -33.10 52.24 -39.83
N ARG B 120 -33.19 53.52 -39.48
CA ARG B 120 -33.27 53.91 -38.08
C ARG B 120 -34.56 53.41 -37.46
N ASP B 121 -35.68 53.53 -38.18
CA ASP B 121 -36.96 53.05 -37.67
C ASP B 121 -37.04 51.53 -37.63
N ALA B 122 -36.25 50.82 -38.45
CA ALA B 122 -36.26 49.37 -38.39
C ALA B 122 -35.51 48.83 -37.19
N LEU B 123 -34.45 49.53 -36.75
CA LEU B 123 -33.69 49.11 -35.59
C LEU B 123 -34.31 49.59 -34.27
N LYS B 124 -34.80 50.83 -34.25
CA LYS B 124 -35.39 51.36 -33.03
C LYS B 124 -36.67 50.63 -32.64
N ASP B 125 -37.34 50.00 -33.59
CA ASP B 125 -38.55 49.24 -33.32
C ASP B 125 -38.29 47.75 -33.12
N ASN B 126 -37.03 47.31 -33.20
CA ASN B 126 -36.64 45.92 -32.95
C ASN B 126 -37.36 44.96 -33.89
N PHE B 127 -37.32 45.28 -35.19
CA PHE B 127 -37.87 44.41 -36.22
C PHE B 127 -36.81 43.57 -36.93
N VAL B 128 -35.53 43.88 -36.73
CA VAL B 128 -34.46 43.30 -37.53
C VAL B 128 -33.90 42.07 -36.83
N ASP B 129 -33.77 40.97 -37.59
CA ASP B 129 -33.17 39.74 -37.09
C ASP B 129 -31.76 39.50 -37.60
N ARG B 130 -31.33 40.23 -38.62
CA ARG B 130 -30.05 39.98 -39.28
C ARG B 130 -29.68 41.19 -40.11
N ILE B 131 -28.38 41.44 -40.22
CA ILE B 131 -27.86 42.60 -40.95
C ILE B 131 -26.77 42.13 -41.90
N TYR B 132 -26.94 42.43 -43.19
CA TYR B 132 -25.91 42.20 -44.20
C TYR B 132 -25.23 43.53 -44.49
N LEU B 133 -24.01 43.70 -44.02
CA LEU B 133 -23.28 44.95 -44.13
C LEU B 133 -22.16 44.81 -45.16
N THR B 134 -22.05 45.81 -46.03
CA THR B 134 -20.95 45.90 -47.00
C THR B 134 -20.16 47.15 -46.69
N ARG B 135 -18.97 46.98 -46.11
CA ARG B 135 -18.15 48.11 -45.68
C ARG B 135 -17.27 48.56 -46.85
N VAL B 136 -17.43 49.81 -47.26
CA VAL B 136 -16.67 50.39 -48.36
C VAL B 136 -15.60 51.31 -47.79
N ALA B 137 -14.37 51.18 -48.30
CA ALA B 137 -13.23 51.95 -47.79
C ALA B 137 -13.15 53.27 -48.55
N LEU B 138 -14.06 54.18 -48.19
CA LEU B 138 -14.10 55.52 -48.78
C LEU B 138 -14.49 56.51 -47.69
N GLU B 139 -13.59 57.46 -47.40
CA GLU B 139 -13.85 58.45 -46.36
C GLU B 139 -13.43 59.87 -46.73
N ASP B 140 -12.56 60.07 -47.71
CA ASP B 140 -12.14 61.41 -48.11
C ASP B 140 -13.18 62.13 -48.95
N ILE B 141 -14.45 61.71 -48.88
CA ILE B 141 -15.53 62.34 -49.64
C ILE B 141 -16.53 62.94 -48.67
N GLU B 142 -17.69 63.35 -49.19
CA GLU B 142 -18.73 63.98 -48.39
C GLU B 142 -20.01 63.16 -48.50
N PHE B 143 -20.67 62.92 -47.37
CA PHE B 143 -21.93 62.20 -47.32
C PHE B 143 -23.06 63.13 -46.90
N ASP B 144 -24.29 62.61 -46.91
CA ASP B 144 -25.44 63.37 -46.43
C ASP B 144 -26.46 62.45 -45.77
N THR B 145 -26.37 61.16 -46.05
CA THR B 145 -27.25 60.16 -45.45
C THR B 145 -26.38 59.04 -44.89
N TYR B 146 -26.49 58.79 -43.60
CA TYR B 146 -25.67 57.81 -42.91
C TYR B 146 -26.50 56.62 -42.46
N PHE B 147 -25.80 55.57 -42.06
CA PHE B 147 -26.40 54.34 -41.52
C PHE B 147 -26.30 54.36 -40.01
N PRO B 148 -27.39 54.07 -39.30
CA PRO B 148 -27.35 54.12 -37.83
C PRO B 148 -26.36 53.14 -37.25
N GLU B 149 -25.74 53.54 -36.13
CA GLU B 149 -24.77 52.70 -35.46
C GLU B 149 -25.42 51.39 -35.02
N ILE B 150 -24.70 50.28 -35.21
CA ILE B 150 -25.26 48.97 -34.88
C ILE B 150 -25.50 48.89 -33.38
N PRO B 151 -26.69 48.53 -32.93
CA PRO B 151 -26.93 48.41 -31.48
C PRO B 151 -26.15 47.23 -30.89
N GLU B 152 -26.04 47.25 -29.56
CA GLU B 152 -25.28 46.22 -28.87
C GLU B 152 -25.92 44.84 -28.97
N THR B 153 -27.19 44.77 -29.35
CA THR B 153 -27.87 43.48 -29.43
C THR B 153 -27.42 42.63 -30.60
N PHE B 154 -26.71 43.21 -31.57
CA PHE B 154 -26.20 42.47 -32.72
C PHE B 154 -24.72 42.16 -32.53
N LEU B 155 -24.31 40.98 -32.98
CA LEU B 155 -22.92 40.54 -32.91
C LEU B 155 -22.46 40.08 -34.28
N PRO B 156 -21.21 40.39 -34.65
CA PRO B 156 -20.70 39.95 -35.95
C PRO B 156 -20.55 38.44 -35.99
N VAL B 157 -21.04 37.83 -37.07
CA VAL B 157 -20.94 36.39 -37.25
C VAL B 157 -20.07 36.02 -38.45
N TYR B 158 -19.91 36.90 -39.44
CA TYR B 158 -19.14 36.57 -40.63
C TYR B 158 -18.43 37.84 -41.11
N MET B 159 -17.23 37.66 -41.65
CA MET B 159 -16.48 38.76 -42.26
C MET B 159 -15.68 38.18 -43.42
N SER B 160 -16.03 38.57 -44.65
CA SER B 160 -15.42 38.01 -45.84
C SER B 160 -14.04 38.59 -46.08
N GLN B 161 -13.35 38.04 -47.08
CA GLN B 161 -12.08 38.57 -47.51
C GLN B 161 -12.26 39.95 -48.16
N THR B 162 -11.18 40.72 -48.17
CA THR B 162 -11.21 42.05 -48.78
C THR B 162 -11.19 41.92 -50.31
N PHE B 163 -12.17 42.51 -50.97
CA PHE B 163 -12.27 42.50 -52.41
C PHE B 163 -11.82 43.86 -52.96
N CYS B 164 -11.87 43.99 -54.29
CA CYS B 164 -11.40 45.21 -54.95
C CYS B 164 -12.22 45.44 -56.21
N THR B 165 -12.58 46.71 -56.43
CA THR B 165 -13.27 47.11 -57.66
C THR B 165 -12.91 48.56 -57.93
N LYS B 166 -12.23 48.80 -59.06
CA LYS B 166 -11.74 50.13 -59.41
C LYS B 166 -10.88 50.72 -58.29
N ASN B 167 -10.01 49.89 -57.73
CA ASN B 167 -9.12 50.28 -56.64
C ASN B 167 -9.89 50.74 -55.41
N ILE B 168 -10.95 50.01 -55.08
CA ILE B 168 -11.77 50.28 -53.90
C ILE B 168 -11.98 48.98 -53.16
N SER B 169 -11.55 48.93 -51.90
CA SER B 169 -11.68 47.73 -51.08
C SER B 169 -13.01 47.70 -50.36
N TYR B 170 -13.60 46.52 -50.24
CA TYR B 170 -14.89 46.37 -49.58
C TYR B 170 -15.04 44.96 -49.03
N ASP B 171 -15.74 44.85 -47.91
CA ASP B 171 -15.99 43.60 -47.20
C ASP B 171 -17.47 43.26 -47.20
N PHE B 172 -17.78 42.08 -46.71
CA PHE B 172 -19.15 41.63 -46.49
C PHE B 172 -19.25 41.02 -45.10
N MET B 173 -20.15 41.55 -44.28
CA MET B 173 -20.33 41.08 -42.92
C MET B 173 -21.79 40.72 -42.65
N ILE B 174 -22.00 39.86 -41.66
CA ILE B 174 -23.32 39.44 -41.22
C ILE B 174 -23.42 39.68 -39.73
N PHE B 175 -24.55 40.25 -39.30
CA PHE B 175 -24.81 40.56 -37.89
C PHE B 175 -26.11 39.87 -37.48
N GLU B 176 -26.00 38.86 -36.62
CA GLU B 176 -27.18 38.19 -36.07
C GLU B 176 -27.54 38.74 -34.69
N LYS B 177 -28.81 38.58 -34.34
CA LYS B 177 -29.35 39.09 -33.09
C LYS B 177 -29.19 38.02 -32.01
N GLN B 178 -28.21 38.22 -31.12
CA GLN B 178 -27.93 37.27 -30.05
C GLN B 178 -28.82 37.55 -28.84
N LEU B 193 -21.05 18.35 -33.31
CA LEU B 193 -22.12 17.83 -32.47
C LEU B 193 -21.70 17.80 -31.00
N LYS B 194 -22.59 17.33 -30.14
CA LYS B 194 -22.37 17.34 -28.70
C LYS B 194 -21.83 16.02 -28.16
N SER B 195 -21.64 15.01 -29.01
CA SER B 195 -21.18 13.70 -28.55
C SER B 195 -19.66 13.58 -28.57
N ILE B 196 -18.99 14.26 -29.49
CA ILE B 196 -17.53 14.16 -29.58
C ILE B 196 -16.85 15.03 -28.52
N ASP B 197 -17.46 16.16 -28.18
CA ASP B 197 -16.84 17.07 -27.21
C ASP B 197 -16.69 16.39 -25.84
N ASP B 198 -17.64 15.53 -25.47
CA ASP B 198 -17.58 14.82 -24.19
C ASP B 198 -16.64 13.62 -24.24
N THR B 199 -15.85 13.48 -25.30
CA THR B 199 -14.87 12.41 -25.42
C THR B 199 -13.45 12.93 -25.59
N VAL B 200 -13.26 13.97 -26.40
CA VAL B 200 -11.95 14.60 -26.52
C VAL B 200 -11.54 15.23 -25.20
N ASP B 201 -12.50 15.77 -24.45
CA ASP B 201 -12.18 16.34 -23.14
C ASP B 201 -11.78 15.25 -22.16
N LEU B 202 -12.43 14.08 -22.23
CA LEU B 202 -12.06 12.98 -21.35
C LEU B 202 -10.65 12.48 -21.66
N LEU B 203 -10.31 12.35 -22.94
CA LEU B 203 -8.95 11.99 -23.31
C LEU B 203 -7.96 13.09 -22.94
N GLY B 204 -8.41 14.35 -22.83
CA GLY B 204 -7.55 15.42 -22.38
C GLY B 204 -7.27 15.41 -20.90
N GLU B 205 -8.11 14.75 -20.11
CA GLU B 205 -7.84 14.61 -18.69
C GLU B 205 -6.90 13.44 -18.40
N ILE B 206 -7.07 12.33 -19.13
CA ILE B 206 -6.23 11.15 -18.95
C ILE B 206 -4.80 11.51 -19.35
N PHE B 207 -4.58 11.81 -20.62
CA PHE B 207 -3.29 12.24 -21.10
C PHE B 207 -3.18 13.75 -20.96
N GLY B 208 -2.10 14.22 -20.35
CA GLY B 208 -1.90 15.65 -20.19
C GLY B 208 -1.27 16.26 -21.42
N ILE B 209 0.06 16.50 -21.36
CA ILE B 209 0.81 16.94 -22.53
C ILE B 209 1.18 15.77 -23.42
N ARG B 210 0.74 14.56 -23.08
CA ARG B 210 0.91 13.43 -23.99
C ARG B 210 -0.02 13.54 -25.19
N LYS B 211 -1.21 14.09 -24.99
CA LYS B 211 -2.15 14.33 -26.09
C LYS B 211 -1.77 15.62 -26.80
N MET B 212 -1.51 15.52 -28.11
CA MET B 212 -1.07 16.69 -28.87
C MET B 212 -2.12 17.78 -28.92
N GLY B 213 -3.40 17.43 -28.75
CA GLY B 213 -4.43 18.45 -28.72
C GLY B 213 -4.28 19.42 -27.57
N ASN B 214 -3.78 18.95 -26.43
CA ASN B 214 -3.57 19.84 -25.29
C ASN B 214 -2.38 20.77 -25.49
N ARG B 215 -1.42 20.38 -26.33
CA ARG B 215 -0.29 21.27 -26.62
C ARG B 215 -0.70 22.42 -27.54
N HIS B 216 -1.80 22.28 -28.26
CA HIS B 216 -2.33 23.33 -29.14
C HIS B 216 -3.78 23.58 -28.73
N LYS B 217 -3.95 24.28 -27.62
CA LYS B 217 -5.28 24.56 -27.09
C LYS B 217 -5.94 25.69 -27.88
N PHE B 218 -7.25 25.58 -28.06
CA PHE B 218 -8.01 26.65 -28.70
C PHE B 218 -8.03 27.85 -27.77
N PRO B 219 -7.69 29.05 -28.25
CA PRO B 219 -7.64 30.22 -27.36
C PRO B 219 -9.00 30.53 -26.76
N LYS B 220 -8.97 31.13 -25.57
CA LYS B 220 -10.21 31.46 -24.87
C LYS B 220 -10.79 32.76 -25.42
N GLU B 221 -12.07 32.99 -25.10
CA GLU B 221 -12.79 34.16 -25.57
C GLU B 221 -12.11 35.47 -25.17
N GLU B 222 -11.32 35.47 -24.09
CA GLU B 222 -10.70 36.70 -23.60
C GLU B 222 -9.49 37.12 -24.40
N ILE B 223 -8.99 36.28 -25.30
CA ILE B 223 -7.83 36.62 -26.11
C ILE B 223 -8.15 36.34 -27.58
N TYR B 224 -9.40 36.06 -27.88
CA TYR B 224 -9.85 35.79 -29.25
C TYR B 224 -10.49 37.06 -29.81
N ASN B 225 -9.97 37.53 -30.93
CA ASN B 225 -10.49 38.77 -31.52
C ASN B 225 -11.86 38.51 -32.13
N THR B 226 -12.83 39.34 -31.75
CA THR B 226 -14.22 39.23 -32.19
C THR B 226 -14.68 37.79 -32.01
N PRO B 227 -14.81 37.32 -30.77
CA PRO B 227 -15.12 35.90 -30.55
C PRO B 227 -16.47 35.47 -31.08
N SER B 228 -17.35 36.40 -31.43
CA SER B 228 -18.65 36.03 -31.97
C SER B 228 -18.52 35.48 -33.38
N ILE B 229 -17.48 35.85 -34.12
CA ILE B 229 -17.22 35.30 -35.44
C ILE B 229 -16.49 33.97 -35.30
N ARG B 230 -17.24 32.88 -35.20
CA ARG B 230 -16.67 31.55 -35.03
C ARG B 230 -16.42 30.86 -36.36
N PHE B 231 -17.47 30.68 -37.16
CA PHE B 231 -17.38 29.93 -38.40
C PHE B 231 -17.07 30.78 -39.62
N GLY B 232 -17.09 32.10 -39.49
CA GLY B 232 -16.89 32.96 -40.64
C GLY B 232 -15.65 33.83 -40.56
N ARG B 233 -14.52 33.26 -40.15
CA ARG B 233 -13.27 34.00 -40.07
C ARG B 233 -12.54 33.93 -41.42
N GLU B 234 -13.12 34.61 -42.40
CA GLU B 234 -12.59 34.59 -43.76
C GLU B 234 -11.63 35.73 -44.04
N HIS B 235 -11.75 36.85 -43.34
CA HIS B 235 -10.81 37.95 -43.48
C HIS B 235 -9.41 37.46 -43.13
N TYR B 236 -8.48 37.62 -44.07
CA TYR B 236 -7.14 37.04 -43.92
C TYR B 236 -6.25 37.81 -42.97
N GLU B 237 -6.76 38.86 -42.32
CA GLU B 237 -6.04 39.43 -41.18
C GLU B 237 -6.19 38.57 -39.93
N PHE B 238 -7.21 37.70 -39.90
CA PHE B 238 -7.34 36.75 -38.81
C PHE B 238 -6.22 35.72 -38.80
N GLN B 239 -5.56 35.50 -39.93
CA GLN B 239 -4.40 34.61 -39.96
C GLN B 239 -3.27 35.13 -39.07
N TYR B 240 -3.24 36.44 -38.81
CA TYR B 240 -2.30 37.05 -37.89
C TYR B 240 -2.89 37.27 -36.50
N LEU B 241 -4.14 37.73 -36.42
CA LEU B 241 -4.75 38.00 -35.12
C LEU B 241 -5.06 36.72 -34.36
N ASP B 242 -5.31 35.61 -35.05
CA ASP B 242 -5.50 34.33 -34.38
C ASP B 242 -4.17 33.67 -34.03
N LEU B 243 -3.08 34.09 -34.66
CA LEU B 243 -1.76 33.60 -34.26
C LEU B 243 -1.33 34.23 -32.94
N LEU B 244 -1.67 35.50 -32.74
CA LEU B 244 -1.44 36.14 -31.44
C LEU B 244 -2.23 35.42 -30.35
N SER B 245 -3.49 35.08 -30.62
CA SER B 245 -4.29 34.36 -29.64
C SER B 245 -3.71 32.97 -29.36
N ARG B 246 -3.22 32.30 -30.40
CA ARG B 246 -2.67 30.96 -30.21
C ARG B 246 -1.38 30.98 -29.40
N VAL B 247 -0.65 32.10 -29.45
CA VAL B 247 0.57 32.22 -28.66
C VAL B 247 0.26 32.50 -27.19
N LEU B 248 -0.72 33.37 -26.94
CA LEU B 248 -1.06 33.70 -25.55
C LEU B 248 -1.61 32.49 -24.80
N GLU B 249 -2.24 31.56 -25.51
CA GLU B 249 -2.85 30.40 -24.84
C GLU B 249 -1.84 29.28 -24.62
N ASN B 250 -0.93 29.07 -25.57
CA ASN B 250 -0.02 27.92 -25.54
C ASN B 250 1.45 28.31 -25.50
N GLY B 251 1.77 29.59 -25.42
CA GLY B 251 3.16 30.01 -25.46
C GLY B 251 3.90 29.64 -24.18
N ALA B 252 5.11 29.10 -24.36
CA ALA B 252 5.95 28.70 -23.24
C ALA B 252 6.93 29.82 -22.92
N TYR B 253 6.97 30.22 -21.65
CA TYR B 253 7.90 31.24 -21.21
C TYR B 253 9.34 30.75 -21.36
N ARG B 254 10.10 31.42 -22.23
CA ARG B 254 11.46 31.00 -22.54
C ARG B 254 12.38 32.21 -22.59
N GLU B 255 13.65 31.96 -22.33
CA GLU B 255 14.68 32.99 -22.41
C GLU B 255 15.30 33.01 -23.80
N ASN B 256 16.16 34.00 -24.03
CA ASN B 256 16.82 34.16 -25.31
C ASN B 256 18.09 34.98 -25.10
N ARG B 257 18.70 35.40 -26.22
CA ARG B 257 19.96 36.14 -26.17
C ARG B 257 19.80 37.55 -25.60
N THR B 258 18.58 38.06 -25.49
CA THR B 258 18.32 39.36 -24.91
C THR B 258 17.74 39.20 -23.51
N GLY B 259 17.63 40.32 -22.80
CA GLY B 259 17.06 40.31 -21.47
C GLY B 259 15.56 40.13 -21.44
N ILE B 260 14.88 40.28 -22.57
CA ILE B 260 13.43 40.19 -22.64
C ILE B 260 13.04 38.75 -23.00
N SER B 261 12.34 38.08 -22.09
CA SER B 261 11.87 36.73 -22.34
C SER B 261 10.62 36.76 -23.22
N THR B 262 10.34 35.63 -23.85
CA THR B 262 9.25 35.52 -24.81
C THR B 262 8.30 34.39 -24.43
N TYR B 263 7.17 34.35 -25.15
CA TYR B 263 6.22 33.24 -25.11
C TYR B 263 6.17 32.67 -26.52
N SER B 264 6.80 31.52 -26.73
CA SER B 264 7.05 31.00 -28.07
C SER B 264 6.36 29.65 -28.27
N ILE B 265 5.76 29.48 -29.44
CA ILE B 265 5.32 28.19 -29.94
C ILE B 265 6.12 27.88 -31.21
N PHE B 266 6.00 26.65 -31.68
CA PHE B 266 6.79 26.19 -32.81
C PHE B 266 5.89 25.61 -33.89
N GLY B 267 6.08 26.06 -35.13
CA GLY B 267 5.36 25.51 -36.27
C GLY B 267 4.00 26.13 -36.50
N GLN B 268 3.98 27.36 -37.03
CA GLN B 268 2.73 28.04 -37.37
C GLN B 268 2.86 28.65 -38.75
N MET B 269 1.70 28.86 -39.40
CA MET B 269 1.67 29.41 -40.75
C MET B 269 0.58 30.46 -40.85
N MET B 270 0.72 31.32 -41.86
CA MET B 270 -0.27 32.35 -42.17
C MET B 270 -0.51 32.39 -43.68
N ARG B 271 -1.76 32.67 -44.06
CA ARG B 271 -2.16 32.73 -45.45
C ARG B 271 -2.69 34.11 -45.77
N PHE B 272 -2.30 34.65 -46.93
CA PHE B 272 -2.71 35.98 -47.33
C PHE B 272 -3.08 35.99 -48.80
N ASP B 273 -3.92 36.95 -49.16
CA ASP B 273 -4.33 37.19 -50.54
C ASP B 273 -3.72 38.50 -51.03
N MET B 274 -3.21 38.49 -52.26
CA MET B 274 -2.66 39.68 -52.88
C MET B 274 -3.33 40.06 -54.18
N ARG B 275 -4.33 39.29 -54.62
CA ARG B 275 -5.03 39.63 -55.86
C ARG B 275 -5.99 40.79 -55.66
N GLU B 276 -6.93 40.66 -54.72
CA GLU B 276 -7.95 41.66 -54.49
C GLU B 276 -7.61 42.62 -53.34
N SER B 277 -6.48 42.41 -52.66
CA SER B 277 -6.15 43.25 -51.51
C SER B 277 -4.62 43.25 -51.32
N PHE B 278 -4.19 43.97 -50.29
CA PHE B 278 -2.78 44.05 -49.92
C PHE B 278 -2.67 43.75 -48.43
N PRO B 279 -1.99 42.67 -48.03
CA PRO B 279 -1.94 42.29 -46.61
C PRO B 279 -1.20 43.29 -45.75
N LEU B 280 -1.87 44.38 -45.36
CA LEU B 280 -1.34 45.37 -44.43
C LEU B 280 -2.29 45.47 -43.25
N LEU B 281 -1.74 45.31 -42.04
CA LEU B 281 -2.57 45.23 -40.85
C LEU B 281 -3.38 46.52 -40.65
N THR B 282 -4.66 46.37 -40.34
CA THR B 282 -5.53 47.50 -40.07
C THR B 282 -5.73 47.75 -38.58
N THR B 283 -5.40 46.77 -37.73
CA THR B 283 -5.50 46.95 -36.29
C THR B 283 -4.34 47.75 -35.71
N LYS B 284 -3.41 48.19 -36.54
CA LYS B 284 -2.30 49.02 -36.09
C LYS B 284 -1.75 49.77 -37.30
N LYS B 285 -1.51 51.07 -37.15
CA LYS B 285 -0.97 51.87 -38.23
C LYS B 285 0.46 51.43 -38.51
N VAL B 286 0.62 50.57 -39.52
CA VAL B 286 1.93 50.03 -39.86
C VAL B 286 2.69 51.04 -40.71
N ALA B 287 3.95 51.30 -40.35
CA ALA B 287 4.79 52.21 -41.11
C ALA B 287 5.17 51.59 -42.44
N ILE B 288 4.39 51.87 -43.48
CA ILE B 288 4.62 51.24 -44.78
C ILE B 288 5.88 51.79 -45.43
N ARG B 289 6.19 53.08 -45.20
CA ARG B 289 7.37 53.68 -45.81
C ARG B 289 8.65 53.03 -45.33
N SER B 290 8.75 52.74 -44.03
CA SER B 290 9.95 52.10 -43.50
C SER B 290 10.10 50.69 -44.03
N ILE B 291 8.98 50.01 -44.33
CA ILE B 291 9.05 48.68 -44.91
C ILE B 291 9.62 48.72 -46.32
N PHE B 292 9.19 49.69 -47.13
CA PHE B 292 9.67 49.79 -48.50
C PHE B 292 11.16 50.12 -48.54
N GLU B 293 11.57 51.16 -47.80
CA GLU B 293 12.98 51.55 -47.80
C GLU B 293 13.89 50.41 -47.35
N GLU B 294 13.38 49.52 -46.50
CA GLU B 294 14.14 48.34 -46.13
C GLU B 294 14.18 47.33 -47.28
N LEU B 295 13.07 47.17 -48.00
CA LEU B 295 13.01 46.18 -49.07
C LEU B 295 13.88 46.58 -50.26
N ILE B 296 13.76 47.83 -50.71
CA ILE B 296 14.59 48.30 -51.81
C ILE B 296 16.06 48.32 -51.41
N TRP B 297 16.34 48.48 -50.12
CA TRP B 297 17.71 48.39 -49.61
C TRP B 297 18.27 46.98 -49.81
N PHE B 298 17.43 45.96 -49.61
CA PHE B 298 17.88 44.58 -49.82
C PHE B 298 18.17 44.32 -51.30
N ILE B 299 17.29 44.81 -52.18
CA ILE B 299 17.39 44.49 -53.61
C ILE B 299 18.68 45.05 -54.21
N LYS B 300 19.11 46.23 -53.74
CA LYS B 300 20.31 46.86 -54.29
C LYS B 300 21.60 46.19 -53.84
N GLY B 301 21.54 45.22 -52.93
CA GLY B 301 22.75 44.61 -52.43
C GLY B 301 23.49 45.40 -51.39
N ASP B 302 22.85 46.37 -50.75
CA ASP B 302 23.51 47.25 -49.81
C ASP B 302 23.42 46.71 -48.38
N THR B 303 24.53 46.76 -47.65
CA THR B 303 24.59 46.33 -46.26
C THR B 303 25.07 47.44 -45.33
N ASN B 304 24.94 48.70 -45.74
CA ASN B 304 25.34 49.84 -44.93
C ASN B 304 24.13 50.37 -44.18
N GLY B 305 24.18 50.31 -42.85
CA GLY B 305 23.06 50.76 -42.04
C GLY B 305 22.80 52.24 -42.08
N ASN B 306 23.82 53.04 -42.39
CA ASN B 306 23.64 54.50 -42.41
C ASN B 306 22.73 54.95 -43.54
N HIS B 307 22.68 54.21 -44.65
CA HIS B 307 21.86 54.61 -45.78
C HIS B 307 20.38 54.66 -45.42
N LEU B 308 19.92 53.74 -44.57
CA LEU B 308 18.55 53.83 -44.08
C LEU B 308 18.41 54.92 -43.02
N ILE B 309 19.46 55.14 -42.22
CA ILE B 309 19.44 56.21 -41.23
C ILE B 309 19.37 57.56 -41.93
N GLU B 310 20.06 57.71 -43.07
CA GLU B 310 20.00 58.94 -43.83
C GLU B 310 18.66 59.13 -44.54
N LYS B 311 17.78 58.14 -44.47
CA LYS B 311 16.44 58.23 -45.06
C LYS B 311 15.34 58.22 -43.99
N LYS B 312 15.68 58.66 -42.78
CA LYS B 312 14.74 58.73 -41.66
C LYS B 312 14.11 57.37 -41.36
N VAL B 313 14.94 56.33 -41.38
CA VAL B 313 14.52 54.96 -41.07
C VAL B 313 15.48 54.42 -40.02
N TYR B 314 15.01 54.24 -38.79
CA TYR B 314 15.86 53.81 -37.69
C TYR B 314 15.42 52.47 -37.14
N ILE B 315 15.49 51.42 -37.96
CA ILE B 315 15.12 50.07 -37.52
C ILE B 315 16.31 49.14 -37.44
N TRP B 316 17.48 49.53 -37.94
CA TRP B 316 18.70 48.75 -37.81
C TRP B 316 19.76 49.47 -36.97
N SER B 317 19.33 50.40 -36.12
CA SER B 317 20.27 51.09 -35.24
C SER B 317 20.59 50.27 -34.00
N GLY B 318 19.59 49.57 -33.47
CA GLY B 318 19.83 48.74 -32.30
C GLY B 318 20.79 47.60 -32.58
N ASN B 319 20.60 46.91 -33.71
CA ASN B 319 21.48 45.84 -34.13
C ASN B 319 22.70 46.35 -34.90
N GLY B 320 22.93 47.67 -34.91
CA GLY B 320 24.06 48.23 -35.61
C GLY B 320 24.70 49.39 -34.87
N SER B 321 24.64 49.36 -33.54
CA SER B 321 25.31 50.37 -32.73
C SER B 321 26.74 49.93 -32.42
N LYS B 322 27.57 50.90 -32.03
CA LYS B 322 28.95 50.59 -31.67
C LYS B 322 29.01 49.67 -30.46
N GLU B 323 28.10 49.86 -29.50
CA GLU B 323 28.09 49.01 -28.31
C GLU B 323 27.65 47.59 -28.64
N TYR B 324 26.61 47.43 -29.45
CA TYR B 324 26.09 46.10 -29.77
C TYR B 324 27.08 45.31 -30.60
N LEU B 325 27.76 45.95 -31.54
CA LEU B 325 28.68 45.22 -32.41
C LEU B 325 29.88 44.67 -31.64
N GLU B 326 30.41 45.45 -30.70
CA GLU B 326 31.50 44.94 -29.86
C GLU B 326 31.01 43.91 -28.85
N ARG B 327 29.72 43.92 -28.52
CA ARG B 327 29.20 42.94 -27.56
C ARG B 327 29.15 41.54 -28.17
N ILE B 328 28.92 41.44 -29.47
CA ILE B 328 28.84 40.16 -30.16
C ILE B 328 30.17 39.76 -30.79
N GLY B 329 31.24 40.52 -30.50
CA GLY B 329 32.57 40.17 -30.96
C GLY B 329 32.91 40.68 -32.36
N LEU B 330 32.45 41.87 -32.70
CA LEU B 330 32.75 42.51 -33.97
C LEU B 330 33.17 43.96 -33.74
N GLY B 331 34.06 44.17 -32.77
CA GLY B 331 34.56 45.51 -32.49
C GLY B 331 35.40 46.10 -33.59
N HIS B 332 35.99 45.26 -34.45
CA HIS B 332 36.76 45.72 -35.59
C HIS B 332 35.88 46.21 -36.75
N ARG B 333 34.57 46.28 -36.55
CA ARG B 333 33.65 46.67 -37.59
C ARG B 333 33.26 48.13 -37.41
N GLU B 334 32.90 48.78 -38.52
CA GLU B 334 32.50 50.18 -38.48
C GLU B 334 31.14 50.32 -37.80
N GLU B 335 30.68 51.56 -37.68
CA GLU B 335 29.50 51.88 -36.88
C GLU B 335 28.28 51.04 -37.30
N ASN B 336 27.84 51.20 -38.55
CA ASN B 336 26.63 50.54 -39.02
C ASN B 336 26.92 49.53 -40.12
N ASP B 337 28.12 48.97 -40.11
CA ASP B 337 28.49 47.91 -41.05
C ASP B 337 27.87 46.62 -40.54
N LEU B 338 26.67 46.31 -41.06
CA LEU B 338 25.96 45.13 -40.59
C LEU B 338 26.64 43.86 -41.06
N GLY B 339 27.01 43.81 -42.34
CA GLY B 339 27.74 42.69 -42.87
C GLY B 339 26.92 41.94 -43.89
N PRO B 340 27.36 40.77 -44.27
CA PRO B 340 26.58 39.98 -45.24
C PRO B 340 25.30 39.45 -44.62
N ILE B 341 24.23 40.23 -44.70
CA ILE B 341 22.93 39.82 -44.19
C ILE B 341 22.11 39.58 -45.43
N TYR B 342 20.79 39.42 -45.29
CA TYR B 342 20.00 39.48 -46.51
C TYR B 342 20.28 40.83 -47.16
N GLY B 343 20.33 40.86 -48.49
CA GLY B 343 20.82 42.01 -49.20
C GLY B 343 22.24 41.87 -49.71
N PHE B 344 23.11 41.14 -49.01
CA PHE B 344 24.37 40.76 -49.63
C PHE B 344 24.30 39.35 -50.17
N GLN B 345 23.60 38.46 -49.46
CA GLN B 345 23.44 37.08 -49.91
C GLN B 345 22.47 36.98 -51.08
N TRP B 346 21.56 37.95 -51.22
CA TRP B 346 20.65 37.94 -52.37
C TRP B 346 21.39 38.18 -53.67
N ARG B 347 22.19 39.26 -53.72
CA ARG B 347 22.85 39.65 -54.95
C ARG B 347 24.26 39.10 -55.09
N HIS B 348 24.93 38.76 -53.98
CA HIS B 348 26.31 38.25 -54.02
C HIS B 348 26.40 37.10 -53.02
N TYR B 349 26.26 35.87 -53.50
CA TYR B 349 26.26 34.70 -52.64
C TYR B 349 27.66 34.10 -52.61
N ASN B 350 28.17 33.85 -51.40
CA ASN B 350 29.53 33.35 -51.19
C ASN B 350 30.57 34.33 -51.72
N GLY B 351 30.37 35.61 -51.42
CA GLY B 351 31.30 36.65 -51.79
C GLY B 351 32.15 37.08 -50.61
N GLU B 352 33.43 37.33 -50.87
CA GLU B 352 34.37 37.74 -49.83
C GLU B 352 33.99 39.11 -49.30
N TYR B 353 33.19 39.14 -48.24
CA TYR B 353 32.74 40.40 -47.67
C TYR B 353 33.90 41.12 -46.97
N LYS B 354 34.20 42.33 -47.42
CA LYS B 354 35.23 43.14 -46.80
C LYS B 354 34.63 44.16 -45.83
N THR B 355 34.07 45.25 -46.36
CA THR B 355 33.46 46.31 -45.57
C THR B 355 32.12 46.69 -46.17
N MET B 356 31.50 47.76 -45.67
CA MET B 356 30.24 48.18 -46.25
C MET B 356 30.45 48.97 -47.54
N HIS B 357 31.52 49.77 -47.60
CA HIS B 357 31.86 50.56 -48.79
C HIS B 357 32.84 49.83 -49.71
N ASP B 358 32.39 48.71 -50.28
CA ASP B 358 33.16 48.01 -51.29
C ASP B 358 32.33 47.86 -52.56
N ASP B 359 32.98 47.35 -53.61
CA ASP B 359 32.34 47.10 -54.91
C ASP B 359 32.42 45.61 -55.16
N TYR B 360 31.33 44.90 -54.87
CA TYR B 360 31.23 43.46 -55.06
C TYR B 360 30.57 43.11 -56.39
N THR B 361 30.43 44.08 -57.29
CA THR B 361 29.81 43.86 -58.59
C THR B 361 30.61 42.87 -59.41
N GLY B 362 30.08 41.67 -59.57
CA GLY B 362 30.71 40.61 -60.35
C GLY B 362 31.07 39.38 -59.54
N VAL B 363 31.19 39.50 -58.22
CA VAL B 363 31.52 38.38 -57.34
C VAL B 363 30.25 37.92 -56.66
N GLY B 364 30.14 36.62 -56.44
CA GLY B 364 28.98 36.06 -55.78
C GLY B 364 27.86 35.74 -56.75
N VAL B 365 27.10 34.70 -56.40
CA VAL B 365 25.97 34.29 -57.24
C VAL B 365 24.83 35.28 -57.05
N ASP B 366 24.42 35.93 -58.14
CA ASP B 366 23.30 36.87 -58.12
C ASP B 366 22.01 36.06 -58.16
N GLN B 367 21.53 35.68 -56.98
CA GLN B 367 20.33 34.85 -56.89
C GLN B 367 19.10 35.58 -57.42
N LEU B 368 18.96 36.87 -57.08
CA LEU B 368 17.78 37.62 -57.49
C LEU B 368 17.71 37.76 -59.00
N ALA B 369 18.85 38.05 -59.65
CA ALA B 369 18.87 38.16 -61.10
C ALA B 369 18.52 36.83 -61.74
N LYS B 370 19.11 35.73 -61.26
CA LYS B 370 18.77 34.42 -61.78
C LYS B 370 17.31 34.07 -61.50
N LEU B 371 16.76 34.56 -60.39
CA LEU B 371 15.36 34.32 -60.09
C LEU B 371 14.44 34.99 -61.09
N ILE B 372 14.73 36.25 -61.44
CA ILE B 372 13.90 36.97 -62.40
C ILE B 372 13.99 36.33 -63.78
N GLU B 373 15.21 36.01 -64.21
CA GLU B 373 15.39 35.35 -65.51
C GLU B 373 14.71 33.99 -65.55
N THR B 374 14.64 33.29 -64.42
CA THR B 374 14.00 31.98 -64.39
C THR B 374 12.48 32.10 -64.37
N LEU B 375 11.95 33.10 -63.67
CA LEU B 375 10.50 33.29 -63.64
C LEU B 375 9.94 33.64 -65.00
N LYS B 376 10.72 34.32 -65.84
CA LYS B 376 10.26 34.68 -67.17
C LYS B 376 10.36 33.50 -68.13
N ASN B 377 11.52 32.85 -68.18
CA ASN B 377 11.78 31.85 -69.21
C ASN B 377 11.24 30.47 -68.86
N ASN B 378 11.09 30.16 -67.57
CA ASN B 378 10.63 28.84 -67.12
C ASN B 378 9.69 29.01 -65.95
N PRO B 379 8.42 29.34 -66.21
CA PRO B 379 7.48 29.54 -65.09
C PRO B 379 7.10 28.25 -64.39
N LYS B 380 7.02 27.13 -65.11
CA LYS B 380 6.66 25.86 -64.50
C LYS B 380 7.78 25.25 -63.69
N ASP B 381 8.94 25.91 -63.60
CA ASP B 381 10.05 25.39 -62.82
C ASP B 381 9.70 25.38 -61.33
N ARG B 382 10.12 24.31 -60.65
CA ARG B 382 9.82 24.14 -59.24
C ARG B 382 10.94 24.61 -58.32
N ARG B 383 12.09 25.03 -58.87
CA ARG B 383 13.21 25.45 -58.04
C ARG B 383 13.40 26.96 -58.11
N HIS B 384 12.33 27.71 -57.89
CA HIS B 384 12.38 29.18 -57.83
C HIS B 384 12.70 29.63 -56.40
N ILE B 385 13.88 29.23 -55.94
CA ILE B 385 14.28 29.41 -54.55
C ILE B 385 15.16 30.65 -54.43
N LEU B 386 15.02 31.37 -53.32
CA LEU B 386 15.87 32.50 -52.98
C LEU B 386 16.24 32.35 -51.51
N THR B 387 17.45 31.88 -51.25
CA THR B 387 17.91 31.57 -49.90
C THR B 387 18.72 32.72 -49.32
N ALA B 388 18.81 32.73 -47.99
CA ALA B 388 19.61 33.72 -47.28
C ALA B 388 20.49 33.13 -46.20
N TRP B 389 20.44 31.81 -45.98
CA TRP B 389 21.25 31.16 -44.95
C TRP B 389 22.54 30.67 -45.58
N ASN B 390 23.65 31.32 -45.25
CA ASN B 390 24.98 30.92 -45.73
C ASN B 390 25.84 30.57 -44.52
N PRO B 391 25.94 29.28 -44.17
CA PRO B 391 26.72 28.92 -42.97
C PRO B 391 28.19 29.30 -43.03
N SER B 392 28.76 29.47 -44.22
CA SER B 392 30.18 29.83 -44.32
C SER B 392 30.45 31.25 -43.86
N ALA B 393 29.45 32.14 -43.89
CA ALA B 393 29.63 33.54 -43.53
C ALA B 393 28.56 33.98 -42.53
N LEU B 394 28.35 33.16 -41.50
CA LEU B 394 27.40 33.51 -40.45
C LEU B 394 28.05 34.31 -39.32
N SER B 395 29.29 33.98 -38.97
CA SER B 395 29.99 34.71 -37.91
C SER B 395 30.29 36.15 -38.29
N GLN B 396 30.20 36.50 -39.57
CA GLN B 396 30.41 37.86 -40.02
C GLN B 396 29.15 38.70 -39.96
N MET B 397 27.99 38.07 -39.86
CA MET B 397 26.73 38.79 -39.84
C MET B 397 26.51 39.47 -38.49
N ALA B 398 25.97 40.69 -38.52
CA ALA B 398 25.56 41.35 -37.29
C ALA B 398 24.34 40.67 -36.68
N LEU B 399 23.51 40.04 -37.51
CA LEU B 399 22.35 39.29 -37.07
C LEU B 399 22.00 38.25 -38.12
N PRO B 400 21.85 36.99 -37.75
CA PRO B 400 21.52 35.95 -38.73
C PRO B 400 20.19 36.22 -39.38
N PRO B 401 19.98 35.73 -40.61
CA PRO B 401 18.71 36.02 -41.31
C PRO B 401 17.53 35.37 -40.61
N CYS B 402 16.54 36.18 -40.26
CA CYS B 402 15.32 35.67 -39.64
C CYS B 402 14.41 35.03 -40.69
N HIS B 403 14.01 35.79 -41.70
CA HIS B 403 13.32 35.22 -42.85
C HIS B 403 14.36 34.64 -43.79
N VAL B 404 14.35 33.32 -43.95
CA VAL B 404 15.44 32.61 -44.61
C VAL B 404 15.05 32.26 -46.04
N LEU B 405 14.38 31.13 -46.23
CA LEU B 405 14.06 30.64 -47.55
C LEU B 405 12.79 31.30 -48.09
N SER B 406 12.71 31.40 -49.41
CA SER B 406 11.52 31.95 -50.07
C SER B 406 11.40 31.32 -51.44
N GLN B 407 10.25 30.71 -51.70
CA GLN B 407 9.98 30.03 -52.96
C GLN B 407 8.83 30.72 -53.68
N TYR B 408 8.94 30.82 -55.00
CA TYR B 408 7.93 31.49 -55.81
C TYR B 408 7.37 30.51 -56.85
N TYR B 409 6.14 30.79 -57.27
CA TYR B 409 5.34 29.83 -58.02
C TYR B 409 4.42 30.58 -58.96
N VAL B 410 4.40 30.18 -60.22
CA VAL B 410 3.57 30.82 -61.23
C VAL B 410 2.38 29.91 -61.49
N THR B 411 1.17 30.45 -61.30
CA THR B 411 -0.04 29.70 -61.54
C THR B 411 -0.38 29.71 -63.03
N ASN B 412 -1.46 29.00 -63.38
CA ASN B 412 -1.92 28.98 -64.76
C ASN B 412 -2.59 30.27 -65.18
N ASP B 413 -2.85 31.18 -64.24
CA ASP B 413 -3.45 32.49 -64.55
C ASP B 413 -2.41 33.60 -64.56
N ASN B 414 -1.14 33.25 -64.81
CA ASN B 414 -0.05 34.22 -64.83
C ASN B 414 -0.02 35.03 -63.54
N CYS B 415 -0.22 34.35 -62.42
CA CYS B 415 -0.14 34.95 -61.10
C CYS B 415 1.06 34.42 -60.35
N LEU B 416 1.62 35.26 -59.50
CA LEU B 416 2.84 34.95 -58.76
C LEU B 416 2.51 34.81 -57.29
N SER B 417 2.69 33.60 -56.76
CA SER B 417 2.52 33.33 -55.35
C SER B 417 3.88 33.21 -54.67
N CYS B 418 3.88 33.35 -53.35
CA CYS B 418 5.12 33.37 -52.59
C CYS B 418 4.96 32.55 -51.32
N ASN B 419 5.98 31.75 -51.02
CA ASN B 419 6.07 31.01 -49.78
C ASN B 419 7.34 31.43 -49.07
N LEU B 420 7.22 31.70 -47.77
CA LEU B 420 8.34 32.13 -46.94
C LEU B 420 8.45 31.25 -45.71
N TYR B 421 9.67 30.88 -45.36
CA TYR B 421 9.95 30.25 -44.09
C TYR B 421 10.76 31.22 -43.25
N GLN B 422 10.28 31.52 -42.06
CA GLN B 422 10.92 32.46 -41.15
C GLN B 422 11.39 31.73 -39.91
N ARG B 423 12.65 31.92 -39.55
CA ARG B 423 13.25 31.18 -38.44
C ARG B 423 12.70 31.65 -37.10
N SER B 424 12.34 32.92 -36.98
CA SER B 424 11.80 33.46 -35.74
C SER B 424 10.99 34.70 -36.06
N CYS B 425 9.78 34.79 -35.50
CA CYS B 425 8.89 35.92 -35.75
C CYS B 425 8.70 36.69 -34.44
N ASP B 426 9.02 37.99 -34.49
CA ASP B 426 8.72 38.90 -33.38
C ASP B 426 7.31 39.45 -33.63
N LEU B 427 6.32 38.64 -33.26
CA LEU B 427 4.93 39.04 -33.43
C LEU B 427 4.65 40.34 -32.68
N GLY B 428 4.22 41.36 -33.41
CA GLY B 428 3.99 42.69 -32.87
C GLY B 428 4.97 43.72 -33.40
N LEU B 429 6.18 43.31 -33.72
CA LEU B 429 7.21 44.22 -34.22
C LEU B 429 7.84 43.75 -35.53
N GLY B 430 8.01 42.44 -35.70
CA GLY B 430 8.69 41.91 -36.88
C GLY B 430 7.76 41.26 -37.88
N SER B 431 6.67 40.66 -37.39
CA SER B 431 5.74 40.00 -38.31
C SER B 431 5.00 40.98 -39.22
N PRO B 432 4.43 42.09 -38.72
CA PRO B 432 3.77 43.02 -39.65
C PRO B 432 4.71 43.58 -40.71
N PHE B 433 5.99 43.78 -40.39
CA PHE B 433 6.93 44.25 -41.40
C PHE B 433 7.23 43.15 -42.42
N ASN B 434 7.43 41.92 -41.97
CA ASN B 434 7.78 40.83 -42.88
C ASN B 434 6.61 40.46 -43.79
N ILE B 435 5.38 40.70 -43.34
CA ILE B 435 4.22 40.43 -44.20
C ILE B 435 4.22 41.37 -45.40
N ALA B 436 4.39 42.67 -45.16
CA ALA B 436 4.36 43.64 -46.25
C ALA B 436 5.62 43.56 -47.10
N SER B 437 6.76 43.26 -46.48
CA SER B 437 8.02 43.24 -47.22
C SER B 437 7.99 42.20 -48.34
N TYR B 438 7.56 40.98 -48.02
CA TYR B 438 7.48 39.95 -49.04
C TYR B 438 6.23 40.06 -49.91
N ALA B 439 5.21 40.78 -49.44
CA ALA B 439 4.08 41.09 -50.30
C ALA B 439 4.46 42.09 -51.38
N ILE B 440 5.19 43.15 -51.00
CA ILE B 440 5.66 44.12 -51.98
C ILE B 440 6.68 43.49 -52.91
N LEU B 441 7.56 42.64 -52.37
CA LEU B 441 8.57 42.00 -53.21
C LEU B 441 7.92 41.09 -54.25
N THR B 442 6.83 40.42 -53.89
CA THR B 442 6.13 39.58 -54.86
C THR B 442 5.53 40.44 -55.96
N MET B 443 4.97 41.60 -55.60
CA MET B 443 4.41 42.50 -56.61
C MET B 443 5.49 43.09 -57.50
N MET B 444 6.65 43.40 -56.91
CA MET B 444 7.77 43.88 -57.73
C MET B 444 8.22 42.81 -58.72
N LEU B 445 8.35 41.57 -58.25
CA LEU B 445 8.69 40.48 -59.16
C LEU B 445 7.59 40.22 -60.18
N ALA B 446 6.33 40.41 -59.79
CA ALA B 446 5.22 40.16 -60.70
C ALA B 446 5.18 41.19 -61.83
N GLN B 447 5.47 42.46 -61.52
CA GLN B 447 5.41 43.49 -62.55
C GLN B 447 6.59 43.39 -63.50
N VAL B 448 7.80 43.21 -62.97
CA VAL B 448 8.99 43.14 -63.81
C VAL B 448 8.94 41.91 -64.72
N CYS B 449 8.41 40.81 -64.21
CA CYS B 449 8.32 39.58 -64.99
C CYS B 449 7.05 39.50 -65.83
N GLY B 450 6.07 40.36 -65.58
CA GLY B 450 4.85 40.38 -66.36
C GLY B 450 3.72 39.53 -65.83
N TYR B 451 3.73 39.19 -64.55
CA TYR B 451 2.68 38.40 -63.93
C TYR B 451 1.82 39.29 -63.04
N GLU B 452 0.89 38.66 -62.32
CA GLU B 452 0.02 39.32 -61.37
C GLU B 452 0.27 38.79 -59.97
N PRO B 453 0.02 39.58 -58.93
CA PRO B 453 0.21 39.07 -57.56
C PRO B 453 -0.81 37.99 -57.25
N GLY B 454 -0.36 36.96 -56.53
CA GLY B 454 -1.22 35.85 -56.19
C GLY B 454 -1.46 35.70 -54.70
N GLU B 455 -1.03 34.58 -54.13
CA GLU B 455 -1.19 34.31 -52.71
C GLU B 455 0.15 34.44 -51.99
N LEU B 456 0.06 34.65 -50.68
CA LEU B 456 1.24 34.75 -49.82
C LEU B 456 1.08 33.83 -48.63
N ALA B 457 2.05 32.94 -48.43
CA ALA B 457 2.08 32.04 -47.28
C ALA B 457 3.38 32.22 -46.53
N ILE B 458 3.28 32.37 -45.21
CA ILE B 458 4.43 32.56 -44.34
C ILE B 458 4.48 31.40 -43.38
N PHE B 459 5.58 30.65 -43.39
CA PHE B 459 5.78 29.51 -42.51
C PHE B 459 6.75 29.92 -41.42
N ILE B 460 6.32 29.78 -40.17
CA ILE B 460 7.03 30.32 -39.01
C ILE B 460 7.58 29.18 -38.18
N GLY B 461 8.81 29.37 -37.68
CA GLY B 461 9.38 28.47 -36.71
C GLY B 461 9.09 28.90 -35.29
N ASP B 462 9.92 29.80 -34.75
CA ASP B 462 9.78 30.24 -33.37
C ASP B 462 8.89 31.49 -33.33
N ALA B 463 7.58 31.25 -33.35
CA ALA B 463 6.60 32.32 -33.26
C ALA B 463 6.48 32.73 -31.80
N HIS B 464 7.08 33.87 -31.45
CA HIS B 464 7.16 34.30 -30.06
C HIS B 464 6.63 35.72 -29.91
N ILE B 465 6.32 36.06 -28.66
CA ILE B 465 5.89 37.39 -28.27
C ILE B 465 6.73 37.83 -27.08
N TYR B 466 7.44 38.94 -27.22
CA TYR B 466 8.25 39.45 -26.13
C TYR B 466 7.35 39.96 -25.01
N GLU B 467 7.82 39.79 -23.77
CA GLU B 467 7.00 40.04 -22.60
C GLU B 467 6.68 41.52 -22.38
N ASN B 468 7.36 42.43 -23.07
CA ASN B 468 7.03 43.84 -22.99
C ASN B 468 6.01 44.27 -24.05
N HIS B 469 5.55 43.34 -24.88
CA HIS B 469 4.51 43.59 -25.87
C HIS B 469 3.14 43.09 -25.45
N LEU B 470 3.03 42.48 -24.26
CA LEU B 470 1.77 41.85 -23.87
C LEU B 470 0.69 42.88 -23.65
N THR B 471 1.02 44.02 -23.02
CA THR B 471 0.02 45.06 -22.79
C THR B 471 -0.45 45.68 -24.09
N GLN B 472 0.46 45.83 -25.07
CA GLN B 472 0.08 46.45 -26.33
C GLN B 472 -0.66 45.46 -27.23
N LEU B 473 -0.13 44.24 -27.37
CA LEU B 473 -0.78 43.25 -28.23
C LEU B 473 -2.14 42.84 -27.69
N LYS B 474 -2.34 42.87 -26.37
CA LYS B 474 -3.66 42.62 -25.82
C LYS B 474 -4.64 43.73 -26.20
N GLU B 475 -4.13 44.94 -26.44
CA GLU B 475 -4.97 46.02 -26.92
C GLU B 475 -5.30 45.86 -28.40
N GLN B 476 -4.33 45.38 -29.18
CA GLN B 476 -4.55 45.17 -30.61
C GLN B 476 -5.66 44.16 -30.87
N LEU B 477 -5.80 43.16 -29.99
CA LEU B 477 -6.84 42.15 -30.17
C LEU B 477 -8.24 42.68 -29.83
N SER B 478 -8.34 43.83 -29.17
CA SER B 478 -9.66 44.36 -28.80
C SER B 478 -10.32 45.13 -29.93
N ARG B 479 -9.59 45.52 -30.97
CA ARG B 479 -10.15 46.31 -32.06
C ARG B 479 -10.51 45.37 -33.22
N THR B 480 -11.78 45.40 -33.61
CA THR B 480 -12.23 44.54 -34.70
C THR B 480 -11.63 44.99 -36.02
N PRO B 481 -11.25 44.05 -36.89
CA PRO B 481 -10.48 44.41 -38.09
C PRO B 481 -11.31 45.18 -39.11
N ARG B 482 -10.59 45.82 -40.02
CA ARG B 482 -11.13 46.57 -41.14
C ARG B 482 -10.56 46.02 -42.45
N PRO B 483 -11.23 46.27 -43.57
CA PRO B 483 -10.77 45.69 -44.84
C PRO B 483 -9.37 46.17 -45.23
N PHE B 484 -8.65 45.29 -45.91
CA PHE B 484 -7.29 45.59 -46.34
C PHE B 484 -7.29 46.77 -47.32
N PRO B 485 -6.18 47.50 -47.42
CA PRO B 485 -6.07 48.56 -48.43
C PRO B 485 -5.62 47.97 -49.76
N GLN B 486 -5.45 48.86 -50.75
CA GLN B 486 -4.95 48.50 -52.06
C GLN B 486 -3.60 49.16 -52.31
N LEU B 487 -2.70 48.43 -52.96
CA LEU B 487 -1.37 48.92 -53.29
C LEU B 487 -1.19 48.86 -54.80
N LYS B 488 -0.93 50.01 -55.41
CA LYS B 488 -0.75 50.12 -56.85
C LYS B 488 0.53 50.87 -57.14
N PHE B 489 1.23 50.48 -58.20
CA PHE B 489 2.44 51.14 -58.64
C PHE B 489 2.11 52.27 -59.61
N LYS B 490 2.85 53.36 -59.52
CA LYS B 490 2.59 54.54 -60.33
C LYS B 490 3.24 54.47 -61.70
N ARG B 491 4.18 53.55 -61.92
CA ARG B 491 4.85 53.44 -63.21
C ARG B 491 5.51 52.08 -63.31
N LYS B 492 5.73 51.65 -64.55
CA LYS B 492 6.47 50.43 -64.82
C LYS B 492 7.95 50.73 -64.88
N VAL B 493 8.75 49.91 -64.21
CA VAL B 493 10.18 50.14 -64.07
C VAL B 493 10.93 49.31 -65.10
N GLU B 494 12.12 49.77 -65.47
CA GLU B 494 12.94 49.05 -66.43
C GLU B 494 13.55 47.81 -65.80
N ASN B 495 14.41 47.99 -64.80
CA ASN B 495 15.00 46.86 -64.08
C ASN B 495 14.11 46.49 -62.90
N ILE B 496 14.70 46.39 -61.71
CA ILE B 496 13.95 46.07 -60.50
C ILE B 496 14.38 47.00 -59.39
N GLU B 497 15.65 47.42 -59.40
CA GLU B 497 16.18 48.32 -58.39
C GLU B 497 15.90 49.79 -58.68
N ASP B 498 14.91 50.08 -59.54
CA ASP B 498 14.57 51.44 -59.89
C ASP B 498 13.35 51.98 -59.13
N PHE B 499 12.73 51.15 -58.29
CA PHE B 499 11.55 51.60 -57.55
C PHE B 499 11.91 52.71 -56.58
N LYS B 500 10.98 53.65 -56.42
CA LYS B 500 11.12 54.74 -55.48
C LYS B 500 9.84 54.86 -54.66
N TRP B 501 9.95 55.52 -53.51
CA TRP B 501 8.79 55.67 -52.63
C TRP B 501 7.68 56.48 -53.30
N GLU B 502 8.04 57.39 -54.20
CA GLU B 502 7.04 58.19 -54.90
C GLU B 502 6.23 57.37 -55.91
N ASP B 503 6.75 56.23 -56.34
CA ASP B 503 6.06 55.38 -57.31
C ASP B 503 4.98 54.51 -56.69
N ILE B 504 4.71 54.67 -55.40
CA ILE B 504 3.78 53.81 -54.66
C ILE B 504 2.57 54.63 -54.25
N GLU B 505 1.38 54.10 -54.53
CA GLU B 505 0.12 54.71 -54.13
C GLU B 505 -0.63 53.74 -53.24
N LEU B 506 -0.83 54.13 -51.98
CA LEU B 506 -1.59 53.32 -51.02
C LEU B 506 -3.02 53.85 -50.99
N ILE B 507 -3.97 52.99 -51.34
CA ILE B 507 -5.36 53.39 -51.58
C ILE B 507 -6.24 52.74 -50.54
N GLY B 508 -6.96 53.57 -49.78
CA GLY B 508 -7.96 53.07 -48.85
C GLY B 508 -7.40 52.39 -47.62
N TYR B 509 -6.49 53.07 -46.91
CA TYR B 509 -5.89 52.55 -45.70
C TYR B 509 -6.37 53.39 -44.51
N TYR B 510 -7.29 52.82 -43.73
CA TYR B 510 -7.86 53.48 -42.56
C TYR B 510 -7.64 52.60 -41.34
N PRO B 511 -6.42 52.55 -40.82
CA PRO B 511 -6.10 51.65 -39.71
C PRO B 511 -6.47 52.28 -38.37
N TYR B 512 -6.27 51.50 -37.32
CA TYR B 512 -6.43 52.00 -35.96
C TYR B 512 -5.18 52.77 -35.55
N PRO B 513 -5.26 53.59 -34.50
CA PRO B 513 -4.09 54.37 -34.09
C PRO B 513 -2.89 53.47 -33.80
N THR B 514 -1.71 53.96 -34.17
CA THR B 514 -0.49 53.19 -33.98
C THR B 514 -0.19 53.03 -32.48
N ILE B 515 0.33 51.86 -32.13
CA ILE B 515 0.71 51.54 -30.76
C ILE B 515 2.20 51.27 -30.72
N LYS B 516 2.90 51.94 -29.80
CA LYS B 516 4.35 51.89 -29.75
C LYS B 516 4.81 50.65 -28.97
N MET B 517 5.77 49.93 -29.55
CA MET B 517 6.41 48.79 -28.90
C MET B 517 7.91 48.91 -29.05
N ASP B 518 8.63 48.57 -27.98
CA ASP B 518 10.08 48.70 -27.95
C ASP B 518 10.75 47.45 -28.50
N MET B 519 11.83 47.65 -29.25
CA MET B 519 12.56 46.54 -29.85
C MET B 519 13.52 45.93 -28.84
N ALA B 520 13.49 44.60 -28.74
CA ALA B 520 14.46 43.87 -27.92
C ALA B 520 15.77 43.81 -28.69
N VAL B 521 16.70 44.70 -28.33
CA VAL B 521 17.99 44.78 -29.03
C VAL B 521 18.83 43.54 -28.78
N GLU C 3 -4.31 31.58 13.17
CA GLU C 3 -3.45 30.40 13.19
C GLU C 3 -3.92 29.36 12.17
N LYS C 4 -3.11 29.15 11.13
CA LYS C 4 -3.41 28.17 10.10
C LYS C 4 -2.12 27.46 9.70
N ASN C 5 -2.29 26.28 9.10
CA ASN C 5 -1.16 25.45 8.73
C ASN C 5 -0.35 26.08 7.60
N VAL C 6 0.97 26.09 7.77
CA VAL C 6 1.90 26.60 6.76
C VAL C 6 2.90 25.48 6.51
N SER C 7 2.67 24.71 5.44
CA SER C 7 3.49 23.54 5.14
C SER C 7 4.49 23.85 4.02
N ILE C 8 5.48 22.97 3.90
CA ILE C 8 6.47 23.02 2.84
C ILE C 8 6.34 21.77 1.99
N VAL C 9 6.17 21.96 0.68
CA VAL C 9 6.16 20.85 -0.28
C VAL C 9 7.43 20.95 -1.12
N VAL C 10 8.19 19.86 -1.17
CA VAL C 10 9.47 19.86 -1.85
C VAL C 10 9.79 18.44 -2.27
N ALA C 11 10.56 18.31 -3.36
CA ALA C 11 11.07 17.02 -3.83
C ALA C 11 12.57 17.19 -3.99
N ALA C 12 13.34 16.66 -3.06
CA ALA C 12 14.79 16.83 -3.02
C ALA C 12 15.49 15.49 -3.19
N SER C 13 16.80 15.57 -3.44
CA SER C 13 17.59 14.36 -3.59
C SER C 13 17.76 13.64 -2.25
N VAL C 14 18.12 12.37 -2.33
CA VAL C 14 18.13 11.53 -1.14
C VAL C 14 19.31 11.88 -0.23
N LEU C 15 20.46 12.19 -0.82
CA LEU C 15 21.67 12.44 -0.02
C LEU C 15 21.99 13.93 0.05
N SER C 16 22.33 14.53 -1.08
CA SER C 16 22.71 15.95 -1.11
C SER C 16 21.52 16.88 -1.03
N SER C 17 20.30 16.38 -1.23
CA SER C 17 19.08 17.18 -1.19
C SER C 17 19.13 18.32 -2.21
N GLY C 18 19.27 17.95 -3.47
CA GLY C 18 19.33 18.89 -4.57
C GLY C 18 17.97 19.09 -5.21
N ILE C 19 17.70 20.31 -5.64
CA ILE C 19 16.41 20.65 -6.24
C ILE C 19 16.62 21.54 -7.46
N GLY C 20 16.65 20.93 -8.64
CA GLY C 20 16.72 21.72 -9.86
C GLY C 20 18.14 22.01 -10.30
N ILE C 21 18.32 22.08 -11.62
CA ILE C 21 19.60 22.40 -12.23
C ILE C 21 19.34 23.24 -13.47
N ASN C 22 20.05 24.36 -13.61
CA ASN C 22 19.95 25.25 -14.76
C ASN C 22 18.50 25.67 -15.03
N GLY C 23 17.81 26.05 -13.97
CA GLY C 23 16.45 26.56 -14.09
C GLY C 23 15.37 25.53 -14.30
N GLN C 24 15.72 24.24 -14.33
CA GLN C 24 14.72 23.18 -14.51
C GLN C 24 15.03 22.06 -13.53
N LEU C 25 14.09 21.12 -13.42
CA LEU C 25 14.24 19.99 -12.53
C LEU C 25 15.18 18.94 -13.14
N PRO C 26 15.94 18.24 -12.30
CA PRO C 26 16.80 17.16 -12.81
C PRO C 26 16.10 15.81 -12.96
N TRP C 27 14.77 15.77 -12.90
CA TRP C 27 14.01 14.55 -13.11
C TRP C 27 12.64 14.93 -13.64
N SER C 28 11.97 13.96 -14.26
CA SER C 28 10.61 14.12 -14.78
C SER C 28 9.76 12.98 -14.24
N ILE C 29 9.21 13.17 -13.05
CA ILE C 29 8.37 12.17 -12.39
C ILE C 29 6.94 12.70 -12.41
N SER C 30 6.07 12.03 -13.17
CA SER C 30 4.70 12.51 -13.33
C SER C 30 3.90 12.36 -12.04
N GLU C 31 4.08 11.25 -11.33
CA GLU C 31 3.33 11.03 -10.10
C GLU C 31 3.70 12.05 -9.02
N ASP C 32 4.94 12.55 -9.05
CA ASP C 32 5.34 13.56 -8.07
C ASP C 32 4.60 14.88 -8.30
N LEU C 33 4.46 15.30 -9.56
CA LEU C 33 3.68 16.50 -9.86
C LEU C 33 2.22 16.31 -9.48
N LYS C 34 1.67 15.12 -9.75
CA LYS C 34 0.30 14.83 -9.32
C LYS C 34 0.16 14.88 -7.81
N PHE C 35 1.22 14.50 -7.07
CA PHE C 35 1.20 14.63 -5.63
C PHE C 35 1.20 16.09 -5.22
N PHE C 36 2.00 16.92 -5.90
CA PHE C 36 1.98 18.36 -5.62
C PHE C 36 0.61 18.96 -5.91
N SER C 37 -0.09 18.43 -6.92
CA SER C 37 -1.42 18.95 -7.24
C SER C 37 -2.44 18.54 -6.19
N LYS C 38 -2.41 17.26 -5.78
CA LYS C 38 -3.38 16.76 -4.83
C LYS C 38 -3.13 17.31 -3.43
N ILE C 39 -1.88 17.58 -3.08
CA ILE C 39 -1.56 18.02 -1.72
C ILE C 39 -1.91 19.50 -1.53
N THR C 40 -1.91 20.29 -2.60
CA THR C 40 -2.20 21.71 -2.53
C THR C 40 -3.67 22.03 -2.78
N ASN C 41 -4.49 21.02 -3.10
CA ASN C 41 -5.92 21.20 -3.29
C ASN C 41 -6.71 20.53 -2.16
N ASN C 42 -6.14 20.48 -0.96
CA ASN C 42 -6.77 19.86 0.20
C ASN C 42 -7.46 20.96 0.99
N LYS C 43 -8.70 21.26 0.61
CA LYS C 43 -9.50 22.29 1.25
C LYS C 43 -10.66 21.66 2.00
N CYS C 44 -10.97 22.21 3.19
CA CYS C 44 -12.10 21.73 3.98
C CYS C 44 -13.38 22.51 3.68
N ASP C 45 -13.28 23.80 3.41
CA ASP C 45 -14.42 24.62 3.04
C ASP C 45 -14.57 24.67 1.51
N SER C 46 -15.61 25.35 1.05
CA SER C 46 -15.89 25.48 -0.38
C SER C 46 -15.41 26.82 -0.93
N ASN C 47 -15.96 27.92 -0.41
CA ASN C 47 -15.57 29.26 -0.83
C ASN C 47 -14.27 29.68 -0.13
N LYS C 48 -13.22 28.91 -0.41
CA LYS C 48 -11.89 29.18 0.14
C LYS C 48 -10.85 28.53 -0.75
N LYS C 49 -9.67 29.15 -0.81
CA LYS C 49 -8.59 28.68 -1.66
C LYS C 49 -7.29 28.64 -0.88
N ASN C 50 -6.41 27.72 -1.28
CA ASN C 50 -5.08 27.64 -0.68
C ASN C 50 -4.14 28.63 -1.38
N ALA C 51 -3.02 28.91 -0.73
CA ALA C 51 -2.05 29.87 -1.23
C ALA C 51 -0.70 29.19 -1.39
N LEU C 52 -0.10 29.36 -2.57
CA LEU C 52 1.22 28.81 -2.87
C LEU C 52 2.21 29.96 -2.98
N ILE C 53 3.33 29.85 -2.26
CA ILE C 53 4.35 30.89 -2.22
C ILE C 53 5.58 30.37 -2.95
N MET C 54 6.13 31.19 -3.84
CA MET C 54 7.30 30.80 -4.61
C MET C 54 8.11 32.03 -4.98
N GLY C 55 9.38 31.81 -5.32
CA GLY C 55 10.27 32.86 -5.75
C GLY C 55 10.14 33.17 -7.24
N ARG C 56 10.88 34.21 -7.65
CA ARG C 56 10.85 34.63 -9.04
C ARG C 56 11.40 33.55 -9.96
N LYS C 57 12.56 32.98 -9.63
CA LYS C 57 13.16 31.95 -10.47
C LYS C 57 12.28 30.72 -10.57
N THR C 58 11.48 30.44 -9.53
CA THR C 58 10.51 29.36 -9.62
C THR C 58 9.28 29.78 -10.42
N TRP C 59 8.82 31.02 -10.23
CA TRP C 59 7.71 31.54 -11.03
C TRP C 59 8.05 31.54 -12.52
N ASP C 60 9.32 31.78 -12.86
CA ASP C 60 9.74 31.71 -14.25
C ASP C 60 9.78 30.28 -14.76
N SER C 61 10.16 29.33 -13.89
CA SER C 61 10.35 27.96 -14.34
C SER C 61 9.03 27.27 -14.68
N ILE C 62 7.92 27.70 -14.06
CA ILE C 62 6.63 27.09 -14.33
C ILE C 62 5.85 27.78 -15.43
N GLY C 63 6.42 28.82 -16.05
CA GLY C 63 5.80 29.45 -17.19
C GLY C 63 4.99 30.71 -16.91
N ARG C 64 5.00 31.20 -15.67
CA ARG C 64 4.26 32.41 -15.29
C ARG C 64 2.77 32.29 -15.60
N ARG C 65 2.19 31.14 -15.28
CA ARG C 65 0.77 30.90 -15.46
C ARG C 65 0.16 30.34 -14.18
N PRO C 66 -1.04 30.78 -13.81
CA PRO C 66 -1.63 30.36 -12.54
C PRO C 66 -2.01 28.89 -12.56
N LEU C 67 -2.33 28.38 -11.37
CA LEU C 67 -2.75 27.01 -11.18
C LEU C 67 -4.23 26.94 -10.82
N LYS C 68 -4.80 25.75 -10.98
CA LYS C 68 -6.23 25.54 -10.81
C LYS C 68 -6.68 25.79 -9.37
N ASN C 69 -7.46 26.86 -9.18
CA ASN C 69 -8.05 27.19 -7.88
C ASN C 69 -6.99 27.30 -6.78
N ARG C 70 -5.85 27.90 -7.12
CA ARG C 70 -4.80 28.16 -6.15
C ARG C 70 -4.25 29.56 -6.37
N ILE C 71 -4.20 30.35 -5.29
CA ILE C 71 -3.64 31.70 -5.36
C ILE C 71 -2.12 31.60 -5.32
N ILE C 72 -1.45 32.18 -6.31
CA ILE C 72 0.00 32.14 -6.41
C ILE C 72 0.56 33.40 -5.79
N VAL C 73 1.45 33.24 -4.82
CA VAL C 73 2.13 34.35 -4.16
C VAL C 73 3.58 34.32 -4.60
N VAL C 74 4.02 35.38 -5.28
CA VAL C 74 5.37 35.47 -5.82
C VAL C 74 6.18 36.40 -4.93
N ILE C 75 7.36 35.97 -4.53
CA ILE C 75 8.25 36.75 -3.69
C ILE C 75 9.32 37.33 -4.62
N SER C 76 9.12 38.59 -5.03
CA SER C 76 10.01 39.25 -5.95
C SER C 76 10.16 40.71 -5.58
N SER C 77 11.36 41.26 -5.77
CA SER C 77 11.64 42.66 -5.52
C SER C 77 11.63 43.51 -6.78
N SER C 78 11.13 42.96 -7.89
CA SER C 78 11.15 43.68 -9.16
C SER C 78 9.81 43.58 -9.88
N LEU C 79 9.08 42.49 -9.67
CA LEU C 79 7.82 42.31 -10.36
C LEU C 79 6.77 43.29 -9.82
N PRO C 80 6.00 43.93 -10.69
CA PRO C 80 4.96 44.85 -10.22
C PRO C 80 3.71 44.10 -9.80
N GLN C 81 3.11 44.56 -8.70
CA GLN C 81 1.89 43.93 -8.20
C GLN C 81 0.75 44.17 -9.18
N ASP C 82 0.62 43.29 -10.17
CA ASP C 82 -0.40 43.41 -11.21
C ASP C 82 -1.77 43.14 -10.61
N GLU C 83 -2.61 44.18 -10.51
CA GLU C 83 -3.95 44.03 -9.98
C GLU C 83 -4.90 43.34 -10.96
N ALA C 84 -4.45 43.07 -12.19
CA ALA C 84 -5.34 42.45 -13.18
C ALA C 84 -5.59 40.98 -12.85
N ASP C 85 -4.53 40.20 -12.67
CA ASP C 85 -4.68 38.78 -12.39
C ASP C 85 -5.01 38.58 -10.93
N PRO C 86 -6.19 38.04 -10.59
CA PRO C 86 -6.55 37.85 -9.18
C PRO C 86 -6.00 36.57 -8.57
N ASN C 87 -5.52 35.63 -9.39
CA ASN C 87 -4.95 34.38 -8.87
C ASN C 87 -3.45 34.45 -8.69
N VAL C 88 -2.83 35.60 -8.96
CA VAL C 88 -1.38 35.78 -8.79
C VAL C 88 -1.15 37.14 -8.16
N VAL C 89 -0.44 37.16 -7.03
CA VAL C 89 -0.13 38.40 -6.31
C VAL C 89 1.36 38.39 -6.00
N VAL C 90 1.96 39.58 -5.98
CA VAL C 90 3.39 39.75 -5.80
C VAL C 90 3.63 40.55 -4.52
N PHE C 91 4.53 40.04 -3.67
CA PHE C 91 4.96 40.73 -2.47
C PHE C 91 6.46 41.00 -2.54
N ARG C 92 6.88 42.09 -1.89
CA ARG C 92 8.27 42.53 -2.00
C ARG C 92 9.22 41.67 -1.18
N ASN C 93 8.75 41.08 -0.08
CA ASN C 93 9.59 40.23 0.75
C ASN C 93 8.73 39.17 1.42
N LEU C 94 9.39 38.14 1.94
CA LEU C 94 8.67 37.01 2.53
C LEU C 94 8.00 37.40 3.84
N GLU C 95 8.65 38.25 4.64
CA GLU C 95 8.08 38.66 5.92
C GLU C 95 6.75 39.37 5.74
N ASP C 96 6.71 40.36 4.84
CA ASP C 96 5.47 41.07 4.56
C ASP C 96 4.43 40.18 3.88
N SER C 97 4.86 39.13 3.18
CA SER C 97 3.94 38.29 2.43
C SER C 97 3.09 37.40 3.33
N ILE C 98 3.50 37.20 4.58
CA ILE C 98 2.75 36.33 5.48
C ILE C 98 1.86 37.19 6.37
N GLU C 99 0.68 37.54 5.86
CA GLU C 99 -0.34 38.20 6.64
C GLU C 99 -1.73 37.63 6.40
N ASN C 100 -1.89 36.71 5.45
CA ASN C 100 -3.20 36.14 5.13
C ASN C 100 -3.63 35.06 6.12
N LEU C 101 -3.14 35.13 7.35
CA LEU C 101 -3.59 34.25 8.42
C LEU C 101 -4.36 34.97 9.50
N MET C 102 -3.89 36.16 9.91
CA MET C 102 -4.65 36.99 10.84
C MET C 102 -5.69 37.84 10.13
N ASN C 103 -5.48 38.10 8.83
CA ASN C 103 -6.41 38.83 7.99
C ASN C 103 -6.64 37.99 6.73
N ASP C 104 -7.67 38.36 5.97
CA ASP C 104 -8.03 37.65 4.74
C ASP C 104 -8.29 36.16 5.06
N ASP C 105 -9.44 35.93 5.69
CA ASP C 105 -9.85 34.58 6.07
C ASP C 105 -10.07 33.69 4.85
N SER C 106 -10.29 34.29 3.67
CA SER C 106 -10.54 33.51 2.45
C SER C 106 -9.48 32.43 2.24
N ILE C 107 -8.23 32.72 2.57
CA ILE C 107 -7.15 31.76 2.40
C ILE C 107 -7.21 30.76 3.55
N GLU C 108 -7.41 29.48 3.22
CA GLU C 108 -7.52 28.44 4.24
C GLU C 108 -6.14 27.97 4.70
N ASN C 109 -5.39 27.34 3.80
CA ASN C 109 -4.06 26.82 4.13
C ASN C 109 -3.00 27.54 3.29
N ILE C 110 -1.76 27.46 3.75
CA ILE C 110 -0.62 28.10 3.09
C ILE C 110 0.43 27.04 2.81
N PHE C 111 0.98 27.07 1.60
CA PHE C 111 2.02 26.14 1.18
C PHE C 111 3.23 26.92 0.68
N VAL C 112 4.41 26.52 1.13
CA VAL C 112 5.67 27.11 0.70
C VAL C 112 6.35 26.12 -0.23
N CYS C 113 6.54 26.53 -1.49
CA CYS C 113 7.12 25.64 -2.49
C CYS C 113 8.09 26.36 -3.41
N GLY C 114 8.68 27.47 -2.96
CA GLY C 114 9.63 28.22 -3.77
C GLY C 114 10.96 27.52 -3.92
N GLY C 115 12.00 28.30 -4.20
CA GLY C 115 13.35 27.77 -4.37
C GLY C 115 14.11 27.71 -3.07
N GLU C 116 15.43 27.56 -3.21
CA GLU C 116 16.31 27.54 -2.03
C GLU C 116 16.23 28.85 -1.27
N SER C 117 16.19 29.98 -1.98
CA SER C 117 16.12 31.28 -1.33
C SER C 117 14.84 31.44 -0.51
N ILE C 118 13.75 30.84 -0.96
CA ILE C 118 12.48 30.93 -0.23
C ILE C 118 12.34 29.85 0.83
N TYR C 119 12.88 28.65 0.58
CA TYR C 119 12.80 27.58 1.57
C TYR C 119 13.56 27.95 2.84
N ARG C 120 14.78 28.47 2.68
CA ARG C 120 15.61 28.78 3.85
C ARG C 120 15.00 29.89 4.69
N ASP C 121 14.47 30.93 4.05
CA ASP C 121 13.86 32.03 4.80
C ASP C 121 12.57 31.62 5.49
N ALA C 122 11.89 30.59 5.00
CA ALA C 122 10.69 30.11 5.67
C ALA C 122 11.04 29.32 6.92
N LEU C 123 12.18 28.64 6.92
CA LEU C 123 12.62 27.88 8.08
C LEU C 123 13.36 28.78 9.08
N LYS C 124 14.21 29.68 8.58
CA LYS C 124 14.99 30.54 9.47
C LYS C 124 14.09 31.49 10.27
N ASP C 125 12.91 31.80 9.75
CA ASP C 125 11.95 32.66 10.44
C ASP C 125 10.93 31.87 11.24
N ASN C 126 11.02 30.54 11.24
CA ASN C 126 10.14 29.67 12.02
C ASN C 126 8.67 29.88 11.66
N PHE C 127 8.38 29.87 10.34
CA PHE C 127 7.03 29.96 9.83
C PHE C 127 6.44 28.61 9.43
N VAL C 128 7.26 27.56 9.36
CA VAL C 128 6.84 26.28 8.80
C VAL C 128 6.31 25.39 9.91
N ASP C 129 5.14 24.80 9.69
CA ASP C 129 4.53 23.88 10.65
C ASP C 129 4.67 22.42 10.23
N ARG C 130 4.99 22.15 8.97
CA ARG C 130 4.98 20.79 8.44
C ARG C 130 5.74 20.78 7.12
N ILE C 131 6.37 19.65 6.83
CA ILE C 131 7.19 19.49 5.64
C ILE C 131 6.76 18.22 4.91
N TYR C 132 6.41 18.36 3.63
CA TYR C 132 6.14 17.23 2.75
C TYR C 132 7.37 17.04 1.86
N LEU C 133 8.15 16.01 2.13
CA LEU C 133 9.40 15.76 1.42
C LEU C 133 9.24 14.56 0.49
N THR C 134 9.72 14.70 -0.74
CA THR C 134 9.76 13.62 -1.71
C THR C 134 11.23 13.35 -2.04
N ARG C 135 11.76 12.24 -1.52
CA ARG C 135 13.17 11.91 -1.69
C ARG C 135 13.36 11.13 -2.98
N VAL C 136 14.16 11.67 -3.89
CA VAL C 136 14.45 11.04 -5.17
C VAL C 136 15.84 10.44 -5.13
N ALA C 137 15.97 9.20 -5.60
CA ALA C 137 17.24 8.48 -5.55
C ALA C 137 18.07 8.79 -6.80
N LEU C 138 18.65 9.99 -6.81
CA LEU C 138 19.51 10.44 -7.90
C LEU C 138 20.63 11.27 -7.31
N GLU C 139 21.87 10.81 -7.49
CA GLU C 139 23.03 11.53 -6.97
C GLU C 139 24.22 11.61 -7.91
N ASP C 140 24.32 10.75 -8.93
CA ASP C 140 25.43 10.79 -9.87
C ASP C 140 25.30 11.91 -10.90
N ILE C 141 24.52 12.95 -10.62
CA ILE C 141 24.33 14.07 -11.53
C ILE C 141 24.87 15.34 -10.90
N GLU C 142 24.56 16.49 -11.51
CA GLU C 142 25.03 17.79 -11.03
C GLU C 142 23.85 18.67 -10.70
N PHE C 143 23.90 19.34 -9.55
CA PHE C 143 22.88 20.27 -9.11
C PHE C 143 23.46 21.68 -9.05
N ASP C 144 22.61 22.65 -8.72
CA ASP C 144 23.04 24.02 -8.52
C ASP C 144 22.21 24.69 -7.44
N THR C 145 21.05 24.11 -7.14
CA THR C 145 20.16 24.59 -6.09
C THR C 145 19.79 23.40 -5.20
N TYR C 146 20.10 23.51 -3.92
CA TYR C 146 19.88 22.43 -2.97
C TYR C 146 18.81 22.84 -1.95
N PHE C 147 18.35 21.84 -1.19
CA PHE C 147 17.36 22.07 -0.14
C PHE C 147 18.05 22.14 1.22
N PRO C 148 17.75 23.14 2.03
CA PRO C 148 18.43 23.27 3.33
C PRO C 148 18.13 22.10 4.25
N GLU C 149 19.12 21.75 5.06
CA GLU C 149 18.97 20.66 6.00
C GLU C 149 17.83 20.95 6.98
N ILE C 150 17.01 19.94 7.23
CA ILE C 150 15.85 20.10 8.10
C ILE C 150 16.31 20.39 9.52
N PRO C 151 15.79 21.43 10.18
CA PRO C 151 16.22 21.73 11.55
C PRO C 151 15.78 20.64 12.52
N GLU C 152 16.41 20.66 13.70
CA GLU C 152 16.13 19.65 14.71
C GLU C 152 14.73 19.75 15.28
N THR C 153 14.04 20.87 15.07
CA THR C 153 12.70 21.06 15.62
C THR C 153 11.65 20.23 14.90
N PHE C 154 11.99 19.66 13.74
CA PHE C 154 11.05 18.84 12.97
C PHE C 154 11.34 17.36 13.22
N LEU C 155 10.28 16.55 13.25
CA LEU C 155 10.40 15.13 13.48
C LEU C 155 9.68 14.36 12.38
N PRO C 156 10.26 13.25 11.90
CA PRO C 156 9.58 12.45 10.88
C PRO C 156 8.34 11.78 11.45
N VAL C 157 7.22 11.90 10.74
CA VAL C 157 5.97 11.28 11.16
C VAL C 157 5.49 10.22 10.19
N TYR C 158 5.89 10.27 8.92
CA TYR C 158 5.41 9.32 7.93
C TYR C 158 6.52 9.04 6.93
N MET C 159 6.57 7.81 6.44
CA MET C 159 7.49 7.43 5.37
C MET C 159 6.78 6.39 4.51
N SER C 160 6.48 6.76 3.26
CA SER C 160 5.72 5.89 2.40
C SER C 160 6.58 4.75 1.85
N GLN C 161 5.93 3.82 1.16
CA GLN C 161 6.64 2.77 0.47
C GLN C 161 7.44 3.34 -0.70
N THR C 162 8.47 2.61 -1.09
CA THR C 162 9.30 3.04 -2.22
C THR C 162 8.55 2.82 -3.53
N PHE C 163 8.40 3.88 -4.30
CA PHE C 163 7.73 3.83 -5.60
C PHE C 163 8.77 3.83 -6.72
N CYS C 164 8.28 3.77 -7.96
CA CYS C 164 9.16 3.71 -9.12
C CYS C 164 8.51 4.41 -10.30
N THR C 165 9.31 5.19 -11.02
CA THR C 165 8.87 5.85 -12.24
C THR C 165 10.08 6.04 -13.14
N LYS C 166 10.06 5.39 -14.31
CA LYS C 166 11.19 5.41 -15.25
C LYS C 166 12.48 4.95 -14.55
N ASN C 167 12.36 3.88 -13.77
CA ASN C 167 13.49 3.28 -13.04
C ASN C 167 14.12 4.28 -12.07
N ILE C 168 13.27 5.03 -11.36
CA ILE C 168 13.71 5.98 -10.35
C ILE C 168 12.89 5.75 -9.09
N SER C 169 13.56 5.46 -7.98
CA SER C 169 12.88 5.22 -6.72
C SER C 169 12.67 6.53 -5.97
N TYR C 170 11.52 6.65 -5.32
CA TYR C 170 11.22 7.87 -4.58
C TYR C 170 10.23 7.56 -3.47
N ASP C 171 10.36 8.30 -2.37
CA ASP C 171 9.53 8.16 -1.17
C ASP C 171 8.71 9.41 -0.95
N PHE C 172 7.82 9.34 0.04
CA PHE C 172 7.05 10.48 0.50
C PHE C 172 7.10 10.49 2.02
N MET C 173 7.58 11.59 2.60
CA MET C 173 7.73 11.73 4.04
C MET C 173 7.03 12.98 4.53
N ILE C 174 6.67 12.96 5.81
CA ILE C 174 6.06 14.10 6.48
C ILE C 174 6.87 14.43 7.73
N PHE C 175 7.15 15.73 7.92
CA PHE C 175 7.91 16.22 9.06
C PHE C 175 7.06 17.25 9.78
N GLU C 176 6.61 16.92 10.99
CA GLU C 176 5.87 17.86 11.82
C GLU C 176 6.79 18.53 12.83
N LYS C 177 6.40 19.72 13.26
CA LYS C 177 7.19 20.53 14.19
C LYS C 177 6.77 20.21 15.61
N GLN C 178 7.60 19.48 16.34
CA GLN C 178 7.31 19.11 17.71
C GLN C 178 7.74 20.25 18.63
N GLU C 179 6.77 20.81 19.36
CA GLU C 179 7.03 21.94 20.24
C GLU C 179 6.38 21.74 21.60
N LEU C 193 -7.72 4.89 22.74
CA LEU C 193 -8.22 5.75 23.81
C LEU C 193 -7.37 5.60 25.07
N LYS C 194 -7.71 6.34 26.12
CA LYS C 194 -6.97 6.35 27.36
C LYS C 194 -7.57 5.42 28.41
N SER C 195 -8.70 4.78 28.11
CA SER C 195 -9.38 3.92 29.07
C SER C 195 -8.92 2.47 28.99
N ILE C 196 -8.51 2.01 27.81
CA ILE C 196 -8.10 0.63 27.65
C ILE C 196 -6.68 0.42 28.17
N ASP C 197 -5.81 1.42 28.03
CA ASP C 197 -4.43 1.29 28.49
C ASP C 197 -4.35 1.05 29.99
N ASP C 198 -5.25 1.68 30.75
CA ASP C 198 -5.28 1.52 32.21
C ASP C 198 -5.95 0.22 32.66
N THR C 199 -6.23 -0.69 31.73
CA THR C 199 -6.80 -1.99 32.04
C THR C 199 -5.91 -3.13 31.57
N VAL C 200 -5.33 -3.02 30.38
CA VAL C 200 -4.37 -4.02 29.92
C VAL C 200 -3.13 -4.01 30.81
N ASP C 201 -2.76 -2.84 31.33
CA ASP C 201 -1.63 -2.77 32.25
C ASP C 201 -1.95 -3.45 33.57
N LEU C 202 -3.20 -3.32 34.05
CA LEU C 202 -3.60 -4.00 35.28
C LEU C 202 -3.58 -5.51 35.10
N LEU C 203 -4.09 -6.01 33.99
CA LEU C 203 -4.00 -7.43 33.69
C LEU C 203 -2.56 -7.89 33.49
N GLY C 204 -1.68 -6.97 33.07
CA GLY C 204 -0.26 -7.31 32.97
C GLY C 204 0.44 -7.40 34.30
N GLU C 205 -0.12 -6.81 35.35
CA GLU C 205 0.44 -6.94 36.68
C GLU C 205 -0.03 -8.22 37.36
N ILE C 206 -1.30 -8.58 37.16
CA ILE C 206 -1.88 -9.80 37.72
C ILE C 206 -1.20 -11.00 37.09
N PHE C 207 -1.40 -11.18 35.79
CA PHE C 207 -0.78 -12.26 35.04
C PHE C 207 0.59 -11.78 34.53
N GLY C 208 1.62 -12.59 34.77
CA GLY C 208 2.95 -12.25 34.28
C GLY C 208 3.12 -12.73 32.85
N ILE C 209 3.82 -13.85 32.68
CA ILE C 209 3.90 -14.51 31.38
C ILE C 209 2.67 -15.35 31.08
N ARG C 210 1.66 -15.32 31.95
CA ARG C 210 0.39 -15.97 31.62
C ARG C 210 -0.36 -15.19 30.56
N LYS C 211 -0.25 -13.87 30.56
CA LYS C 211 -0.85 -13.04 29.52
C LYS C 211 0.06 -13.01 28.30
N MET C 212 -0.47 -13.42 27.15
CA MET C 212 0.33 -13.50 25.93
C MET C 212 0.83 -12.12 25.49
N GLY C 213 0.15 -11.05 25.88
CA GLY C 213 0.62 -9.71 25.54
C GLY C 213 1.97 -9.39 26.15
N ASN C 214 2.26 -9.94 27.33
CA ASN C 214 3.55 -9.72 27.96
C ASN C 214 4.66 -10.50 27.27
N ARG C 215 4.33 -11.59 26.58
CA ARG C 215 5.34 -12.33 25.83
C ARG C 215 5.76 -11.59 24.56
N HIS C 216 4.94 -10.67 24.07
CA HIS C 216 5.24 -9.86 22.88
C HIS C 216 5.09 -8.40 23.27
N LYS C 217 6.08 -7.87 24.00
CA LYS C 217 6.03 -6.50 24.47
C LYS C 217 6.41 -5.53 23.34
N PHE C 218 5.77 -4.38 23.37
CA PHE C 218 6.10 -3.33 22.42
C PHE C 218 7.50 -2.80 22.71
N PRO C 219 8.38 -2.73 21.71
CA PRO C 219 9.76 -2.30 21.98
C PRO C 219 9.81 -0.88 22.53
N LYS C 220 10.85 -0.62 23.31
CA LYS C 220 11.01 0.69 23.91
C LYS C 220 11.61 1.68 22.91
N GLU C 221 11.50 2.96 23.24
CA GLU C 221 11.99 4.03 22.38
C GLU C 221 13.48 3.90 22.08
N GLU C 222 14.23 3.20 22.94
CA GLU C 222 15.67 3.07 22.78
C GLU C 222 16.08 2.01 21.76
N ILE C 223 15.14 1.19 21.28
CA ILE C 223 15.47 0.17 20.30
C ILE C 223 14.51 0.22 19.12
N TYR C 224 13.67 1.25 19.08
CA TYR C 224 12.70 1.41 18.00
C TYR C 224 13.27 2.39 16.98
N ASN C 225 13.39 1.93 15.74
CA ASN C 225 14.01 2.75 14.70
C ASN C 225 13.07 3.88 14.30
N THR C 226 13.59 5.11 14.30
CA THR C 226 12.85 6.31 13.99
C THR C 226 11.53 6.34 14.75
N PRO C 227 11.59 6.43 16.09
CA PRO C 227 10.37 6.30 16.90
C PRO C 227 9.35 7.40 16.68
N SER C 228 9.72 8.53 16.06
CA SER C 228 8.76 9.58 15.82
C SER C 228 7.73 9.17 14.77
N ILE C 229 8.08 8.24 13.89
CA ILE C 229 7.13 7.67 12.93
C ILE C 229 6.37 6.55 13.63
N ARG C 230 5.25 6.89 14.26
CA ARG C 230 4.45 5.93 15.01
C ARG C 230 3.38 5.28 14.13
N PHE C 231 2.51 6.09 13.53
CA PHE C 231 1.36 5.64 12.76
C PHE C 231 1.64 5.51 11.27
N GLY C 232 2.78 5.99 10.79
CA GLY C 232 3.06 5.97 9.37
C GLY C 232 4.25 5.11 9.00
N ARG C 233 4.30 3.91 9.56
CA ARG C 233 5.40 2.97 9.31
C ARG C 233 5.07 2.14 8.08
N GLU C 234 5.04 2.81 6.92
CA GLU C 234 4.65 2.18 5.66
C GLU C 234 5.82 1.66 4.85
N HIS C 235 7.01 2.24 5.00
CA HIS C 235 8.19 1.72 4.31
C HIS C 235 8.44 0.29 4.74
N TYR C 236 8.49 -0.61 3.76
CA TYR C 236 8.56 -2.05 4.05
C TYR C 236 9.95 -2.51 4.50
N GLU C 237 10.91 -1.60 4.65
CA GLU C 237 12.14 -1.95 5.34
C GLU C 237 11.94 -1.98 6.85
N PHE C 238 10.88 -1.34 7.35
CA PHE C 238 10.54 -1.44 8.77
C PHE C 238 10.12 -2.85 9.15
N GLN C 239 9.69 -3.67 8.19
CA GLN C 239 9.38 -5.06 8.47
C GLN C 239 10.59 -5.82 9.00
N TYR C 240 11.79 -5.35 8.69
CA TYR C 240 13.03 -5.91 9.22
C TYR C 240 13.55 -5.12 10.41
N LEU C 241 13.46 -3.79 10.36
CA LEU C 241 13.96 -2.96 11.45
C LEU C 241 13.10 -3.07 12.69
N ASP C 242 11.80 -3.37 12.53
CA ASP C 242 10.95 -3.61 13.68
C ASP C 242 11.07 -5.05 14.19
N LEU C 243 11.58 -5.96 13.36
CA LEU C 243 11.84 -7.31 13.85
C LEU C 243 13.07 -7.33 14.75
N LEU C 244 14.08 -6.53 14.41
CA LEU C 244 15.23 -6.36 15.30
C LEU C 244 14.79 -5.77 16.64
N SER C 245 13.92 -4.76 16.60
CA SER C 245 13.41 -4.17 17.84
C SER C 245 12.60 -5.17 18.64
N ARG C 246 11.79 -5.98 17.95
CA ARG C 246 10.94 -6.95 18.64
C ARG C 246 11.76 -8.07 19.27
N VAL C 247 12.93 -8.38 18.71
CA VAL C 247 13.78 -9.42 19.27
C VAL C 247 14.53 -8.90 20.50
N LEU C 248 15.05 -7.66 20.42
CA LEU C 248 15.78 -7.09 21.54
C LEU C 248 14.89 -6.91 22.76
N GLU C 249 13.59 -6.73 22.56
CA GLU C 249 12.69 -6.48 23.67
C GLU C 249 12.24 -7.78 24.34
N ASN C 250 12.02 -8.84 23.57
CA ASN C 250 11.46 -10.08 24.09
C ASN C 250 12.35 -11.29 23.91
N GLY C 251 13.57 -11.12 23.39
CA GLY C 251 14.40 -12.26 23.08
C GLY C 251 14.93 -12.95 24.34
N ALA C 252 14.85 -14.27 24.35
CA ALA C 252 15.32 -15.09 25.45
C ALA C 252 16.73 -15.58 25.15
N TYR C 253 17.65 -15.35 26.09
CA TYR C 253 19.03 -15.82 25.93
C TYR C 253 19.04 -17.34 25.91
N ARG C 254 19.47 -17.91 24.79
CA ARG C 254 19.45 -19.36 24.59
C ARG C 254 20.75 -19.81 23.95
N GLU C 255 21.10 -21.06 24.18
CA GLU C 255 22.27 -21.67 23.59
C GLU C 255 21.90 -22.35 22.26
N ASN C 256 22.92 -22.83 21.56
CA ASN C 256 22.72 -23.49 20.28
C ASN C 256 23.93 -24.39 20.01
N ARG C 257 24.01 -24.92 18.79
CA ARG C 257 25.09 -25.83 18.43
C ARG C 257 26.45 -25.16 18.32
N THR C 258 26.49 -23.83 18.27
CA THR C 258 27.73 -23.08 18.21
C THR C 258 28.01 -22.44 19.57
N GLY C 259 29.23 -21.89 19.69
CA GLY C 259 29.62 -21.23 20.92
C GLY C 259 28.95 -19.89 21.14
N ILE C 260 28.33 -19.32 20.12
CA ILE C 260 27.71 -18.00 20.21
C ILE C 260 26.23 -18.19 20.54
N SER C 261 25.82 -17.70 21.71
CA SER C 261 24.43 -17.77 22.13
C SER C 261 23.60 -16.69 21.43
N THR C 262 22.29 -16.91 21.37
CA THR C 262 21.39 -16.04 20.63
C THR C 262 20.27 -15.53 21.52
N TYR C 263 19.51 -14.58 20.97
CA TYR C 263 18.26 -14.09 21.54
C TYR C 263 17.16 -14.38 20.52
N SER C 264 16.33 -15.38 20.80
CA SER C 264 15.44 -15.94 19.79
C SER C 264 13.98 -15.75 20.17
N ILE C 265 13.16 -15.41 19.17
CA ILE C 265 11.71 -15.45 19.26
C ILE C 265 11.21 -16.50 18.28
N PHE C 266 9.94 -16.86 18.40
CA PHE C 266 9.33 -17.89 17.56
C PHE C 266 8.06 -17.33 16.94
N GLY C 267 7.95 -17.44 15.62
CA GLY C 267 6.75 -17.03 14.92
C GLY C 267 6.71 -15.55 14.57
N GLN C 268 7.51 -15.14 13.59
CA GLN C 268 7.52 -13.78 13.10
C GLN C 268 7.48 -13.78 11.59
N MET C 269 6.98 -12.69 11.00
CA MET C 269 6.85 -12.59 9.56
C MET C 269 7.28 -11.21 9.09
N MET C 270 7.62 -11.13 7.80
CA MET C 270 7.97 -9.88 7.15
C MET C 270 7.27 -9.83 5.81
N ARG C 271 6.83 -8.63 5.42
CA ARG C 271 6.11 -8.42 4.18
C ARG C 271 6.86 -7.41 3.33
N PHE C 272 6.98 -7.69 2.03
CA PHE C 272 7.77 -6.84 1.14
C PHE C 272 7.03 -6.63 -0.17
N ASP C 273 7.36 -5.52 -0.83
CA ASP C 273 6.84 -5.20 -2.15
C ASP C 273 7.96 -5.33 -3.17
N MET C 274 7.63 -5.93 -4.32
CA MET C 274 8.59 -6.07 -5.41
C MET C 274 8.11 -5.44 -6.70
N ARG C 275 6.92 -4.83 -6.72
CA ARG C 275 6.43 -4.18 -7.93
C ARG C 275 7.15 -2.86 -8.18
N GLU C 276 7.10 -1.96 -7.21
CA GLU C 276 7.67 -0.63 -7.35
C GLU C 276 9.07 -0.51 -6.75
N SER C 277 9.59 -1.57 -6.14
CA SER C 277 10.90 -1.48 -5.49
C SER C 277 11.53 -2.87 -5.45
N PHE C 278 12.73 -2.94 -4.86
CA PHE C 278 13.46 -4.18 -4.67
C PHE C 278 13.88 -4.26 -3.21
N PRO C 279 13.37 -5.24 -2.44
CA PRO C 279 13.68 -5.28 -1.00
C PRO C 279 15.14 -5.56 -0.70
N LEU C 280 15.98 -4.51 -0.77
CA LEU C 280 17.38 -4.60 -0.38
C LEU C 280 17.64 -3.56 0.70
N LEU C 281 18.21 -4.01 1.81
CA LEU C 281 18.38 -3.15 2.98
C LEU C 281 19.24 -1.93 2.65
N THR C 282 18.78 -0.75 3.09
CA THR C 282 19.52 0.48 2.88
C THR C 282 20.28 0.93 4.12
N THR C 283 19.98 0.39 5.30
CA THR C 283 20.70 0.72 6.51
C THR C 283 22.05 0.04 6.61
N LYS C 284 22.41 -0.78 5.62
CA LYS C 284 23.70 -1.45 5.58
C LYS C 284 23.99 -1.82 4.13
N LYS C 285 25.22 -1.56 3.68
CA LYS C 285 25.64 -1.88 2.32
C LYS C 285 25.68 -3.40 2.17
N VAL C 286 24.61 -3.97 1.63
CA VAL C 286 24.53 -5.42 1.46
C VAL C 286 25.28 -5.82 0.20
N ALA C 287 26.13 -6.85 0.33
CA ALA C 287 26.87 -7.37 -0.80
C ALA C 287 25.91 -8.08 -1.76
N ILE C 288 25.39 -7.36 -2.75
CA ILE C 288 24.39 -7.92 -3.63
C ILE C 288 24.99 -8.98 -4.56
N ARG C 289 26.25 -8.81 -4.96
CA ARG C 289 26.87 -9.76 -5.86
C ARG C 289 27.01 -11.13 -5.21
N SER C 290 27.38 -11.17 -3.93
CA SER C 290 27.52 -12.45 -3.24
C SER C 290 26.16 -13.15 -3.10
N ILE C 291 25.08 -12.38 -3.04
CA ILE C 291 23.75 -12.96 -2.98
C ILE C 291 23.40 -13.64 -4.30
N PHE C 292 23.71 -12.99 -5.43
CA PHE C 292 23.39 -13.57 -6.73
C PHE C 292 24.21 -14.83 -7.01
N GLU C 293 25.51 -14.77 -6.79
CA GLU C 293 26.36 -15.93 -7.06
C GLU C 293 25.94 -17.13 -6.23
N GLU C 294 25.36 -16.90 -5.05
CA GLU C 294 24.79 -18.00 -4.27
C GLU C 294 23.51 -18.52 -4.91
N LEU C 295 22.67 -17.62 -5.42
CA LEU C 295 21.38 -18.03 -5.97
C LEU C 295 21.56 -18.81 -7.27
N ILE C 296 22.37 -18.29 -8.19
CA ILE C 296 22.62 -18.99 -9.45
C ILE C 296 23.34 -20.31 -9.18
N TRP C 297 24.10 -20.37 -8.09
CA TRP C 297 24.71 -21.63 -7.67
C TRP C 297 23.63 -22.65 -7.30
N PHE C 298 22.57 -22.18 -6.64
CA PHE C 298 21.45 -23.06 -6.32
C PHE C 298 20.70 -23.48 -7.57
N ILE C 299 20.47 -22.54 -8.50
CA ILE C 299 19.63 -22.83 -9.66
C ILE C 299 20.25 -23.92 -10.52
N LYS C 300 21.58 -23.95 -10.62
CA LYS C 300 22.23 -25.00 -11.39
C LYS C 300 22.27 -26.34 -10.69
N GLY C 301 21.86 -26.40 -9.43
CA GLY C 301 21.93 -27.65 -8.70
C GLY C 301 23.31 -27.99 -8.20
N ASP C 302 24.20 -27.02 -8.09
CA ASP C 302 25.59 -27.27 -7.72
C ASP C 302 25.76 -27.25 -6.21
N THR C 303 26.54 -28.21 -5.70
CA THR C 303 26.85 -28.31 -4.28
C THR C 303 28.34 -28.26 -4.03
N ASN C 304 29.10 -27.65 -4.94
CA ASN C 304 30.54 -27.52 -4.84
C ASN C 304 30.84 -26.16 -4.21
N GLY C 305 31.42 -26.17 -3.01
CA GLY C 305 31.74 -24.92 -2.35
C GLY C 305 32.89 -24.18 -3.00
N ASN C 306 33.78 -24.92 -3.69
CA ASN C 306 34.94 -24.28 -4.31
C ASN C 306 34.53 -23.39 -5.48
N HIS C 307 33.43 -23.72 -6.17
CA HIS C 307 33.01 -22.91 -7.31
C HIS C 307 32.66 -21.49 -6.88
N LEU C 308 32.08 -21.35 -5.68
CA LEU C 308 31.85 -20.02 -5.13
C LEU C 308 33.13 -19.41 -4.57
N ILE C 309 34.03 -20.25 -4.04
CA ILE C 309 35.29 -19.74 -3.51
C ILE C 309 36.15 -19.15 -4.62
N GLU C 310 36.19 -19.81 -5.78
CA GLU C 310 36.94 -19.28 -6.92
C GLU C 310 36.27 -18.08 -7.58
N LYS C 311 35.09 -17.67 -7.11
CA LYS C 311 34.39 -16.50 -7.62
C LYS C 311 34.39 -15.36 -6.61
N LYS C 312 35.38 -15.33 -5.72
CA LYS C 312 35.53 -14.28 -4.71
C LYS C 312 34.27 -14.17 -3.83
N VAL C 313 33.71 -15.32 -3.47
CA VAL C 313 32.55 -15.39 -2.58
C VAL C 313 32.88 -16.40 -1.50
N TYR C 314 33.07 -15.92 -0.27
CA TYR C 314 33.47 -16.78 0.83
C TYR C 314 32.42 -16.79 1.93
N ILE C 315 31.22 -17.28 1.62
CA ILE C 315 30.15 -17.38 2.61
C ILE C 315 29.82 -18.83 2.98
N TRP C 316 30.33 -19.81 2.23
CA TRP C 316 30.19 -21.21 2.58
C TRP C 316 31.54 -21.87 2.89
N SER C 317 32.54 -21.06 3.24
CA SER C 317 33.84 -21.61 3.60
C SER C 317 33.87 -22.08 5.05
N GLY C 318 33.19 -21.36 5.95
CA GLY C 318 33.16 -21.77 7.34
C GLY C 318 32.49 -23.13 7.53
N ASN C 319 31.36 -23.33 6.86
CA ASN C 319 30.64 -24.60 6.92
C ASN C 319 31.18 -25.62 5.93
N GLY C 320 32.33 -25.35 5.32
CA GLY C 320 32.91 -26.26 4.35
C GLY C 320 34.42 -26.38 4.49
N SER C 321 34.92 -26.22 5.70
CA SER C 321 36.33 -26.42 5.98
C SER C 321 36.60 -27.88 6.33
N LYS C 322 37.88 -28.27 6.22
CA LYS C 322 38.25 -29.64 6.57
C LYS C 322 38.00 -29.92 8.05
N GLU C 323 38.22 -28.91 8.90
CA GLU C 323 37.99 -29.09 10.33
C GLU C 323 36.49 -29.22 10.64
N TYR C 324 35.67 -28.36 10.04
CA TYR C 324 34.24 -28.39 10.32
C TYR C 324 33.60 -29.66 9.79
N LEU C 325 34.03 -30.14 8.62
CA LEU C 325 33.42 -31.32 8.03
C LEU C 325 33.68 -32.55 8.88
N GLU C 326 34.89 -32.70 9.41
CA GLU C 326 35.19 -33.79 10.33
C GLU C 326 34.56 -33.55 11.69
N ARG C 327 34.22 -32.31 12.02
CA ARG C 327 33.62 -32.00 13.31
C ARG C 327 32.19 -32.53 13.41
N ILE C 328 31.46 -32.56 12.30
CA ILE C 328 30.08 -33.04 12.29
C ILE C 328 29.98 -34.49 11.87
N GLY C 329 31.12 -35.19 11.74
CA GLY C 329 31.10 -36.60 11.42
C GLY C 329 31.04 -36.89 9.94
N LEU C 330 31.74 -36.09 9.15
CA LEU C 330 31.83 -36.25 7.70
C LEU C 330 33.27 -36.19 7.24
N GLY C 331 34.16 -36.90 7.95
CA GLY C 331 35.55 -36.93 7.58
C GLY C 331 35.85 -37.59 6.25
N HIS C 332 34.94 -38.44 5.77
CA HIS C 332 35.08 -39.07 4.47
C HIS C 332 34.74 -38.13 3.31
N ARG C 333 34.48 -36.86 3.60
CA ARG C 333 34.08 -35.88 2.61
C ARG C 333 35.26 -35.02 2.17
N GLU C 334 35.20 -34.53 0.94
CA GLU C 334 36.23 -33.65 0.40
C GLU C 334 36.13 -32.28 1.07
N GLU C 335 37.04 -31.38 0.68
CA GLU C 335 37.18 -30.08 1.34
C GLU C 335 35.86 -29.33 1.42
N ASN C 336 35.27 -28.99 0.27
CA ASN C 336 34.08 -28.15 0.23
C ASN C 336 32.88 -28.88 -0.35
N ASP C 337 32.84 -30.21 -0.21
CA ASP C 337 31.69 -30.98 -0.65
C ASP C 337 30.62 -30.85 0.42
N LEU C 338 29.69 -29.91 0.22
CA LEU C 338 28.68 -29.62 1.24
C LEU C 338 27.66 -30.76 1.33
N GLY C 339 27.16 -31.22 0.18
CA GLY C 339 26.22 -32.32 0.15
C GLY C 339 24.87 -31.92 -0.40
N PRO C 340 23.87 -32.79 -0.22
CA PRO C 340 22.53 -32.50 -0.75
C PRO C 340 21.81 -31.36 -0.05
N ILE C 341 22.39 -30.17 -0.03
CA ILE C 341 21.72 -29.01 0.55
C ILE C 341 20.65 -28.55 -0.44
N TYR C 342 20.03 -27.39 -0.18
CA TYR C 342 19.20 -26.80 -1.22
C TYR C 342 20.09 -26.53 -2.44
N GLY C 343 19.49 -26.66 -3.62
CA GLY C 343 20.23 -26.72 -4.86
C GLY C 343 20.35 -28.13 -5.42
N PHE C 344 20.88 -29.10 -4.65
CA PHE C 344 20.76 -30.48 -5.11
C PHE C 344 19.33 -30.96 -4.94
N GLN C 345 18.68 -30.54 -3.86
CA GLN C 345 17.29 -30.93 -3.62
C GLN C 345 16.33 -30.23 -4.56
N TRP C 346 16.71 -29.07 -5.08
CA TRP C 346 15.85 -28.36 -6.03
C TRP C 346 15.73 -29.13 -7.34
N ARG C 347 16.85 -29.50 -7.94
CA ARG C 347 16.85 -30.15 -9.26
C ARG C 347 16.89 -31.67 -9.17
N HIS C 348 17.37 -32.24 -8.07
CA HIS C 348 17.48 -33.70 -7.94
C HIS C 348 16.99 -34.10 -6.55
N TYR C 349 15.73 -34.48 -6.44
CA TYR C 349 15.13 -34.83 -5.16
C TYR C 349 15.18 -36.33 -4.97
N ASN C 350 15.68 -36.76 -3.80
CA ASN C 350 15.86 -38.18 -3.48
C ASN C 350 16.86 -38.84 -4.43
N GLY C 351 17.97 -38.16 -4.69
CA GLY C 351 19.05 -38.70 -5.50
C GLY C 351 20.21 -39.16 -4.63
N GLU C 352 20.79 -40.29 -4.99
CA GLU C 352 21.92 -40.85 -4.25
C GLU C 352 23.16 -39.96 -4.41
N TYR C 353 23.35 -39.03 -3.49
CA TYR C 353 24.47 -38.11 -3.56
C TYR C 353 25.77 -38.85 -3.27
N LYS C 354 26.70 -38.83 -4.24
CA LYS C 354 28.01 -39.42 -4.06
C LYS C 354 29.04 -38.35 -3.72
N THR C 355 29.49 -37.61 -4.74
CA THR C 355 30.47 -36.54 -4.58
C THR C 355 29.99 -35.33 -5.36
N MET C 356 30.80 -34.27 -5.43
CA MET C 356 30.44 -33.08 -6.18
C MET C 356 30.72 -33.25 -7.67
N HIS C 357 31.76 -33.99 -8.02
CA HIS C 357 32.16 -34.22 -9.41
C HIS C 357 31.48 -35.46 -10.01
N ASP C 358 30.15 -35.46 -9.94
CA ASP C 358 29.35 -36.52 -10.54
C ASP C 358 28.33 -35.91 -11.50
N ASP C 359 27.60 -36.78 -12.20
CA ASP C 359 26.59 -36.39 -13.17
C ASP C 359 25.25 -36.94 -12.66
N TYR C 360 24.47 -36.09 -12.01
CA TYR C 360 23.16 -36.46 -11.49
C TYR C 360 22.04 -36.06 -12.45
N THR C 361 22.37 -35.67 -13.68
CA THR C 361 21.39 -35.27 -14.67
C THR C 361 20.48 -36.44 -15.04
N GLY C 362 19.22 -36.39 -14.61
CA GLY C 362 18.25 -37.42 -14.91
C GLY C 362 17.70 -38.13 -13.69
N VAL C 363 18.42 -38.10 -12.57
CA VAL C 363 17.98 -38.75 -11.33
C VAL C 363 17.41 -37.69 -10.41
N GLY C 364 16.39 -38.06 -9.65
CA GLY C 364 15.78 -37.12 -8.72
C GLY C 364 14.69 -36.30 -9.37
N VAL C 365 13.71 -35.93 -8.55
CA VAL C 365 12.60 -35.11 -9.04
C VAL C 365 13.08 -33.68 -9.23
N ASP C 366 12.99 -33.19 -10.46
CA ASP C 366 13.39 -31.82 -10.79
C ASP C 366 12.26 -30.89 -10.39
N GLN C 367 12.30 -30.44 -9.13
CA GLN C 367 11.23 -29.59 -8.62
C GLN C 367 11.20 -28.25 -9.34
N LEU C 368 12.37 -27.66 -9.57
CA LEU C 368 12.44 -26.33 -10.19
C LEU C 368 11.88 -26.35 -11.60
N ALA C 369 12.26 -27.36 -12.40
CA ALA C 369 11.73 -27.46 -13.75
C ALA C 369 10.22 -27.68 -13.73
N LYS C 370 9.75 -28.60 -12.89
CA LYS C 370 8.31 -28.82 -12.77
C LYS C 370 7.60 -27.59 -12.24
N LEU C 371 8.27 -26.79 -11.40
CA LEU C 371 7.66 -25.55 -10.90
C LEU C 371 7.43 -24.56 -12.02
N ILE C 372 8.44 -24.38 -12.89
CA ILE C 372 8.30 -23.44 -14.00
C ILE C 372 7.22 -23.90 -14.97
N GLU C 373 7.23 -25.19 -15.31
CA GLU C 373 6.21 -25.73 -16.20
C GLU C 373 4.82 -25.62 -15.60
N THR C 374 4.71 -25.71 -14.27
CA THR C 374 3.41 -25.61 -13.61
C THR C 374 2.94 -24.16 -13.54
N LEU C 375 3.86 -23.22 -13.33
CA LEU C 375 3.48 -21.81 -13.28
C LEU C 375 2.98 -21.31 -14.63
N LYS C 376 3.48 -21.90 -15.72
CA LYS C 376 3.05 -21.49 -17.05
C LYS C 376 1.70 -22.10 -17.41
N ASN C 377 1.55 -23.41 -17.24
CA ASN C 377 0.38 -24.12 -17.76
C ASN C 377 -0.81 -24.05 -16.81
N ASN C 378 -0.58 -23.89 -15.51
CA ASN C 378 -1.64 -23.89 -14.51
C ASN C 378 -1.33 -22.83 -13.46
N PRO C 379 -1.62 -21.56 -13.76
CA PRO C 379 -1.30 -20.50 -12.79
C PRO C 379 -2.20 -20.49 -11.57
N LYS C 380 -3.48 -20.82 -11.74
CA LYS C 380 -4.41 -20.85 -10.61
C LYS C 380 -4.22 -22.06 -9.69
N ASP C 381 -3.25 -22.91 -9.98
CA ASP C 381 -2.98 -24.06 -9.12
C ASP C 381 -2.50 -23.59 -7.75
N ARG C 382 -2.94 -24.28 -6.70
CA ARG C 382 -2.60 -23.88 -5.34
C ARG C 382 -1.36 -24.59 -4.79
N ARG C 383 -0.83 -25.57 -5.53
CA ARG C 383 0.31 -26.33 -5.03
C ARG C 383 1.59 -26.02 -5.80
N HIS C 384 1.92 -24.74 -5.91
CA HIS C 384 3.17 -24.29 -6.52
C HIS C 384 4.28 -24.26 -5.46
N ILE C 385 4.56 -25.45 -4.93
CA ILE C 385 5.43 -25.62 -3.77
C ILE C 385 6.83 -25.98 -4.23
N LEU C 386 7.83 -25.46 -3.51
CA LEU C 386 9.24 -25.81 -3.72
C LEU C 386 9.84 -26.09 -2.36
N THR C 387 10.03 -27.37 -2.04
CA THR C 387 10.50 -27.79 -0.73
C THR C 387 12.00 -28.06 -0.75
N ALA C 388 12.61 -28.02 0.44
CA ALA C 388 14.02 -28.33 0.60
C ALA C 388 14.30 -29.27 1.77
N TRP C 389 13.28 -29.68 2.53
CA TRP C 389 13.46 -30.55 3.67
C TRP C 389 13.27 -32.00 3.22
N ASN C 390 14.37 -32.75 3.19
CA ASN C 390 14.33 -34.17 2.84
C ASN C 390 14.86 -34.97 4.04
N PRO C 391 13.98 -35.48 4.91
CA PRO C 391 14.45 -36.20 6.10
C PRO C 391 15.27 -37.43 5.78
N SER C 392 15.10 -38.03 4.59
CA SER C 392 15.87 -39.22 4.24
C SER C 392 17.34 -38.91 3.99
N ALA C 393 17.68 -37.67 3.64
CA ALA C 393 19.05 -37.29 3.32
C ALA C 393 19.45 -36.04 4.10
N LEU C 394 19.16 -36.04 5.41
CA LEU C 394 19.58 -34.93 6.26
C LEU C 394 20.97 -35.17 6.86
N SER C 395 21.28 -36.42 7.21
CA SER C 395 22.59 -36.72 7.77
C SER C 395 23.72 -36.54 6.76
N GLN C 396 23.40 -36.44 5.48
CA GLN C 396 24.42 -36.23 4.45
C GLN C 396 24.72 -34.77 4.22
N MET C 397 23.83 -33.87 4.65
CA MET C 397 24.01 -32.44 4.45
C MET C 397 25.05 -31.89 5.41
N ALA C 398 25.87 -30.96 4.93
CA ALA C 398 26.78 -30.27 5.83
C ALA C 398 26.03 -29.34 6.78
N LEU C 399 24.87 -28.86 6.35
CA LEU C 399 23.99 -28.03 7.16
C LEU C 399 22.56 -28.15 6.65
N PRO C 400 21.61 -28.47 7.51
CA PRO C 400 20.22 -28.61 7.07
C PRO C 400 19.68 -27.31 6.51
N PRO C 401 18.66 -27.38 5.64
CA PRO C 401 18.15 -26.16 4.99
C PRO C 401 17.53 -25.21 5.99
N CYS C 402 18.03 -23.96 5.99
CA CYS C 402 17.46 -22.93 6.85
C CYS C 402 16.14 -22.42 6.28
N HIS C 403 16.17 -21.88 5.07
CA HIS C 403 14.93 -21.58 4.35
C HIS C 403 14.44 -22.84 3.66
N VAL C 404 13.28 -23.34 4.09
CA VAL C 404 12.81 -24.66 3.70
C VAL C 404 11.77 -24.57 2.60
N LEU C 405 10.51 -24.37 2.98
CA LEU C 405 9.41 -24.39 2.03
C LEU C 405 9.26 -23.04 1.35
N SER C 406 8.73 -23.08 0.12
CA SER C 406 8.47 -21.86 -0.63
C SER C 406 7.31 -22.10 -1.58
N GLN C 407 6.28 -21.26 -1.47
CA GLN C 407 5.09 -21.36 -2.30
C GLN C 407 4.94 -20.11 -3.15
N TYR C 408 4.49 -20.28 -4.38
CA TYR C 408 4.34 -19.19 -5.32
C TYR C 408 2.88 -19.10 -5.79
N TYR C 409 2.48 -17.90 -6.18
CA TYR C 409 1.07 -17.58 -6.38
C TYR C 409 0.94 -16.52 -7.46
N VAL C 410 0.06 -16.77 -8.42
CA VAL C 410 -0.16 -15.85 -9.54
C VAL C 410 -1.46 -15.10 -9.29
N THR C 411 -1.37 -13.77 -9.25
CA THR C 411 -2.54 -12.93 -9.05
C THR C 411 -3.29 -12.74 -10.37
N ASN C 412 -4.40 -12.01 -10.31
CA ASN C 412 -5.18 -11.72 -11.51
C ASN C 412 -4.52 -10.69 -12.41
N ASP C 413 -3.46 -10.04 -11.94
CA ASP C 413 -2.73 -9.06 -12.74
C ASP C 413 -1.42 -9.64 -13.29
N ASN C 414 -1.36 -10.96 -13.46
CA ASN C 414 -0.17 -11.64 -13.98
C ASN C 414 1.07 -11.27 -13.17
N CYS C 415 0.91 -11.25 -11.84
CA CYS C 415 2.01 -11.00 -10.93
C CYS C 415 2.33 -12.26 -10.15
N LEU C 416 3.60 -12.39 -9.79
CA LEU C 416 4.12 -13.58 -9.10
C LEU C 416 4.53 -13.19 -7.69
N SER C 417 3.85 -13.74 -6.70
CA SER C 417 4.18 -13.55 -5.29
C SER C 417 4.86 -14.79 -4.74
N CYS C 418 5.55 -14.61 -3.62
CA CYS C 418 6.34 -15.69 -3.02
C CYS C 418 6.17 -15.68 -1.52
N ASN C 419 5.99 -16.88 -0.95
CA ASN C 419 5.94 -17.09 0.48
C ASN C 419 7.04 -18.07 0.88
N LEU C 420 7.76 -17.74 1.94
CA LEU C 420 8.87 -18.56 2.43
C LEU C 420 8.69 -18.84 3.91
N TYR C 421 8.98 -20.07 4.31
CA TYR C 421 9.09 -20.43 5.72
C TYR C 421 10.54 -20.77 6.01
N GLN C 422 11.13 -20.08 6.99
CA GLN C 422 12.52 -20.28 7.39
C GLN C 422 12.56 -20.77 8.82
N ARG C 423 13.29 -21.86 9.06
CA ARG C 423 13.31 -22.46 10.39
C ARG C 423 14.13 -21.62 11.37
N SER C 424 15.14 -20.90 10.89
CA SER C 424 15.96 -20.07 11.75
C SER C 424 16.58 -18.95 10.92
N CYS C 425 16.52 -17.72 11.42
CA CYS C 425 17.04 -16.55 10.73
C CYS C 425 18.19 -15.97 11.54
N ASP C 426 19.35 -15.85 10.88
CA ASP C 426 20.50 -15.16 11.47
C ASP C 426 20.38 -13.69 11.11
N LEU C 427 19.56 -12.98 11.89
CA LEU C 427 19.34 -11.56 11.69
C LEU C 427 20.67 -10.80 11.77
N GLY C 428 21.02 -10.11 10.68
CA GLY C 428 22.27 -9.39 10.57
C GLY C 428 23.23 -10.00 9.54
N LEU C 429 23.16 -11.30 9.34
CA LEU C 429 24.03 -11.97 8.38
C LEU C 429 23.28 -12.85 7.41
N GLY C 430 22.21 -13.51 7.85
CA GLY C 430 21.49 -14.44 7.00
C GLY C 430 20.16 -13.92 6.51
N SER C 431 19.49 -13.10 7.33
CA SER C 431 18.19 -12.56 6.94
C SER C 431 18.30 -11.60 5.77
N PRO C 432 19.20 -10.61 5.76
CA PRO C 432 19.29 -9.73 4.58
C PRO C 432 19.61 -10.47 3.30
N PHE C 433 20.39 -11.54 3.36
CA PHE C 433 20.69 -12.33 2.17
C PHE C 433 19.46 -13.09 1.69
N ASN C 434 18.71 -13.70 2.62
CA ASN C 434 17.55 -14.49 2.23
C ASN C 434 16.43 -13.62 1.69
N ILE C 435 16.39 -12.35 2.09
CA ILE C 435 15.39 -11.43 1.55
C ILE C 435 15.65 -11.18 0.06
N ALA C 436 16.90 -10.84 -0.28
CA ALA C 436 17.23 -10.54 -1.66
C ALA C 436 17.27 -11.80 -2.52
N SER C 437 17.73 -12.92 -1.95
CA SER C 437 17.84 -14.15 -2.74
C SER C 437 16.50 -14.59 -3.28
N TYR C 438 15.48 -14.63 -2.43
CA TYR C 438 14.16 -15.04 -2.87
C TYR C 438 13.40 -13.92 -3.58
N ALA C 439 13.83 -12.66 -3.40
CA ALA C 439 13.28 -11.58 -4.22
C ALA C 439 13.79 -11.69 -5.65
N ILE C 440 15.09 -11.94 -5.81
CA ILE C 440 15.65 -12.15 -7.14
C ILE C 440 15.08 -13.43 -7.76
N LEU C 441 14.94 -14.48 -6.95
CA LEU C 441 14.39 -15.74 -7.45
C LEU C 441 12.97 -15.57 -7.96
N THR C 442 12.17 -14.73 -7.28
CA THR C 442 10.82 -14.46 -7.73
C THR C 442 10.83 -13.71 -9.07
N MET C 443 11.75 -12.74 -9.22
CA MET C 443 11.84 -12.00 -10.47
C MET C 443 12.33 -12.88 -11.61
N MET C 444 13.27 -13.78 -11.34
CA MET C 444 13.72 -14.71 -12.36
C MET C 444 12.59 -15.60 -12.84
N LEU C 445 11.81 -16.15 -11.91
CA LEU C 445 10.66 -16.95 -12.29
C LEU C 445 9.60 -16.13 -12.99
N ALA C 446 9.45 -14.85 -12.63
CA ALA C 446 8.45 -14.01 -13.26
C ALA C 446 8.79 -13.73 -14.72
N GLN C 447 10.08 -13.55 -15.03
CA GLN C 447 10.48 -13.25 -16.40
C GLN C 447 10.39 -14.49 -17.29
N VAL C 448 10.89 -15.63 -16.78
CA VAL C 448 10.88 -16.85 -17.59
C VAL C 448 9.45 -17.34 -17.84
N CYS C 449 8.57 -17.16 -16.86
CA CYS C 449 7.18 -17.58 -17.00
C CYS C 449 6.31 -16.52 -17.65
N GLY C 450 6.79 -15.28 -17.75
CA GLY C 450 6.03 -14.22 -18.39
C GLY C 450 5.16 -13.41 -17.46
N TYR C 451 5.44 -13.42 -16.16
CA TYR C 451 4.66 -12.63 -15.22
C TYR C 451 5.49 -11.44 -14.73
N GLU C 452 4.93 -10.72 -13.77
CA GLU C 452 5.59 -9.59 -13.15
C GLU C 452 5.83 -9.87 -11.67
N PRO C 453 6.84 -9.24 -11.06
CA PRO C 453 7.08 -9.45 -9.63
C PRO C 453 5.95 -8.86 -8.79
N GLY C 454 5.58 -9.59 -7.74
CA GLY C 454 4.50 -9.15 -6.87
C GLY C 454 4.93 -8.83 -5.45
N GLU C 455 4.43 -9.59 -4.49
CA GLU C 455 4.75 -9.41 -3.08
C GLU C 455 5.67 -10.52 -2.59
N LEU C 456 6.36 -10.24 -1.50
CA LEU C 456 7.26 -11.20 -0.87
C LEU C 456 6.93 -11.27 0.62
N ALA C 457 6.65 -12.48 1.11
CA ALA C 457 6.38 -12.71 2.51
C ALA C 457 7.34 -13.78 3.04
N ILE C 458 7.97 -13.50 4.17
CA ILE C 458 8.92 -14.42 4.80
C ILE C 458 8.37 -14.78 6.18
N PHE C 459 8.17 -16.08 6.40
CA PHE C 459 7.66 -16.60 7.67
C PHE C 459 8.82 -17.25 8.41
N ILE C 460 9.07 -16.78 9.63
CA ILE C 460 10.27 -17.14 10.38
C ILE C 460 9.89 -18.01 11.57
N GLY C 461 10.71 -19.03 11.84
CA GLY C 461 10.58 -19.81 13.04
C GLY C 461 11.45 -19.24 14.15
N ASP C 462 12.72 -19.62 14.17
CA ASP C 462 13.64 -19.19 15.23
C ASP C 462 14.35 -17.92 14.79
N ALA C 463 13.66 -16.79 14.97
CA ALA C 463 14.22 -15.48 14.67
C ALA C 463 15.14 -15.09 15.82
N HIS C 464 16.45 -15.19 15.61
CA HIS C 464 17.41 -14.99 16.68
C HIS C 464 18.46 -13.96 16.28
N ILE C 465 19.15 -13.44 17.29
CA ILE C 465 20.26 -12.52 17.11
C ILE C 465 21.44 -13.04 17.92
N TYR C 466 22.56 -13.31 17.24
CA TYR C 466 23.75 -13.78 17.93
C TYR C 466 24.35 -12.66 18.78
N GLU C 467 24.92 -13.04 19.92
CA GLU C 467 25.36 -12.06 20.91
C GLU C 467 26.54 -11.22 20.45
N ASN C 468 27.24 -11.62 19.39
CA ASN C 468 28.32 -10.81 18.83
C ASN C 468 27.83 -9.83 17.76
N HIS C 469 26.53 -9.81 17.49
CA HIS C 469 25.93 -8.86 16.56
C HIS C 469 25.22 -7.72 17.27
N LEU C 470 25.20 -7.73 18.61
CA LEU C 470 24.42 -6.74 19.35
C LEU C 470 24.99 -5.34 19.19
N THR C 471 26.32 -5.22 19.21
CA THR C 471 26.94 -3.90 19.05
C THR C 471 26.69 -3.34 17.66
N GLN C 472 26.69 -4.20 16.64
CA GLN C 472 26.51 -3.74 15.27
C GLN C 472 25.03 -3.48 14.96
N LEU C 473 24.15 -4.40 15.35
CA LEU C 473 22.73 -4.24 15.04
C LEU C 473 22.13 -3.04 15.79
N LYS C 474 22.66 -2.70 16.96
CA LYS C 474 22.21 -1.50 17.65
C LYS C 474 22.61 -0.25 16.87
N GLU C 475 23.69 -0.31 16.11
CA GLU C 475 24.10 0.80 15.27
C GLU C 475 23.22 0.91 14.02
N GLN C 476 22.85 -0.23 13.43
CA GLN C 476 22.03 -0.22 12.23
C GLN C 476 20.67 0.42 12.48
N LEU C 477 20.10 0.24 13.68
CA LEU C 477 18.81 0.83 14.00
C LEU C 477 18.87 2.33 14.23
N SER C 478 20.05 2.92 14.38
CA SER C 478 20.16 4.35 14.61
C SER C 478 20.06 5.17 13.32
N ARG C 479 20.21 4.54 12.16
CA ARG C 479 20.19 5.25 10.88
C ARG C 479 18.81 5.13 10.27
N THR C 480 18.18 6.28 10.00
CA THR C 480 16.84 6.28 9.42
C THR C 480 16.89 5.76 7.98
N PRO C 481 15.90 4.99 7.55
CA PRO C 481 15.99 4.30 6.26
C PRO C 481 15.92 5.25 5.07
N ARG C 482 16.36 4.72 3.93
CA ARG C 482 16.33 5.37 2.64
C ARG C 482 15.55 4.50 1.65
N PRO C 483 15.03 5.09 0.57
CA PRO C 483 14.18 4.32 -0.34
C PRO C 483 14.88 3.13 -0.97
N PHE C 484 14.11 2.08 -1.23
CA PHE C 484 14.64 0.87 -1.84
C PHE C 484 15.19 1.15 -3.23
N PRO C 485 16.13 0.35 -3.71
CA PRO C 485 16.61 0.48 -5.07
C PRO C 485 15.71 -0.25 -6.06
N GLN C 486 16.08 -0.19 -7.33
CA GLN C 486 15.37 -0.89 -8.40
C GLN C 486 16.30 -1.93 -9.01
N LEU C 487 15.73 -3.07 -9.39
CA LEU C 487 16.48 -4.16 -10.01
C LEU C 487 15.88 -4.45 -11.38
N LYS C 488 16.70 -4.33 -12.42
CA LYS C 488 16.26 -4.57 -13.80
C LYS C 488 17.23 -5.53 -14.47
N PHE C 489 16.70 -6.42 -15.30
CA PHE C 489 17.50 -7.37 -16.05
C PHE C 489 17.89 -6.78 -17.40
N LYS C 490 19.11 -7.10 -17.85
CA LYS C 490 19.63 -6.53 -19.09
C LYS C 490 19.19 -7.30 -20.33
N ARG C 491 18.67 -8.52 -20.16
CA ARG C 491 18.27 -9.32 -21.32
C ARG C 491 17.34 -10.42 -20.85
N LYS C 492 16.53 -10.91 -21.80
CA LYS C 492 15.67 -12.06 -21.56
C LYS C 492 16.45 -13.34 -21.86
N VAL C 493 16.36 -14.30 -20.96
CA VAL C 493 17.16 -15.52 -21.05
C VAL C 493 16.32 -16.63 -21.68
N GLU C 494 17.02 -17.58 -22.31
CA GLU C 494 16.34 -18.71 -22.94
C GLU C 494 15.81 -19.69 -21.90
N ASN C 495 16.71 -20.30 -21.12
CA ASN C 495 16.31 -21.21 -20.06
C ASN C 495 16.11 -20.45 -18.76
N ILE C 496 16.74 -20.90 -17.67
CA ILE C 496 16.63 -20.23 -16.39
C ILE C 496 18.01 -20.10 -15.74
N GLU C 497 18.87 -21.09 -15.99
CA GLU C 497 20.22 -21.11 -15.45
C GLU C 497 21.22 -20.33 -16.30
N ASP C 498 20.75 -19.43 -17.16
CA ASP C 498 21.63 -18.66 -18.03
C ASP C 498 21.92 -17.26 -17.50
N PHE C 499 21.35 -16.88 -16.36
CA PHE C 499 21.59 -15.54 -15.83
C PHE C 499 23.05 -15.37 -15.44
N LYS C 500 23.57 -14.16 -15.65
CA LYS C 500 24.94 -13.84 -15.28
C LYS C 500 24.94 -12.53 -14.50
N TRP C 501 26.04 -12.32 -13.75
CA TRP C 501 26.14 -11.11 -12.95
C TRP C 501 26.16 -9.85 -13.81
N GLU C 502 26.66 -9.95 -15.05
CA GLU C 502 26.67 -8.79 -15.94
C GLU C 502 25.28 -8.44 -16.44
N ASP C 503 24.33 -9.37 -16.36
CA ASP C 503 22.97 -9.16 -16.83
C ASP C 503 22.10 -8.41 -15.82
N ILE C 504 22.69 -7.94 -14.71
CA ILE C 504 21.94 -7.33 -13.62
C ILE C 504 22.32 -5.86 -13.52
N GLU C 505 21.31 -4.99 -13.46
CA GLU C 505 21.52 -3.56 -13.29
C GLU C 505 20.80 -3.12 -12.03
N LEU C 506 21.56 -2.66 -11.03
CA LEU C 506 21.01 -2.15 -9.78
C LEU C 506 20.95 -0.63 -9.87
N ILE C 507 19.75 -0.07 -9.76
CA ILE C 507 19.50 1.34 -10.05
C ILE C 507 19.07 2.03 -8.76
N GLY C 508 19.82 3.05 -8.36
CA GLY C 508 19.45 3.89 -7.23
C GLY C 508 19.61 3.23 -5.88
N TYR C 509 20.80 2.69 -5.61
CA TYR C 509 21.11 2.06 -4.34
C TYR C 509 22.16 2.94 -3.64
N TYR C 510 21.71 3.68 -2.63
CA TYR C 510 22.57 4.58 -1.86
C TYR C 510 22.46 4.23 -0.37
N PRO C 511 23.05 3.12 0.04
CA PRO C 511 22.89 2.66 1.42
C PRO C 511 23.86 3.35 2.36
N TYR C 512 23.73 3.03 3.64
CA TYR C 512 24.66 3.49 4.65
C TYR C 512 25.93 2.63 4.63
N PRO C 513 27.02 3.11 5.23
CA PRO C 513 28.27 2.33 5.20
C PRO C 513 28.10 0.93 5.76
N THR C 514 28.78 -0.03 5.15
CA THR C 514 28.69 -1.41 5.57
C THR C 514 29.28 -1.61 6.96
N ILE C 515 28.66 -2.48 7.73
CA ILE C 515 29.11 -2.81 9.09
C ILE C 515 29.48 -4.29 9.12
N LYS C 516 30.68 -4.59 9.60
CA LYS C 516 31.20 -5.94 9.58
C LYS C 516 30.69 -6.74 10.77
N MET C 517 30.19 -7.96 10.50
CA MET C 517 29.77 -8.89 11.53
C MET C 517 30.37 -10.26 11.23
N ASP C 518 30.82 -10.94 12.27
CA ASP C 518 31.47 -12.24 12.12
C ASP C 518 30.43 -13.35 12.13
N MET C 519 30.64 -14.36 11.29
CA MET C 519 29.72 -15.48 11.18
C MET C 519 29.98 -16.50 12.28
N ALA C 520 28.92 -16.90 12.97
CA ALA C 520 29.01 -17.98 13.96
C ALA C 520 29.04 -19.31 13.22
N VAL C 521 30.24 -19.86 13.06
CA VAL C 521 30.40 -21.11 12.32
C VAL C 521 29.77 -22.27 13.08
N GLU D 3 -19.00 16.17 37.08
CA GLU D 3 -18.96 15.08 36.11
C GLU D 3 -17.72 14.22 36.32
N LYS D 4 -17.94 12.97 36.75
CA LYS D 4 -16.86 12.02 36.98
C LYS D 4 -17.30 10.65 36.47
N ASN D 5 -16.32 9.78 36.26
CA ASN D 5 -16.60 8.45 35.71
C ASN D 5 -17.36 7.61 36.74
N VAL D 6 -18.42 6.94 36.27
CA VAL D 6 -19.23 6.07 37.09
C VAL D 6 -19.28 4.72 36.38
N SER D 7 -18.43 3.79 36.78
CA SER D 7 -18.30 2.50 36.13
C SER D 7 -19.02 1.40 36.91
N ILE D 8 -19.26 0.28 36.23
CA ILE D 8 -19.83 -0.91 36.81
C ILE D 8 -18.82 -2.04 36.68
N VAL D 9 -18.49 -2.67 37.81
CA VAL D 9 -17.63 -3.85 37.84
C VAL D 9 -18.48 -5.05 38.21
N VAL D 10 -18.42 -6.09 37.38
CA VAL D 10 -19.27 -7.26 37.58
C VAL D 10 -18.59 -8.46 36.94
N ALA D 11 -18.85 -9.64 37.48
CA ALA D 11 -18.39 -10.91 36.92
C ALA D 11 -19.61 -11.82 36.79
N ALA D 12 -20.12 -11.95 35.57
CA ALA D 12 -21.34 -12.69 35.31
C ALA D 12 -21.05 -13.89 34.41
N SER D 13 -22.04 -14.78 34.31
CA SER D 13 -21.92 -15.95 33.47
C SER D 13 -21.95 -15.56 31.99
N VAL D 14 -21.45 -16.47 31.15
CA VAL D 14 -21.27 -16.15 29.75
C VAL D 14 -22.61 -16.12 29.01
N LEU D 15 -23.52 -17.04 29.36
CA LEU D 15 -24.78 -17.14 28.62
C LEU D 15 -25.93 -16.53 29.42
N SER D 16 -26.27 -17.13 30.55
CA SER D 16 -27.39 -16.66 31.37
C SER D 16 -27.05 -15.41 32.17
N SER D 17 -25.77 -15.07 32.29
CA SER D 17 -25.32 -13.90 33.04
C SER D 17 -25.77 -13.96 34.50
N GLY D 18 -25.36 -15.03 35.17
CA GLY D 18 -25.69 -15.25 36.57
C GLY D 18 -24.58 -14.74 37.48
N ILE D 19 -24.98 -14.21 38.64
CA ILE D 19 -24.05 -13.64 39.60
C ILE D 19 -24.41 -14.07 41.02
N GLY D 20 -23.79 -15.13 41.51
CA GLY D 20 -24.01 -15.49 42.90
C GLY D 20 -25.17 -16.45 43.09
N ILE D 21 -25.04 -17.30 44.11
CA ILE D 21 -26.08 -18.24 44.49
C ILE D 21 -26.10 -18.34 46.01
N ASN D 22 -27.29 -18.23 46.60
CA ASN D 22 -27.50 -18.38 48.04
C ASN D 22 -26.56 -17.48 48.85
N GLY D 23 -26.46 -16.22 48.42
CA GLY D 23 -25.69 -15.23 49.13
C GLY D 23 -24.19 -15.30 48.93
N GLN D 24 -23.69 -16.23 48.13
CA GLN D 24 -22.26 -16.34 47.87
C GLN D 24 -22.03 -16.55 46.37
N LEU D 25 -20.77 -16.45 45.97
CA LEU D 25 -20.43 -16.62 44.56
C LEU D 25 -20.40 -18.10 44.19
N PRO D 26 -20.78 -18.44 42.96
CA PRO D 26 -20.70 -19.83 42.50
C PRO D 26 -19.35 -20.24 41.93
N TRP D 27 -18.30 -19.44 42.15
CA TRP D 27 -16.96 -19.77 41.70
C TRP D 27 -15.96 -19.12 42.63
N SER D 28 -14.73 -19.62 42.59
CA SER D 28 -13.63 -19.09 43.39
C SER D 28 -12.46 -18.80 42.44
N ILE D 29 -12.46 -17.62 41.85
CA ILE D 29 -11.41 -17.18 40.92
C ILE D 29 -10.60 -16.10 41.61
N SER D 30 -9.33 -16.42 41.92
CA SER D 30 -8.50 -15.47 42.66
C SER D 30 -8.10 -14.28 41.80
N GLU D 31 -7.80 -14.51 40.52
CA GLU D 31 -7.37 -13.42 39.66
C GLU D 31 -8.48 -12.41 39.42
N ASP D 32 -9.75 -12.85 39.47
CA ASP D 32 -10.86 -11.91 39.29
C ASP D 32 -10.95 -10.95 40.46
N LEU D 33 -10.79 -11.45 41.69
CA LEU D 33 -10.79 -10.57 42.85
C LEU D 33 -9.62 -9.60 42.82
N LYS D 34 -8.44 -10.07 42.39
CA LYS D 34 -7.30 -9.18 42.23
C LYS D 34 -7.58 -8.12 41.17
N PHE D 35 -8.34 -8.46 40.13
CA PHE D 35 -8.74 -7.47 39.15
C PHE D 35 -9.69 -6.44 39.75
N PHE D 36 -10.62 -6.90 40.59
CA PHE D 36 -11.53 -5.99 41.29
C PHE D 36 -10.76 -5.02 42.18
N SER D 37 -9.66 -5.47 42.78
CA SER D 37 -8.88 -4.60 43.66
C SER D 37 -8.14 -3.52 42.87
N LYS D 38 -7.48 -3.92 41.77
CA LYS D 38 -6.71 -2.95 41.00
C LYS D 38 -7.62 -2.00 40.23
N ILE D 39 -8.80 -2.45 39.84
CA ILE D 39 -9.68 -1.59 39.03
C ILE D 39 -10.37 -0.55 39.92
N THR D 40 -10.55 -0.84 41.20
CA THR D 40 -11.19 0.08 42.13
C THR D 40 -10.19 0.95 42.90
N ASN D 41 -8.88 0.73 42.68
CA ASN D 41 -7.84 1.54 43.27
C ASN D 41 -7.14 2.41 42.23
N ASN D 42 -7.89 2.87 41.22
CA ASN D 42 -7.35 3.67 40.13
C ASN D 42 -7.54 5.14 40.45
N LYS D 43 -6.56 5.72 41.13
CA LYS D 43 -6.57 7.13 41.49
C LYS D 43 -5.49 7.86 40.68
N CYS D 44 -5.82 9.06 40.22
CA CYS D 44 -4.87 9.85 39.45
C CYS D 44 -4.06 10.79 40.33
N ASP D 45 -4.65 11.32 41.39
CA ASP D 45 -3.91 12.16 42.34
C ASP D 45 -3.36 11.29 43.47
N SER D 46 -3.55 11.73 44.70
CA SER D 46 -3.04 10.99 45.85
C SER D 46 -4.03 11.04 47.01
N ASN D 47 -4.28 12.24 47.52
CA ASN D 47 -5.23 12.43 48.64
C ASN D 47 -6.66 12.42 48.11
N LYS D 48 -7.05 11.27 47.56
CA LYS D 48 -8.39 11.04 47.06
C LYS D 48 -8.66 9.55 47.06
N LYS D 49 -9.92 9.18 47.24
CA LYS D 49 -10.31 7.78 47.34
C LYS D 49 -11.50 7.52 46.43
N ASN D 50 -11.59 6.29 45.95
CA ASN D 50 -12.71 5.87 45.13
C ASN D 50 -13.90 5.47 46.01
N ALA D 51 -15.06 5.39 45.40
CA ALA D 51 -16.30 5.06 46.10
C ALA D 51 -16.92 3.82 45.47
N LEU D 52 -17.23 2.83 46.30
CA LEU D 52 -17.87 1.60 45.86
C LEU D 52 -19.29 1.56 46.39
N ILE D 53 -20.24 1.27 45.50
CA ILE D 53 -21.66 1.24 45.83
C ILE D 53 -22.14 -0.21 45.78
N MET D 54 -22.86 -0.63 46.82
CA MET D 54 -23.36 -1.99 46.90
C MET D 54 -24.63 -2.01 47.75
N GLY D 55 -25.41 -3.09 47.58
CA GLY D 55 -26.62 -3.28 48.36
C GLY D 55 -26.36 -3.95 49.69
N ARG D 56 -27.42 -4.05 50.50
CA ARG D 56 -27.30 -4.67 51.81
C ARG D 56 -26.94 -6.14 51.71
N LYS D 57 -27.64 -6.89 50.84
CA LYS D 57 -27.36 -8.31 50.68
C LYS D 57 -25.94 -8.53 50.16
N THR D 58 -25.41 -7.56 49.40
CA THR D 58 -24.01 -7.61 48.99
C THR D 58 -23.10 -7.21 50.15
N TRP D 59 -23.49 -6.19 50.91
CA TRP D 59 -22.74 -5.80 52.10
C TRP D 59 -22.64 -6.96 53.09
N ASP D 60 -23.71 -7.76 53.20
CA ASP D 60 -23.67 -8.92 54.08
C ASP D 60 -22.76 -10.00 53.53
N SER D 61 -22.73 -10.17 52.20
CA SER D 61 -21.95 -11.25 51.59
C SER D 61 -20.45 -10.98 51.66
N ILE D 62 -20.05 -9.72 51.77
CA ILE D 62 -18.63 -9.36 51.83
C ILE D 62 -18.10 -9.33 53.27
N GLY D 63 -18.94 -9.61 54.25
CA GLY D 63 -18.51 -9.72 55.63
C GLY D 63 -18.68 -8.47 56.46
N ARG D 64 -19.30 -7.43 55.91
CA ARG D 64 -19.53 -6.17 56.62
C ARG D 64 -18.23 -5.58 57.16
N ARG D 65 -17.18 -5.63 56.34
CA ARG D 65 -15.90 -5.04 56.66
C ARG D 65 -15.41 -4.19 55.49
N PRO D 66 -14.82 -3.04 55.78
CA PRO D 66 -14.41 -2.13 54.70
C PRO D 66 -13.24 -2.70 53.90
N LEU D 67 -12.96 -2.02 52.79
CA LEU D 67 -11.85 -2.36 51.91
C LEU D 67 -10.76 -1.31 52.05
N LYS D 68 -9.56 -1.66 51.61
CA LYS D 68 -8.40 -0.82 51.86
C LYS D 68 -8.51 0.55 51.20
N ASN D 69 -8.73 1.58 52.04
CA ASN D 69 -8.74 2.98 51.60
C ASN D 69 -9.71 3.21 50.45
N ARG D 70 -10.89 2.59 50.54
CA ARG D 70 -11.97 2.81 49.58
C ARG D 70 -13.25 2.99 50.39
N ILE D 71 -13.97 4.08 50.11
CA ILE D 71 -15.21 4.37 50.81
C ILE D 71 -16.32 3.50 50.24
N ILE D 72 -16.97 2.72 51.09
CA ILE D 72 -18.05 1.82 50.70
C ILE D 72 -19.37 2.51 50.96
N VAL D 73 -20.21 2.59 49.93
CA VAL D 73 -21.54 3.18 50.04
C VAL D 73 -22.55 2.04 49.96
N VAL D 74 -23.31 1.85 51.03
CA VAL D 74 -24.28 0.78 51.14
C VAL D 74 -25.67 1.34 50.91
N ILE D 75 -26.45 0.69 50.04
CA ILE D 75 -27.80 1.10 49.73
C ILE D 75 -28.74 0.17 50.50
N SER D 76 -29.20 0.64 51.66
CA SER D 76 -30.08 -0.13 52.52
C SER D 76 -31.09 0.80 53.16
N SER D 77 -32.31 0.30 53.36
CA SER D 77 -33.38 1.06 53.98
C SER D 77 -33.55 0.74 55.46
N SER D 78 -32.60 0.03 56.07
CA SER D 78 -32.76 -0.36 57.46
C SER D 78 -31.49 -0.14 58.28
N LEU D 79 -30.33 -0.25 57.64
CA LEU D 79 -29.07 -0.11 58.37
C LEU D 79 -28.86 1.35 58.77
N PRO D 80 -28.47 1.63 60.02
CA PRO D 80 -28.18 3.01 60.42
C PRO D 80 -26.78 3.43 60.02
N GLN D 81 -26.66 4.65 59.51
CA GLN D 81 -25.36 5.19 59.13
C GLN D 81 -24.50 5.48 60.37
N ASP D 82 -23.70 4.51 60.79
CA ASP D 82 -22.86 4.66 61.97
C ASP D 82 -21.81 5.74 61.69
N GLU D 83 -21.92 6.86 62.40
CA GLU D 83 -21.01 7.99 62.19
C GLU D 83 -19.59 7.72 62.69
N ALA D 84 -19.35 6.59 63.35
CA ALA D 84 -18.00 6.31 63.84
C ALA D 84 -17.07 5.92 62.70
N ASP D 85 -17.48 4.94 61.90
CA ASP D 85 -16.66 4.46 60.80
C ASP D 85 -16.77 5.41 59.61
N PRO D 86 -15.70 6.07 59.20
CA PRO D 86 -15.76 7.00 58.06
C PRO D 86 -15.60 6.34 56.70
N ASN D 87 -15.18 5.08 56.64
CA ASN D 87 -14.98 4.39 55.38
C ASN D 87 -16.21 3.62 54.91
N VAL D 88 -17.32 3.70 55.64
CA VAL D 88 -18.56 3.03 55.27
C VAL D 88 -19.71 3.99 55.58
N VAL D 89 -20.52 4.30 54.57
CA VAL D 89 -21.65 5.20 54.71
C VAL D 89 -22.88 4.53 54.10
N VAL D 90 -24.04 4.81 54.69
CA VAL D 90 -25.30 4.19 54.30
C VAL D 90 -26.25 5.27 53.82
N PHE D 91 -26.85 5.05 52.64
CA PHE D 91 -27.87 5.93 52.11
C PHE D 91 -29.18 5.16 51.96
N ARG D 92 -30.30 5.89 52.06
CA ARG D 92 -31.61 5.25 52.08
C ARG D 92 -32.04 4.76 50.70
N ASN D 93 -31.57 5.40 49.64
CA ASN D 93 -31.93 4.98 48.29
C ASN D 93 -30.80 5.31 47.33
N LEU D 94 -30.86 4.70 46.15
CA LEU D 94 -29.78 4.85 45.17
C LEU D 94 -29.78 6.25 44.55
N GLU D 95 -30.97 6.82 44.32
CA GLU D 95 -31.04 8.14 43.71
C GLU D 95 -30.36 9.19 44.58
N ASP D 96 -30.69 9.21 45.87
CA ASP D 96 -30.06 10.16 46.79
C ASP D 96 -28.57 9.90 46.97
N SER D 97 -28.11 8.67 46.72
CA SER D 97 -26.71 8.35 46.97
C SER D 97 -25.77 8.97 45.95
N ILE D 98 -26.27 9.38 44.79
CA ILE D 98 -25.45 9.97 43.75
C ILE D 98 -25.63 11.49 43.84
N GLU D 99 -24.84 12.10 44.72
CA GLU D 99 -24.75 13.56 44.80
C GLU D 99 -23.31 14.04 44.90
N ASN D 100 -22.33 13.14 45.04
CA ASN D 100 -20.93 13.46 45.19
C ASN D 100 -20.26 13.79 43.85
N LEU D 101 -21.00 14.41 42.93
CA LEU D 101 -20.44 14.85 41.65
C LEU D 101 -20.28 16.35 41.56
N MET D 102 -21.28 17.12 41.99
CA MET D 102 -21.15 18.57 42.08
C MET D 102 -20.51 19.00 43.39
N ASN D 103 -20.59 18.17 44.42
CA ASN D 103 -20.00 18.42 45.72
C ASN D 103 -19.16 17.22 46.13
N ASP D 104 -18.34 17.41 47.16
CA ASP D 104 -17.44 16.39 47.69
C ASP D 104 -16.51 15.87 46.59
N ASP D 105 -15.58 16.75 46.21
CA ASP D 105 -14.58 16.42 45.20
C ASP D 105 -13.63 15.32 45.66
N SER D 106 -13.52 15.09 46.97
CA SER D 106 -12.59 14.10 47.51
C SER D 106 -12.71 12.75 46.80
N ILE D 107 -13.93 12.35 46.46
CA ILE D 107 -14.13 11.09 45.73
C ILE D 107 -13.82 11.35 44.27
N GLU D 108 -12.83 10.62 43.74
CA GLU D 108 -12.41 10.81 42.35
C GLU D 108 -13.34 10.07 41.40
N ASN D 109 -13.34 8.74 41.46
CA ASN D 109 -14.19 7.93 40.60
C ASN D 109 -15.19 7.16 41.43
N ILE D 110 -16.25 6.70 40.76
CA ILE D 110 -17.34 5.96 41.41
C ILE D 110 -17.49 4.63 40.69
N PHE D 111 -17.63 3.56 41.47
CA PHE D 111 -17.80 2.21 40.93
C PHE D 111 -19.06 1.60 41.53
N VAL D 112 -19.89 1.00 40.67
CA VAL D 112 -21.10 0.33 41.08
C VAL D 112 -20.87 -1.17 40.98
N CYS D 113 -20.97 -1.86 42.12
CA CYS D 113 -20.70 -3.29 42.16
C CYS D 113 -21.68 -4.04 43.06
N GLY D 114 -22.88 -3.50 43.28
CA GLY D 114 -23.87 -4.15 44.12
C GLY D 114 -24.49 -5.38 43.49
N GLY D 115 -25.68 -5.75 43.94
CA GLY D 115 -26.37 -6.91 43.43
C GLY D 115 -27.26 -6.60 42.25
N GLU D 116 -28.16 -7.55 41.95
CA GLU D 116 -29.10 -7.35 40.85
C GLU D 116 -30.01 -6.16 41.10
N SER D 117 -30.47 -5.98 42.34
CA SER D 117 -31.33 -4.86 42.67
C SER D 117 -30.64 -3.53 42.44
N ILE D 118 -29.33 -3.47 42.65
CA ILE D 118 -28.59 -2.23 42.43
C ILE D 118 -28.11 -2.09 40.99
N TYR D 119 -27.77 -3.20 40.33
CA TYR D 119 -27.34 -3.14 38.93
C TYR D 119 -28.48 -2.66 38.02
N ARG D 120 -29.67 -3.23 38.18
CA ARG D 120 -30.78 -2.88 37.30
C ARG D 120 -31.19 -1.42 37.46
N ASP D 121 -31.26 -0.94 38.71
CA ASP D 121 -31.64 0.46 38.94
C ASP D 121 -30.53 1.42 38.54
N ALA D 122 -29.28 0.96 38.48
CA ALA D 122 -28.20 1.83 38.05
C ALA D 122 -28.23 2.04 36.54
N LEU D 123 -28.70 1.05 35.79
CA LEU D 123 -28.78 1.17 34.34
C LEU D 123 -30.06 1.89 33.91
N LYS D 124 -31.18 1.59 34.58
CA LYS D 124 -32.45 2.20 34.20
C LYS D 124 -32.47 3.71 34.46
N ASP D 125 -31.63 4.19 35.37
CA ASP D 125 -31.55 5.62 35.65
C ASP D 125 -30.46 6.32 34.85
N ASN D 126 -29.73 5.58 34.01
CA ASN D 126 -28.71 6.13 33.12
C ASN D 126 -27.64 6.89 33.91
N PHE D 127 -27.14 6.26 34.96
CA PHE D 127 -26.03 6.81 35.73
C PHE D 127 -24.69 6.20 35.36
N VAL D 128 -24.70 5.12 34.59
CA VAL D 128 -23.49 4.35 34.31
C VAL D 128 -22.87 4.85 33.02
N ASP D 129 -21.56 5.11 33.06
CA ASP D 129 -20.81 5.53 31.89
C ASP D 129 -19.95 4.43 31.30
N ARG D 130 -19.73 3.33 32.04
CA ARG D 130 -18.79 2.31 31.63
C ARG D 130 -19.06 1.04 32.42
N ILE D 131 -18.81 -0.11 31.80
CA ILE D 131 -19.07 -1.41 32.39
C ILE D 131 -17.84 -2.28 32.23
N TYR D 132 -17.32 -2.81 33.33
CA TYR D 132 -16.25 -3.80 33.33
C TYR D 132 -16.87 -5.17 33.57
N LEU D 133 -16.94 -5.99 32.52
CA LEU D 133 -17.59 -7.28 32.57
C LEU D 133 -16.56 -8.40 32.56
N THR D 134 -16.74 -9.37 33.45
CA THR D 134 -15.92 -10.58 33.50
C THR D 134 -16.81 -11.77 33.21
N ARG D 135 -16.69 -12.33 32.01
CA ARG D 135 -17.53 -13.44 31.57
C ARG D 135 -16.92 -14.77 32.01
N VAL D 136 -17.65 -15.52 32.83
CA VAL D 136 -17.19 -16.80 33.33
C VAL D 136 -17.92 -17.91 32.58
N ALA D 137 -17.18 -18.93 32.14
CA ALA D 137 -17.74 -20.02 31.34
C ALA D 137 -18.24 -21.13 32.26
N LEU D 138 -19.37 -20.87 32.90
CA LEU D 138 -20.03 -21.83 33.78
C LEU D 138 -21.53 -21.69 33.62
N GLU D 139 -22.18 -22.76 33.17
CA GLU D 139 -23.64 -22.73 32.97
C GLU D 139 -24.37 -23.98 33.44
N ASP D 140 -23.70 -25.12 33.62
CA ASP D 140 -24.36 -26.33 34.09
C ASP D 140 -24.66 -26.31 35.59
N ILE D 141 -24.74 -25.12 36.19
CA ILE D 141 -25.02 -24.99 37.62
C ILE D 141 -26.34 -24.27 37.79
N GLU D 142 -26.62 -23.84 39.02
CA GLU D 142 -27.87 -23.16 39.36
C GLU D 142 -27.55 -21.79 39.94
N PHE D 143 -28.29 -20.77 39.49
CA PHE D 143 -28.16 -19.42 40.00
C PHE D 143 -29.45 -19.01 40.73
N ASP D 144 -29.43 -17.82 41.31
CA ASP D 144 -30.61 -17.26 41.94
C ASP D 144 -30.61 -15.74 41.78
N THR D 145 -29.44 -15.17 41.48
CA THR D 145 -29.29 -13.75 41.23
C THR D 145 -28.54 -13.57 39.93
N TYR D 146 -29.16 -12.89 38.97
CA TYR D 146 -28.60 -12.69 37.64
C TYR D 146 -28.24 -11.22 37.42
N PHE D 147 -27.50 -10.98 36.34
CA PHE D 147 -27.12 -9.64 35.93
C PHE D 147 -28.03 -9.17 34.80
N PRO D 148 -28.60 -7.96 34.89
CA PRO D 148 -29.51 -7.50 33.84
C PRO D 148 -28.79 -7.36 32.51
N GLU D 149 -29.51 -7.64 31.44
CA GLU D 149 -28.94 -7.54 30.10
C GLU D 149 -28.50 -6.11 29.82
N ILE D 150 -27.31 -5.98 29.24
CA ILE D 150 -26.75 -4.65 28.97
C ILE D 150 -27.62 -3.95 27.93
N PRO D 151 -28.04 -2.71 28.18
CA PRO D 151 -28.87 -2.02 27.18
C PRO D 151 -28.09 -1.73 25.91
N GLU D 152 -28.84 -1.42 24.86
CA GLU D 152 -28.24 -1.20 23.54
C GLU D 152 -27.38 0.06 23.49
N THR D 153 -27.50 0.95 24.48
CA THR D 153 -26.72 2.18 24.47
C THR D 153 -25.25 1.96 24.76
N PHE D 154 -24.87 0.77 25.24
CA PHE D 154 -23.47 0.45 25.52
C PHE D 154 -22.92 -0.39 24.37
N LEU D 155 -21.64 -0.16 24.05
CA LEU D 155 -20.98 -0.88 22.98
C LEU D 155 -19.68 -1.49 23.47
N PRO D 156 -19.36 -2.71 23.04
CA PRO D 156 -18.09 -3.32 23.45
C PRO D 156 -16.90 -2.58 22.86
N VAL D 157 -15.93 -2.27 23.70
CA VAL D 157 -14.72 -1.59 23.27
C VAL D 157 -13.47 -2.45 23.47
N TYR D 158 -13.49 -3.41 24.39
CA TYR D 158 -12.33 -4.23 24.68
C TYR D 158 -12.77 -5.64 25.03
N MET D 159 -11.96 -6.62 24.65
CA MET D 159 -12.20 -8.02 25.00
C MET D 159 -10.84 -8.67 25.21
N SER D 160 -10.56 -9.05 26.45
CA SER D 160 -9.24 -9.55 26.83
C SER D 160 -9.04 -10.98 26.32
N GLN D 161 -7.81 -11.46 26.52
CA GLN D 161 -7.48 -12.85 26.24
C GLN D 161 -8.21 -13.78 27.19
N THR D 162 -8.45 -15.01 26.73
CA THR D 162 -9.10 -16.01 27.57
C THR D 162 -8.10 -16.53 28.60
N PHE D 163 -8.45 -16.40 29.87
CA PHE D 163 -7.60 -16.87 30.96
C PHE D 163 -8.16 -18.17 31.53
N CYS D 164 -7.46 -18.70 32.54
CA CYS D 164 -7.84 -19.98 33.12
C CYS D 164 -7.47 -20.00 34.60
N THR D 165 -8.38 -20.54 35.42
CA THR D 165 -8.13 -20.72 36.84
C THR D 165 -8.95 -21.91 37.31
N LYS D 166 -8.27 -22.95 37.76
CA LYS D 166 -8.92 -24.20 38.16
C LYS D 166 -9.80 -24.75 37.03
N ASN D 167 -9.26 -24.72 35.81
CA ASN D 167 -9.95 -25.21 34.61
C ASN D 167 -11.26 -24.46 34.37
N ILE D 168 -11.22 -23.13 34.53
CA ILE D 168 -12.37 -22.26 34.28
C ILE D 168 -11.90 -21.11 33.42
N SER D 169 -12.52 -20.95 32.24
CA SER D 169 -12.17 -19.89 31.31
C SER D 169 -12.97 -18.63 31.63
N TYR D 170 -12.31 -17.48 31.49
CA TYR D 170 -12.98 -16.22 31.77
C TYR D 170 -12.29 -15.10 30.98
N ASP D 171 -13.10 -14.12 30.59
CA ASP D 171 -12.66 -12.96 29.81
C ASP D 171 -12.84 -11.69 30.62
N PHE D 172 -12.33 -10.59 30.07
CA PHE D 172 -12.52 -9.26 30.63
C PHE D 172 -12.90 -8.31 29.49
N MET D 173 -14.06 -7.66 29.62
CA MET D 173 -14.56 -6.76 28.60
C MET D 173 -14.87 -5.40 29.21
N ILE D 174 -14.85 -4.39 28.35
CA ILE D 174 -15.21 -3.02 28.72
C ILE D 174 -16.31 -2.54 27.79
N PHE D 175 -17.33 -1.90 28.36
CA PHE D 175 -18.47 -1.40 27.61
C PHE D 175 -18.61 0.10 27.88
N GLU D 176 -18.31 0.90 26.87
CA GLU D 176 -18.49 2.35 26.95
C GLU D 176 -19.80 2.75 26.29
N LYS D 177 -20.36 3.87 26.72
CA LYS D 177 -21.62 4.36 26.18
C LYS D 177 -21.28 5.26 25.00
N GLN D 178 -21.45 4.74 23.79
CA GLN D 178 -21.13 5.47 22.58
C GLN D 178 -22.30 6.34 22.14
N GLU D 179 -21.97 7.49 21.55
CA GLU D 179 -22.97 8.44 21.10
C GLU D 179 -22.61 9.01 19.73
N LEU D 193 -4.08 10.94 14.11
CA LEU D 193 -4.22 12.35 13.76
C LEU D 193 -4.83 12.48 12.36
N LYS D 194 -5.03 13.72 11.92
CA LYS D 194 -5.68 14.00 10.66
C LYS D 194 -4.69 14.27 9.53
N SER D 195 -3.39 14.23 9.80
CA SER D 195 -2.39 14.55 8.78
C SER D 195 -1.95 13.32 7.98
N ILE D 196 -1.95 12.14 8.60
CA ILE D 196 -1.50 10.96 7.89
C ILE D 196 -2.58 10.43 6.96
N ASP D 197 -3.85 10.52 7.39
CA ASP D 197 -4.94 10.01 6.56
C ASP D 197 -5.10 10.82 5.28
N ASP D 198 -4.87 12.13 5.35
CA ASP D 198 -5.01 12.99 4.18
C ASP D 198 -3.80 12.94 3.25
N THR D 199 -2.87 12.01 3.47
CA THR D 199 -1.74 11.81 2.59
C THR D 199 -1.67 10.40 2.03
N VAL D 200 -1.94 9.39 2.86
CA VAL D 200 -2.02 8.02 2.37
C VAL D 200 -3.20 7.85 1.42
N ASP D 201 -4.30 8.56 1.67
CA ASP D 201 -5.44 8.50 0.76
C ASP D 201 -5.13 9.18 -0.57
N LEU D 202 -4.36 10.28 -0.54
CA LEU D 202 -3.99 10.94 -1.78
C LEU D 202 -3.08 10.05 -2.63
N LEU D 203 -2.10 9.40 -2.00
CA LEU D 203 -1.28 8.43 -2.71
C LEU D 203 -2.08 7.23 -3.19
N GLY D 204 -3.19 6.92 -2.51
CA GLY D 204 -4.07 5.86 -2.97
C GLY D 204 -4.90 6.23 -4.18
N GLU D 205 -5.07 7.54 -4.43
CA GLU D 205 -5.75 7.97 -5.64
C GLU D 205 -4.81 8.03 -6.83
N ILE D 206 -3.58 8.48 -6.61
CA ILE D 206 -2.56 8.54 -7.64
C ILE D 206 -2.20 7.13 -8.09
N PHE D 207 -1.60 6.36 -7.19
CA PHE D 207 -1.28 4.96 -7.45
C PHE D 207 -2.48 4.10 -7.09
N GLY D 208 -2.86 3.22 -8.02
CA GLY D 208 -3.97 2.31 -7.76
C GLY D 208 -3.52 1.07 -7.03
N ILE D 209 -3.37 -0.03 -7.74
CA ILE D 209 -2.80 -1.24 -7.16
C ILE D 209 -1.27 -1.19 -7.14
N ARG D 210 -0.68 -0.07 -7.56
CA ARG D 210 0.76 0.11 -7.43
C ARG D 210 1.16 0.31 -5.97
N LYS D 211 0.30 0.96 -5.18
CA LYS D 211 0.53 1.11 -3.75
C LYS D 211 0.09 -0.16 -3.05
N MET D 212 1.01 -0.80 -2.33
CA MET D 212 0.71 -2.07 -1.69
C MET D 212 -0.38 -1.95 -0.64
N GLY D 213 -0.58 -0.77 -0.07
CA GLY D 213 -1.66 -0.58 0.88
C GLY D 213 -3.04 -0.82 0.30
N ASN D 214 -3.23 -0.50 -0.99
CA ASN D 214 -4.53 -0.71 -1.61
C ASN D 214 -4.80 -2.19 -1.86
N ARG D 215 -3.75 -3.01 -2.01
CA ARG D 215 -3.96 -4.45 -2.16
C ARG D 215 -4.36 -5.11 -0.84
N HIS D 216 -4.12 -4.45 0.30
CA HIS D 216 -4.50 -4.95 1.62
C HIS D 216 -5.34 -3.85 2.27
N LYS D 217 -6.59 -3.72 1.84
CA LYS D 217 -7.48 -2.69 2.37
C LYS D 217 -8.03 -3.10 3.72
N PHE D 218 -8.21 -2.12 4.60
CA PHE D 218 -8.84 -2.35 5.89
C PHE D 218 -10.30 -2.69 5.68
N PRO D 219 -10.81 -3.78 6.26
CA PRO D 219 -12.20 -4.17 6.03
C PRO D 219 -13.17 -3.11 6.50
N LYS D 220 -14.34 -3.07 5.85
CA LYS D 220 -15.38 -2.12 6.19
C LYS D 220 -16.20 -2.62 7.39
N GLU D 221 -16.96 -1.70 7.98
CA GLU D 221 -17.77 -2.03 9.15
C GLU D 221 -18.76 -3.16 8.89
N GLU D 222 -19.13 -3.38 7.63
CA GLU D 222 -20.16 -4.37 7.31
C GLU D 222 -19.65 -5.81 7.29
N ILE D 223 -18.33 -6.02 7.36
CA ILE D 223 -17.79 -7.37 7.36
C ILE D 223 -16.80 -7.53 8.50
N TYR D 224 -16.73 -6.54 9.38
CA TYR D 224 -15.82 -6.57 10.52
C TYR D 224 -16.61 -7.00 11.76
N ASN D 225 -16.16 -8.06 12.41
CA ASN D 225 -16.87 -8.58 13.57
C ASN D 225 -16.69 -7.63 14.75
N THR D 226 -17.80 -7.25 15.36
CA THR D 226 -17.85 -6.33 16.49
C THR D 226 -17.02 -5.09 16.17
N PRO D 227 -17.44 -4.27 15.19
CA PRO D 227 -16.60 -3.15 14.74
C PRO D 227 -16.35 -2.10 15.80
N SER D 228 -17.12 -2.10 16.89
CA SER D 228 -16.90 -1.14 17.96
C SER D 228 -15.60 -1.39 18.73
N ILE D 229 -15.12 -2.63 18.74
CA ILE D 229 -13.84 -2.95 19.36
C ILE D 229 -12.71 -2.64 18.38
N ARG D 230 -12.21 -1.41 18.43
CA ARG D 230 -11.17 -0.96 17.51
C ARG D 230 -9.76 -1.22 18.05
N PHE D 231 -9.47 -0.65 19.22
CA PHE D 231 -8.14 -0.70 19.81
C PHE D 231 -7.91 -1.88 20.74
N GLY D 232 -8.98 -2.61 21.09
CA GLY D 232 -8.84 -3.69 22.05
C GLY D 232 -9.19 -5.07 21.52
N ARG D 233 -8.69 -5.41 20.33
CA ARG D 233 -8.95 -6.73 19.74
C ARG D 233 -7.88 -7.71 20.22
N GLU D 234 -7.97 -8.04 21.50
CA GLU D 234 -6.99 -8.91 22.14
C GLU D 234 -7.39 -10.38 22.13
N HIS D 235 -8.68 -10.69 22.09
CA HIS D 235 -9.13 -12.07 21.99
C HIS D 235 -8.57 -12.70 20.73
N TYR D 236 -7.86 -13.81 20.88
CA TYR D 236 -7.15 -14.42 19.77
C TYR D 236 -8.06 -15.21 18.83
N GLU D 237 -9.38 -15.19 19.06
CA GLU D 237 -10.29 -15.65 18.03
C GLU D 237 -10.47 -14.60 16.94
N PHE D 238 -10.16 -13.34 17.23
CA PHE D 238 -10.14 -12.31 16.20
C PHE D 238 -9.05 -12.55 15.17
N GLN D 239 -8.02 -13.32 15.50
CA GLN D 239 -7.01 -13.69 14.52
C GLN D 239 -7.61 -14.50 13.38
N TYR D 240 -8.73 -15.17 13.62
CA TYR D 240 -9.48 -15.88 12.59
C TYR D 240 -10.64 -15.07 12.03
N LEU D 241 -11.37 -14.37 12.91
CA LEU D 241 -12.52 -13.60 12.46
C LEU D 241 -12.11 -12.37 11.64
N ASP D 242 -10.92 -11.83 11.88
CA ASP D 242 -10.42 -10.75 11.05
C ASP D 242 -9.79 -11.24 9.76
N LEU D 243 -9.42 -12.53 9.68
CA LEU D 243 -8.95 -13.08 8.42
C LEU D 243 -10.11 -13.27 7.44
N LEU D 244 -11.27 -13.68 7.96
CA LEU D 244 -12.47 -13.74 7.13
C LEU D 244 -12.82 -12.34 6.60
N SER D 245 -12.74 -11.33 7.46
CA SER D 245 -13.01 -9.96 7.03
C SER D 245 -11.97 -9.48 6.02
N ARG D 246 -10.71 -9.85 6.24
CA ARG D 246 -9.66 -9.41 5.32
C ARG D 246 -9.78 -10.05 3.95
N VAL D 247 -10.36 -11.25 3.88
CA VAL D 247 -10.53 -11.92 2.61
C VAL D 247 -11.70 -11.33 1.83
N LEU D 248 -12.81 -11.01 2.50
CA LEU D 248 -13.95 -10.44 1.81
C LEU D 248 -13.63 -9.07 1.22
N GLU D 249 -12.69 -8.34 1.82
CA GLU D 249 -12.36 -7.01 1.34
C GLU D 249 -11.37 -7.04 0.18
N ASN D 250 -10.39 -7.94 0.23
CA ASN D 250 -9.31 -7.95 -0.74
C ASN D 250 -9.21 -9.25 -1.55
N GLY D 251 -10.14 -10.18 -1.36
CA GLY D 251 -10.05 -11.46 -2.04
C GLY D 251 -10.38 -11.32 -3.53
N ALA D 252 -9.56 -11.97 -4.35
CA ALA D 252 -9.72 -11.96 -5.79
C ALA D 252 -10.49 -13.19 -6.23
N TYR D 253 -11.57 -12.97 -6.99
CA TYR D 253 -12.37 -14.08 -7.50
C TYR D 253 -11.53 -14.94 -8.44
N ARG D 254 -11.30 -16.19 -8.05
CA ARG D 254 -10.43 -17.09 -8.79
C ARG D 254 -11.07 -18.47 -8.86
N GLU D 255 -10.76 -19.21 -9.92
CA GLU D 255 -11.20 -20.58 -10.08
C GLU D 255 -10.18 -21.54 -9.51
N ASN D 256 -10.52 -22.82 -9.49
CA ASN D 256 -9.64 -23.86 -8.96
C ASN D 256 -10.02 -25.19 -9.61
N ARG D 257 -9.46 -26.28 -9.07
CA ARG D 257 -9.69 -27.61 -9.62
C ARG D 257 -11.12 -28.09 -9.44
N THR D 258 -11.91 -27.44 -8.59
CA THR D 258 -13.30 -27.79 -8.39
C THR D 258 -14.20 -26.77 -9.08
N GLY D 259 -15.50 -27.07 -9.13
CA GLY D 259 -16.45 -26.17 -9.74
C GLY D 259 -16.74 -24.93 -8.92
N ILE D 260 -16.36 -24.91 -7.65
CA ILE D 260 -16.65 -23.79 -6.75
C ILE D 260 -15.47 -22.84 -6.77
N SER D 261 -15.69 -21.61 -7.23
CA SER D 261 -14.66 -20.59 -7.24
C SER D 261 -14.50 -19.97 -5.85
N THR D 262 -13.34 -19.37 -5.62
CA THR D 262 -12.97 -18.85 -4.32
C THR D 262 -12.60 -17.37 -4.41
N TYR D 263 -12.44 -16.76 -3.23
CA TYR D 263 -11.88 -15.42 -3.08
C TYR D 263 -10.62 -15.55 -2.25
N SER D 264 -9.46 -15.45 -2.90
CA SER D 264 -8.19 -15.81 -2.28
C SER D 264 -7.24 -14.63 -2.19
N ILE D 265 -6.55 -14.53 -1.06
CA ILE D 265 -5.40 -13.65 -0.89
C ILE D 265 -4.19 -14.53 -0.60
N PHE D 266 -3.01 -13.92 -0.62
CA PHE D 266 -1.77 -14.65 -0.44
C PHE D 266 -0.96 -14.01 0.68
N GLY D 267 -0.50 -14.83 1.63
CA GLY D 267 0.36 -14.38 2.70
C GLY D 267 -0.37 -13.82 3.90
N GLN D 268 -0.98 -14.68 4.70
CA GLN D 268 -1.66 -14.28 5.92
C GLN D 268 -1.27 -15.24 7.05
N MET D 269 -1.37 -14.75 8.28
CA MET D 269 -0.98 -15.53 9.44
C MET D 269 -2.00 -15.38 10.56
N MET D 270 -2.00 -16.33 11.47
CA MET D 270 -2.83 -16.31 12.67
C MET D 270 -1.99 -16.74 13.86
N ARG D 271 -2.24 -16.11 15.00
CA ARG D 271 -1.50 -16.37 16.23
C ARG D 271 -2.48 -16.80 17.32
N PHE D 272 -2.11 -17.85 18.07
CA PHE D 272 -3.01 -18.40 19.08
C PHE D 272 -2.24 -18.70 20.35
N ASP D 273 -2.98 -18.71 21.47
CA ASP D 273 -2.45 -19.07 22.77
C ASP D 273 -3.03 -20.40 23.21
N MET D 274 -2.19 -21.25 23.80
CA MET D 274 -2.60 -22.54 24.32
C MET D 274 -2.32 -22.71 25.81
N ARG D 275 -1.75 -21.71 26.47
CA ARG D 275 -1.46 -21.82 27.89
C ARG D 275 -2.71 -21.70 28.74
N GLU D 276 -3.43 -20.59 28.61
CA GLU D 276 -4.61 -20.32 29.41
C GLU D 276 -5.92 -20.68 28.70
N SER D 277 -5.86 -21.14 27.46
CA SER D 277 -7.07 -21.44 26.71
C SER D 277 -6.74 -22.51 25.66
N PHE D 278 -7.77 -22.87 24.89
CA PHE D 278 -7.64 -23.83 23.79
C PHE D 278 -8.27 -23.21 22.55
N PRO D 279 -7.50 -22.95 21.50
CA PRO D 279 -8.06 -22.27 20.33
C PRO D 279 -9.10 -23.11 19.60
N LEU D 280 -10.32 -23.13 20.11
CA LEU D 280 -11.46 -23.76 19.45
C LEU D 280 -12.54 -22.71 19.24
N LEU D 281 -12.99 -22.58 17.99
CA LEU D 281 -13.89 -21.50 17.62
C LEU D 281 -15.20 -21.59 18.41
N THR D 282 -15.63 -20.44 18.93
CA THR D 282 -16.90 -20.35 19.67
C THR D 282 -18.03 -19.79 18.83
N THR D 283 -17.74 -19.17 17.69
CA THR D 283 -18.77 -18.65 16.80
C THR D 283 -19.44 -19.73 15.97
N LYS D 284 -19.03 -20.99 16.12
CA LYS D 284 -19.64 -22.11 15.42
C LYS D 284 -19.36 -23.37 16.21
N LYS D 285 -20.38 -24.20 16.40
CA LYS D 285 -20.20 -25.46 17.12
C LYS D 285 -19.33 -26.39 16.28
N VAL D 286 -18.04 -26.41 16.57
CA VAL D 286 -17.09 -27.22 15.82
C VAL D 286 -17.13 -28.65 16.36
N ALA D 287 -17.21 -29.62 15.45
CA ALA D 287 -17.21 -31.02 15.83
C ALA D 287 -15.83 -31.44 16.34
N ILE D 288 -15.64 -31.38 17.66
CA ILE D 288 -14.33 -31.65 18.24
C ILE D 288 -13.97 -33.13 18.11
N ARG D 289 -14.97 -34.01 18.14
CA ARG D 289 -14.69 -35.44 18.04
C ARG D 289 -14.08 -35.80 16.69
N SER D 290 -14.61 -35.22 15.61
CA SER D 290 -14.08 -35.51 14.28
C SER D 290 -12.66 -34.98 14.11
N ILE D 291 -12.32 -33.90 14.81
CA ILE D 291 -10.96 -33.37 14.72
C ILE D 291 -9.97 -34.35 15.36
N PHE D 292 -10.33 -34.90 16.52
CA PHE D 292 -9.43 -35.82 17.21
C PHE D 292 -9.24 -37.10 16.42
N GLU D 293 -10.34 -37.71 15.96
CA GLU D 293 -10.25 -38.96 15.21
C GLU D 293 -9.40 -38.82 13.95
N GLU D 294 -9.38 -37.62 13.35
CA GLU D 294 -8.51 -37.38 12.22
C GLU D 294 -7.05 -37.28 12.67
N LEU D 295 -6.79 -36.64 13.81
CA LEU D 295 -5.42 -36.44 14.26
C LEU D 295 -4.78 -37.76 14.69
N ILE D 296 -5.48 -38.54 15.51
CA ILE D 296 -4.95 -39.84 15.92
C ILE D 296 -4.83 -40.77 14.74
N TRP D 297 -5.66 -40.57 13.71
CA TRP D 297 -5.52 -41.31 12.46
C TRP D 297 -4.20 -41.01 11.78
N PHE D 298 -3.77 -39.75 11.82
CA PHE D 298 -2.47 -39.38 11.26
C PHE D 298 -1.33 -39.96 12.07
N ILE D 299 -1.42 -39.90 13.40
CA ILE D 299 -0.31 -40.30 14.26
C ILE D 299 -0.01 -41.78 14.12
N LYS D 300 -1.05 -42.61 13.94
CA LYS D 300 -0.86 -44.05 13.79
C LYS D 300 -0.29 -44.44 12.45
N GLY D 301 -0.14 -43.51 11.52
CA GLY D 301 0.33 -43.87 10.19
C GLY D 301 -0.71 -44.48 9.27
N ASP D 302 -1.98 -44.29 9.57
CA ASP D 302 -3.05 -44.93 8.80
C ASP D 302 -3.51 -44.04 7.63
N THR D 303 -3.69 -44.67 6.47
CA THR D 303 -4.20 -44.00 5.28
C THR D 303 -5.46 -44.68 4.75
N ASN D 304 -6.18 -45.38 5.60
CA ASN D 304 -7.41 -46.09 5.22
C ASN D 304 -8.60 -45.21 5.55
N GLY D 305 -9.35 -44.80 4.53
CA GLY D 305 -10.49 -43.94 4.75
C GLY D 305 -11.65 -44.62 5.45
N ASN D 306 -11.74 -45.95 5.34
CA ASN D 306 -12.85 -46.67 5.97
C ASN D 306 -12.75 -46.65 7.48
N HIS D 307 -11.53 -46.58 8.03
CA HIS D 307 -11.38 -46.58 9.48
C HIS D 307 -12.04 -45.36 10.11
N LEU D 308 -12.01 -44.22 9.42
CA LEU D 308 -12.76 -43.06 9.88
C LEU D 308 -14.24 -43.20 9.57
N ILE D 309 -14.59 -43.89 8.49
CA ILE D 309 -16.00 -44.13 8.17
C ILE D 309 -16.64 -45.01 9.23
N GLU D 310 -15.91 -46.00 9.73
CA GLU D 310 -16.41 -46.89 10.78
C GLU D 310 -16.51 -46.22 12.14
N LYS D 311 -16.03 -44.97 12.28
CA LYS D 311 -16.10 -44.24 13.54
C LYS D 311 -17.04 -43.03 13.44
N LYS D 312 -18.00 -43.09 12.53
CA LYS D 312 -18.99 -42.02 12.33
C LYS D 312 -18.31 -40.68 12.03
N VAL D 313 -17.28 -40.72 11.18
CA VAL D 313 -16.56 -39.53 10.75
C VAL D 313 -16.47 -39.58 9.23
N TYR D 314 -17.20 -38.69 8.56
CA TYR D 314 -17.27 -38.70 7.10
C TYR D 314 -16.73 -37.41 6.51
N ILE D 315 -15.44 -37.14 6.71
CA ILE D 315 -14.82 -35.94 6.16
C ILE D 315 -13.81 -36.25 5.06
N TRP D 316 -13.47 -37.52 4.85
CA TRP D 316 -12.60 -37.93 3.74
C TRP D 316 -13.34 -38.82 2.74
N SER D 317 -14.68 -38.72 2.69
CA SER D 317 -15.44 -39.50 1.72
C SER D 317 -15.46 -38.82 0.35
N GLY D 318 -15.54 -37.48 0.33
CA GLY D 318 -15.55 -36.78 -0.94
C GLY D 318 -14.26 -36.94 -1.71
N ASN D 319 -13.12 -36.80 -1.03
CA ASN D 319 -11.82 -36.98 -1.66
C ASN D 319 -11.38 -38.44 -1.73
N GLY D 320 -12.26 -39.37 -1.42
CA GLY D 320 -11.92 -40.78 -1.46
C GLY D 320 -13.04 -41.65 -1.99
N SER D 321 -13.85 -41.11 -2.88
CA SER D 321 -14.92 -41.87 -3.52
C SER D 321 -14.39 -42.55 -4.79
N LYS D 322 -15.13 -43.57 -5.23
CA LYS D 322 -14.76 -44.27 -6.46
C LYS D 322 -14.80 -43.33 -7.66
N GLU D 323 -15.74 -42.39 -7.67
CA GLU D 323 -15.84 -41.45 -8.77
C GLU D 323 -14.68 -40.47 -8.77
N TYR D 324 -14.32 -39.94 -7.60
CA TYR D 324 -13.25 -38.96 -7.51
C TYR D 324 -11.90 -39.59 -7.83
N LEU D 325 -11.66 -40.82 -7.36
CA LEU D 325 -10.36 -41.45 -7.58
C LEU D 325 -10.13 -41.75 -9.06
N GLU D 326 -11.16 -42.22 -9.77
CA GLU D 326 -11.02 -42.42 -11.21
C GLU D 326 -11.00 -41.10 -11.96
N ARG D 327 -11.54 -40.03 -11.37
CA ARG D 327 -11.53 -38.73 -12.03
C ARG D 327 -10.13 -38.11 -12.03
N ILE D 328 -9.34 -38.38 -11.00
CA ILE D 328 -7.99 -37.83 -10.89
C ILE D 328 -6.93 -38.81 -11.41
N GLY D 329 -7.35 -39.91 -12.01
CA GLY D 329 -6.41 -40.85 -12.60
C GLY D 329 -5.87 -41.88 -11.63
N LEU D 330 -6.72 -42.34 -10.71
CA LEU D 330 -6.35 -43.37 -9.74
C LEU D 330 -7.40 -44.46 -9.69
N GLY D 331 -7.85 -44.91 -10.86
CA GLY D 331 -8.84 -45.99 -10.91
C GLY D 331 -8.31 -47.32 -10.44
N HIS D 332 -7.00 -47.52 -10.46
CA HIS D 332 -6.37 -48.74 -9.96
C HIS D 332 -6.31 -48.79 -8.45
N ARG D 333 -6.91 -47.82 -7.78
CA ARG D 333 -6.85 -47.70 -6.33
C ARG D 333 -8.14 -48.25 -5.73
N GLU D 334 -8.05 -48.73 -4.49
CA GLU D 334 -9.22 -49.26 -3.81
C GLU D 334 -10.18 -48.12 -3.46
N GLU D 335 -11.32 -48.48 -2.85
CA GLU D 335 -12.40 -47.52 -2.62
C GLU D 335 -11.92 -46.28 -1.88
N ASN D 336 -11.41 -46.45 -0.68
CA ASN D 336 -11.02 -45.33 0.17
C ASN D 336 -9.52 -45.31 0.44
N ASP D 337 -8.73 -45.87 -0.49
CA ASP D 337 -7.27 -45.86 -0.36
C ASP D 337 -6.79 -44.48 -0.78
N LEU D 338 -6.58 -43.60 0.20
CA LEU D 338 -6.17 -42.24 -0.11
C LEU D 338 -4.74 -42.21 -0.62
N GLY D 339 -3.83 -42.94 0.04
CA GLY D 339 -2.48 -43.04 -0.41
C GLY D 339 -1.50 -42.42 0.56
N PRO D 340 -0.27 -42.22 0.12
CA PRO D 340 0.72 -41.60 1.01
C PRO D 340 0.37 -40.14 1.28
N ILE D 341 -0.43 -39.90 2.31
CA ILE D 341 -0.80 -38.54 2.67
C ILE D 341 -0.09 -38.27 3.98
N TYR D 342 -0.43 -37.18 4.66
CA TYR D 342 0.04 -37.07 6.02
C TYR D 342 -0.46 -38.28 6.80
N GLY D 343 0.37 -38.77 7.73
CA GLY D 343 0.15 -40.03 8.36
C GLY D 343 0.95 -41.17 7.76
N PHE D 344 1.17 -41.15 6.46
CA PHE D 344 2.16 -42.05 5.90
C PHE D 344 3.50 -41.36 5.78
N GLN D 345 3.49 -40.07 5.44
CA GLN D 345 4.71 -39.30 5.38
C GLN D 345 5.24 -38.98 6.77
N TRP D 346 4.36 -38.93 7.77
CA TRP D 346 4.81 -38.70 9.14
C TRP D 346 5.60 -39.88 9.67
N ARG D 347 5.05 -41.09 9.56
CA ARG D 347 5.67 -42.27 10.14
C ARG D 347 6.55 -43.05 9.17
N HIS D 348 6.31 -42.94 7.86
CA HIS D 348 7.09 -43.69 6.87
C HIS D 348 7.39 -42.76 5.69
N TYR D 349 8.57 -42.14 5.69
CA TYR D 349 8.93 -41.18 4.67
C TYR D 349 9.72 -41.86 3.57
N ASN D 350 9.31 -41.65 2.32
CA ASN D 350 9.91 -42.27 1.14
C ASN D 350 9.80 -43.79 1.19
N GLY D 351 8.60 -44.26 1.54
CA GLY D 351 8.30 -45.69 1.54
C GLY D 351 7.49 -46.09 0.33
N GLU D 352 7.82 -47.25 -0.23
CA GLU D 352 7.12 -47.75 -1.42
C GLU D 352 5.67 -48.09 -1.08
N TYR D 353 4.78 -47.12 -1.23
CA TYR D 353 3.37 -47.33 -0.91
C TYR D 353 2.72 -48.24 -1.95
N LYS D 354 2.16 -49.35 -1.49
CA LYS D 354 1.42 -50.24 -2.38
C LYS D 354 -0.07 -49.98 -2.27
N THR D 355 -0.68 -50.48 -1.19
CA THR D 355 -2.11 -50.31 -0.92
C THR D 355 -2.26 -49.93 0.57
N MET D 356 -3.49 -49.80 1.03
CA MET D 356 -3.73 -49.49 2.44
C MET D 356 -3.66 -50.73 3.30
N HIS D 357 -4.01 -51.90 2.75
CA HIS D 357 -3.99 -53.15 3.50
C HIS D 357 -2.61 -53.82 3.40
N ASP D 358 -1.57 -53.06 3.75
CA ASP D 358 -0.20 -53.56 3.77
C ASP D 358 0.43 -53.28 5.14
N ASP D 359 1.66 -53.77 5.30
CA ASP D 359 2.44 -53.62 6.54
C ASP D 359 3.69 -52.82 6.21
N TYR D 360 3.66 -51.52 6.48
CA TYR D 360 4.79 -50.63 6.24
C TYR D 360 5.63 -50.40 7.49
N THR D 361 5.41 -51.17 8.55
CA THR D 361 6.15 -51.02 9.80
C THR D 361 7.63 -51.35 9.61
N GLY D 362 8.48 -50.34 9.66
CA GLY D 362 9.92 -50.50 9.53
C GLY D 362 10.52 -49.80 8.32
N VAL D 363 9.73 -49.49 7.32
CA VAL D 363 10.22 -48.81 6.12
C VAL D 363 9.86 -47.33 6.22
N GLY D 364 10.74 -46.49 5.68
CA GLY D 364 10.50 -45.06 5.71
C GLY D 364 11.02 -44.41 6.97
N VAL D 365 11.43 -43.15 6.84
CA VAL D 365 11.94 -42.40 7.97
C VAL D 365 10.78 -42.01 8.89
N ASP D 366 10.84 -42.47 10.14
CA ASP D 366 9.82 -42.15 11.14
C ASP D 366 10.09 -40.76 11.66
N GLN D 367 9.49 -39.77 11.00
CA GLN D 367 9.72 -38.37 11.38
C GLN D 367 9.18 -38.08 12.77
N LEU D 368 8.00 -38.59 13.09
CA LEU D 368 7.39 -38.29 14.38
C LEU D 368 8.22 -38.85 15.53
N ALA D 369 8.73 -40.07 15.38
CA ALA D 369 9.57 -40.65 16.43
C ALA D 369 10.84 -39.82 16.64
N LYS D 370 11.51 -39.44 15.55
CA LYS D 370 12.69 -38.59 15.67
C LYS D 370 12.34 -37.22 16.23
N LEU D 371 11.13 -36.73 15.97
CA LEU D 371 10.72 -35.44 16.51
C LEU D 371 10.60 -35.49 18.03
N ILE D 372 9.96 -36.54 18.56
CA ILE D 372 9.82 -36.67 20.01
C ILE D 372 11.19 -36.90 20.65
N GLU D 373 12.00 -37.78 20.06
CA GLU D 373 13.34 -38.03 20.58
C GLU D 373 14.21 -36.78 20.56
N THR D 374 14.00 -35.91 19.57
CA THR D 374 14.77 -34.68 19.52
C THR D 374 14.26 -33.63 20.50
N LEU D 375 12.94 -33.57 20.70
CA LEU D 375 12.38 -32.60 21.64
C LEU D 375 12.78 -32.90 23.07
N LYS D 376 12.99 -34.17 23.41
CA LYS D 376 13.40 -34.53 24.77
C LYS D 376 14.88 -34.30 24.97
N ASN D 377 15.72 -34.82 24.07
CA ASN D 377 17.16 -34.84 24.29
C ASN D 377 17.84 -33.53 23.91
N ASN D 378 17.25 -32.76 22.99
CA ASN D 378 17.84 -31.51 22.51
C ASN D 378 16.75 -30.47 22.34
N PRO D 379 16.33 -29.83 23.44
CA PRO D 379 15.26 -28.84 23.34
C PRO D 379 15.68 -27.56 22.64
N LYS D 380 16.93 -27.13 22.80
CA LYS D 380 17.41 -25.91 22.16
C LYS D 380 17.68 -26.09 20.68
N ASP D 381 17.44 -27.29 20.13
CA ASP D 381 17.66 -27.52 18.72
C ASP D 381 16.66 -26.71 17.89
N ARG D 382 17.15 -26.15 16.79
CA ARG D 382 16.35 -25.33 15.89
C ARG D 382 15.76 -26.12 14.73
N ARG D 383 16.11 -27.40 14.60
CA ARG D 383 15.64 -28.21 13.49
C ARG D 383 14.59 -29.22 13.94
N HIS D 384 13.57 -28.74 14.66
CA HIS D 384 12.47 -29.58 15.09
C HIS D 384 11.35 -29.56 14.03
N ILE D 385 11.70 -30.05 12.84
CA ILE D 385 10.84 -29.96 11.67
C ILE D 385 10.10 -31.29 11.49
N LEU D 386 8.85 -31.21 11.06
CA LEU D 386 8.05 -32.38 10.70
C LEU D 386 7.34 -32.02 9.39
N THR D 387 7.85 -32.55 8.27
CA THR D 387 7.35 -32.20 6.95
C THR D 387 6.37 -33.24 6.45
N ALA D 388 5.55 -32.82 5.48
CA ALA D 388 4.59 -33.69 4.83
C ALA D 388 4.62 -33.59 3.32
N TRP D 389 5.48 -32.74 2.75
CA TRP D 389 5.58 -32.57 1.31
C TRP D 389 6.67 -33.51 0.78
N ASN D 390 6.25 -34.54 0.06
CA ASN D 390 7.17 -35.47 -0.58
C ASN D 390 6.93 -35.41 -2.08
N PRO D 391 7.70 -34.60 -2.82
CA PRO D 391 7.46 -34.48 -4.26
C PRO D 391 7.62 -35.78 -5.02
N SER D 392 8.39 -36.73 -4.49
CA SER D 392 8.57 -38.01 -5.16
C SER D 392 7.31 -38.86 -5.15
N ALA D 393 6.42 -38.65 -4.18
CA ALA D 393 5.20 -39.44 -4.04
C ALA D 393 3.98 -38.55 -3.93
N LEU D 394 3.88 -37.56 -4.83
CA LEU D 394 2.72 -36.69 -4.88
C LEU D 394 1.62 -37.23 -5.80
N SER D 395 2.01 -37.84 -6.93
CA SER D 395 1.04 -38.37 -7.87
C SER D 395 0.24 -39.54 -7.30
N GLN D 396 0.72 -40.15 -6.21
CA GLN D 396 -0.01 -41.25 -5.59
C GLN D 396 -1.04 -40.77 -4.57
N MET D 397 -0.94 -39.52 -4.13
CA MET D 397 -1.86 -38.99 -3.14
C MET D 397 -3.23 -38.73 -3.74
N ALA D 398 -4.28 -39.03 -2.97
CA ALA D 398 -5.62 -38.63 -3.40
C ALA D 398 -5.77 -37.13 -3.34
N LEU D 399 -5.02 -36.47 -2.45
CA LEU D 399 -4.98 -35.02 -2.34
C LEU D 399 -3.66 -34.61 -1.70
N PRO D 400 -2.92 -33.67 -2.30
CA PRO D 400 -1.64 -33.25 -1.73
C PRO D 400 -1.82 -32.63 -0.36
N PRO D 401 -0.79 -32.63 0.48
CA PRO D 401 -0.93 -32.12 1.85
C PRO D 401 -1.21 -30.62 1.87
N CYS D 402 -2.31 -30.24 2.51
CA CYS D 402 -2.64 -28.83 2.68
C CYS D 402 -1.78 -28.18 3.75
N HIS D 403 -1.84 -28.71 4.99
CA HIS D 403 -0.89 -28.29 6.01
C HIS D 403 0.39 -29.10 5.83
N VAL D 404 1.47 -28.40 5.47
CA VAL D 404 2.70 -29.04 5.02
C VAL D 404 3.73 -29.07 6.13
N LEU D 405 4.50 -28.00 6.26
CA LEU D 405 5.60 -27.96 7.21
C LEU D 405 5.10 -27.57 8.59
N SER D 406 5.79 -28.04 9.62
CA SER D 406 5.46 -27.69 10.99
C SER D 406 6.73 -27.74 11.83
N GLN D 407 7.03 -26.63 12.50
CA GLN D 407 8.22 -26.51 13.33
C GLN D 407 7.82 -26.28 14.77
N TYR D 408 8.55 -26.90 15.70
CA TYR D 408 8.27 -26.82 17.12
C TYR D 408 9.46 -26.22 17.85
N TYR D 409 9.18 -25.61 19.00
CA TYR D 409 10.14 -24.75 19.67
C TYR D 409 9.91 -24.79 21.17
N VAL D 410 10.99 -25.00 21.92
CA VAL D 410 10.94 -25.11 23.38
C VAL D 410 11.42 -23.80 23.98
N THR D 411 10.58 -23.19 24.82
CA THR D 411 10.94 -21.95 25.50
C THR D 411 11.80 -22.24 26.71
N ASN D 412 12.24 -21.18 27.40
CA ASN D 412 13.06 -21.35 28.59
C ASN D 412 12.27 -21.81 29.81
N ASP D 413 10.93 -21.77 29.74
CA ASP D 413 10.08 -22.23 30.82
C ASP D 413 9.44 -23.59 30.52
N ASN D 414 10.11 -24.42 29.71
CA ASN D 414 9.63 -25.75 29.34
C ASN D 414 8.23 -25.71 28.72
N CYS D 415 8.00 -24.76 27.82
CA CYS D 415 6.78 -24.70 27.05
C CYS D 415 7.05 -25.01 25.58
N LEU D 416 6.07 -25.61 24.93
CA LEU D 416 6.20 -26.08 23.55
C LEU D 416 5.31 -25.24 22.65
N SER D 417 5.92 -24.50 21.73
CA SER D 417 5.19 -23.72 20.75
C SER D 417 5.25 -24.41 19.38
N CYS D 418 4.33 -24.03 18.50
CA CYS D 418 4.20 -24.68 17.20
C CYS D 418 3.97 -23.65 16.12
N ASN D 419 4.67 -23.81 15.00
CA ASN D 419 4.46 -23.02 13.80
C ASN D 419 4.07 -23.94 12.66
N LEU D 420 3.05 -23.55 11.90
CA LEU D 420 2.56 -24.33 10.78
C LEU D 420 2.49 -23.45 9.55
N TYR D 421 2.91 -24.01 8.41
CA TYR D 421 2.69 -23.37 7.12
C TYR D 421 1.71 -24.21 6.31
N GLN D 422 0.63 -23.58 5.88
CA GLN D 422 -0.42 -24.25 5.11
C GLN D 422 -0.50 -23.61 3.74
N ARG D 423 -0.44 -24.44 2.69
CA ARG D 423 -0.44 -23.92 1.33
C ARG D 423 -1.81 -23.40 0.93
N SER D 424 -2.87 -23.93 1.50
CA SER D 424 -4.22 -23.50 1.17
C SER D 424 -5.15 -23.78 2.35
N CYS D 425 -5.93 -22.78 2.73
CA CYS D 425 -6.86 -22.88 3.84
C CYS D 425 -8.29 -22.75 3.32
N ASP D 426 -9.12 -23.76 3.62
CA ASP D 426 -10.55 -23.68 3.32
C ASP D 426 -11.23 -23.04 4.52
N LEU D 427 -11.18 -21.71 4.56
CA LEU D 427 -11.80 -20.96 5.64
C LEU D 427 -13.28 -21.27 5.71
N GLY D 428 -13.72 -21.79 6.86
CA GLY D 428 -15.09 -22.22 7.07
C GLY D 428 -15.23 -23.72 7.26
N LEU D 429 -14.35 -24.51 6.64
CA LEU D 429 -14.40 -25.95 6.77
C LEU D 429 -13.07 -26.56 7.17
N GLY D 430 -11.95 -26.01 6.70
CA GLY D 430 -10.65 -26.59 6.96
C GLY D 430 -9.83 -25.82 7.97
N SER D 431 -9.99 -24.48 8.00
CA SER D 431 -9.23 -23.68 8.95
C SER D 431 -9.62 -23.95 10.39
N PRO D 432 -10.91 -23.96 10.78
CA PRO D 432 -11.23 -24.30 12.18
C PRO D 432 -10.73 -25.66 12.60
N PHE D 433 -10.71 -26.64 11.68
CA PHE D 433 -10.19 -27.96 12.01
C PHE D 433 -8.67 -27.92 12.18
N ASN D 434 -7.97 -27.22 11.29
CA ASN D 434 -6.51 -27.21 11.36
C ASN D 434 -6.01 -26.43 12.57
N ILE D 435 -6.79 -25.48 13.07
CA ILE D 435 -6.40 -24.77 14.28
C ILE D 435 -6.42 -25.70 15.48
N ALA D 436 -7.51 -26.43 15.66
CA ALA D 436 -7.63 -27.34 16.81
C ALA D 436 -6.77 -28.58 16.63
N SER D 437 -6.64 -29.07 15.40
CA SER D 437 -5.89 -30.31 15.15
C SER D 437 -4.44 -30.16 15.58
N TYR D 438 -3.78 -29.07 15.16
CA TYR D 438 -2.40 -28.84 15.57
C TYR D 438 -2.29 -28.30 16.98
N ALA D 439 -3.38 -27.77 17.53
CA ALA D 439 -3.37 -27.42 18.95
C ALA D 439 -3.37 -28.68 19.82
N ILE D 440 -4.21 -29.66 19.47
CA ILE D 440 -4.21 -30.93 20.17
C ILE D 440 -2.89 -31.67 19.95
N LEU D 441 -2.38 -31.62 18.72
CA LEU D 441 -1.11 -32.29 18.42
C LEU D 441 0.04 -31.70 19.23
N THR D 442 0.03 -30.38 19.42
CA THR D 442 1.06 -29.75 20.24
C THR D 442 0.95 -30.19 21.70
N MET D 443 -0.28 -30.31 22.21
CA MET D 443 -0.47 -30.73 23.59
C MET D 443 -0.05 -32.18 23.79
N MET D 444 -0.32 -33.04 22.80
CA MET D 444 0.12 -34.43 22.88
C MET D 444 1.65 -34.51 22.94
N LEU D 445 2.33 -33.73 22.11
CA LEU D 445 3.79 -33.70 22.17
C LEU D 445 4.29 -33.12 23.49
N ALA D 446 3.55 -32.19 24.07
CA ALA D 446 3.97 -31.58 25.33
C ALA D 446 3.90 -32.57 26.48
N GLN D 447 2.87 -33.43 26.49
CA GLN D 447 2.73 -34.38 27.58
C GLN D 447 3.76 -35.51 27.48
N VAL D 448 3.95 -36.05 26.28
CA VAL D 448 4.88 -37.16 26.10
C VAL D 448 6.31 -36.71 26.38
N CYS D 449 6.65 -35.48 25.99
CA CYS D 449 7.99 -34.95 26.20
C CYS D 449 8.16 -34.27 27.56
N GLY D 450 7.07 -33.96 28.26
CA GLY D 450 7.16 -33.35 29.57
C GLY D 450 7.15 -31.84 29.61
N TYR D 451 6.65 -31.19 28.56
CA TYR D 451 6.57 -29.74 28.48
C TYR D 451 5.12 -29.29 28.65
N GLU D 452 4.89 -27.99 28.51
CA GLU D 452 3.57 -27.39 28.56
C GLU D 452 3.24 -26.74 27.23
N PRO D 453 1.95 -26.63 26.89
CA PRO D 453 1.58 -25.97 25.64
C PRO D 453 1.90 -24.47 25.68
N GLY D 454 2.38 -23.95 24.55
CA GLY D 454 2.74 -22.56 24.45
C GLY D 454 1.88 -21.79 23.48
N GLU D 455 2.50 -21.28 22.41
CA GLU D 455 1.80 -20.52 21.39
C GLU D 455 1.63 -21.35 20.13
N LEU D 456 0.65 -20.95 19.31
CA LEU D 456 0.39 -21.59 18.03
C LEU D 456 0.30 -20.51 16.96
N ALA D 457 1.12 -20.63 15.92
CA ALA D 457 1.12 -19.71 14.80
C ALA D 457 0.89 -20.49 13.51
N ILE D 458 -0.04 -20.03 12.70
CA ILE D 458 -0.38 -20.68 11.44
C ILE D 458 -0.08 -19.68 10.31
N PHE D 459 0.78 -20.07 9.39
CA PHE D 459 1.17 -19.24 8.26
C PHE D 459 0.48 -19.78 7.01
N ILE D 460 -0.31 -18.93 6.35
CA ILE D 460 -1.20 -19.35 5.29
C ILE D 460 -0.70 -18.80 3.96
N GLY D 461 -0.80 -19.63 2.92
CA GLY D 461 -0.54 -19.19 1.56
C GLY D 461 -1.81 -18.71 0.88
N ASP D 462 -2.58 -19.64 0.32
CA ASP D 462 -3.80 -19.31 -0.43
C ASP D 462 -4.98 -19.33 0.52
N ALA D 463 -5.15 -18.23 1.26
CA ALA D 463 -6.29 -18.07 2.17
C ALA D 463 -7.51 -17.69 1.36
N HIS D 464 -8.41 -18.64 1.15
CA HIS D 464 -9.54 -18.44 0.25
C HIS D 464 -10.86 -18.76 0.95
N ILE D 465 -11.95 -18.27 0.35
CA ILE D 465 -13.30 -18.55 0.80
C ILE D 465 -14.11 -19.01 -0.41
N TYR D 466 -14.65 -20.22 -0.34
CA TYR D 466 -15.47 -20.72 -1.44
C TYR D 466 -16.79 -19.96 -1.52
N GLU D 467 -17.27 -19.78 -2.75
CA GLU D 467 -18.41 -18.90 -2.98
C GLU D 467 -19.72 -19.45 -2.44
N ASN D 468 -19.77 -20.74 -2.09
CA ASN D 468 -20.96 -21.31 -1.47
C ASN D 468 -20.93 -21.24 0.05
N HIS D 469 -19.88 -20.66 0.62
CA HIS D 469 -19.79 -20.44 2.06
C HIS D 469 -20.07 -19.00 2.46
N LEU D 470 -20.36 -18.12 1.49
CA LEU D 470 -20.50 -16.69 1.80
C LEU D 470 -21.73 -16.42 2.67
N THR D 471 -22.84 -17.11 2.41
CA THR D 471 -24.05 -16.88 3.21
C THR D 471 -23.84 -17.33 4.65
N GLN D 472 -23.09 -18.41 4.86
CA GLN D 472 -22.87 -18.91 6.22
C GLN D 472 -21.81 -18.10 6.95
N LEU D 473 -20.69 -17.80 6.28
CA LEU D 473 -19.62 -17.04 6.93
C LEU D 473 -20.07 -15.63 7.29
N LYS D 474 -21.02 -15.07 6.53
CA LYS D 474 -21.58 -13.78 6.90
C LYS D 474 -22.36 -13.86 8.22
N GLU D 475 -22.88 -15.04 8.55
CA GLU D 475 -23.56 -15.22 9.83
C GLU D 475 -22.55 -15.28 10.97
N GLN D 476 -21.42 -15.94 10.75
CA GLN D 476 -20.40 -16.04 11.80
C GLN D 476 -19.86 -14.67 12.20
N LEU D 477 -19.77 -13.73 11.26
CA LEU D 477 -19.24 -12.41 11.57
C LEU D 477 -20.24 -11.57 12.37
N SER D 478 -21.51 -11.97 12.41
CA SER D 478 -22.51 -11.27 13.20
C SER D 478 -22.50 -11.70 14.66
N ARG D 479 -21.83 -12.80 14.99
CA ARG D 479 -21.83 -13.37 16.33
C ARG D 479 -20.62 -12.88 17.10
N THR D 480 -20.86 -12.21 18.22
CA THR D 480 -19.76 -11.74 19.06
C THR D 480 -19.10 -12.93 19.74
N PRO D 481 -17.77 -12.93 19.86
CA PRO D 481 -17.08 -14.13 20.36
C PRO D 481 -17.32 -14.36 21.84
N ARG D 482 -17.06 -15.60 22.25
CA ARG D 482 -17.14 -16.06 23.63
C ARG D 482 -15.78 -16.64 24.03
N PRO D 483 -15.49 -16.71 25.34
CA PRO D 483 -14.17 -17.19 25.76
C PRO D 483 -13.90 -18.61 25.30
N PHE D 484 -12.64 -18.90 25.01
CA PHE D 484 -12.22 -20.21 24.56
C PHE D 484 -12.48 -21.25 25.65
N PRO D 485 -12.66 -22.51 25.29
CA PRO D 485 -12.81 -23.58 26.29
C PRO D 485 -11.43 -24.05 26.75
N GLN D 486 -11.45 -25.02 27.65
CA GLN D 486 -10.24 -25.66 28.16
C GLN D 486 -10.22 -27.12 27.73
N LEU D 487 -9.02 -27.62 27.40
CA LEU D 487 -8.83 -29.01 27.01
C LEU D 487 -7.83 -29.65 27.95
N LYS D 488 -8.25 -30.70 28.64
CA LYS D 488 -7.40 -31.40 29.60
C LYS D 488 -7.41 -32.89 29.30
N PHE D 489 -6.27 -33.52 29.51
CA PHE D 489 -6.14 -34.96 29.31
C PHE D 489 -6.49 -35.70 30.60
N LYS D 490 -7.15 -36.85 30.46
CA LYS D 490 -7.61 -37.61 31.60
C LYS D 490 -6.56 -38.55 32.17
N ARG D 491 -5.48 -38.83 31.43
CA ARG D 491 -4.46 -39.74 31.89
C ARG D 491 -3.18 -39.52 31.09
N LYS D 492 -2.06 -39.91 31.68
CA LYS D 492 -0.77 -39.86 31.01
C LYS D 492 -0.56 -41.13 30.20
N VAL D 493 -0.13 -40.98 28.96
CA VAL D 493 0.02 -42.08 28.02
C VAL D 493 1.48 -42.53 28.00
N GLU D 494 1.68 -43.80 27.67
CA GLU D 494 3.05 -44.33 27.60
C GLU D 494 3.76 -43.80 26.35
N ASN D 495 3.27 -44.16 25.17
CA ASN D 495 3.83 -43.63 23.93
C ASN D 495 3.11 -42.34 23.56
N ILE D 496 2.63 -42.25 22.32
CA ILE D 496 1.89 -41.07 21.87
C ILE D 496 0.66 -41.53 21.10
N GLU D 497 0.76 -42.69 20.44
CA GLU D 497 -0.34 -43.24 19.66
C GLU D 497 -1.33 -44.04 20.52
N ASP D 498 -1.33 -43.83 21.83
CA ASP D 498 -2.22 -44.54 22.74
C ASP D 498 -3.44 -43.72 23.14
N PHE D 499 -3.54 -42.47 22.67
CA PHE D 499 -4.66 -41.63 23.03
C PHE D 499 -5.98 -42.18 22.49
N LYS D 500 -7.04 -41.98 23.27
CA LYS D 500 -8.39 -42.37 22.88
C LYS D 500 -9.32 -41.19 23.12
N TRP D 501 -10.49 -41.24 22.46
CA TRP D 501 -11.45 -40.14 22.60
C TRP D 501 -11.96 -40.02 24.03
N GLU D 502 -11.98 -41.11 24.80
CA GLU D 502 -12.43 -41.05 26.18
C GLU D 502 -11.45 -40.31 27.08
N ASP D 503 -10.19 -40.18 26.66
CA ASP D 503 -9.17 -39.51 27.46
C ASP D 503 -9.22 -37.99 27.32
N ILE D 504 -10.22 -37.45 26.63
CA ILE D 504 -10.30 -36.02 26.33
C ILE D 504 -11.48 -35.43 27.09
N GLU D 505 -11.23 -34.34 27.80
CA GLU D 505 -12.28 -33.61 28.52
C GLU D 505 -12.30 -32.17 28.02
N LEU D 506 -13.41 -31.78 27.41
CA LEU D 506 -13.63 -30.42 26.95
C LEU D 506 -14.43 -29.68 28.02
N ILE D 507 -13.84 -28.63 28.58
CA ILE D 507 -14.37 -27.96 29.75
C ILE D 507 -14.77 -26.53 29.38
N GLY D 508 -16.04 -26.20 29.57
CA GLY D 508 -16.52 -24.85 29.39
C GLY D 508 -16.59 -24.41 27.94
N TYR D 509 -17.25 -25.21 27.10
CA TYR D 509 -17.42 -24.91 25.69
C TYR D 509 -18.90 -24.64 25.43
N TYR D 510 -19.25 -23.37 25.28
CA TYR D 510 -20.63 -22.94 25.04
C TYR D 510 -20.67 -22.11 23.76
N PRO D 511 -20.55 -22.75 22.60
CA PRO D 511 -20.44 -22.02 21.34
C PRO D 511 -21.82 -21.64 20.79
N TYR D 512 -21.79 -20.95 19.65
CA TYR D 512 -23.00 -20.63 18.92
C TYR D 512 -23.46 -21.83 18.10
N PRO D 513 -24.72 -21.85 17.66
CA PRO D 513 -25.20 -23.00 16.88
C PRO D 513 -24.37 -23.26 15.64
N THR D 514 -24.21 -24.54 15.32
CA THR D 514 -23.42 -24.93 14.16
C THR D 514 -24.11 -24.51 12.87
N ILE D 515 -23.31 -24.12 11.89
CA ILE D 515 -23.81 -23.73 10.57
C ILE D 515 -23.22 -24.68 9.54
N LYS D 516 -24.08 -25.24 8.70
CA LYS D 516 -23.68 -26.27 7.76
C LYS D 516 -23.08 -25.64 6.51
N MET D 517 -21.92 -26.15 6.09
CA MET D 517 -21.27 -25.73 4.85
C MET D 517 -20.85 -26.97 4.07
N ASP D 518 -21.03 -26.92 2.75
CA ASP D 518 -20.74 -28.04 1.89
C ASP D 518 -19.28 -28.04 1.45
N MET D 519 -18.70 -29.24 1.40
CA MET D 519 -17.30 -29.37 1.01
C MET D 519 -17.16 -29.36 -0.51
N ALA D 520 -16.22 -28.56 -1.01
CA ALA D 520 -15.90 -28.54 -2.43
C ALA D 520 -15.04 -29.76 -2.74
N VAL D 521 -15.67 -30.80 -3.29
CA VAL D 521 -14.99 -32.05 -3.60
C VAL D 521 -13.97 -31.85 -4.71
N GLU E 3 29.50 -1.31 57.28
CA GLU E 3 28.80 -2.49 57.77
C GLU E 3 27.33 -2.47 57.39
N LYS E 4 26.94 -3.39 56.52
CA LYS E 4 25.57 -3.53 56.06
C LYS E 4 25.21 -5.00 55.98
N ASN E 5 23.92 -5.28 55.97
CA ASN E 5 23.45 -6.66 55.96
C ASN E 5 23.78 -7.30 54.62
N VAL E 6 24.36 -8.50 54.66
CA VAL E 6 24.70 -9.27 53.47
C VAL E 6 24.04 -10.64 53.64
N SER E 7 22.88 -10.82 53.02
CA SER E 7 22.09 -12.03 53.16
C SER E 7 22.26 -12.95 51.96
N ILE E 8 21.86 -14.21 52.15
CA ILE E 8 21.86 -15.21 51.09
C ILE E 8 20.42 -15.65 50.86
N VAL E 9 19.98 -15.57 49.62
CA VAL E 9 18.67 -16.08 49.20
C VAL E 9 18.90 -17.30 48.32
N VAL E 10 18.26 -18.41 48.68
CA VAL E 10 18.47 -19.67 47.99
C VAL E 10 17.23 -20.54 48.18
N ALA E 11 16.95 -21.39 47.19
CA ALA E 11 15.89 -22.38 47.27
C ALA E 11 16.50 -23.72 46.90
N ALA E 12 16.75 -24.56 47.91
CA ALA E 12 17.44 -25.83 47.72
C ALA E 12 16.51 -26.98 48.09
N SER E 13 16.94 -28.19 47.72
CA SER E 13 16.17 -29.38 48.03
C SER E 13 16.19 -29.66 49.53
N VAL E 14 15.24 -30.48 49.97
CA VAL E 14 15.06 -30.67 51.41
C VAL E 14 16.17 -31.53 52.00
N LEU E 15 16.62 -32.54 51.26
CA LEU E 15 17.62 -33.47 51.80
C LEU E 15 19.00 -33.21 51.23
N SER E 16 19.17 -33.43 49.93
CA SER E 16 20.46 -33.25 49.28
C SER E 16 20.84 -31.80 49.05
N SER E 17 19.88 -30.87 49.18
CA SER E 17 20.11 -29.44 48.98
C SER E 17 20.61 -29.16 47.56
N GLY E 18 19.80 -29.55 46.59
CA GLY E 18 20.15 -29.35 45.19
C GLY E 18 19.53 -28.07 44.65
N ILE E 19 20.26 -27.40 43.76
CA ILE E 19 19.81 -26.14 43.18
C ILE E 19 20.09 -26.12 41.69
N GLY E 20 19.09 -26.50 40.89
CA GLY E 20 19.23 -26.40 39.44
C GLY E 20 19.78 -27.67 38.82
N ILE E 21 19.35 -27.93 37.59
CA ILE E 21 19.82 -29.07 36.82
C ILE E 21 19.92 -28.65 35.36
N ASN E 22 21.06 -28.97 34.74
CA ASN E 22 21.31 -28.69 33.31
C ASN E 22 21.03 -27.23 32.98
N GLY E 23 21.52 -26.33 33.82
CA GLY E 23 21.39 -24.91 33.59
C GLY E 23 20.03 -24.31 33.89
N GLN E 24 19.08 -25.10 34.37
CA GLN E 24 17.75 -24.59 34.70
C GLN E 24 17.31 -25.15 36.05
N LEU E 25 16.22 -24.61 36.56
CA LEU E 25 15.69 -25.03 37.85
C LEU E 25 14.93 -26.35 37.72
N PRO E 26 14.98 -27.20 38.74
CA PRO E 26 14.20 -28.44 38.73
C PRO E 26 12.77 -28.30 39.24
N TRP E 27 12.28 -27.08 39.39
CA TRP E 27 10.90 -26.83 39.79
C TRP E 27 10.46 -25.46 39.27
N SER E 28 9.15 -25.27 39.20
CA SER E 28 8.56 -24.00 38.78
C SER E 28 7.53 -23.59 39.83
N ILE E 29 7.98 -22.91 40.86
CA ILE E 29 7.12 -22.44 41.95
C ILE E 29 7.01 -20.93 41.83
N SER E 30 5.81 -20.45 41.50
CA SER E 30 5.61 -19.02 41.26
C SER E 30 5.72 -18.22 42.55
N GLU E 31 5.18 -18.74 43.65
CA GLU E 31 5.21 -18.01 44.91
C GLU E 31 6.63 -17.84 45.42
N ASP E 32 7.53 -18.77 45.10
CA ASP E 32 8.92 -18.64 45.52
C ASP E 32 9.60 -17.49 44.79
N LEU E 33 9.35 -17.35 43.49
CA LEU E 33 9.91 -16.22 42.74
C LEU E 33 9.36 -14.90 43.26
N LYS E 34 8.06 -14.86 43.58
CA LYS E 34 7.49 -13.66 44.18
C LYS E 34 8.13 -13.34 45.53
N PHE E 35 8.53 -14.37 46.27
CA PHE E 35 9.25 -14.15 47.52
C PHE E 35 10.63 -13.57 47.24
N PHE E 36 11.33 -14.10 46.22
CA PHE E 36 12.61 -13.55 45.83
C PHE E 36 12.49 -12.10 45.38
N SER E 37 11.38 -11.75 44.75
CA SER E 37 11.19 -10.38 44.27
C SER E 37 10.94 -9.42 45.44
N LYS E 38 10.08 -9.80 46.37
CA LYS E 38 9.76 -8.92 47.49
C LYS E 38 10.92 -8.82 48.48
N ILE E 39 11.72 -9.87 48.60
CA ILE E 39 12.79 -9.86 49.58
C ILE E 39 13.98 -9.02 49.13
N THR E 40 14.17 -8.85 47.82
CA THR E 40 15.29 -8.07 47.31
C THR E 40 14.92 -6.62 47.02
N ASN E 41 13.66 -6.24 47.20
CA ASN E 41 13.21 -4.86 47.05
C ASN E 41 12.80 -4.24 48.39
N ASN E 42 13.43 -4.68 49.48
CA ASN E 42 13.10 -4.19 50.82
C ASN E 42 14.10 -3.09 51.16
N LYS E 43 13.78 -1.86 50.75
CA LYS E 43 14.62 -0.70 51.00
C LYS E 43 13.92 0.24 51.98
N CYS E 44 14.68 0.83 52.89
CA CYS E 44 14.14 1.78 53.85
C CYS E 44 14.23 3.22 53.35
N ASP E 45 15.28 3.56 52.60
CA ASP E 45 15.42 4.88 52.02
C ASP E 45 14.81 4.90 50.62
N SER E 46 14.83 6.07 49.98
CA SER E 46 14.25 6.25 48.66
C SER E 46 15.32 6.19 47.57
N ASN E 47 16.28 7.12 47.59
CA ASN E 47 17.36 7.14 46.62
C ASN E 47 18.44 6.12 47.01
N LYS E 48 18.03 4.86 47.06
CA LYS E 48 18.93 3.76 47.36
C LYS E 48 18.34 2.48 46.80
N LYS E 49 19.21 1.58 46.36
CA LYS E 49 18.80 0.33 45.75
C LYS E 49 19.64 -0.81 46.31
N ASN E 50 19.05 -2.00 46.32
CA ASN E 50 19.75 -3.19 46.78
C ASN E 50 20.64 -3.75 45.67
N ALA E 51 21.58 -4.61 46.06
CA ALA E 51 22.55 -5.19 45.15
C ALA E 51 22.45 -6.71 45.19
N LEU E 52 22.33 -7.33 44.02
CA LEU E 52 22.26 -8.77 43.89
C LEU E 52 23.53 -9.29 43.24
N ILE E 53 24.14 -10.32 43.86
CA ILE E 53 25.39 -10.90 43.40
C ILE E 53 25.09 -12.29 42.87
N MET E 54 25.61 -12.60 41.67
CA MET E 54 25.40 -13.89 41.06
C MET E 54 26.57 -14.22 40.14
N GLY E 55 26.70 -15.51 39.82
CA GLY E 55 27.74 -15.95 38.91
C GLY E 55 27.35 -15.83 37.45
N ARG E 56 28.32 -16.12 36.58
CA ARG E 56 28.08 -16.01 35.14
C ARG E 56 27.04 -17.04 34.68
N LYS E 57 27.19 -18.30 35.10
CA LYS E 57 26.26 -19.34 34.69
C LYS E 57 24.84 -19.05 35.17
N THR E 58 24.70 -18.34 36.30
CA THR E 58 23.39 -17.89 36.74
C THR E 58 22.91 -16.69 35.94
N TRP E 59 23.84 -15.77 35.62
CA TRP E 59 23.51 -14.63 34.77
C TRP E 59 22.98 -15.09 33.42
N ASP E 60 23.51 -16.20 32.89
CA ASP E 60 23.00 -16.75 31.64
C ASP E 60 21.61 -17.35 31.82
N SER E 61 21.35 -17.97 32.98
CA SER E 61 20.10 -18.69 33.18
C SER E 61 18.91 -17.74 33.31
N ILE E 62 19.15 -16.50 33.74
CA ILE E 62 18.07 -15.52 33.90
C ILE E 62 17.86 -14.67 32.66
N GLY E 63 18.62 -14.90 31.59
CA GLY E 63 18.43 -14.21 30.34
C GLY E 63 19.30 -12.99 30.11
N ARG E 64 20.26 -12.73 31.00
CA ARG E 64 21.16 -11.58 30.88
C ARG E 64 20.40 -10.27 30.77
N ARG E 65 19.37 -10.10 31.59
CA ARG E 65 18.59 -8.88 31.65
C ARG E 65 18.45 -8.43 33.10
N PRO E 66 18.53 -7.13 33.36
CA PRO E 66 18.48 -6.64 34.74
C PRO E 66 17.10 -6.84 35.35
N LEU E 67 17.04 -6.62 36.65
CA LEU E 67 15.81 -6.71 37.42
C LEU E 67 15.37 -5.32 37.87
N LYS E 68 14.11 -5.22 38.27
CA LYS E 68 13.49 -3.94 38.56
C LYS E 68 14.17 -3.23 39.73
N ASN E 69 14.86 -2.12 39.43
CA ASN E 69 15.50 -1.24 40.41
C ASN E 69 16.40 -2.02 41.37
N ARG E 70 17.15 -2.97 40.81
CA ARG E 70 18.16 -3.72 41.55
C ARG E 70 19.41 -3.82 40.71
N ILE E 71 20.55 -3.44 41.28
CA ILE E 71 21.83 -3.55 40.59
C ILE E 71 22.32 -4.99 40.68
N ILE E 72 22.58 -5.60 39.53
CA ILE E 72 23.04 -6.99 39.45
C ILE E 72 24.56 -6.98 39.32
N VAL E 73 25.24 -7.70 40.21
CA VAL E 73 26.70 -7.82 40.20
C VAL E 73 27.04 -9.23 39.73
N VAL E 74 27.74 -9.31 38.60
CA VAL E 74 28.11 -10.58 37.99
C VAL E 74 29.58 -10.86 38.29
N ILE E 75 29.86 -12.07 38.79
CA ILE E 75 31.21 -12.50 39.11
C ILE E 75 31.65 -13.43 37.98
N SER E 76 32.41 -12.89 37.03
CA SER E 76 32.86 -13.65 35.87
C SER E 76 34.27 -13.25 35.50
N SER E 77 35.05 -14.23 35.04
CA SER E 77 36.43 -14.00 34.60
C SER E 77 36.55 -13.90 33.08
N SER E 78 35.43 -13.76 32.36
CA SER E 78 35.46 -13.73 30.90
C SER E 78 34.62 -12.60 30.36
N LEU E 79 33.58 -12.21 31.09
CA LEU E 79 32.71 -11.14 30.62
C LEU E 79 33.44 -9.81 30.66
N PRO E 80 33.29 -8.98 29.63
CA PRO E 80 33.94 -7.66 29.65
C PRO E 80 33.18 -6.68 30.51
N GLN E 81 33.92 -5.87 31.25
CA GLN E 81 33.28 -4.87 32.11
C GLN E 81 32.58 -3.83 31.26
N ASP E 82 31.33 -4.13 30.89
CA ASP E 82 30.54 -3.26 30.04
C ASP E 82 30.15 -2.00 30.80
N GLU E 83 30.74 -0.86 30.42
CA GLU E 83 30.42 0.42 31.04
C GLU E 83 29.09 0.98 30.56
N ALA E 84 28.45 0.35 29.57
CA ALA E 84 27.21 0.88 29.03
C ALA E 84 26.04 0.70 29.98
N ASP E 85 25.81 -0.53 30.44
CA ASP E 85 24.68 -0.80 31.31
C ASP E 85 24.98 -0.36 32.73
N PRO E 86 24.24 0.61 33.28
CA PRO E 86 24.52 1.05 34.65
C PRO E 86 23.83 0.20 35.72
N ASN E 87 22.86 -0.63 35.35
CA ASN E 87 22.18 -1.49 36.31
C ASN E 87 22.81 -2.88 36.41
N VAL E 88 23.90 -3.13 35.67
CA VAL E 88 24.61 -4.39 35.69
C VAL E 88 26.10 -4.10 35.67
N VAL E 89 26.83 -4.64 36.64
CA VAL E 89 28.26 -4.43 36.75
C VAL E 89 28.94 -5.78 36.90
N VAL E 90 30.15 -5.90 36.38
CA VAL E 90 30.90 -7.14 36.34
C VAL E 90 32.19 -6.96 37.14
N PHE E 91 32.46 -7.89 38.05
CA PHE E 91 33.70 -7.92 38.80
C PHE E 91 34.45 -9.21 38.49
N ARG E 92 35.78 -9.14 38.58
CA ARG E 92 36.61 -10.29 38.19
C ARG E 92 36.59 -11.41 39.24
N ASN E 93 36.38 -11.07 40.51
CA ASN E 93 36.33 -12.08 41.55
C ASN E 93 35.40 -11.59 42.67
N LEU E 94 35.00 -12.54 43.52
CA LEU E 94 34.04 -12.22 44.57
C LEU E 94 34.67 -11.38 45.67
N GLU E 95 35.94 -11.63 46.00
CA GLU E 95 36.61 -10.87 47.06
C GLU E 95 36.71 -9.39 46.71
N ASP E 96 37.15 -9.09 45.48
CA ASP E 96 37.29 -7.70 45.04
C ASP E 96 35.95 -6.98 44.93
N SER E 97 34.84 -7.72 44.75
CA SER E 97 33.55 -7.09 44.53
C SER E 97 32.96 -6.48 45.80
N ILE E 98 33.45 -6.87 46.97
CA ILE E 98 32.91 -6.38 48.24
C ILE E 98 33.81 -5.26 48.74
N GLU E 99 33.52 -4.03 48.31
CA GLU E 99 34.17 -2.84 48.83
C GLU E 99 33.18 -1.72 49.14
N ASN E 100 31.90 -1.89 48.81
CA ASN E 100 30.85 -0.90 49.02
C ASN E 100 30.31 -0.85 50.46
N LEU E 101 31.16 -1.07 51.46
CA LEU E 101 30.73 -1.00 52.85
C LEU E 101 31.21 0.24 53.57
N MET E 102 32.47 0.63 53.37
CA MET E 102 32.95 1.90 53.91
C MET E 102 32.60 3.07 53.00
N ASN E 103 32.34 2.81 51.72
CA ASN E 103 31.95 3.82 50.76
C ASN E 103 30.69 3.40 50.02
N ASP E 104 30.31 4.17 49.00
CA ASP E 104 29.12 3.91 48.18
C ASP E 104 27.89 3.67 49.07
N ASP E 105 27.42 4.77 49.66
CA ASP E 105 26.22 4.73 50.50
C ASP E 105 24.98 4.37 49.69
N SER E 106 25.00 4.61 48.37
CA SER E 106 23.85 4.34 47.52
C SER E 106 23.33 2.92 47.69
N ILE E 107 24.23 1.95 47.85
CA ILE E 107 23.83 0.56 48.03
C ILE E 107 23.42 0.37 49.48
N GLU E 108 22.15 0.01 49.70
CA GLU E 108 21.65 -0.19 51.06
C GLU E 108 21.99 -1.58 51.59
N ASN E 109 21.38 -2.60 50.99
CA ASN E 109 21.61 -3.99 51.38
C ASN E 109 22.24 -4.76 50.25
N ILE E 110 22.85 -5.89 50.60
CA ILE E 110 23.52 -6.78 49.65
C ILE E 110 22.92 -8.17 49.78
N PHE E 111 22.63 -8.80 48.64
CA PHE E 111 22.07 -10.15 48.62
C PHE E 111 22.93 -11.03 47.73
N VAL E 112 23.26 -12.22 48.22
CA VAL E 112 24.04 -13.20 47.47
C VAL E 112 23.08 -14.30 47.04
N CYS E 113 22.94 -14.48 45.72
CA CYS E 113 22.01 -15.47 45.19
C CYS E 113 22.57 -16.20 43.97
N GLY E 114 23.90 -16.26 43.83
CA GLY E 114 24.52 -16.94 42.72
C GLY E 114 24.41 -18.45 42.78
N GLY E 115 25.32 -19.15 42.11
CA GLY E 115 25.32 -20.59 42.08
C GLY E 115 26.14 -21.20 43.20
N GLU E 116 26.45 -22.49 43.02
CA GLU E 116 27.26 -23.20 44.02
C GLU E 116 28.65 -22.59 44.13
N SER E 117 29.25 -22.20 43.00
CA SER E 117 30.59 -21.61 43.04
C SER E 117 30.61 -20.30 43.81
N ILE E 118 29.52 -19.54 43.76
CA ILE E 118 29.47 -18.27 44.48
C ILE E 118 28.98 -18.46 45.92
N TYR E 119 28.07 -19.42 46.14
CA TYR E 119 27.60 -19.69 47.50
C TYR E 119 28.74 -20.19 48.37
N ARG E 120 29.52 -21.15 47.85
CA ARG E 120 30.60 -21.74 48.63
C ARG E 120 31.68 -20.71 48.96
N ASP E 121 32.05 -19.88 47.98
CA ASP E 121 33.07 -18.87 48.23
C ASP E 121 32.56 -17.75 49.13
N ALA E 122 31.24 -17.53 49.18
CA ALA E 122 30.68 -16.52 50.07
C ALA E 122 30.67 -16.98 51.52
N LEU E 123 30.54 -18.28 51.74
CA LEU E 123 30.55 -18.80 53.11
C LEU E 123 31.96 -19.00 53.63
N LYS E 124 32.88 -19.47 52.77
CA LYS E 124 34.25 -19.70 53.19
C LYS E 124 34.97 -18.41 53.60
N ASP E 125 34.55 -17.27 53.08
CA ASP E 125 35.15 -15.99 53.40
C ASP E 125 34.44 -15.24 54.52
N ASN E 126 33.37 -15.81 55.09
CA ASN E 126 32.65 -15.21 56.21
C ASN E 126 32.13 -13.82 55.87
N PHE E 127 31.48 -13.71 54.70
CA PHE E 127 30.82 -12.48 54.29
C PHE E 127 29.32 -12.48 54.55
N VAL E 128 28.74 -13.62 54.90
CA VAL E 128 27.30 -13.78 54.98
C VAL E 128 26.85 -13.52 56.41
N ASP E 129 25.84 -12.66 56.55
CA ASP E 129 25.25 -12.37 57.85
C ASP E 129 23.91 -13.07 58.08
N ARG E 130 23.29 -13.59 57.04
CA ARG E 130 21.94 -14.13 57.14
C ARG E 130 21.66 -14.98 55.92
N ILE E 131 20.84 -16.02 56.09
CA ILE E 131 20.51 -16.95 55.02
C ILE E 131 19.01 -17.12 54.97
N TYR E 132 18.42 -16.86 53.80
CA TYR E 132 17.01 -17.13 53.54
C TYR E 132 16.92 -18.40 52.71
N LEU E 133 16.47 -19.49 53.35
CA LEU E 133 16.42 -20.80 52.71
C LEU E 133 14.97 -21.17 52.40
N THR E 134 14.75 -21.68 51.19
CA THR E 134 13.45 -22.21 50.77
C THR E 134 13.64 -23.70 50.48
N ARG E 135 13.13 -24.55 51.38
CA ARG E 135 13.31 -25.99 51.26
C ARG E 135 12.17 -26.56 50.40
N VAL E 136 12.54 -27.17 49.28
CA VAL E 136 11.58 -27.78 48.37
C VAL E 136 11.61 -29.29 48.56
N ALA E 137 10.43 -29.91 48.65
CA ALA E 137 10.34 -31.34 48.92
C ALA E 137 10.37 -32.12 47.60
N LEU E 138 11.57 -32.19 47.03
CA LEU E 138 11.81 -32.93 45.79
C LEU E 138 13.18 -33.59 45.88
N GLU E 139 13.20 -34.93 45.84
CA GLU E 139 14.46 -35.67 45.93
C GLU E 139 14.56 -36.85 44.98
N ASP E 140 13.44 -37.38 44.45
CA ASP E 140 13.46 -38.51 43.53
C ASP E 140 13.88 -38.12 42.13
N ILE E 141 14.57 -36.99 41.97
CA ILE E 141 15.02 -36.52 40.66
C ILE E 141 16.55 -36.49 40.66
N GLU E 142 17.11 -35.83 39.65
CA GLU E 142 18.55 -35.73 39.47
C GLU E 142 18.97 -34.27 39.48
N PHE E 143 20.05 -33.98 40.19
CA PHE E 143 20.62 -32.65 40.25
C PHE E 143 22.00 -32.65 39.61
N ASP E 144 22.61 -31.48 39.53
CA ASP E 144 23.98 -31.35 39.04
C ASP E 144 24.69 -30.22 39.78
N THR E 145 23.92 -29.32 40.39
CA THR E 145 24.44 -28.23 41.19
C THR E 145 23.72 -28.22 42.53
N TYR E 146 24.47 -28.35 43.61
CA TYR E 146 23.91 -28.43 44.95
C TYR E 146 24.29 -27.20 45.77
N PHE E 147 23.64 -27.06 46.92
CA PHE E 147 23.92 -25.97 47.86
C PHE E 147 24.83 -26.48 48.97
N PRO E 148 25.91 -25.77 49.29
CA PRO E 148 26.82 -26.26 50.33
C PRO E 148 26.14 -26.33 51.69
N GLU E 149 26.55 -27.32 52.47
CA GLU E 149 25.99 -27.50 53.81
C GLU E 149 26.26 -26.27 54.67
N ILE E 150 25.23 -25.83 55.39
CA ILE E 150 25.35 -24.63 56.22
C ILE E 150 26.34 -24.89 57.35
N PRO E 151 27.34 -24.02 57.55
CA PRO E 151 28.29 -24.23 58.65
C PRO E 151 27.61 -24.10 60.01
N GLU E 152 28.31 -24.59 61.03
CA GLU E 152 27.78 -24.58 62.39
C GLU E 152 27.62 -23.18 62.96
N THR E 153 28.23 -22.17 62.34
CA THR E 153 28.17 -20.80 62.85
C THR E 153 26.79 -20.17 62.66
N PHE E 154 25.92 -20.76 61.86
CA PHE E 154 24.58 -20.26 61.63
C PHE E 154 23.57 -21.03 62.46
N LEU E 155 22.53 -20.31 62.92
CA LEU E 155 21.48 -20.89 63.74
C LEU E 155 20.12 -20.61 63.13
N PRO E 156 19.21 -21.59 63.14
CA PRO E 156 17.86 -21.35 62.62
C PRO E 156 17.10 -20.37 63.50
N VAL E 157 16.48 -19.37 62.87
CA VAL E 157 15.69 -18.39 63.59
C VAL E 157 14.22 -18.41 63.22
N TYR E 158 13.85 -18.89 62.03
CA TYR E 158 12.47 -18.88 61.59
C TYR E 158 12.21 -20.11 60.71
N MET E 159 10.99 -20.63 60.79
CA MET E 159 10.55 -21.71 59.93
C MET E 159 9.08 -21.50 59.62
N SER E 160 8.75 -21.21 58.37
CA SER E 160 7.41 -20.85 57.97
C SER E 160 6.51 -22.08 57.91
N GLN E 161 5.22 -21.83 57.67
CA GLN E 161 4.26 -22.89 57.44
C GLN E 161 4.55 -23.59 56.11
N THR E 162 4.13 -24.85 56.02
CA THR E 162 4.31 -25.61 54.79
C THR E 162 3.29 -25.12 53.75
N PHE E 163 3.79 -24.70 52.59
CA PHE E 163 2.94 -24.22 51.50
C PHE E 163 2.83 -25.31 50.44
N CYS E 164 2.07 -25.00 49.37
CA CYS E 164 1.84 -25.96 48.31
C CYS E 164 1.67 -25.23 46.99
N THR E 165 2.29 -25.78 45.95
CA THR E 165 2.15 -25.26 44.60
C THR E 165 2.34 -26.42 43.63
N LYS E 166 1.28 -26.75 42.88
CA LYS E 166 1.29 -27.90 41.97
C LYS E 166 1.65 -29.17 42.73
N ASN E 167 1.07 -29.34 43.92
CA ASN E 167 1.31 -30.50 44.77
C ASN E 167 2.78 -30.65 45.15
N ILE E 168 3.40 -29.53 45.51
CA ILE E 168 4.80 -29.51 45.95
C ILE E 168 4.87 -28.70 47.23
N SER E 169 5.34 -29.32 48.31
CA SER E 169 5.45 -28.66 49.60
C SER E 169 6.79 -27.95 49.73
N TYR E 170 6.78 -26.77 50.34
CA TYR E 170 7.99 -26.00 50.52
C TYR E 170 7.85 -25.08 51.73
N ASP E 171 8.98 -24.83 52.40
CA ASP E 171 9.06 -24.01 53.59
C ASP E 171 9.90 -22.77 53.31
N PHE E 172 9.92 -21.87 54.29
CA PHE E 172 10.79 -20.70 54.28
C PHE E 172 11.46 -20.58 55.64
N MET E 173 12.78 -20.57 55.65
CA MET E 173 13.55 -20.48 56.88
C MET E 173 14.54 -19.32 56.80
N ILE E 174 14.93 -18.83 57.98
CA ILE E 174 15.93 -17.77 58.10
C ILE E 174 17.03 -18.27 59.03
N PHE E 175 18.28 -18.05 58.63
CA PHE E 175 19.45 -18.46 59.40
C PHE E 175 20.31 -17.22 59.66
N GLU E 176 20.35 -16.78 60.91
CA GLU E 176 21.21 -15.67 61.29
C GLU E 176 22.50 -16.19 61.92
N LYS E 177 23.55 -15.38 61.81
CA LYS E 177 24.87 -15.74 62.32
C LYS E 177 24.99 -15.22 63.75
N GLN E 178 24.85 -16.13 64.71
CA GLN E 178 24.92 -15.76 66.13
C GLN E 178 26.37 -15.73 66.62
N LEU E 193 11.02 -7.35 77.53
CA LEU E 193 11.99 -6.52 78.24
C LEU E 193 12.49 -7.25 79.49
N LYS E 194 13.40 -6.59 80.22
CA LYS E 194 14.03 -7.18 81.39
C LYS E 194 13.38 -6.76 82.71
N SER E 195 12.35 -5.92 82.67
CA SER E 195 11.74 -5.42 83.89
C SER E 195 10.60 -6.30 84.41
N ILE E 196 9.87 -6.97 83.51
CA ILE E 196 8.76 -7.80 83.95
C ILE E 196 9.26 -9.13 84.49
N ASP E 197 10.35 -9.67 83.92
CA ASP E 197 10.88 -10.95 84.36
C ASP E 197 11.35 -10.90 85.80
N ASP E 198 11.88 -9.75 86.24
CA ASP E 198 12.36 -9.59 87.60
C ASP E 198 11.23 -9.37 88.60
N THR E 199 9.99 -9.56 88.18
CA THR E 199 8.82 -9.48 89.05
C THR E 199 8.03 -10.77 89.07
N VAL E 200 7.83 -11.40 87.92
CA VAL E 200 7.20 -12.72 87.88
C VAL E 200 8.09 -13.75 88.56
N ASP E 201 9.41 -13.60 88.44
CA ASP E 201 10.32 -14.52 89.13
C ASP E 201 10.24 -14.33 90.64
N LEU E 202 10.06 -13.09 91.11
CA LEU E 202 9.92 -12.86 92.54
C LEU E 202 8.63 -13.47 93.06
N LEU E 203 7.52 -13.30 92.32
CA LEU E 203 6.28 -13.95 92.70
C LEU E 203 6.36 -15.47 92.58
N GLY E 204 7.25 -15.98 91.73
CA GLY E 204 7.47 -17.42 91.66
C GLY E 204 8.26 -17.97 92.83
N GLU E 205 9.00 -17.12 93.53
CA GLU E 205 9.69 -17.55 94.75
C GLU E 205 8.77 -17.52 95.96
N ILE E 206 7.94 -16.49 96.05
CA ILE E 206 6.98 -16.35 97.15
C ILE E 206 5.94 -17.47 97.06
N PHE E 207 5.14 -17.44 96.01
CA PHE E 207 4.16 -18.49 95.75
C PHE E 207 4.83 -19.61 94.96
N GLY E 208 4.66 -20.84 95.44
CA GLY E 208 5.21 -21.98 94.73
C GLY E 208 4.28 -22.46 93.64
N ILE E 209 3.54 -23.55 93.92
CA ILE E 209 2.49 -24.01 93.02
C ILE E 209 1.21 -23.22 93.20
N ARG E 210 1.21 -22.19 94.05
CA ARG E 210 0.06 -21.30 94.14
C ARG E 210 -0.06 -20.42 92.91
N LYS E 211 1.06 -20.01 92.32
CA LYS E 211 1.04 -19.26 91.08
C LYS E 211 0.90 -20.22 89.90
N MET E 212 -0.14 -20.02 89.10
CA MET E 212 -0.41 -20.94 88.00
C MET E 212 0.70 -20.93 86.95
N GLY E 213 1.47 -19.84 86.87
CA GLY E 213 2.59 -19.82 85.95
C GLY E 213 3.62 -20.88 86.26
N ASN E 214 3.79 -21.22 87.54
CA ASN E 214 4.73 -22.26 87.92
C ASN E 214 4.19 -23.65 87.58
N ARG E 215 2.87 -23.80 87.48
CA ARG E 215 2.30 -25.07 87.05
C ARG E 215 2.48 -25.32 85.56
N HIS E 216 2.73 -24.27 84.78
CA HIS E 216 2.97 -24.37 83.34
C HIS E 216 4.31 -23.68 83.06
N LYS E 217 5.39 -24.35 83.41
CA LYS E 217 6.72 -23.78 83.24
C LYS E 217 7.17 -23.90 81.79
N PHE E 218 7.90 -22.90 81.33
CA PHE E 218 8.48 -22.95 79.99
C PHE E 218 9.56 -24.02 79.94
N PRO E 219 9.51 -24.93 78.96
CA PRO E 219 10.50 -26.01 78.91
C PRO E 219 11.91 -25.47 78.74
N LYS E 220 12.88 -26.23 79.24
CA LYS E 220 14.28 -25.85 79.14
C LYS E 220 14.83 -26.21 77.76
N GLU E 221 15.97 -25.61 77.43
CA GLU E 221 16.60 -25.83 76.13
C GLU E 221 16.92 -27.29 75.86
N GLU E 222 17.05 -28.12 76.90
CA GLU E 222 17.42 -29.51 76.69
C GLU E 222 16.26 -30.38 76.24
N ILE E 223 15.03 -29.85 76.24
CA ILE E 223 13.88 -30.63 75.81
C ILE E 223 13.05 -29.81 74.82
N TYR E 224 13.59 -28.67 74.40
CA TYR E 224 12.92 -27.79 73.43
C TYR E 224 13.54 -28.05 72.06
N ASN E 225 12.70 -28.43 71.10
CA ASN E 225 13.20 -28.74 69.76
C ASN E 225 13.60 -27.45 69.05
N THR E 226 14.82 -27.45 68.50
CA THR E 226 15.40 -26.30 67.81
C THR E 226 15.25 -25.05 68.65
N PRO E 227 15.93 -24.97 69.81
CA PRO E 227 15.71 -23.84 70.71
C PRO E 227 16.12 -22.49 70.14
N SER E 228 16.90 -22.47 69.05
CA SER E 228 17.29 -21.20 68.44
C SER E 228 16.12 -20.51 67.77
N ILE E 229 15.11 -21.25 67.33
CA ILE E 229 13.91 -20.66 66.75
C ILE E 229 12.97 -20.28 67.88
N ARG E 230 13.09 -19.05 68.38
CA ARG E 230 12.29 -18.59 69.51
C ARG E 230 11.00 -17.92 69.05
N PHE E 231 11.12 -16.86 68.25
CA PHE E 231 9.99 -16.03 67.85
C PHE E 231 9.35 -16.48 66.54
N GLY E 232 9.97 -17.40 65.82
CA GLY E 232 9.46 -17.80 64.52
C GLY E 232 9.04 -19.25 64.43
N ARG E 233 8.30 -19.73 65.43
CA ARG E 233 7.81 -21.11 65.45
C ARG E 233 6.46 -21.18 64.74
N GLU E 234 6.51 -21.00 63.42
CA GLU E 234 5.31 -20.97 62.60
C GLU E 234 4.96 -22.33 62.03
N HIS E 235 5.94 -23.21 61.84
CA HIS E 235 5.66 -24.57 61.38
C HIS E 235 4.76 -25.28 62.38
N TYR E 236 3.63 -25.78 61.89
CA TYR E 236 2.61 -26.35 62.76
C TYR E 236 2.94 -27.76 63.25
N GLU E 237 4.12 -28.29 62.93
CA GLU E 237 4.60 -29.48 63.63
C GLU E 237 5.12 -29.14 65.01
N PHE E 238 5.45 -27.87 65.25
CA PHE E 238 5.82 -27.43 66.59
C PHE E 238 4.66 -27.53 67.57
N GLN E 239 3.42 -27.54 67.08
CA GLN E 239 2.27 -27.76 67.95
C GLN E 239 2.33 -29.11 68.65
N TYR E 240 3.04 -30.08 68.07
CA TYR E 240 3.28 -31.38 68.68
C TYR E 240 4.64 -31.45 69.36
N LEU E 241 5.68 -30.89 68.74
CA LEU E 241 7.02 -30.95 69.32
C LEU E 241 7.14 -30.08 70.57
N ASP E 242 6.36 -29.00 70.65
CA ASP E 242 6.34 -28.21 71.87
C ASP E 242 5.40 -28.79 72.92
N LEU E 243 4.48 -29.67 72.52
CA LEU E 243 3.66 -30.37 73.49
C LEU E 243 4.47 -31.44 74.20
N LEU E 244 5.36 -32.13 73.47
CA LEU E 244 6.29 -33.05 74.10
C LEU E 244 7.19 -32.33 75.10
N SER E 245 7.70 -31.16 74.71
CA SER E 245 8.52 -30.37 75.61
C SER E 245 7.72 -29.89 76.82
N ARG E 246 6.46 -29.52 76.59
CA ARG E 246 5.61 -29.02 77.66
C ARG E 246 5.27 -30.11 78.67
N VAL E 247 5.24 -31.38 78.22
CA VAL E 247 4.96 -32.48 79.12
C VAL E 247 6.19 -32.84 79.95
N LEU E 248 7.37 -32.87 79.32
CA LEU E 248 8.58 -33.24 80.04
C LEU E 248 8.91 -32.23 81.14
N GLU E 249 8.50 -30.97 80.96
CA GLU E 249 8.83 -29.95 81.94
C GLU E 249 7.84 -29.92 83.10
N ASN E 250 6.56 -30.16 82.83
CA ASN E 250 5.51 -30.02 83.83
C ASN E 250 4.74 -31.31 84.09
N GLY E 251 5.12 -32.43 83.49
CA GLY E 251 4.36 -33.66 83.65
C GLY E 251 4.55 -34.25 85.04
N ALA E 252 3.43 -34.67 85.64
CA ALA E 252 3.42 -35.27 86.96
C ALA E 252 3.47 -36.78 86.84
N TYR E 253 4.42 -37.41 87.53
CA TYR E 253 4.53 -38.86 87.53
C TYR E 253 3.29 -39.48 88.17
N ARG E 254 2.54 -40.24 87.37
CA ARG E 254 1.27 -40.80 87.82
C ARG E 254 1.14 -42.25 87.35
N GLU E 255 0.37 -43.02 88.09
CA GLU E 255 0.07 -44.40 87.72
C GLU E 255 -1.21 -44.44 86.89
N ASN E 256 -1.52 -45.62 86.37
CA ASN E 256 -2.69 -45.81 85.54
C ASN E 256 -3.11 -47.28 85.58
N ARG E 257 -4.05 -47.65 84.71
CA ARG E 257 -4.57 -49.01 84.68
C ARG E 257 -3.57 -50.04 84.20
N THR E 258 -2.46 -49.61 83.59
CA THR E 258 -1.42 -50.51 83.14
C THR E 258 -0.22 -50.41 84.08
N GLY E 259 0.74 -51.32 83.88
CA GLY E 259 1.96 -51.30 84.67
C GLY E 259 2.91 -50.18 84.34
N ILE E 260 2.71 -49.51 83.20
CA ILE E 260 3.60 -48.45 82.75
C ILE E 260 3.06 -47.11 83.25
N SER E 261 3.84 -46.43 84.09
CA SER E 261 3.45 -45.12 84.59
C SER E 261 3.72 -44.04 83.54
N THR E 262 3.04 -42.91 83.69
CA THR E 262 3.09 -41.82 82.72
C THR E 262 3.50 -40.52 83.38
N TYR E 263 3.77 -39.52 82.55
CA TYR E 263 3.96 -38.14 82.96
C TYR E 263 2.86 -37.33 82.27
N SER E 264 1.83 -36.94 83.03
CA SER E 264 0.62 -36.39 82.44
C SER E 264 0.37 -34.97 82.91
N ILE E 265 -0.06 -34.12 81.98
CA ILE E 265 -0.62 -32.81 82.27
C ILE E 265 -2.06 -32.81 81.77
N PHE E 266 -2.80 -31.77 82.14
CA PHE E 266 -4.22 -31.68 81.81
C PHE E 266 -4.52 -30.37 81.10
N GLY E 267 -5.23 -30.46 79.98
CA GLY E 267 -5.67 -29.27 79.27
C GLY E 267 -4.67 -28.71 78.28
N GLN E 268 -4.51 -29.38 77.13
CA GLN E 268 -3.64 -28.92 76.07
C GLN E 268 -4.36 -29.00 74.73
N MET E 269 -3.91 -28.18 73.79
CA MET E 269 -4.52 -28.13 72.47
C MET E 269 -3.44 -28.06 71.40
N MET E 270 -3.81 -28.45 70.18
CA MET E 270 -2.93 -28.36 69.03
C MET E 270 -3.71 -27.83 67.84
N ARG E 271 -3.05 -27.02 67.02
CA ARG E 271 -3.67 -26.38 65.86
C ARG E 271 -2.91 -26.80 64.61
N PHE E 272 -3.65 -27.16 63.56
CA PHE E 272 -3.03 -27.65 62.34
C PHE E 272 -3.70 -27.04 61.11
N ASP E 273 -2.95 -27.00 60.02
CA ASP E 273 -3.44 -26.54 58.73
C ASP E 273 -3.56 -27.72 57.78
N MET E 274 -4.66 -27.76 57.02
CA MET E 274 -4.89 -28.79 56.02
C MET E 274 -5.10 -28.24 54.62
N ARG E 275 -5.06 -26.92 54.44
CA ARG E 275 -5.26 -26.34 53.12
C ARG E 275 -4.01 -26.52 52.25
N GLU E 276 -2.87 -26.02 52.72
CA GLU E 276 -1.64 -26.04 51.95
C GLU E 276 -0.73 -27.21 52.30
N SER E 277 -1.12 -28.05 53.26
CA SER E 277 -0.27 -29.16 53.68
C SER E 277 -1.15 -30.26 54.26
N PHE E 278 -0.50 -31.33 54.71
CA PHE E 278 -1.18 -32.45 55.37
C PHE E 278 -0.44 -32.71 56.68
N PRO E 279 -1.09 -32.53 57.84
CA PRO E 279 -0.39 -32.68 59.12
C PRO E 279 0.05 -34.11 59.39
N LEU E 280 1.18 -34.51 58.81
CA LEU E 280 1.80 -35.80 59.07
C LEU E 280 3.21 -35.57 59.58
N LEU E 281 3.53 -36.18 60.73
CA LEU E 281 4.79 -35.90 61.41
C LEU E 281 5.98 -36.28 60.53
N THR E 282 6.97 -35.39 60.47
CA THR E 282 8.19 -35.63 59.72
C THR E 282 9.36 -36.08 60.58
N THR E 283 9.27 -35.91 61.89
CA THR E 283 10.33 -36.36 62.79
C THR E 283 10.31 -37.86 63.05
N LYS E 284 9.36 -38.58 62.46
CA LYS E 284 9.28 -40.03 62.61
C LYS E 284 8.48 -40.59 61.45
N LYS E 285 8.98 -41.67 60.84
CA LYS E 285 8.30 -42.33 59.74
C LYS E 285 7.02 -42.97 60.26
N VAL E 286 5.90 -42.27 60.09
CA VAL E 286 4.61 -42.74 60.59
C VAL E 286 4.02 -43.74 59.59
N ALA E 287 3.55 -44.87 60.11
CA ALA E 287 2.91 -45.88 59.26
C ALA E 287 1.57 -45.35 58.75
N ILE E 288 1.57 -44.75 57.57
CA ILE E 288 0.38 -44.08 57.06
C ILE E 288 -0.70 -45.09 56.65
N ARG E 289 -0.31 -46.27 56.16
CA ARG E 289 -1.32 -47.24 55.72
C ARG E 289 -2.15 -47.74 56.89
N SER E 290 -1.50 -48.00 58.04
CA SER E 290 -2.24 -48.48 59.20
C SER E 290 -3.23 -47.44 59.71
N ILE E 291 -2.94 -46.16 59.52
CA ILE E 291 -3.88 -45.12 59.92
C ILE E 291 -5.13 -45.16 59.04
N PHE E 292 -4.96 -45.33 57.74
CA PHE E 292 -6.10 -45.39 56.83
C PHE E 292 -6.94 -46.64 57.09
N GLU E 293 -6.29 -47.80 57.16
CA GLU E 293 -7.02 -49.04 57.40
C GLU E 293 -7.79 -48.99 58.71
N GLU E 294 -7.29 -48.23 59.69
CA GLU E 294 -8.04 -48.03 60.93
C GLU E 294 -9.23 -47.11 60.70
N LEU E 295 -9.06 -46.06 59.89
CA LEU E 295 -10.13 -45.09 59.68
C LEU E 295 -11.28 -45.70 58.88
N ILE E 296 -10.94 -46.37 57.77
CA ILE E 296 -11.99 -47.02 56.97
C ILE E 296 -12.64 -48.14 57.76
N TRP E 297 -11.92 -48.73 58.70
CA TRP E 297 -12.53 -49.71 59.60
C TRP E 297 -13.60 -49.05 60.47
N PHE E 298 -13.34 -47.82 60.92
CA PHE E 298 -14.34 -47.09 61.70
C PHE E 298 -15.54 -46.69 60.84
N ILE E 299 -15.28 -46.20 59.63
CA ILE E 299 -16.36 -45.66 58.79
C ILE E 299 -17.34 -46.75 58.40
N LYS E 300 -16.85 -47.96 58.13
CA LYS E 300 -17.73 -49.05 57.73
C LYS E 300 -18.56 -49.60 58.88
N GLY E 301 -18.30 -49.17 60.11
CA GLY E 301 -19.02 -49.70 61.25
C GLY E 301 -18.56 -51.05 61.74
N ASP E 302 -17.35 -51.48 61.37
CA ASP E 302 -16.87 -52.81 61.72
C ASP E 302 -16.13 -52.78 63.06
N THR E 303 -16.40 -53.80 63.88
CA THR E 303 -15.74 -53.98 65.17
C THR E 303 -15.01 -55.31 65.23
N ASN E 304 -14.61 -55.83 64.07
CA ASN E 304 -13.91 -57.10 63.98
C ASN E 304 -12.41 -56.85 63.97
N GLY E 305 -11.71 -57.30 65.01
CA GLY E 305 -10.27 -57.11 65.06
C GLY E 305 -9.50 -57.95 64.07
N ASN E 306 -10.07 -59.10 63.68
CA ASN E 306 -9.37 -59.98 62.74
C ASN E 306 -9.31 -59.38 61.35
N HIS E 307 -10.31 -58.56 60.98
CA HIS E 307 -10.31 -57.96 59.65
C HIS E 307 -9.11 -57.05 59.44
N LEU E 308 -8.69 -56.34 60.50
CA LEU E 308 -7.45 -55.58 60.43
C LEU E 308 -6.23 -56.47 60.53
N ILE E 309 -6.32 -57.56 61.29
CA ILE E 309 -5.22 -58.52 61.37
C ILE E 309 -5.02 -59.19 60.01
N GLU E 310 -6.11 -59.49 59.31
CA GLU E 310 -6.03 -60.06 57.98
C GLU E 310 -5.57 -59.06 56.94
N LYS E 311 -5.40 -57.79 57.30
CA LYS E 311 -4.91 -56.76 56.41
C LYS E 311 -3.53 -56.24 56.83
N LYS E 312 -2.77 -57.08 57.53
CA LYS E 312 -1.41 -56.74 57.98
C LYS E 312 -1.39 -55.49 58.84
N VAL E 313 -2.37 -55.37 59.74
CA VAL E 313 -2.46 -54.25 60.68
C VAL E 313 -2.64 -54.84 62.07
N TYR E 314 -1.60 -54.72 62.91
CA TYR E 314 -1.63 -55.31 64.23
C TYR E 314 -1.53 -54.26 65.33
N ILE E 315 -2.52 -53.37 65.40
CA ILE E 315 -2.56 -52.35 66.43
C ILE E 315 -3.70 -52.54 67.42
N TRP E 316 -4.63 -53.46 67.14
CA TRP E 316 -5.70 -53.80 68.07
C TRP E 316 -5.59 -55.24 68.56
N SER E 317 -4.39 -55.83 68.49
CA SER E 317 -4.20 -57.18 69.01
C SER E 317 -3.97 -57.17 70.51
N GLY E 318 -3.24 -56.17 71.01
CA GLY E 318 -3.00 -56.08 72.44
C GLY E 318 -4.28 -55.84 73.23
N ASN E 319 -5.12 -54.92 72.75
CA ASN E 319 -6.39 -54.65 73.40
C ASN E 319 -7.50 -55.59 72.95
N GLY E 320 -7.16 -56.64 72.21
CA GLY E 320 -8.14 -57.61 71.76
C GLY E 320 -7.59 -59.02 71.79
N SER E 321 -6.68 -59.29 72.73
CA SER E 321 -6.14 -60.63 72.91
C SER E 321 -7.00 -61.42 73.89
N LYS E 322 -6.83 -62.75 73.85
CA LYS E 322 -7.58 -63.61 74.76
C LYS E 322 -7.22 -63.33 76.21
N GLU E 323 -5.95 -63.02 76.48
CA GLU E 323 -5.54 -62.73 77.85
C GLU E 323 -6.10 -61.39 78.32
N TYR E 324 -5.99 -60.35 77.49
CA TYR E 324 -6.48 -59.04 77.88
C TYR E 324 -7.99 -59.00 78.00
N LEU E 325 -8.70 -59.68 77.09
CA LEU E 325 -10.15 -59.64 77.10
C LEU E 325 -10.71 -60.30 78.36
N GLU E 326 -10.13 -61.44 78.76
CA GLU E 326 -10.53 -62.08 80.01
C GLU E 326 -10.03 -61.33 81.22
N ARG E 327 -8.98 -60.52 81.08
CA ARG E 327 -8.46 -59.76 82.22
C ARG E 327 -9.41 -58.64 82.61
N ILE E 328 -10.15 -58.08 81.66
CA ILE E 328 -11.07 -56.98 81.94
C ILE E 328 -12.49 -57.50 82.18
N GLY E 329 -12.67 -58.81 82.26
CA GLY E 329 -13.97 -59.39 82.58
C GLY E 329 -14.88 -59.61 81.40
N LEU E 330 -14.31 -60.00 80.26
CA LEU E 330 -15.08 -60.27 79.05
C LEU E 330 -14.66 -61.60 78.45
N GLY E 331 -14.54 -62.63 79.29
CA GLY E 331 -14.18 -63.95 78.82
C GLY E 331 -15.23 -64.61 77.95
N HIS E 332 -16.48 -64.16 78.04
CA HIS E 332 -17.55 -64.70 77.21
C HIS E 332 -17.52 -64.18 75.77
N ARG E 333 -16.52 -63.39 75.41
CA ARG E 333 -16.39 -62.82 74.07
C ARG E 333 -15.41 -63.61 73.22
N GLU E 334 -15.59 -63.49 71.90
CA GLU E 334 -14.71 -64.13 70.95
C GLU E 334 -13.33 -63.47 70.99
N GLU E 335 -12.40 -63.99 70.17
CA GLU E 335 -11.00 -63.58 70.23
C GLU E 335 -10.85 -62.07 70.08
N ASN E 336 -11.27 -61.52 68.94
CA ASN E 336 -11.04 -60.12 68.64
C ASN E 336 -12.36 -59.34 68.55
N ASP E 337 -13.38 -59.80 69.26
CA ASP E 337 -14.66 -59.08 69.31
C ASP E 337 -14.47 -57.94 70.30
N LEU E 338 -14.13 -56.76 69.77
CA LEU E 338 -13.86 -55.62 70.63
C LEU E 338 -15.14 -55.11 71.26
N GLY E 339 -16.20 -54.98 70.46
CA GLY E 339 -17.49 -54.59 70.98
C GLY E 339 -17.90 -53.24 70.43
N PRO E 340 -18.92 -52.65 71.02
CA PRO E 340 -19.35 -51.32 70.55
C PRO E 340 -18.34 -50.24 70.90
N ILE E 341 -17.37 -50.03 70.03
CA ILE E 341 -16.36 -48.99 70.19
C ILE E 341 -16.68 -47.97 69.12
N TYR E 342 -15.74 -47.06 68.83
CA TYR E 342 -15.95 -46.24 67.64
C TYR E 342 -16.14 -47.16 66.46
N GLY E 343 -17.01 -46.75 65.52
CA GLY E 343 -17.44 -47.60 64.44
C GLY E 343 -18.79 -48.26 64.66
N PHE E 344 -19.15 -48.59 65.89
CA PHE E 344 -20.53 -48.98 66.15
C PHE E 344 -21.34 -47.79 66.62
N GLN E 345 -20.73 -46.92 67.43
CA GLN E 345 -21.42 -45.72 67.87
C GLN E 345 -21.52 -44.69 66.74
N TRP E 346 -20.59 -44.75 65.78
CA TRP E 346 -20.67 -43.87 64.62
C TRP E 346 -21.85 -44.26 63.73
N ARG E 347 -21.96 -45.53 63.39
CA ARG E 347 -22.96 -46.01 62.44
C ARG E 347 -24.25 -46.48 63.10
N HIS E 348 -24.20 -46.95 64.36
CA HIS E 348 -25.39 -47.44 65.05
C HIS E 348 -25.33 -46.99 66.51
N TYR E 349 -26.01 -45.90 66.84
CA TYR E 349 -25.95 -45.34 68.19
C TYR E 349 -27.10 -45.90 69.02
N ASN E 350 -26.77 -46.42 70.20
CA ASN E 350 -27.74 -47.06 71.10
C ASN E 350 -28.38 -48.27 70.45
N GLY E 351 -27.56 -49.11 69.81
CA GLY E 351 -28.02 -50.36 69.24
C GLY E 351 -27.62 -51.53 70.13
N GLU E 352 -28.52 -52.49 70.26
CA GLU E 352 -28.29 -53.66 71.09
C GLU E 352 -27.18 -54.52 70.51
N TYR E 353 -25.94 -54.28 70.93
CA TYR E 353 -24.80 -55.03 70.42
C TYR E 353 -24.87 -56.47 70.90
N LYS E 354 -24.93 -57.42 69.97
CA LYS E 354 -24.94 -58.83 70.29
C LYS E 354 -23.55 -59.42 70.15
N THR E 355 -23.14 -59.68 68.91
CA THR E 355 -21.81 -60.23 68.64
C THR E 355 -21.16 -59.47 67.49
N MET E 356 -19.98 -59.91 67.07
CA MET E 356 -19.25 -59.26 65.99
C MET E 356 -19.74 -59.69 64.62
N HIS E 357 -20.14 -60.96 64.47
CA HIS E 357 -20.63 -61.48 63.19
C HIS E 357 -22.15 -61.34 63.07
N ASP E 358 -22.63 -60.10 63.24
CA ASP E 358 -24.04 -59.78 63.12
C ASP E 358 -24.27 -58.72 62.06
N ASP E 359 -25.55 -58.45 61.79
CA ASP E 359 -26.01 -57.46 60.81
C ASP E 359 -26.83 -56.41 61.55
N TYR E 360 -26.21 -55.28 61.85
CA TYR E 360 -26.87 -54.18 62.55
C TYR E 360 -27.39 -53.12 61.59
N THR E 361 -27.44 -53.40 60.30
CA THR E 361 -27.90 -52.43 59.31
C THR E 361 -29.37 -52.08 59.53
N GLY E 362 -29.62 -50.86 59.99
CA GLY E 362 -30.97 -50.37 60.23
C GLY E 362 -31.24 -50.02 61.69
N VAL E 363 -30.48 -50.57 62.63
CA VAL E 363 -30.66 -50.28 64.05
C VAL E 363 -29.59 -49.30 64.48
N GLY E 364 -29.95 -48.43 65.40
CA GLY E 364 -29.00 -47.43 65.90
C GLY E 364 -28.99 -46.17 65.06
N VAL E 365 -28.70 -45.06 65.72
CA VAL E 365 -28.65 -43.76 65.05
C VAL E 365 -27.39 -43.69 64.19
N ASP E 366 -27.59 -43.51 62.88
CA ASP E 366 -26.49 -43.37 61.93
C ASP E 366 -25.99 -41.93 62.01
N GLN E 367 -25.04 -41.69 62.92
CA GLN E 367 -24.54 -40.33 63.11
C GLN E 367 -23.80 -39.83 61.87
N LEU E 368 -22.97 -40.69 61.26
CA LEU E 368 -22.17 -40.25 60.11
C LEU E 368 -23.06 -39.85 58.95
N ALA E 369 -24.11 -40.65 58.66
CA ALA E 369 -25.02 -40.31 57.59
C ALA E 369 -25.74 -38.99 57.88
N LYS E 370 -26.24 -38.83 59.10
CA LYS E 370 -26.87 -37.56 59.48
C LYS E 370 -25.87 -36.42 59.46
N LEU E 371 -24.60 -36.70 59.75
CA LEU E 371 -23.58 -35.65 59.71
C LEU E 371 -23.35 -35.17 58.28
N ILE E 372 -23.25 -36.10 57.33
CA ILE E 372 -23.03 -35.72 55.93
C ILE E 372 -24.24 -34.97 55.39
N GLU E 373 -25.44 -35.49 55.67
CA GLU E 373 -26.66 -34.82 55.22
C GLU E 373 -26.80 -33.42 55.82
N THR E 374 -26.29 -33.23 57.04
CA THR E 374 -26.36 -31.92 57.67
C THR E 374 -25.30 -30.97 57.11
N LEU E 375 -24.12 -31.48 56.79
CA LEU E 375 -23.08 -30.64 56.21
C LEU E 375 -23.46 -30.16 54.81
N LYS E 376 -24.25 -30.95 54.09
CA LYS E 376 -24.68 -30.54 52.76
C LYS E 376 -25.84 -29.55 52.82
N ASN E 377 -26.87 -29.87 53.61
CA ASN E 377 -28.10 -29.09 53.58
C ASN E 377 -28.03 -27.83 54.45
N ASN E 378 -27.20 -27.84 55.49
CA ASN E 378 -27.10 -26.72 56.43
C ASN E 378 -25.65 -26.55 56.85
N PRO E 379 -24.85 -25.88 56.01
CA PRO E 379 -23.43 -25.71 56.36
C PRO E 379 -23.21 -24.75 57.52
N LYS E 380 -24.03 -23.70 57.64
CA LYS E 380 -23.91 -22.75 58.73
C LYS E 380 -24.43 -23.28 60.05
N ASP E 381 -24.89 -24.53 60.09
CA ASP E 381 -25.37 -25.12 61.33
C ASP E 381 -24.23 -25.27 62.33
N ARG E 382 -24.53 -25.00 63.60
CA ARG E 382 -23.53 -25.06 64.64
C ARG E 382 -23.50 -26.39 65.38
N ARG E 383 -24.43 -27.31 65.08
CA ARG E 383 -24.48 -28.57 65.78
C ARG E 383 -24.02 -29.72 64.89
N HIS E 384 -22.86 -29.55 64.25
CA HIS E 384 -22.26 -30.61 63.44
C HIS E 384 -21.39 -31.52 64.30
N ILE E 385 -22.03 -32.18 65.25
CA ILE E 385 -21.36 -32.94 66.30
C ILE E 385 -21.33 -34.41 65.90
N LEU E 386 -20.24 -35.09 66.23
CA LEU E 386 -20.09 -36.53 66.05
C LEU E 386 -19.51 -37.10 67.35
N THR E 387 -20.35 -37.74 68.14
CA THR E 387 -19.97 -38.24 69.45
C THR E 387 -19.59 -39.71 69.40
N ALA E 388 -18.81 -40.13 70.40
CA ALA E 388 -18.42 -41.52 70.56
C ALA E 388 -18.57 -42.01 71.99
N TRP E 389 -19.00 -41.15 72.92
CA TRP E 389 -19.17 -41.52 74.31
C TRP E 389 -20.61 -41.96 74.53
N ASN E 390 -20.82 -43.26 74.76
CA ASN E 390 -22.13 -43.81 75.07
C ASN E 390 -22.07 -44.45 76.44
N PRO E 391 -22.45 -43.73 77.51
CA PRO E 391 -22.36 -44.31 78.85
C PRO E 391 -23.22 -45.55 79.06
N SER E 392 -24.29 -45.72 78.27
CA SER E 392 -25.15 -46.88 78.43
C SER E 392 -24.49 -48.17 77.98
N ALA E 393 -23.49 -48.08 77.09
CA ALA E 393 -22.81 -49.25 76.53
C ALA E 393 -21.30 -49.10 76.66
N LEU E 394 -20.84 -48.72 77.85
CA LEU E 394 -19.42 -48.62 78.11
C LEU E 394 -18.82 -49.93 78.62
N SER E 395 -19.57 -50.68 79.44
CA SER E 395 -19.07 -51.94 79.97
C SER E 395 -18.89 -53.00 78.89
N GLN E 396 -19.47 -52.80 77.71
CA GLN E 396 -19.29 -53.73 76.60
C GLN E 396 -18.07 -53.42 75.76
N MET E 397 -17.50 -52.22 75.89
CA MET E 397 -16.35 -51.85 75.09
C MET E 397 -15.09 -52.55 75.60
N ALA E 398 -14.25 -52.99 74.65
CA ALA E 398 -12.94 -53.51 75.04
C ALA E 398 -12.05 -52.40 75.56
N LEU E 399 -12.27 -51.16 75.10
CA LEU E 399 -11.55 -49.99 75.56
C LEU E 399 -12.40 -48.76 75.29
N PRO E 400 -12.63 -47.89 76.28
CA PRO E 400 -13.47 -46.71 76.07
C PRO E 400 -12.86 -45.79 75.02
N PRO E 401 -13.66 -44.97 74.36
CA PRO E 401 -13.15 -44.12 73.27
C PRO E 401 -12.15 -43.09 73.79
N CYS E 402 -10.95 -43.11 73.21
CA CYS E 402 -9.94 -42.11 73.57
C CYS E 402 -10.24 -40.77 72.91
N HIS E 403 -10.28 -40.74 71.57
CA HIS E 403 -10.78 -39.56 70.86
C HIS E 403 -12.30 -39.65 70.80
N VAL E 404 -12.97 -38.72 71.48
CA VAL E 404 -14.41 -38.83 71.71
C VAL E 404 -15.18 -37.95 70.74
N LEU E 405 -15.36 -36.68 71.09
CA LEU E 405 -16.18 -35.77 70.32
C LEU E 405 -15.39 -35.16 69.16
N SER E 406 -16.12 -34.81 68.11
CA SER E 406 -15.54 -34.14 66.95
C SER E 406 -16.60 -33.25 66.33
N GLN E 407 -16.27 -31.96 66.19
CA GLN E 407 -17.19 -30.98 65.63
C GLN E 407 -16.61 -30.41 64.35
N TYR E 408 -17.47 -30.18 63.37
CA TYR E 408 -17.06 -29.71 62.06
C TYR E 408 -17.74 -28.38 61.74
N TYR E 409 -17.09 -27.59 60.90
CA TYR E 409 -17.46 -26.19 60.71
C TYR E 409 -17.11 -25.76 59.29
N VAL E 410 -18.08 -25.16 58.61
CA VAL E 410 -17.90 -24.71 57.23
C VAL E 410 -17.72 -23.20 57.25
N THR E 411 -16.60 -22.74 56.69
CA THR E 411 -16.31 -21.32 56.61
C THR E 411 -17.07 -20.71 55.42
N ASN E 412 -16.95 -19.39 55.25
CA ASN E 412 -17.60 -18.71 54.14
C ASN E 412 -16.94 -18.97 52.79
N ASP E 413 -15.76 -19.57 52.77
CA ASP E 413 -15.06 -19.91 51.54
C ASP E 413 -15.16 -21.39 51.20
N ASN E 414 -16.24 -22.04 51.66
CA ASN E 414 -16.48 -23.47 51.42
C ASN E 414 -15.31 -24.34 51.88
N CYS E 415 -14.79 -24.05 53.06
CA CYS E 415 -13.74 -24.86 53.67
C CYS E 415 -14.29 -25.58 54.90
N LEU E 416 -13.73 -26.76 55.17
CA LEU E 416 -14.20 -27.62 56.24
C LEU E 416 -13.14 -27.71 57.33
N SER E 417 -13.45 -27.21 58.51
CA SER E 417 -12.58 -27.28 59.67
C SER E 417 -13.08 -28.35 60.64
N CYS E 418 -12.16 -28.79 61.52
CA CYS E 418 -12.45 -29.89 62.43
C CYS E 418 -11.89 -29.59 63.81
N ASN E 419 -12.69 -29.87 64.84
CA ASN E 419 -12.28 -29.79 66.23
C ASN E 419 -12.45 -31.17 66.87
N LEU E 420 -11.44 -31.60 67.61
CA LEU E 420 -11.45 -32.90 68.28
C LEU E 420 -11.14 -32.73 69.75
N TYR E 421 -11.87 -33.43 70.60
CA TYR E 421 -11.54 -33.54 72.02
C TYR E 421 -11.14 -34.97 72.34
N GLN E 422 -9.95 -35.13 72.93
CA GLN E 422 -9.42 -36.42 73.30
C GLN E 422 -9.25 -36.48 74.81
N ARG E 423 -9.78 -37.53 75.44
CA ARG E 423 -9.72 -37.61 76.90
C ARG E 423 -8.32 -37.98 77.38
N SER E 424 -7.55 -38.72 76.58
CA SER E 424 -6.19 -39.10 76.95
C SER E 424 -5.43 -39.37 75.67
N CYS E 425 -4.22 -38.80 75.55
CA CYS E 425 -3.39 -38.94 74.36
C CYS E 425 -2.11 -39.67 74.72
N ASP E 426 -1.85 -40.77 74.01
CA ASP E 426 -0.58 -41.49 74.13
C ASP E 426 0.41 -40.88 73.13
N LEU E 427 1.03 -39.79 73.56
CA LEU E 427 2.01 -39.09 72.72
C LEU E 427 3.14 -40.05 72.31
N GLY E 428 3.31 -40.21 71.00
CA GLY E 428 4.28 -41.12 70.42
C GLY E 428 3.68 -42.29 69.68
N LEU E 429 2.50 -42.76 70.10
CA LEU E 429 1.84 -43.88 69.43
C LEU E 429 0.41 -43.54 69.07
N GLY E 430 -0.26 -42.73 69.90
CA GLY E 430 -1.65 -42.42 69.68
C GLY E 430 -1.83 -41.02 69.12
N SER E 431 -0.94 -40.10 69.52
CA SER E 431 -1.04 -38.74 69.00
C SER E 431 -0.72 -38.67 67.51
N PRO E 432 0.39 -39.24 67.02
CA PRO E 432 0.62 -39.20 65.56
C PRO E 432 -0.48 -39.86 64.76
N PHE E 433 -1.08 -40.93 65.28
CA PHE E 433 -2.18 -41.58 64.59
C PHE E 433 -3.44 -40.71 64.61
N ASN E 434 -3.76 -40.12 65.77
CA ASN E 434 -4.99 -39.34 65.87
C ASN E 434 -4.93 -38.05 65.08
N ILE E 435 -3.73 -37.50 64.87
CA ILE E 435 -3.60 -36.31 64.04
C ILE E 435 -3.94 -36.61 62.60
N ALA E 436 -3.34 -37.66 62.04
CA ALA E 436 -3.58 -38.01 60.65
C ALA E 436 -4.96 -38.63 60.45
N SER E 437 -5.44 -39.42 61.42
CA SER E 437 -6.71 -40.11 61.26
C SER E 437 -7.86 -39.13 61.06
N TYR E 438 -7.93 -38.10 61.91
CA TYR E 438 -9.00 -37.11 61.76
C TYR E 438 -8.68 -36.09 60.67
N ALA E 439 -7.42 -35.97 60.27
CA ALA E 439 -7.10 -35.15 59.10
C ALA E 439 -7.58 -35.82 57.82
N ILE E 440 -7.36 -37.13 57.69
CA ILE E 440 -7.86 -37.86 56.53
C ILE E 440 -9.38 -37.86 56.52
N LEU E 441 -9.98 -38.04 57.69
CA LEU E 441 -11.45 -38.05 57.78
C LEU E 441 -12.03 -36.71 57.36
N THR E 442 -11.36 -35.61 57.72
CA THR E 442 -11.84 -34.29 57.31
C THR E 442 -11.77 -34.13 55.80
N MET E 443 -10.69 -34.62 55.18
CA MET E 443 -10.58 -34.52 53.73
C MET E 443 -11.61 -35.39 53.03
N MET E 444 -11.90 -36.58 53.59
CA MET E 444 -12.94 -37.43 53.03
C MET E 444 -14.30 -36.75 53.11
N LEU E 445 -14.60 -36.12 54.25
CA LEU E 445 -15.86 -35.38 54.37
C LEU E 445 -15.89 -34.18 53.45
N ALA E 446 -14.74 -33.55 53.20
CA ALA E 446 -14.71 -32.38 52.32
C ALA E 446 -15.01 -32.76 50.89
N GLN E 447 -14.52 -33.92 50.44
CA GLN E 447 -14.75 -34.35 49.07
C GLN E 447 -16.19 -34.82 48.87
N VAL E 448 -16.70 -35.63 49.80
CA VAL E 448 -18.06 -36.16 49.67
C VAL E 448 -19.09 -35.04 49.75
N CYS E 449 -18.84 -34.04 50.61
CA CYS E 449 -19.76 -32.93 50.76
C CYS E 449 -19.51 -31.80 49.76
N GLY E 450 -18.35 -31.79 49.11
CA GLY E 450 -18.06 -30.78 48.12
C GLY E 450 -17.32 -29.56 48.64
N TYR E 451 -16.67 -29.66 49.80
CA TYR E 451 -15.92 -28.55 50.37
C TYR E 451 -14.42 -28.82 50.24
N GLU E 452 -13.62 -27.93 50.83
CA GLU E 452 -12.17 -28.07 50.87
C GLU E 452 -11.70 -28.23 52.31
N PRO E 453 -10.56 -28.89 52.53
CA PRO E 453 -10.05 -29.02 53.90
C PRO E 453 -9.61 -27.68 54.45
N GLY E 454 -9.89 -27.47 55.74
CA GLY E 454 -9.55 -26.22 56.39
C GLY E 454 -8.52 -26.38 57.49
N GLU E 455 -8.92 -26.08 58.72
CA GLU E 455 -8.05 -26.17 59.89
C GLU E 455 -8.41 -27.40 60.73
N LEU E 456 -7.45 -27.83 61.54
CA LEU E 456 -7.63 -28.95 62.45
C LEU E 456 -7.17 -28.55 63.83
N ALA E 457 -8.06 -28.69 64.81
CA ALA E 457 -7.75 -28.42 66.21
C ALA E 457 -8.05 -29.66 67.04
N ILE E 458 -7.10 -30.05 67.88
CA ILE E 458 -7.24 -31.21 68.76
C ILE E 458 -7.11 -30.74 70.19
N PHE E 459 -8.15 -31.00 70.99
CA PHE E 459 -8.19 -30.61 72.39
C PHE E 459 -7.95 -31.85 73.24
N ILE E 460 -6.93 -31.82 74.08
CA ILE E 460 -6.47 -32.99 74.81
C ILE E 460 -6.77 -32.82 76.29
N GLY E 461 -7.19 -33.91 76.93
CA GLY E 461 -7.33 -33.94 78.37
C GLY E 461 -6.06 -34.42 79.05
N ASP E 462 -5.91 -35.74 79.16
CA ASP E 462 -4.76 -36.33 79.87
C ASP E 462 -3.65 -36.58 78.85
N ALA E 463 -2.91 -35.51 78.55
CA ALA E 463 -1.76 -35.58 77.64
C ALA E 463 -0.58 -36.15 78.42
N HIS E 464 -0.27 -37.42 78.18
CA HIS E 464 0.73 -38.12 78.96
C HIS E 464 1.79 -38.74 78.05
N ILE E 465 2.92 -39.09 78.66
CA ILE E 465 4.02 -39.79 78.00
C ILE E 465 4.38 -40.98 78.87
N TYR E 466 4.30 -42.18 78.31
CA TYR E 466 4.65 -43.38 79.05
C TYR E 466 6.15 -43.43 79.31
N GLU E 467 6.52 -43.98 80.46
CA GLU E 467 7.90 -43.92 80.94
C GLU E 467 8.86 -44.76 80.12
N ASN E 468 8.36 -45.67 79.29
CA ASN E 468 9.22 -46.44 78.38
C ASN E 468 9.39 -45.77 77.03
N HIS E 469 8.79 -44.59 76.83
CA HIS E 469 8.93 -43.82 75.61
C HIS E 469 9.90 -42.66 75.76
N LEU E 470 10.46 -42.46 76.96
CA LEU E 470 11.29 -41.28 77.20
C LEU E 470 12.58 -41.34 76.40
N THR E 471 13.19 -42.53 76.30
CA THR E 471 14.43 -42.65 75.54
C THR E 471 14.20 -42.40 74.05
N GLN E 472 13.06 -42.83 73.53
CA GLN E 472 12.77 -42.66 72.11
C GLN E 472 12.33 -41.24 71.78
N LEU E 473 11.42 -40.68 72.59
CA LEU E 473 10.93 -39.34 72.33
C LEU E 473 12.02 -38.29 72.47
N LYS E 474 13.03 -38.56 73.31
CA LYS E 474 14.17 -37.65 73.39
C LYS E 474 14.94 -37.60 72.08
N GLU E 475 14.88 -38.67 71.28
CA GLU E 475 15.50 -38.65 69.96
C GLU E 475 14.69 -37.81 68.98
N GLN E 476 13.37 -37.86 69.07
CA GLN E 476 12.52 -37.07 68.17
C GLN E 476 12.76 -35.58 68.33
N LEU E 477 13.04 -35.14 69.57
CA LEU E 477 13.27 -33.72 69.81
C LEU E 477 14.63 -33.27 69.31
N SER E 478 15.53 -34.21 69.02
CA SER E 478 16.84 -33.89 68.47
C SER E 478 16.81 -33.69 66.97
N ARG E 479 15.72 -34.08 66.30
CA ARG E 479 15.61 -34.03 64.85
C ARG E 479 14.87 -32.74 64.46
N THR E 480 15.55 -31.89 63.68
CA THR E 480 14.93 -30.66 63.23
C THR E 480 13.83 -30.97 62.21
N PRO E 481 12.71 -30.28 62.25
CA PRO E 481 11.55 -30.66 61.43
C PRO E 481 11.79 -30.42 59.95
N ARG E 482 10.97 -31.09 59.14
CA ARG E 482 10.94 -30.98 57.69
C ARG E 482 9.53 -30.61 57.24
N PRO E 483 9.39 -30.03 56.05
CA PRO E 483 8.06 -29.59 55.61
C PRO E 483 7.06 -30.74 55.51
N PHE E 484 5.80 -30.42 55.78
CA PHE E 484 4.74 -31.42 55.72
C PHE E 484 4.58 -31.95 54.31
N PRO E 485 4.07 -33.17 54.15
CA PRO E 485 3.80 -33.71 52.82
C PRO E 485 2.41 -33.25 52.33
N GLN E 486 2.06 -33.71 51.13
CA GLN E 486 0.75 -33.46 50.54
C GLN E 486 0.02 -34.78 50.37
N LEU E 487 -1.29 -34.76 50.61
CA LEU E 487 -2.15 -35.93 50.45
C LEU E 487 -3.25 -35.59 49.46
N LYS E 488 -3.32 -36.35 48.38
CA LYS E 488 -4.32 -36.13 47.32
C LYS E 488 -5.05 -37.43 47.03
N PHE E 489 -6.34 -37.31 46.71
CA PHE E 489 -7.16 -38.47 46.37
C PHE E 489 -7.09 -38.72 44.87
N LYS E 490 -7.10 -40.01 44.51
CA LYS E 490 -6.96 -40.40 43.11
C LYS E 490 -8.28 -40.42 42.35
N ARG E 491 -9.41 -40.39 43.04
CA ARG E 491 -10.70 -40.43 42.37
C ARG E 491 -11.79 -39.94 43.32
N LYS E 492 -12.89 -39.48 42.73
CA LYS E 492 -14.07 -39.09 43.50
C LYS E 492 -14.96 -40.31 43.71
N VAL E 493 -15.40 -40.50 44.94
CA VAL E 493 -16.16 -41.69 45.32
C VAL E 493 -17.64 -41.35 45.33
N GLU E 494 -18.47 -42.38 45.13
CA GLU E 494 -19.91 -42.19 45.13
C GLU E 494 -20.43 -41.95 46.55
N ASN E 495 -20.28 -42.95 47.43
CA ASN E 495 -20.68 -42.80 48.82
C ASN E 495 -19.51 -42.25 49.64
N ILE E 496 -19.19 -42.91 50.76
CA ILE E 496 -18.07 -42.48 51.58
C ILE E 496 -17.23 -43.68 52.00
N GLU E 497 -17.88 -44.84 52.17
CA GLU E 497 -17.19 -46.05 52.57
C GLU E 497 -16.57 -46.80 51.39
N ASP E 498 -16.36 -46.13 50.27
CA ASP E 498 -15.78 -46.74 49.07
C ASP E 498 -14.29 -46.45 48.92
N PHE E 499 -13.69 -45.69 49.83
CA PHE E 499 -12.28 -45.37 49.73
C PHE E 499 -11.42 -46.62 49.87
N LYS E 500 -10.32 -46.66 49.13
CA LYS E 500 -9.36 -47.75 49.19
C LYS E 500 -7.96 -47.18 49.35
N TRP E 501 -7.04 -48.04 49.79
CA TRP E 501 -5.66 -47.62 50.00
C TRP E 501 -5.02 -47.17 48.69
N GLU E 502 -5.45 -47.73 47.56
CA GLU E 502 -4.91 -47.33 46.27
C GLU E 502 -5.36 -45.93 45.86
N ASP E 503 -6.44 -45.41 46.45
CA ASP E 503 -6.96 -44.11 46.09
C ASP E 503 -6.21 -42.94 46.74
N ILE E 504 -5.13 -43.20 47.46
CA ILE E 504 -4.39 -42.19 48.20
C ILE E 504 -3.01 -42.04 47.59
N GLU E 505 -2.61 -40.80 47.31
CA GLU E 505 -1.29 -40.48 46.81
C GLU E 505 -0.60 -39.56 47.80
N LEU E 506 0.49 -40.03 48.40
CA LEU E 506 1.28 -39.25 49.34
C LEU E 506 2.45 -38.63 48.59
N ILE E 507 2.51 -37.30 48.58
CA ILE E 507 3.44 -36.55 47.74
C ILE E 507 4.41 -35.80 48.65
N GLY E 508 5.69 -36.09 48.49
CA GLY E 508 6.74 -35.35 49.18
C GLY E 508 6.82 -35.64 50.67
N TYR E 509 6.90 -36.91 51.03
CA TYR E 509 7.04 -37.32 52.44
C TYR E 509 8.44 -37.92 52.61
N TYR E 510 9.33 -37.14 53.22
CA TYR E 510 10.72 -37.55 53.46
C TYR E 510 11.01 -37.42 54.95
N PRO E 511 10.49 -38.33 55.76
CA PRO E 511 10.62 -38.22 57.21
C PRO E 511 11.95 -38.77 57.70
N TYR E 512 12.16 -38.65 59.01
CA TYR E 512 13.30 -39.24 59.67
C TYR E 512 13.05 -40.73 59.91
N PRO E 513 14.10 -41.51 60.17
CA PRO E 513 13.91 -42.96 60.37
C PRO E 513 12.92 -43.24 61.48
N THR E 514 12.12 -44.28 61.27
CA THR E 514 11.12 -44.68 62.26
C THR E 514 11.80 -45.19 63.52
N ILE E 515 11.19 -44.88 64.67
CA ILE E 515 11.69 -45.30 65.97
C ILE E 515 10.64 -46.20 66.62
N LYS E 516 11.07 -47.37 67.08
CA LYS E 516 10.14 -48.36 67.61
C LYS E 516 9.82 -48.07 69.07
N MET E 517 8.52 -48.07 69.38
CA MET E 517 8.04 -47.92 70.75
C MET E 517 6.97 -48.97 71.01
N ASP E 518 7.00 -49.56 72.19
CA ASP E 518 6.07 -50.62 72.55
C ASP E 518 4.79 -50.04 73.12
N MET E 519 3.66 -50.66 72.79
CA MET E 519 2.36 -50.20 73.26
C MET E 519 2.12 -50.68 74.69
N ALA E 520 1.69 -49.77 75.55
CA ALA E 520 1.31 -50.12 76.91
C ALA E 520 -0.07 -50.77 76.87
N VAL E 521 -0.10 -52.09 76.92
CA VAL E 521 -1.35 -52.85 76.82
C VAL E 521 -2.22 -52.60 78.04
PA NDP F . -19.56 -13.34 -21.89
O1A NDP F . -20.25 -12.85 -23.15
O2A NDP F . -18.88 -12.19 -21.21
O5B NDP F . -20.60 -13.93 -20.94
C5B NDP F . -21.44 -14.97 -21.37
C4B NDP F . -22.34 -15.57 -20.38
O4B NDP F . -23.44 -14.72 -20.14
C3B NDP F . -22.91 -16.83 -20.85
O3B NDP F . -22.10 -17.90 -20.57
C2B NDP F . -24.15 -16.89 -20.10
O2B NDP F . -23.87 -17.19 -18.76
C1B NDP F . -24.61 -15.52 -20.18
N9A NDP F . -25.33 -15.29 -21.38
C8A NDP F . -24.80 -14.91 -22.56
N7A NDP F . -25.80 -14.79 -23.47
C5A NDP F . -26.98 -15.09 -22.87
C6A NDP F . -28.34 -15.14 -23.29
N6A NDP F . -28.68 -14.81 -24.69
N1A NDP F . -29.32 -15.50 -22.41
C2A NDP F . -28.98 -15.80 -21.13
N3A NDP F . -27.72 -15.76 -20.68
C4A NDP F . -26.69 -15.41 -21.54
O3 NDP F . -18.47 -14.45 -22.24
PN NDP F . -17.33 -14.18 -23.33
O1N NDP F . -16.38 -15.37 -23.41
O2N NDP F . -17.98 -13.96 -24.68
O5D NDP F . -16.51 -12.85 -22.88
C5D NDP F . -15.46 -12.96 -21.96
C4D NDP F . -14.13 -12.66 -22.43
O4D NDP F . -14.14 -11.42 -23.14
C3D NDP F . -13.19 -12.49 -21.32
O3D NDP F . -11.91 -12.92 -21.70
C2D NDP F . -13.16 -11.09 -21.10
O2D NDP F . -11.93 -10.72 -20.54
C1D NDP F . -13.32 -10.54 -22.46
N1N NDP F . -13.90 -9.22 -22.40
C2N NDP F . -13.30 -8.24 -23.09
C3N NDP F . -13.82 -6.93 -23.08
C7N NDP F . -13.11 -5.86 -23.88
O7N NDP F . -13.65 -4.76 -24.03
N7N NDP F . -11.81 -6.09 -24.47
C4N NDP F . -14.97 -6.65 -22.34
C5N NDP F . -15.57 -7.70 -21.63
C6N NDP F . -15.02 -8.98 -21.67
P2B NDP F . -24.69 -18.28 -18.00
O1X NDP F . -23.83 -19.55 -17.88
O2X NDP F . -25.02 -17.77 -16.65
O3X NDP F . -25.97 -18.59 -18.71
N1 UFP G . 10.98 14.24 -54.15
C2 UFP G . 10.51 14.45 -52.89
N3 UFP G . 11.27 14.17 -51.82
C4 UFP G . 12.52 13.69 -51.95
C5 UFP G . 13.04 13.46 -53.25
C6 UFP G . 12.25 13.74 -54.31
O2 UFP G . 9.39 14.87 -52.65
O4 UFP G . 13.21 13.45 -50.97
F5 UFP G . 14.29 12.98 -53.43
C1' UFP G . 10.26 14.49 -55.42
C2' UFP G . 9.52 15.84 -55.52
C3' UFP G . 9.34 15.97 -57.05
C4' UFP G . 10.68 15.42 -57.56
O3' UFP G . 8.27 15.15 -57.50
O4' UFP G . 11.22 14.57 -56.51
C5' UFP G . 11.64 16.57 -57.90
O5' UFP G . 11.28 17.12 -59.16
P UFP G . 11.79 18.64 -59.22
O1P UFP G . 11.40 19.29 -60.63
O2P UFP G . 11.16 19.43 -58.13
O3P UFP G . 13.40 18.69 -59.03
C1 OG4 H . 13.02 11.54 -57.16
C10 OG4 H . 10.98 7.00 -53.12
C11 OG4 H . 11.18 6.21 -54.24
C12 OG4 H . 12.05 6.62 -55.24
C13 OG4 H . 12.73 7.83 -55.11
C14 OG4 H . 10.43 4.92 -54.38
C15 OG4 H . 8.78 3.52 -53.09
C16 OG4 H . 9.22 2.20 -53.11
C17 OG4 H . 8.30 1.18 -52.91
C18 OG4 H . 6.95 1.44 -52.74
C19 OG4 H . 6.51 2.76 -52.76
C2 OG4 H . 12.41 10.99 -56.04
C20 OG4 H . 7.42 3.79 -52.93
C21 OG4 H . 10.67 1.84 -53.26
C22 OG4 H . 10.80 0.35 -53.39
C23 OG4 H . 11.54 -0.31 -52.26
C3 OG4 H . 10.95 10.95 -55.99
C4 OG4 H . 11.10 12.03 -58.21
C5 OG4 H . 13.43 10.58 -55.16
C6 OG4 H . 14.65 10.89 -55.77
C7 OG4 H . 13.26 9.92 -53.83
C8 OG4 H . 12.54 8.62 -53.98
C9 OG4 H . 11.65 8.20 -52.99
N1 OG4 H . 12.39 12.06 -58.24
N2 OG4 H . 10.42 11.49 -57.13
N3 OG4 H . 14.37 11.48 -56.98
N4 OG4 H . 10.29 12.55 -59.30
N5 OG4 H . 9.66 4.67 -53.31
O1 OG4 H . 10.22 10.51 -55.10
O2 OG4 H . 10.50 4.16 -55.34
O3 OG4 H . 12.86 -0.40 -52.55
O4 OG4 H . 11.05 -0.76 -51.23
N1 MTX I . -11.63 -1.35 -22.43
C2 MTX I . -12.51 -0.66 -23.18
NA2 MTX I . -12.01 0.43 -23.99
N3 MTX I . -13.82 -0.95 -23.21
C4 MTX I . -14.30 -1.96 -22.47
NA4 MTX I . -15.69 -2.28 -22.48
C4A MTX I . -13.43 -2.72 -21.66
N5 MTX I . -13.88 -3.75 -20.89
C6 MTX I . -13.00 -4.45 -20.15
C7 MTX I . -11.63 -4.14 -20.13
N8 MTX I . -11.20 -3.11 -20.89
C8A MTX I . -12.08 -2.40 -21.66
C9 MTX I . -13.51 -5.58 -19.29
N10 MTX I . -14.37 -5.13 -18.23
CM MTX I . -15.77 -5.49 -18.21
C11 MTX I . -12.77 -2.63 -15.20
C12 MTX I . -12.00 -3.68 -15.73
C13 MTX I . -12.53 -4.49 -16.72
C14 MTX I . -13.82 -4.28 -17.19
C15 MTX I . -14.59 -3.23 -16.66
C16 MTX I . -14.06 -2.42 -15.67
C MTX I . -12.22 -1.72 -14.13
O MTX I . -11.36 -2.13 -13.37
N MTX I . -12.71 -0.37 -14.00
CA MTX I . -12.21 0.52 -12.99
CT MTX I . -13.26 1.53 -12.73
O1 MTX I . -14.30 1.53 -13.42
O2 MTX I . -13.10 2.39 -11.81
CB MTX I . -11.01 1.22 -13.53
CG MTX I . -9.91 1.64 -12.60
CD MTX I . -8.96 2.67 -13.13
OE1 MTX I . -9.28 3.87 -13.15
OE2 MTX I . -7.77 2.34 -13.42
PA NDP J . -35.45 57.34 -47.48
O1A NDP J . -35.33 56.73 -46.10
O2A NDP J . -34.92 56.38 -48.50
O5B NDP J . -36.94 57.59 -47.79
C5B NDP J . -37.71 58.39 -46.94
C4B NDP J . -39.09 58.65 -47.37
O4B NDP J . -39.92 57.59 -46.95
C3B NDP J . -39.64 59.86 -46.73
O3B NDP J . -39.48 60.98 -47.54
C2B NDP J . -41.04 59.54 -46.55
O2B NDP J . -41.76 59.70 -47.73
C1B NDP J . -41.02 58.14 -46.23
N9A NDP J . -40.86 57.92 -44.84
C8A NDP J . -39.69 57.91 -44.14
N7A NDP J . -39.96 57.68 -42.84
C5A NDP J . -41.31 57.55 -42.69
C6A NDP J . -42.17 57.31 -41.58
N6A NDP J . -41.59 57.13 -40.23
N1A NDP J . -43.52 57.23 -41.77
C2A NDP J . -44.02 57.39 -43.02
N3A NDP J . -43.26 57.62 -44.08
C4A NDP J . -41.88 57.70 -43.95
O3 NDP J . -34.61 58.69 -47.56
PN NDP J . -33.05 58.71 -47.24
O1N NDP J . -32.46 60.11 -47.48
O2N NDP J . -32.83 58.32 -45.79
O5D NDP J . -32.31 57.64 -48.21
C5D NDP J . -31.81 58.06 -49.45
C4D NDP J . -30.37 58.02 -49.65
O4D NDP J . -29.84 56.81 -49.11
C3D NDP J . -30.03 58.00 -51.07
O3D NDP J . -28.79 58.61 -51.28
C2D NDP J . -29.92 56.62 -51.38
O2D NDP J . -29.15 56.43 -52.51
C1D NDP J . -29.26 56.11 -50.16
N1N NDP J . -29.41 54.70 -50.03
C2N NDP J . -28.32 53.96 -49.77
C3N NDP J . -28.39 52.58 -49.63
C7N NDP J . -27.12 51.80 -49.33
O7N NDP J . -27.19 50.60 -49.03
N7N NDP J . -25.83 52.42 -49.41
C4N NDP J . -29.64 51.94 -49.77
C5N NDP J . -30.76 52.72 -50.04
C6N NDP J . -30.64 54.11 -50.17
P2B NDP J . -42.81 60.84 -47.89
O1X NDP J . -42.21 61.96 -48.77
O2X NDP J . -44.02 60.30 -48.54
O3X NDP J . -43.19 61.40 -46.56
N1 UFP K . 12.93 39.54 -36.50
C2 UFP K . 11.88 39.13 -37.28
N3 UFP K . 11.83 39.49 -38.57
C4 UFP K . 12.78 40.24 -39.15
C5 UFP K . 13.87 40.66 -38.36
C6 UFP K . 13.91 40.31 -37.07
O2 UFP K . 10.95 38.45 -36.88
O4 UFP K . 12.71 40.54 -40.33
F5 UFP K . 14.86 41.42 -38.91
C1' UFP K . 13.14 39.24 -35.06
C2' UFP K . 12.70 37.85 -34.55
C3' UFP K . 13.44 37.82 -33.20
C4' UFP K . 14.81 38.36 -33.62
O3' UFP K . 12.83 38.73 -32.28
O4' UFP K . 14.57 39.23 -34.76
C5' UFP K . 15.74 37.20 -34.00
O5' UFP K . 16.92 37.22 -33.20
P UFP K . 17.30 35.70 -32.84
O1P UFP K . 16.46 34.70 -33.78
O2P UFP K . 18.87 35.47 -33.10
O3P UFP K . 16.98 35.41 -31.43
C1 OG4 L . 15.43 43.11 -35.17
C10 OG4 L . 10.51 46.62 -37.23
C11 OG4 L . 10.98 47.46 -36.23
C12 OG4 L . 12.31 47.37 -35.82
C13 OG4 L . 13.16 46.43 -36.40
C14 OG4 L . 10.08 48.47 -35.59
C15 OG4 L . 7.70 49.27 -35.80
C16 OG4 L . 7.69 50.67 -35.91
C17 OG4 L . 6.54 51.37 -35.56
C18 OG4 L . 5.42 50.71 -35.09
C19 OG4 L . 5.43 49.33 -34.97
C2 OG4 L . 14.23 43.39 -35.82
C20 OG4 L . 6.57 48.62 -35.33
C21 OG4 L . 8.89 51.42 -36.42
C22 OG4 L . 8.61 52.90 -36.39
C23 OG4 L . 8.67 53.47 -37.78
C3 OG4 L . 12.98 42.98 -35.17
C4 OG4 L . 14.47 42.10 -33.41
C5 OG4 L . 14.55 44.06 -37.01
C6 OG4 L . 15.94 44.17 -37.07
C7 OG4 L . 13.57 44.57 -38.03
C8 OG4 L . 12.67 45.58 -37.41
C9 OG4 L . 11.34 45.68 -37.82
N1 OG4 L . 15.57 42.47 -33.98
N2 OG4 L . 13.25 42.35 -33.99
N3 OG4 L . 16.46 43.58 -35.94
N4 OG4 L . 14.47 41.40 -32.13
N5 OG4 L . 8.86 48.45 -36.15
O1 OG4 L . 11.83 43.13 -35.57
O2 OG4 L . 10.39 49.23 -34.69
O3 OG4 L . 9.66 52.86 -38.48
O4 OG4 L . 7.94 54.35 -38.26
N1 MTX M . -25.81 47.69 -51.64
C2 MTX M . -26.02 46.95 -50.55
NA2 MTX M . -24.98 46.05 -50.11
N3 MTX M . -27.17 47.01 -49.86
C4 MTX M . -28.16 47.83 -50.24
NA4 MTX M . -29.39 47.91 -49.52
C4A MTX M . -27.98 48.64 -51.39
N5 MTX M . -28.96 49.49 -51.82
C6 MTX M . -28.74 50.24 -52.91
C7 MTX M . -27.54 50.17 -53.63
N8 MTX M . -26.58 49.32 -53.19
C8A MTX M . -26.78 48.55 -52.08
C9 MTX M . -29.83 51.18 -53.38
N10 MTX M . -31.00 50.48 -53.86
CM MTX M . -32.25 50.58 -53.15
C11 MTX M . -30.64 48.01 -57.28
C12 MTX M . -29.96 49.22 -57.22
C13 MTX M . -30.08 50.03 -56.09
C14 MTX M . -30.88 49.63 -55.03
C15 MTX M . -31.56 48.41 -55.10
C16 MTX M . -31.43 47.61 -56.22
C MTX M . -30.51 47.11 -58.50
O MTX M . -30.26 47.60 -59.59
N MTX M . -30.69 45.69 -58.36
CA MTX M . -30.56 44.80 -59.50
CT MTX M . -31.24 43.53 -59.15
O1 MTX M . -31.62 43.33 -57.97
O2 MTX M . -31.44 42.65 -60.04
CB MTX M . -29.11 44.51 -59.67
CG MTX M . -28.51 44.44 -61.04
CD MTX M . -27.17 43.78 -61.14
OE1 MTX M . -27.09 42.53 -61.12
OE2 MTX M . -26.13 44.47 -61.24
PA NDP N . 13.80 31.10 -6.19
O1A NDP N . 13.90 30.89 -4.69
O2A NDP N . 12.75 30.19 -6.75
O5B NDP N . 13.41 32.55 -6.48
C5B NDP N . 14.19 33.59 -5.96
C4B NDP N . 13.85 34.96 -6.37
O4B NDP N . 13.09 35.60 -5.37
C3B NDP N . 15.06 35.78 -6.52
O3B NDP N . 15.58 35.69 -7.80
C2B NDP N . 14.59 37.10 -6.25
O2B NDP N . 13.97 37.63 -7.39
C1B NDP N . 13.61 36.90 -5.18
N9A NDP N . 14.23 37.03 -3.91
C8A NDP N . 15.40 36.45 -3.52
N7A NDP N . 15.66 36.79 -2.24
C5A NDP N . 14.64 37.58 -1.79
C6A NDP N . 14.37 38.23 -0.56
N6A NDP N . 15.31 38.10 0.58
N1A NDP N . 13.24 38.98 -0.42
C2A NDP N . 12.39 39.09 -1.47
N3A NDP N . 12.61 38.50 -2.65
C4A NDP N . 13.74 37.73 -2.84
O3 NDP N . 15.20 30.77 -6.89
PN NDP N . 15.83 29.32 -6.88
O1N NDP N . 17.12 29.29 -7.70
O2N NDP N . 16.17 28.94 -5.45
O5D NDP N . 14.77 28.27 -7.50
C5D NDP N . 14.97 27.77 -8.80
C4D NDP N . 15.24 26.35 -8.95
O4D NDP N . 14.61 25.63 -7.90
C3D NDP N . 14.72 25.83 -10.22
O3D NDP N . 15.61 24.91 -10.76
C2D NDP N . 13.52 25.16 -9.84
O2D NDP N . 13.24 24.13 -10.74
C1D NDP N . 13.87 24.62 -8.51
N1N NDP N . 12.70 24.29 -7.77
C2N NDP N . 12.58 23.03 -7.30
C3N NDP N . 11.46 22.63 -6.57
C7N NDP N . 11.37 21.20 -6.06
O7N NDP N . 10.48 20.89 -5.26
N7N NDP N . 12.31 20.21 -6.50
C4N NDP N . 10.43 23.57 -6.30
C5N NDP N . 10.58 24.87 -6.80
C6N NDP N . 11.72 25.22 -7.54
P2B NDP N . 13.91 39.17 -7.65
O1X NDP N . 14.96 39.51 -8.72
O2X NDP N . 12.57 39.52 -8.15
O3X NDP N . 14.17 39.94 -6.40
N1 UFP O . 21.30 -19.09 7.97
C2 UFP O . 20.23 -18.39 7.49
N3 UFP O . 19.96 -18.38 6.17
C4 UFP O . 20.72 -19.05 5.28
C5 UFP O . 21.83 -19.78 5.76
C6 UFP O . 22.10 -19.78 7.08
O2 UFP O . 19.47 -17.74 8.18
O4 UFP O . 20.46 -19.03 4.10
F5 UFP O . 22.62 -20.48 4.90
C1' UFP O . 21.73 -19.20 9.39
C2' UFP O . 20.62 -19.34 10.45
C3' UFP O . 21.45 -19.83 11.64
C4' UFP O . 22.36 -20.87 10.95
O3' UFP O . 22.27 -18.78 12.17
O4' UFP O . 22.49 -20.43 9.56
C5' UFP O . 21.73 -22.26 11.04
O5' UFP O . 22.29 -22.98 12.13
P UFP O . 21.16 -23.91 12.79
O1P UFP O . 21.23 -25.38 12.13
O2P UFP O . 21.41 -24.03 14.37
O3P UFP O . 19.82 -23.33 12.54
C1 OG4 P . 26.06 -20.26 7.71
C10 OG4 P . 25.85 -14.55 4.69
C11 OG4 P . 27.15 -14.50 5.22
C12 OG4 P . 27.79 -15.67 5.57
C13 OG4 P . 27.16 -16.90 5.39
C14 OG4 P . 27.83 -13.17 5.41
C15 OG4 P . 27.43 -10.72 4.97
C16 OG4 P . 28.58 -10.17 4.39
C17 OG4 P . 28.79 -8.79 4.49
C18 OG4 P . 27.90 -7.97 5.17
C19 OG4 P . 26.78 -8.53 5.75
C2 OG4 P . 25.49 -19.13 7.13
C20 OG4 P . 26.55 -9.89 5.65
C21 OG4 P . 29.59 -11.00 3.63
C22 OG4 P . 30.72 -10.11 3.20
C23 OG4 P . 30.82 -10.03 1.70
C3 OG4 P . 24.88 -18.14 8.02
C4 OG4 P . 25.59 -19.67 9.83
C5 OG4 P . 25.65 -19.24 5.75
C6 OG4 P . 26.33 -20.44 5.51
C7 OG4 P . 25.20 -18.28 4.68
C8 OG4 P . 25.87 -16.95 4.88
C9 OG4 P . 25.22 -15.77 4.52
N1 OG4 P . 26.13 -20.55 9.04
N2 OG4 P . 25.00 -18.53 9.33
N3 OG4 P . 26.57 -21.04 6.72
N4 OG4 P . 25.59 -19.86 11.28
N5 OG4 P . 27.11 -12.15 4.93
O1 OG4 P . 24.32 -17.08 7.73
O2 OG4 P . 28.94 -13.02 5.93
O3 OG4 P . 30.26 -11.14 1.15
O4 OG4 P . 31.32 -9.13 1.04
N1 MTX Q . 7.47 18.16 -6.38
C2 MTX Q . 7.25 18.23 -5.06
NA2 MTX Q . 7.05 17.01 -4.32
N3 MTX Q . 7.19 19.41 -4.41
C4 MTX Q . 7.37 20.56 -5.07
NA4 MTX Q . 7.31 21.82 -4.39
C4A MTX Q . 7.59 20.54 -6.47
N5 MTX Q . 7.78 21.69 -7.17
C6 MTX Q . 8.01 21.61 -8.50
C7 MTX Q . 8.05 20.39 -9.17
N8 MTX Q . 7.87 19.25 -8.46
C8A MTX Q . 7.65 19.32 -7.10
C9 MTX Q . 8.19 22.90 -9.27
N10 MTX Q . 6.98 23.70 -9.31
CM MTX Q . 6.95 24.98 -8.64
C11 MTX Q . 3.58 22.19 -11.33
C12 MTX Q . 4.85 22.00 -11.86
C13 MTX Q . 5.97 22.49 -11.19
C14 MTX Q . 5.81 23.19 -10.01
C15 MTX Q . 4.55 23.39 -9.47
C16 MTX Q . 3.42 22.89 -10.14
C MTX Q . 2.35 21.65 -12.04
O MTX Q . 2.37 21.50 -13.25
N MTX Q . 1.17 21.32 -11.28
CA MTX Q . -0.01 20.81 -11.93
CT MTX Q . -1.18 21.16 -11.09
O1 MTX Q . -1.00 21.84 -10.05
O2 MTX Q . -2.35 20.79 -11.41
CB MTX Q . 0.08 19.31 -11.95
CG MTX Q . -0.29 18.55 -13.18
CD MTX Q . -0.53 17.08 -13.01
OE1 MTX Q . -1.61 16.68 -12.52
OE2 MTX Q . 0.36 16.25 -13.32
PA NDP R . -28.35 -6.75 46.65
O1A NDP R . -28.73 -5.92 45.44
O2A NDP R . -26.86 -6.93 46.70
O5B NDP R . -28.79 -6.01 47.92
C5B NDP R . -30.13 -5.65 48.06
C4B NDP R . -30.55 -5.06 49.34
O4B NDP R . -30.21 -3.68 49.36
C3B NDP R . -32.01 -5.11 49.49
O3B NDP R . -32.40 -6.25 50.17
C2B NDP R . -32.30 -3.92 50.26
O2B NDP R . -31.99 -4.13 51.61
C1B NDP R . -31.38 -2.95 49.70
N9A NDP R . -31.92 -2.32 48.55
C8A NDP R . -32.08 -2.88 47.32
N7A NDP R . -32.62 -1.97 46.48
C5A NDP R . -32.82 -0.80 47.17
C6A NDP R . -33.34 0.48 46.85
N6A NDP R . -33.82 0.74 45.47
N1A NDP R . -33.40 1.44 47.80
C2A NDP R . -32.96 1.18 49.06
N3A NDP R . -32.45 -0.01 49.41
C4A NDP R . -32.38 -1.03 48.48
O3 NDP R . -29.06 -8.17 46.61
PN NDP R . -28.65 -9.30 45.57
O1N NDP R . -29.45 -10.58 45.83
O2N NDP R . -28.94 -8.81 44.16
O5D NDP R . -27.07 -9.62 45.73
C5D NDP R . -26.67 -10.80 46.38
C4D NDP R . -25.98 -11.80 45.58
O4D NDP R . -25.34 -11.17 44.48
C3D NDP R . -24.94 -12.48 46.36
O3D NDP R . -24.92 -13.84 46.05
C2D NDP R . -23.72 -11.91 45.91
O2D NDP R . -22.68 -12.83 46.01
C1D NDP R . -24.01 -11.59 44.49
N1N NDP R . -23.14 -10.58 43.99
C2N NDP R . -22.41 -10.86 42.89
C3N NDP R . -21.53 -9.92 42.35
C7N NDP R . -20.75 -10.28 41.10
O7N NDP R . -20.11 -9.40 40.51
N7N NDP R . -20.72 -11.63 40.60
C4N NDP R . -21.40 -8.66 42.96
C5N NDP R . -22.15 -8.40 44.11
C6N NDP R . -23.02 -9.37 44.62
P2B NDP R . -32.78 -3.41 52.74
O1X NDP R . -33.74 -4.42 53.38
O2X NDP R . -31.83 -2.90 53.75
O3X NDP R . -33.55 -2.25 52.19
N1 UFP S . -8.10 -28.21 3.11
C2 UFP S . -7.59 -27.57 4.21
N3 UFP S . -7.11 -28.28 5.25
C4 UFP S . -7.13 -29.63 5.25
C5 UFP S . -7.65 -30.30 4.12
C6 UFP S . -8.13 -29.58 3.10
O2 UFP S . -7.53 -26.36 4.31
O4 UFP S . -6.69 -30.26 6.20
F5 UFP S . -7.69 -31.65 4.08
C1' UFP S . -8.66 -27.57 1.90
C2' UFP S . -7.84 -26.39 1.30
C3' UFP S . -8.48 -26.33 -0.10
C4' UFP S . -8.54 -27.82 -0.45
O3' UFP S . -9.80 -25.80 -0.03
O4' UFP S . -8.66 -28.53 0.81
C5' UFP S . -7.28 -28.25 -1.21
O5' UFP S . -7.50 -28.15 -2.62
P UFP S . -6.11 -27.76 -3.31
O1P UFP S . -6.36 -26.98 -4.54
O2P UFP S . -5.31 -29.10 -3.70
O3P UFP S . -5.22 -26.89 -2.28
C1 OG4 T . -10.97 -31.31 1.55
C10 OG4 T . -13.51 -30.77 7.30
C11 OG4 T . -14.62 -31.14 6.57
C12 OG4 T . -14.46 -31.84 5.36
C13 OG4 T . -13.19 -32.16 4.92
C14 OG4 T . -16.00 -30.80 7.04
C15 OG4 T . -17.09 -29.68 9.01
C16 OG4 T . -18.06 -30.53 9.57
C17 OG4 T . -19.09 -29.99 10.32
C18 OG4 T . -19.15 -28.62 10.56
C19 OG4 T . -18.17 -27.78 10.04
C2 OG4 T . -11.07 -30.94 2.89
C20 OG4 T . -17.14 -28.32 9.28
C21 OG4 T . -18.03 -32.00 9.30
C22 OG4 T . -19.10 -32.70 10.07
C23 OG4 T . -18.33 -33.67 10.91
C3 OG4 T . -11.48 -29.57 3.21
C4 OG4 T . -11.57 -29.29 0.76
C5 OG4 T . -10.74 -32.07 3.66
C6 OG4 T . -10.43 -33.09 2.77
C7 OG4 T . -10.70 -32.14 5.16
C8 OG4 T . -12.08 -31.80 5.66
C9 OG4 T . -12.23 -31.10 6.86
N1 OG4 T . -11.21 -30.51 0.48
N2 OG4 T . -11.69 -28.86 2.06
N3 OG4 T . -10.58 -32.61 1.49
N4 OG4 T . -11.87 -28.32 -0.30
N5 OG4 T . -15.97 -30.18 8.21
O1 OG4 T . -11.63 -29.05 4.31
O2 OG4 T . -17.03 -31.04 6.42
O3 OG4 T . -18.34 -34.89 10.29
O4 OG4 T . -17.71 -33.46 11.94
N1 MTX U . -15.89 -9.64 40.40
C2 MTX U . -15.98 -8.65 39.51
NA2 MTX U . -15.26 -8.76 38.27
N3 MTX U . -16.74 -7.55 39.72
C4 MTX U . -17.43 -7.42 40.87
NA4 MTX U . -18.24 -6.27 41.12
C4A MTX U . -17.36 -8.44 41.84
N5 MTX U . -18.06 -8.34 43.02
C6 MTX U . -17.95 -9.35 43.92
C7 MTX U . -17.17 -10.47 43.68
N8 MTX U . -16.50 -10.56 42.51
C8A MTX U . -16.58 -9.55 41.59
C9 MTX U . -18.71 -9.23 45.22
N10 MTX U . -18.21 -8.15 46.06
CM MTX U . -19.05 -7.02 46.35
C11 MTX U . -14.24 -8.34 47.52
C12 MTX U . -15.01 -9.50 47.43
C13 MTX U . -16.32 -9.44 46.95
C14 MTX U . -16.85 -8.21 46.56
C15 MTX U . -16.09 -7.06 46.63
C16 MTX U . -14.78 -7.12 47.12
C MTX U . -12.83 -8.40 48.04
O MTX U . -12.52 -9.29 48.81
N MTX U . -11.83 -7.43 47.64
CA MTX U . -10.49 -7.52 48.15
CT MTX U . -9.86 -6.19 48.05
O1 MTX U . -9.98 -5.52 46.99
O2 MTX U . -9.18 -5.73 49.01
CB MTX U . -9.73 -8.48 47.30
CG MTX U . -8.66 -9.34 47.90
CD MTX U . -7.70 -9.96 46.94
OE1 MTX U . -6.77 -9.27 46.48
OE2 MTX U . -8.03 -11.02 46.34
PA NDP V . 27.36 -20.10 38.99
O1A NDP V . 27.96 -20.26 40.37
O2A NDP V . 26.00 -19.48 39.09
O5B NDP V . 28.26 -19.20 38.15
C5B NDP V . 29.62 -19.52 38.00
C4B NDP V . 30.43 -18.71 37.09
O4B NDP V . 30.84 -17.53 37.73
C3B NDP V . 31.66 -19.40 36.71
O3B NDP V . 31.48 -20.16 35.56
C2B NDP V . 32.57 -18.32 36.48
O2B NDP V . 32.31 -17.72 35.24
C1B NDP V . 32.24 -17.38 37.53
N9A NDP V . 32.96 -17.68 38.72
C8A NDP V . 32.64 -18.63 39.63
N7A NDP V . 33.55 -18.62 40.63
C5A NDP V . 34.47 -17.62 40.36
C6A NDP V . 35.62 -17.14 41.01
N6A NDP V . 36.05 -17.74 42.30
N1A NDP V . 36.33 -16.11 40.47
C2A NDP V . 35.93 -15.57 39.30
N3A NDP V . 34.85 -16.00 38.64
C4A NDP V . 34.08 -17.04 39.15
O3 NDP V . 27.24 -21.53 38.28
PN NDP V . 26.37 -22.71 38.88
O1N NDP V . 26.40 -23.92 37.92
O2N NDP V . 26.95 -23.14 40.22
O5D NDP V . 24.84 -22.23 39.05
C5D NDP V . 23.93 -22.42 38.00
C4D NDP V . 22.84 -23.35 38.21
O4D NDP V . 22.30 -23.17 39.51
C3D NDP V . 21.74 -23.09 37.26
O3D NDP V . 21.06 -24.29 37.00
C2D NDP V . 20.88 -22.23 37.98
O2D NDP V . 19.57 -22.34 37.50
C1D NDP V . 20.99 -22.73 39.36
N1N NDP V . 20.66 -21.70 40.31
C2N NDP V . 19.84 -22.01 41.32
C3N NDP V . 19.49 -21.06 42.29
C7N NDP V . 18.56 -21.46 43.41
O7N NDP V . 18.40 -20.67 44.37
N7N NDP V . 17.86 -22.70 43.40
C4N NDP V . 20.01 -19.75 42.19
C5N NDP V . 20.86 -19.46 41.12
C6N NDP V . 21.19 -20.45 40.18
P2B NDP V . 33.45 -17.48 34.20
O1X NDP V . 33.35 -18.54 33.10
O2X NDP V . 33.30 -16.14 33.62
O3X NDP V . 34.80 -17.56 34.86
N1 UFP W . -4.78 -43.82 72.72
C2 UFP W . -4.66 -42.66 72.01
N3 UFP W . -5.22 -42.53 70.79
C4 UFP W . -5.92 -43.55 70.24
C5 UFP W . -6.06 -44.76 70.96
C6 UFP W . -5.49 -44.86 72.17
O2 UFP W . -4.04 -41.68 72.41
O4 UFP W . -6.42 -43.41 69.13
F5 UFP W . -6.76 -45.79 70.43
C1' UFP W . -4.21 -44.10 74.05
C2' UFP W . -4.41 -43.00 75.13
C3' UFP W . -4.07 -43.78 76.41
C4' UFP W . -4.66 -45.18 76.10
O3' UFP W . -2.65 -43.89 76.57
O4' UFP W . -4.91 -45.22 74.67
C5' UFP W . -5.96 -45.38 76.89
O5' UFP W . -5.65 -45.48 78.28
P UFP W . -6.96 -45.08 79.13
O1P UFP W . -8.20 -45.97 78.63
O2P UFP W . -6.71 -45.34 80.57
O3P UFP W . -7.28 -43.53 78.91
C1 OG4 X . -4.21 -48.30 72.71
C10 OG4 X . -0.92 -47.12 67.37
C11 OG4 X . -0.30 -48.30 67.74
C12 OG4 X . -0.97 -49.20 68.57
C13 OG4 X . -2.26 -48.92 69.02
C14 OG4 X . 1.09 -48.61 67.27
C15 OG4 X . 2.88 -47.56 65.84
C16 OG4 X . 3.32 -48.50 64.92
C17 OG4 X . 4.60 -48.35 64.35
C18 OG4 X . 5.41 -47.29 64.73
C19 OG4 X . 4.97 -46.37 65.66
C2 OG4 X . -3.70 -47.58 71.63
C20 OG4 X . 3.70 -46.50 66.21
C21 OG4 X . 2.47 -49.66 64.47
C22 OG4 X . 3.24 -50.52 63.50
C23 OG4 X . 2.57 -50.53 62.16
C3 OG4 X . -2.57 -46.67 71.87
C4 OG4 X . -2.76 -47.45 74.21
C5 OG4 X . -4.44 -47.94 70.50
C6 OG4 X . -5.40 -48.87 70.91
C7 OG4 X . -4.26 -47.40 69.11
C8 OG4 X . -2.87 -47.73 68.63
C9 OG4 X . -2.20 -46.82 67.82
N1 OG4 X . -3.75 -48.25 73.99
N2 OG4 X . -2.20 -46.70 73.18
N3 OG4 X . -5.24 -49.08 72.26
N4 OG4 X . -2.18 -47.29 75.53
N5 OG4 X . 1.56 -47.64 66.49
O1 OG4 X . -1.98 -45.95 71.07
O2 OG4 X . 1.73 -49.61 67.58
O3 OG4 X . 3.52 -50.52 61.19
O4 OG4 X . 1.36 -50.54 61.91
N1 MTX Y . 14.36 -18.77 44.96
C2 MTX Y . 15.00 -18.40 46.08
NA2 MTX Y . 14.31 -18.50 47.34
N3 MTX Y . 16.26 -17.94 46.07
C4 MTX Y . 16.94 -17.83 44.90
NA4 MTX Y . 18.28 -17.35 44.87
C4A MTX Y . 16.31 -18.22 43.70
N5 MTX Y . 16.95 -18.13 42.50
C6 MTX Y . 16.31 -18.50 41.38
C7 MTX Y . 14.99 -18.98 41.40
N8 MTX Y . 14.36 -19.05 42.60
C8A MTX Y . 15.00 -18.68 43.75
C9 MTX Y . 17.06 -18.38 40.07
N10 MTX Y . 17.33 -17.01 39.72
CM MTX Y . 18.69 -16.54 39.71
C11 MTX Y . 14.05 -14.44 38.87
C12 MTX Y . 14.04 -15.76 38.45
C13 MTX Y . 15.12 -16.59 38.73
C14 MTX Y . 16.21 -16.12 39.43
C15 MTX Y . 16.23 -14.79 39.87
C16 MTX Y . 15.15 -13.95 39.59
C MTX Y . 12.89 -13.52 38.58
O MTX Y . 12.18 -13.74 37.61
N MTX Y . 12.58 -12.41 39.46
CA MTX Y . 11.47 -11.54 39.20
CT MTX Y . 11.68 -10.27 39.94
O1 MTX Y . 12.70 -10.15 40.68
O2 MTX Y . 10.86 -9.32 39.83
CB MTX Y . 10.25 -12.19 39.76
CG MTX Y . 8.97 -12.21 38.98
CD MTX Y . 7.73 -12.54 39.76
OE1 MTX Y . 7.19 -11.66 40.47
OE2 MTX Y . 7.17 -13.65 39.60
#